data_8ZN7
#
_entry.id   8ZN7
#
_cell.length_a   91.977
_cell.length_b   175.183
_cell.length_c   94.774
_cell.angle_alpha   90.00
_cell.angle_beta   96.93
_cell.angle_gamma   90.00
#
_symmetry.space_group_name_H-M   'P 1 21 1'
#
loop_
_entity.id
_entity.type
_entity.pdbx_description
1 polymer KaiC
2 non-polymer 'PHOSPHOAMINOPHOSPHONIC ACID-ADENYLATE ESTER'
3 non-polymer 'MAGNESIUM ION'
4 water water
#
_entity_poly.entity_id   1
_entity_poly.type   'polypeptide(L)'
_entity_poly.pdbx_seq_one_letter_code
;MQDPSASGSSQMQVQKLPTGIEGFDDVCHGGLPIGRSTLISGTSGTGKTVFSLHFLHNGIKHFDEPGIFVTFEESPLDIL
RNAASFGWNLQEMVEQDKLFILDASPDPDGQDVAGSFDLSGLIERINYAIRKYKAKRVAIDSITAVFQQYDAVSVVRREI
FRLIARLKEIGVTTVMTTERIDEYGPIARYGVEEFVSDNVVILRNVLEGERRRRTVEILKLRGTTHMKGEFPFTMGAHGI
SIFPLGAMRLTQRSSNVRVSSGVPRLDEMCGGGFFKDSIILATGATGTGKTLLVSKFIEDACRNKERAILFAYEESRAQL
LRNATSWGIDFEQMEQDGLLKIICAYPESTGLEDHLQIIKTEISQFKPSRMAIDSLSALARGVSHNAFRQFVIGVTGYAK
QEEIAGFFTNTSEEFMGSHSITDSHI(SEP)TITDTILLLQYVEIRGEMARALNVFKMRGSWHDKGIREFVITGNGPEIK
DSFSNFERIISGVPHRITTDERSELSRIVRGVDSED
;
_entity_poly.pdbx_strand_id   D,E,B,C,F,A
#
# COMPACT_ATOMS: atom_id res chain seq x y z
N GLN A 13 2.09 24.93 -42.62
CA GLN A 13 0.99 24.66 -41.66
C GLN A 13 0.57 23.19 -41.76
N VAL A 14 0.36 22.56 -40.59
CA VAL A 14 -0.01 21.16 -40.52
C VAL A 14 -1.54 21.06 -40.48
N GLN A 15 -2.10 20.30 -41.44
CA GLN A 15 -3.55 20.17 -41.59
C GLN A 15 -3.97 18.75 -41.25
N LYS A 16 -5.20 18.60 -40.73
CA LYS A 16 -5.72 17.33 -40.26
C LYS A 16 -6.90 16.90 -41.12
N LEU A 17 -7.11 15.58 -41.17
CA LEU A 17 -8.18 14.97 -41.97
C LEU A 17 -9.15 14.26 -41.04
N PRO A 18 -10.45 14.64 -41.02
CA PRO A 18 -11.44 13.96 -40.17
C PRO A 18 -11.51 12.46 -40.43
N THR A 19 -11.43 11.67 -39.36
CA THR A 19 -11.57 10.23 -39.42
C THR A 19 -13.04 9.83 -39.48
N GLY A 20 -13.89 10.67 -38.86
CA GLY A 20 -15.31 10.39 -38.75
C GLY A 20 -15.61 9.40 -37.63
N ILE A 21 -14.58 8.94 -36.92
CA ILE A 21 -14.76 8.08 -35.76
C ILE A 21 -15.25 8.96 -34.62
N GLU A 22 -16.33 8.51 -33.96
CA GLU A 22 -17.00 9.31 -32.95
C GLU A 22 -16.07 9.57 -31.78
N GLY A 23 -15.59 10.82 -31.69
CA GLY A 23 -14.81 11.26 -30.53
C GLY A 23 -13.32 11.33 -30.83
N PHE A 24 -12.84 10.57 -31.82
CA PHE A 24 -11.42 10.50 -32.11
C PHE A 24 -10.94 11.84 -32.65
N ASP A 25 -11.79 12.50 -33.47
CA ASP A 25 -11.46 13.78 -34.06
C ASP A 25 -11.45 14.88 -33.00
N ASP A 26 -12.23 14.68 -31.94
CA ASP A 26 -12.26 15.61 -30.81
C ASP A 26 -10.95 15.49 -30.03
N VAL A 27 -10.53 14.26 -29.75
CA VAL A 27 -9.32 13.99 -28.99
C VAL A 27 -8.10 14.29 -29.87
N CYS A 28 -8.27 14.27 -31.20
CA CYS A 28 -7.21 14.60 -32.13
C CYS A 28 -7.18 16.10 -32.46
N HIS A 29 -8.13 16.88 -31.90
CA HIS A 29 -8.26 18.30 -32.22
C HIS A 29 -8.36 18.48 -33.73
N GLY A 30 -9.27 17.76 -34.38
CA GLY A 30 -9.49 17.90 -35.81
C GLY A 30 -9.44 16.58 -36.55
N GLY A 31 -8.46 15.72 -36.20
CA GLY A 31 -8.24 14.45 -36.87
C GLY A 31 -6.76 14.14 -37.05
N LEU A 32 -6.45 13.16 -37.89
CA LEU A 32 -5.08 12.75 -38.13
C LEU A 32 -4.43 13.71 -39.12
N PRO A 33 -3.15 14.12 -38.89
CA PRO A 33 -2.42 14.94 -39.86
C PRO A 33 -2.44 14.38 -41.28
N ILE A 34 -2.77 15.24 -42.25
CA ILE A 34 -2.93 14.83 -43.63
C ILE A 34 -1.56 14.54 -44.23
N GLY A 35 -1.50 13.49 -45.06
CA GLY A 35 -0.29 13.15 -45.81
C GLY A 35 0.84 12.65 -44.92
N ARG A 36 0.48 12.04 -43.78
CA ARG A 36 1.47 11.49 -42.86
C ARG A 36 0.99 10.13 -42.38
N SER A 37 1.85 9.44 -41.62
CA SER A 37 1.50 8.13 -41.07
C SER A 37 1.29 8.26 -39.56
N THR A 38 0.23 7.61 -39.07
CA THR A 38 -0.03 7.53 -37.64
C THR A 38 0.10 6.07 -37.20
N LEU A 39 0.91 5.85 -36.15
CA LEU A 39 1.09 4.54 -35.56
C LEU A 39 -0.03 4.27 -34.56
N ILE A 40 -0.72 3.13 -34.74
CA ILE A 40 -1.70 2.65 -33.77
C ILE A 40 -1.11 1.42 -33.10
N SER A 41 -0.79 1.51 -31.80
CA SER A 41 -0.21 0.37 -31.11
C SER A 41 -1.11 -0.05 -29.95
N GLY A 42 -1.09 -1.35 -29.65
CA GLY A 42 -1.88 -1.93 -28.58
C GLY A 42 -1.62 -3.43 -28.44
N THR A 43 -2.00 -3.99 -27.29
CA THR A 43 -1.93 -5.43 -27.09
C THR A 43 -3.02 -6.08 -27.93
N SER A 44 -3.07 -7.40 -27.93
CA SER A 44 -3.99 -8.14 -28.79
C SER A 44 -5.43 -7.91 -28.33
N GLY A 45 -6.30 -7.56 -29.28
CA GLY A 45 -7.73 -7.43 -29.02
C GLY A 45 -8.11 -6.03 -28.54
N THR A 46 -7.21 -5.06 -28.72
CA THR A 46 -7.46 -3.69 -28.33
C THR A 46 -8.39 -3.01 -29.32
N GLY A 47 -8.24 -3.34 -30.61
CA GLY A 47 -9.09 -2.78 -31.66
C GLY A 47 -8.29 -2.01 -32.71
N LYS A 48 -7.07 -2.47 -33.00
CA LYS A 48 -6.23 -1.82 -34.00
C LYS A 48 -6.89 -1.96 -35.38
N THR A 49 -7.21 -3.19 -35.75
CA THR A 49 -7.77 -3.50 -37.06
C THR A 49 -9.10 -2.78 -37.25
N VAL A 50 -9.97 -2.84 -36.22
CA VAL A 50 -11.30 -2.24 -36.30
C VAL A 50 -11.16 -0.73 -36.47
N PHE A 51 -10.13 -0.14 -35.86
CA PHE A 51 -9.89 1.29 -35.94
C PHE A 51 -9.43 1.68 -37.34
N SER A 52 -8.65 0.80 -37.98
CA SER A 52 -8.05 1.09 -39.27
C SER A 52 -9.10 0.98 -40.38
N LEU A 53 -9.96 -0.05 -40.31
CA LEU A 53 -11.04 -0.21 -41.27
C LEU A 53 -12.04 0.94 -41.17
N HIS A 54 -12.27 1.40 -39.93
CA HIS A 54 -13.18 2.50 -39.65
C HIS A 54 -12.67 3.79 -40.30
N PHE A 55 -11.34 3.91 -40.38
CA PHE A 55 -10.68 5.03 -41.03
C PHE A 55 -10.93 4.99 -42.54
N LEU A 56 -10.81 3.80 -43.13
CA LEU A 56 -10.98 3.62 -44.57
C LEU A 56 -12.46 3.73 -44.94
N HIS A 57 -13.30 2.97 -44.23
CA HIS A 57 -14.73 2.93 -44.44
C HIS A 57 -15.32 4.34 -44.51
N ASN A 58 -14.95 5.17 -43.53
CA ASN A 58 -15.51 6.51 -43.41
C ASN A 58 -14.95 7.42 -44.49
N GLY A 59 -13.74 7.10 -44.98
CA GLY A 59 -13.13 7.81 -46.08
C GLY A 59 -13.99 7.77 -47.34
N ILE A 60 -14.60 6.60 -47.60
CA ILE A 60 -15.39 6.38 -48.80
C ILE A 60 -16.83 6.86 -48.57
N LYS A 61 -17.35 6.67 -47.36
CA LYS A 61 -18.75 6.95 -47.06
C LYS A 61 -19.00 8.45 -46.96
N HIS A 62 -18.04 9.19 -46.39
CA HIS A 62 -18.26 10.59 -46.04
C HIS A 62 -17.52 11.54 -46.99
N PHE A 63 -16.30 11.16 -47.42
CA PHE A 63 -15.45 12.05 -48.19
C PHE A 63 -15.18 11.48 -49.58
N ASP A 64 -15.74 10.30 -49.87
CA ASP A 64 -15.58 9.65 -51.17
C ASP A 64 -14.11 9.53 -51.53
N GLU A 65 -13.26 9.29 -50.52
CA GLU A 65 -11.85 9.05 -50.72
C GLU A 65 -11.61 7.54 -50.68
N PRO A 66 -11.09 6.93 -51.77
CA PRO A 66 -10.82 5.49 -51.79
C PRO A 66 -9.69 5.12 -50.84
N GLY A 67 -9.71 3.87 -50.36
CA GLY A 67 -8.76 3.40 -49.37
C GLY A 67 -8.18 2.03 -49.70
N ILE A 68 -6.95 1.79 -49.24
CA ILE A 68 -6.29 0.50 -49.39
C ILE A 68 -6.00 -0.06 -48.00
N PHE A 69 -6.18 -1.38 -47.85
CA PHE A 69 -5.91 -2.07 -46.60
C PHE A 69 -4.89 -3.17 -46.84
N VAL A 70 -3.67 -2.96 -46.35
CA VAL A 70 -2.59 -3.93 -46.47
C VAL A 70 -2.68 -4.89 -45.29
N THR A 71 -2.68 -6.19 -45.57
CA THR A 71 -2.71 -7.23 -44.54
C THR A 71 -1.59 -8.22 -44.80
N PHE A 72 -0.97 -8.70 -43.71
CA PHE A 72 0.15 -9.62 -43.79
C PHE A 72 -0.20 -10.98 -43.18
N GLU A 73 -1.44 -11.13 -42.70
CA GLU A 73 -1.88 -12.36 -42.07
C GLU A 73 -3.35 -12.65 -42.38
N GLU A 74 -4.25 -11.77 -41.90
CA GLU A 74 -5.68 -11.96 -42.13
C GLU A 74 -5.98 -11.97 -43.63
N SER A 75 -6.93 -12.82 -44.02
CA SER A 75 -7.34 -12.94 -45.41
C SER A 75 -8.42 -11.90 -45.72
N PRO A 76 -8.46 -11.36 -46.96
CA PRO A 76 -9.50 -10.42 -47.37
C PRO A 76 -10.93 -10.85 -47.02
N LEU A 77 -11.21 -12.14 -47.23
CA LEU A 77 -12.55 -12.67 -46.99
C LEU A 77 -12.88 -12.62 -45.50
N ASP A 78 -11.88 -12.89 -44.65
CA ASP A 78 -12.03 -12.86 -43.20
C ASP A 78 -12.22 -11.42 -42.73
N ILE A 79 -11.48 -10.49 -43.32
CA ILE A 79 -11.56 -9.08 -42.96
C ILE A 79 -12.98 -8.56 -43.23
N LEU A 80 -13.53 -8.90 -44.40
CA LEU A 80 -14.87 -8.48 -44.78
C LEU A 80 -15.91 -9.13 -43.86
N ARG A 81 -15.68 -10.40 -43.53
CA ARG A 81 -16.56 -11.16 -42.65
C ARG A 81 -16.54 -10.55 -41.25
N ASN A 82 -15.35 -10.13 -40.80
CA ASN A 82 -15.18 -9.55 -39.48
C ASN A 82 -15.74 -8.14 -39.44
N ALA A 83 -15.81 -7.47 -40.60
CA ALA A 83 -16.37 -6.13 -40.68
C ALA A 83 -17.89 -6.17 -40.79
N ALA A 84 -18.46 -7.36 -41.05
CA ALA A 84 -19.89 -7.53 -41.26
C ALA A 84 -20.69 -7.15 -40.02
N SER A 85 -20.11 -7.36 -38.84
CA SER A 85 -20.81 -7.17 -37.58
C SER A 85 -20.93 -5.68 -37.21
N PHE A 86 -20.50 -4.78 -38.10
CA PHE A 86 -20.64 -3.34 -37.90
C PHE A 86 -21.64 -2.73 -38.88
N GLY A 87 -22.13 -3.54 -39.83
CA GLY A 87 -23.03 -3.05 -40.87
C GLY A 87 -22.29 -2.20 -41.90
N TRP A 88 -21.02 -2.56 -42.17
CA TRP A 88 -20.19 -1.86 -43.13
C TRP A 88 -20.29 -2.53 -44.49
N ASN A 89 -20.81 -1.78 -45.48
CA ASN A 89 -20.97 -2.31 -46.83
C ASN A 89 -19.61 -2.28 -47.55
N LEU A 90 -18.71 -3.17 -47.10
CA LEU A 90 -17.38 -3.28 -47.69
C LEU A 90 -17.44 -4.13 -48.94
N GLN A 91 -18.47 -4.99 -49.03
CA GLN A 91 -18.69 -5.82 -50.21
C GLN A 91 -18.88 -4.93 -51.43
N GLU A 92 -19.88 -4.05 -51.36
CA GLU A 92 -20.19 -3.12 -52.43
C GLU A 92 -18.99 -2.24 -52.74
N MET A 93 -18.30 -1.77 -51.70
CA MET A 93 -17.22 -0.81 -51.83
C MET A 93 -16.05 -1.44 -52.59
N VAL A 94 -15.81 -2.73 -52.39
CA VAL A 94 -14.78 -3.46 -53.12
C VAL A 94 -15.22 -3.60 -54.58
N GLU A 95 -16.53 -3.87 -54.78
CA GLU A 95 -17.09 -4.01 -56.11
C GLU A 95 -17.06 -2.68 -56.86
N GLN A 96 -17.37 -1.58 -56.15
CA GLN A 96 -17.39 -0.26 -56.75
C GLN A 96 -15.99 0.35 -56.78
N ASP A 97 -14.95 -0.48 -56.58
CA ASP A 97 -13.57 -0.10 -56.74
C ASP A 97 -13.21 1.04 -55.79
N LYS A 98 -13.78 1.01 -54.57
CA LYS A 98 -13.56 2.03 -53.57
C LYS A 98 -12.52 1.55 -52.57
N LEU A 99 -12.74 0.35 -52.02
CA LEU A 99 -11.82 -0.27 -51.09
C LEU A 99 -11.11 -1.44 -51.77
N PHE A 100 -9.79 -1.50 -51.66
CA PHE A 100 -9.01 -2.60 -52.19
C PHE A 100 -8.08 -3.15 -51.10
N ILE A 101 -8.09 -4.47 -50.92
CA ILE A 101 -7.32 -5.13 -49.88
C ILE A 101 -6.11 -5.80 -50.52
N LEU A 102 -4.91 -5.25 -50.27
CA LEU A 102 -3.68 -5.82 -50.79
C LEU A 102 -3.22 -6.94 -49.88
N ASP A 103 -3.38 -8.19 -50.34
CA ASP A 103 -2.96 -9.36 -49.60
C ASP A 103 -1.45 -9.54 -49.79
N ALA A 104 -0.70 -9.31 -48.71
CA ALA A 104 0.73 -9.58 -48.69
C ALA A 104 1.04 -10.73 -47.73
N SER A 105 0.03 -11.58 -47.49
CA SER A 105 0.18 -12.73 -46.61
C SER A 105 1.12 -13.74 -47.25
N PRO A 106 1.99 -14.41 -46.47
CA PRO A 106 2.81 -15.52 -46.99
C PRO A 106 1.95 -16.65 -47.56
N ASP A 107 2.54 -17.38 -48.52
CA ASP A 107 1.86 -18.49 -49.18
C ASP A 107 1.60 -19.63 -48.17
N ASP A 118 12.11 -7.64 -49.79
CA ASP A 118 10.63 -7.54 -49.62
C ASP A 118 10.21 -6.08 -49.58
N LEU A 119 10.93 -5.27 -48.78
CA LEU A 119 10.58 -3.90 -48.48
C LEU A 119 10.25 -3.12 -49.75
N SER A 120 11.18 -3.15 -50.73
CA SER A 120 11.01 -2.41 -51.97
C SER A 120 9.83 -2.93 -52.78
N GLY A 121 9.54 -4.23 -52.64
CA GLY A 121 8.40 -4.84 -53.32
C GLY A 121 7.06 -4.27 -52.87
N LEU A 122 6.82 -4.30 -51.56
CA LEU A 122 5.55 -3.88 -50.98
C LEU A 122 5.24 -2.43 -51.33
N ILE A 123 6.27 -1.60 -51.44
CA ILE A 123 6.11 -0.19 -51.78
C ILE A 123 5.46 -0.08 -53.16
N GLU A 124 6.09 -0.71 -54.16
CA GLU A 124 5.69 -0.61 -55.55
C GLU A 124 4.26 -1.10 -55.74
N ARG A 125 3.89 -2.17 -55.01
CA ARG A 125 2.55 -2.73 -55.09
C ARG A 125 1.53 -1.70 -54.60
N ILE A 126 1.80 -1.10 -53.44
CA ILE A 126 0.92 -0.12 -52.83
C ILE A 126 0.86 1.12 -53.72
N ASN A 127 2.01 1.52 -54.26
CA ASN A 127 2.10 2.66 -55.15
C ASN A 127 1.15 2.46 -56.35
N TYR A 128 1.19 1.25 -56.94
CA TYR A 128 0.36 0.91 -58.08
C TYR A 128 -1.12 0.98 -57.69
N ALA A 129 -1.45 0.39 -56.53
CA ALA A 129 -2.82 0.33 -56.05
C ALA A 129 -3.34 1.73 -55.74
N ILE A 130 -2.49 2.56 -55.11
CA ILE A 130 -2.83 3.94 -54.82
C ILE A 130 -3.23 4.64 -56.10
N ARG A 131 -2.46 4.41 -57.18
CA ARG A 131 -2.70 5.04 -58.47
C ARG A 131 -3.94 4.43 -59.12
N LYS A 132 -3.99 3.09 -59.17
CA LYS A 132 -5.05 2.36 -59.85
C LYS A 132 -6.41 2.70 -59.27
N TYR A 133 -6.49 2.80 -57.93
CA TYR A 133 -7.77 3.03 -57.26
C TYR A 133 -7.89 4.49 -56.83
N LYS A 134 -6.86 5.31 -57.10
CA LYS A 134 -6.87 6.73 -56.77
C LYS A 134 -7.12 6.90 -55.27
N ALA A 135 -6.32 6.18 -54.46
CA ALA A 135 -6.57 6.06 -53.04
C ALA A 135 -5.91 7.21 -52.28
N LYS A 136 -6.63 7.76 -51.31
CA LYS A 136 -6.14 8.87 -50.49
C LYS A 136 -5.87 8.40 -49.06
N ARG A 137 -6.36 7.21 -48.70
CA ARG A 137 -6.16 6.65 -47.38
C ARG A 137 -5.62 5.23 -47.50
N VAL A 138 -4.66 4.88 -46.63
CA VAL A 138 -4.06 3.56 -46.62
C VAL A 138 -3.95 3.09 -45.17
N ALA A 139 -4.18 1.78 -44.97
CA ALA A 139 -4.06 1.16 -43.65
C ALA A 139 -3.16 -0.06 -43.77
N ILE A 140 -2.13 -0.11 -42.91
CA ILE A 140 -1.18 -1.21 -42.90
C ILE A 140 -1.28 -1.92 -41.55
N ASP A 141 -1.54 -3.23 -41.59
CA ASP A 141 -1.86 -4.01 -40.40
C ASP A 141 -1.43 -5.46 -40.64
N SER A 142 -0.34 -5.92 -40.00
CA SER A 142 0.43 -5.18 -39.01
C SER A 142 1.90 -5.12 -39.44
N ILE A 143 2.55 -3.99 -39.14
CA ILE A 143 3.92 -3.75 -39.57
C ILE A 143 4.87 -4.63 -38.75
N THR A 144 4.47 -4.98 -37.52
CA THR A 144 5.25 -5.87 -36.68
C THR A 144 5.48 -7.17 -37.42
N ALA A 145 4.40 -7.77 -37.93
CA ALA A 145 4.41 -9.07 -38.57
C ALA A 145 5.45 -9.14 -39.69
N VAL A 146 5.60 -8.05 -40.44
CA VAL A 146 6.54 -8.02 -41.56
C VAL A 146 7.95 -8.25 -41.02
N PHE A 147 8.29 -7.49 -39.97
CA PHE A 147 9.63 -7.53 -39.39
C PHE A 147 9.80 -8.77 -38.50
N GLN A 148 8.70 -9.51 -38.25
CA GLN A 148 8.77 -10.77 -37.53
C GLN A 148 9.37 -11.86 -38.43
N GLN A 149 10.10 -11.44 -39.48
CA GLN A 149 10.99 -12.33 -40.21
C GLN A 149 12.38 -12.25 -39.57
N TYR A 150 12.88 -11.01 -39.44
CA TYR A 150 14.16 -10.73 -38.81
C TYR A 150 14.48 -9.25 -39.02
N ASP A 151 15.04 -8.60 -37.99
CA ASP A 151 15.38 -7.19 -38.08
C ASP A 151 15.96 -6.71 -36.76
N ALA A 152 17.23 -6.31 -36.78
CA ALA A 152 17.87 -5.65 -35.65
C ALA A 152 17.36 -4.21 -35.58
N VAL A 153 17.47 -3.61 -34.38
CA VAL A 153 16.90 -2.31 -34.08
C VAL A 153 17.19 -1.31 -35.21
N SER A 154 18.43 -1.34 -35.72
CA SER A 154 18.86 -0.46 -36.80
C SER A 154 18.05 -0.72 -38.08
N VAL A 155 17.90 -2.01 -38.42
CA VAL A 155 17.21 -2.41 -39.64
C VAL A 155 15.75 -1.98 -39.58
N VAL A 156 15.10 -2.19 -38.43
CA VAL A 156 13.68 -1.90 -38.30
C VAL A 156 13.48 -0.41 -38.50
N ARG A 157 14.29 0.40 -37.80
CA ARG A 157 14.16 1.84 -37.81
C ARG A 157 14.29 2.38 -39.24
N ARG A 158 15.33 1.90 -39.95
CA ARG A 158 15.61 2.37 -41.30
C ARG A 158 14.49 1.95 -42.25
N GLU A 159 13.96 0.74 -42.06
CA GLU A 159 12.97 0.16 -42.96
C GLU A 159 11.62 0.87 -42.80
N ILE A 160 11.24 1.21 -41.57
CA ILE A 160 10.01 1.92 -41.30
C ILE A 160 10.15 3.37 -41.79
N PHE A 161 11.34 3.96 -41.61
CA PHE A 161 11.61 5.33 -42.05
C PHE A 161 11.40 5.46 -43.55
N ARG A 162 11.79 4.43 -44.32
CA ARG A 162 11.63 4.42 -45.76
C ARG A 162 10.15 4.39 -46.11
N LEU A 163 9.43 3.40 -45.56
CA LEU A 163 8.02 3.19 -45.83
C LEU A 163 7.23 4.48 -45.59
N ILE A 164 7.60 5.21 -44.52
CA ILE A 164 6.94 6.45 -44.16
C ILE A 164 7.32 7.55 -45.15
N ALA A 165 8.63 7.65 -45.44
CA ALA A 165 9.15 8.68 -46.33
C ALA A 165 8.54 8.58 -47.73
N ARG A 166 8.29 7.34 -48.18
CA ARG A 166 7.74 7.10 -49.51
C ARG A 166 6.24 7.42 -49.53
N LEU A 167 5.48 6.83 -48.61
CA LEU A 167 4.05 7.08 -48.50
C LEU A 167 3.77 8.57 -48.42
N LYS A 168 4.73 9.33 -47.88
CA LYS A 168 4.64 10.79 -47.79
C LYS A 168 4.71 11.40 -49.20
N GLU A 169 5.63 10.89 -50.03
CA GLU A 169 5.78 11.34 -51.40
C GLU A 169 4.51 11.10 -52.21
N ILE A 170 3.91 9.91 -52.06
CA ILE A 170 2.74 9.54 -52.82
C ILE A 170 1.62 10.52 -52.47
N GLY A 171 1.61 10.99 -51.22
CA GLY A 171 0.65 11.98 -50.75
C GLY A 171 -0.57 11.33 -50.12
N VAL A 172 -0.32 10.30 -49.30
CA VAL A 172 -1.38 9.51 -48.70
C VAL A 172 -1.30 9.64 -47.18
N THR A 173 -2.47 9.72 -46.54
CA THR A 173 -2.58 9.64 -45.10
C THR A 173 -2.67 8.16 -44.70
N THR A 174 -1.68 7.69 -43.92
CA THR A 174 -1.52 6.27 -43.64
C THR A 174 -1.81 5.98 -42.16
N VAL A 175 -2.29 4.77 -41.89
CA VAL A 175 -2.45 4.25 -40.54
C VAL A 175 -1.65 2.95 -40.45
N MET A 176 -0.83 2.83 -39.39
CA MET A 176 0.07 1.70 -39.24
C MET A 176 -0.13 1.06 -37.88
N THR A 177 -0.32 -0.28 -37.88
CA THR A 177 -0.60 -1.03 -36.68
C THR A 177 0.69 -1.64 -36.13
N THR A 178 0.84 -1.65 -34.80
CA THR A 178 1.94 -2.35 -34.15
C THR A 178 1.44 -3.11 -32.92
N GLU A 179 2.22 -4.11 -32.51
CA GLU A 179 1.84 -5.03 -31.44
C GLU A 179 2.65 -4.72 -30.19
N ARG A 180 1.97 -4.73 -29.02
CA ARG A 180 2.59 -4.55 -27.73
C ARG A 180 2.39 -5.81 -26.89
N ILE A 181 3.26 -6.01 -25.90
CA ILE A 181 3.16 -7.16 -25.00
C ILE A 181 2.51 -6.74 -23.68
N ASP A 182 2.76 -5.50 -23.23
CA ASP A 182 2.21 -5.03 -21.98
C ASP A 182 1.42 -3.73 -22.22
N GLU A 183 0.60 -3.36 -21.24
CA GLU A 183 -0.36 -2.28 -21.39
C GLU A 183 0.30 -0.94 -21.04
N TYR A 184 1.15 -0.94 -20.00
CA TYR A 184 1.84 0.26 -19.56
C TYR A 184 3.35 0.10 -19.71
N GLY A 185 3.78 -0.73 -20.67
CA GLY A 185 5.20 -0.94 -20.94
C GLY A 185 5.67 -0.15 -22.16
N PRO A 186 6.59 -0.70 -22.98
CA PRO A 186 7.02 -0.04 -24.21
C PRO A 186 5.86 0.14 -25.18
N ILE A 187 5.95 1.17 -26.02
CA ILE A 187 4.83 1.62 -26.83
C ILE A 187 4.65 0.69 -28.03
N ALA A 188 5.78 0.18 -28.54
CA ALA A 188 5.76 -0.83 -29.59
C ALA A 188 6.55 -2.04 -29.11
N ARG A 189 7.31 -2.69 -30.00
CA ARG A 189 8.03 -3.90 -29.66
C ARG A 189 9.53 -3.65 -29.68
N TYR A 190 10.02 -2.96 -30.74
CA TYR A 190 11.44 -2.82 -30.99
C TYR A 190 11.97 -1.50 -30.43
N GLY A 191 11.09 -0.72 -29.79
CA GLY A 191 11.50 0.49 -29.08
C GLY A 191 12.00 1.58 -30.03
N VAL A 192 11.48 1.58 -31.26
CA VAL A 192 12.02 2.42 -32.33
C VAL A 192 10.88 3.05 -33.15
N GLU A 193 9.72 2.39 -33.21
CA GLU A 193 8.66 2.76 -34.12
C GLU A 193 8.07 4.12 -33.72
N GLU A 194 8.06 4.42 -32.41
CA GLU A 194 7.40 5.59 -31.89
C GLU A 194 8.19 6.85 -32.27
N PHE A 195 9.53 6.71 -32.33
CA PHE A 195 10.41 7.83 -32.56
C PHE A 195 10.52 8.16 -34.05
N VAL A 196 10.15 7.22 -34.92
CA VAL A 196 10.19 7.43 -36.35
C VAL A 196 8.86 8.06 -36.79
N SER A 197 7.75 7.50 -36.29
CA SER A 197 6.42 7.97 -36.63
C SER A 197 6.24 9.41 -36.16
N ASP A 198 5.49 10.19 -36.93
CA ASP A 198 5.15 11.57 -36.57
C ASP A 198 4.02 11.55 -35.53
N ASN A 199 3.17 10.52 -35.61
CA ASN A 199 1.95 10.44 -34.81
C ASN A 199 1.84 9.05 -34.20
N VAL A 200 1.41 9.00 -32.94
CA VAL A 200 1.35 7.76 -32.18
C VAL A 200 0.07 7.74 -31.36
N VAL A 201 -0.80 6.77 -31.64
CA VAL A 201 -2.00 6.52 -30.87
C VAL A 201 -1.84 5.18 -30.15
N ILE A 202 -2.23 5.14 -28.88
CA ILE A 202 -2.08 3.94 -28.08
C ILE A 202 -3.48 3.45 -27.69
N LEU A 203 -3.76 2.17 -27.97
CA LEU A 203 -4.99 1.52 -27.54
C LEU A 203 -4.64 0.58 -26.39
N ARG A 204 -5.42 0.65 -25.31
CA ARG A 204 -5.18 -0.16 -24.13
C ARG A 204 -6.45 -0.89 -23.72
N ASN A 205 -6.25 -2.06 -23.11
CA ASN A 205 -7.32 -2.91 -22.64
C ASN A 205 -6.90 -3.42 -21.25
N VAL A 206 -7.12 -2.59 -20.23
CA VAL A 206 -6.54 -2.79 -18.91
C VAL A 206 -7.44 -3.74 -18.12
N LEU A 207 -6.83 -4.75 -17.49
CA LEU A 207 -7.52 -5.64 -16.58
C LEU A 207 -7.33 -5.14 -15.15
N GLU A 208 -8.44 -4.88 -14.45
CA GLU A 208 -8.40 -4.34 -13.10
C GLU A 208 -9.66 -4.77 -12.35
N GLY A 209 -9.47 -5.64 -11.33
CA GLY A 209 -10.58 -6.19 -10.58
C GLY A 209 -11.35 -7.21 -11.41
N GLU A 210 -10.61 -7.99 -12.21
CA GLU A 210 -11.15 -9.03 -13.07
C GLU A 210 -12.01 -8.44 -14.18
N ARG A 211 -11.95 -7.11 -14.37
CA ARG A 211 -12.75 -6.42 -15.37
C ARG A 211 -11.83 -5.68 -16.32
N ARG A 212 -12.25 -5.59 -17.59
CA ARG A 212 -11.44 -4.98 -18.65
C ARG A 212 -12.03 -3.62 -19.01
N ARG A 213 -11.14 -2.70 -19.39
CA ARG A 213 -11.55 -1.34 -19.75
C ARG A 213 -10.69 -0.89 -20.94
N ARG A 214 -11.35 -0.43 -22.00
CA ARG A 214 -10.68 0.01 -23.21
C ARG A 214 -10.43 1.51 -23.14
N THR A 215 -9.26 1.96 -23.60
CA THR A 215 -8.91 3.37 -23.60
C THR A 215 -8.08 3.72 -24.84
N VAL A 216 -8.17 4.98 -25.26
CA VAL A 216 -7.44 5.55 -26.37
C VAL A 216 -6.59 6.70 -25.83
N GLU A 217 -5.37 6.83 -26.34
CA GLU A 217 -4.50 7.96 -26.02
C GLU A 217 -3.82 8.44 -27.30
N ILE A 218 -3.81 9.76 -27.48
CA ILE A 218 -2.94 10.41 -28.45
C ILE A 218 -1.68 10.83 -27.71
N LEU A 219 -0.58 10.13 -27.96
CA LEU A 219 0.66 10.39 -27.24
C LEU A 219 1.34 11.62 -27.87
N LYS A 220 1.41 11.64 -29.20
CA LYS A 220 2.22 12.61 -29.92
C LYS A 220 1.60 12.92 -31.28
N LEU A 221 1.45 14.22 -31.58
CA LEU A 221 1.20 14.71 -32.92
C LEU A 221 2.17 15.85 -33.22
N ARG A 222 3.24 15.55 -33.95
CA ARG A 222 4.22 16.56 -34.33
C ARG A 222 3.54 17.73 -35.03
N GLY A 223 3.78 18.94 -34.54
CA GLY A 223 3.39 20.16 -35.21
C GLY A 223 1.97 20.61 -34.92
N THR A 224 1.23 19.85 -34.08
CA THR A 224 -0.14 20.19 -33.77
C THR A 224 -0.42 19.93 -32.29
N THR A 225 -1.65 20.23 -31.90
CA THR A 225 -2.15 20.00 -30.55
C THR A 225 -3.01 18.74 -30.53
N HIS A 226 -3.27 18.23 -29.33
CA HIS A 226 -4.14 17.09 -29.13
C HIS A 226 -4.55 17.03 -27.66
N MET A 227 -5.61 16.29 -27.36
CA MET A 227 -5.99 16.06 -25.98
C MET A 227 -5.00 15.10 -25.34
N LYS A 228 -4.67 15.33 -24.07
CA LYS A 228 -3.67 14.56 -23.37
C LYS A 228 -4.35 13.54 -22.45
N GLY A 229 -3.83 12.31 -22.43
CA GLY A 229 -4.27 11.30 -21.48
C GLY A 229 -5.11 10.20 -22.12
N GLU A 230 -5.67 9.33 -21.26
CA GLU A 230 -6.44 8.19 -21.70
C GLU A 230 -7.93 8.55 -21.68
N PHE A 231 -8.61 8.24 -22.78
CA PHE A 231 -10.05 8.41 -22.86
C PHE A 231 -10.69 7.04 -23.10
N PRO A 232 -11.77 6.69 -22.35
CA PRO A 232 -12.41 5.39 -22.51
C PRO A 232 -13.20 5.32 -23.81
N PHE A 233 -13.26 4.12 -24.40
CA PHE A 233 -14.03 3.92 -25.62
C PHE A 233 -14.74 2.56 -25.55
N THR A 234 -15.82 2.44 -26.31
CA THR A 234 -16.49 1.16 -26.51
C THR A 234 -16.53 0.85 -27.99
N MET A 235 -16.83 -0.41 -28.32
CA MET A 235 -17.08 -0.82 -29.68
C MET A 235 -18.52 -1.35 -29.75
N GLY A 236 -19.40 -0.56 -30.36
CA GLY A 236 -20.80 -0.93 -30.52
C GLY A 236 -21.02 -1.68 -31.83
N ALA A 237 -22.13 -1.35 -32.51
CA ALA A 237 -22.48 -1.98 -33.78
C ALA A 237 -22.33 -0.97 -34.93
N HIS A 238 -21.59 0.13 -34.67
CA HIS A 238 -21.22 1.07 -35.73
C HIS A 238 -19.71 1.33 -35.70
N GLY A 239 -18.98 0.58 -34.87
CA GLY A 239 -17.54 0.77 -34.71
C GLY A 239 -17.20 1.39 -33.36
N ILE A 240 -16.07 2.10 -33.31
CA ILE A 240 -15.56 2.68 -32.08
C ILE A 240 -16.37 3.91 -31.71
N SER A 241 -16.77 3.98 -30.43
CA SER A 241 -17.31 5.18 -29.84
C SER A 241 -16.39 5.65 -28.71
N ILE A 242 -15.79 6.83 -28.89
CA ILE A 242 -15.04 7.51 -27.85
C ILE A 242 -15.92 8.63 -27.30
N PHE A 243 -16.09 8.66 -25.98
CA PHE A 243 -16.86 9.70 -25.32
C PHE A 243 -15.96 10.42 -24.32
N PRO A 244 -15.25 11.51 -24.73
CA PRO A 244 -14.46 12.32 -23.81
C PRO A 244 -15.32 13.32 -23.04
N LEU A 245 -14.79 13.83 -21.92
CA LEU A 245 -15.45 14.88 -21.17
C LEU A 245 -15.33 16.21 -21.92
N ARG A 253 -30.10 24.65 -22.15
CA ARG A 253 -29.92 25.58 -20.99
C ARG A 253 -30.63 24.98 -19.77
N SER A 254 -31.30 25.84 -18.99
CA SER A 254 -31.97 25.42 -17.76
C SER A 254 -33.26 26.22 -17.58
N SER A 255 -34.38 25.50 -17.41
CA SER A 255 -35.70 26.11 -17.33
C SER A 255 -36.23 26.06 -15.91
N ASN A 256 -37.35 26.75 -15.68
CA ASN A 256 -38.03 26.79 -14.39
C ASN A 256 -39.31 25.97 -14.44
N VAL A 257 -39.40 25.05 -15.41
CA VAL A 257 -40.57 24.22 -15.59
C VAL A 257 -40.59 23.14 -14.49
N ARG A 258 -41.66 23.11 -13.70
CA ARG A 258 -41.78 22.21 -12.56
C ARG A 258 -42.47 20.91 -13.02
N VAL A 259 -42.05 19.79 -12.41
CA VAL A 259 -42.70 18.49 -12.57
C VAL A 259 -42.99 17.94 -11.18
N SER A 260 -44.07 17.15 -11.08
CA SER A 260 -44.57 16.69 -9.79
C SER A 260 -43.84 15.42 -9.34
N SER A 261 -43.81 15.22 -8.02
CA SER A 261 -43.15 14.07 -7.40
C SER A 261 -44.10 12.87 -7.34
N GLY A 262 -45.40 13.15 -7.33
CA GLY A 262 -46.42 12.15 -7.03
C GLY A 262 -46.87 12.22 -5.58
N VAL A 263 -46.19 13.07 -4.80
CA VAL A 263 -46.54 13.34 -3.42
C VAL A 263 -46.82 14.83 -3.29
N PRO A 264 -48.09 15.27 -3.23
CA PRO A 264 -48.42 16.69 -3.08
C PRO A 264 -47.62 17.45 -2.02
N ARG A 265 -47.45 16.84 -0.84
CA ARG A 265 -46.78 17.51 0.27
C ARG A 265 -45.30 17.72 -0.06
N LEU A 266 -44.71 16.77 -0.78
CA LEU A 266 -43.30 16.86 -1.17
C LEU A 266 -43.15 17.98 -2.21
N ASP A 267 -44.10 18.04 -3.15
CA ASP A 267 -44.13 19.10 -4.14
C ASP A 267 -44.13 20.47 -3.46
N GLU A 268 -44.91 20.61 -2.38
CA GLU A 268 -45.01 21.85 -1.62
C GLU A 268 -43.67 22.12 -0.92
N MET A 269 -43.03 21.05 -0.44
CA MET A 269 -41.76 21.14 0.26
C MET A 269 -40.65 21.60 -0.68
N CYS A 270 -40.81 21.31 -1.98
CA CYS A 270 -39.81 21.64 -2.98
C CYS A 270 -40.13 22.97 -3.68
N GLY A 271 -41.16 23.68 -3.18
CA GLY A 271 -41.52 24.99 -3.70
C GLY A 271 -42.39 24.92 -4.95
N GLY A 272 -43.04 23.77 -5.16
CA GLY A 272 -43.95 23.58 -6.29
C GLY A 272 -43.55 22.43 -7.21
N GLY A 273 -42.71 21.50 -6.71
CA GLY A 273 -42.30 20.33 -7.47
C GLY A 273 -40.85 20.44 -7.96
N PHE A 274 -40.38 19.37 -8.60
CA PHE A 274 -39.02 19.32 -9.15
C PHE A 274 -38.98 20.03 -10.48
N PHE A 275 -37.82 20.64 -10.78
CA PHE A 275 -37.58 21.24 -12.09
C PHE A 275 -37.39 20.14 -13.13
N LYS A 276 -37.91 20.38 -14.34
CA LYS A 276 -37.79 19.44 -15.44
C LYS A 276 -36.36 19.43 -15.99
N ASP A 277 -35.54 20.40 -15.55
CA ASP A 277 -34.13 20.45 -15.90
C ASP A 277 -33.29 20.35 -14.62
N SER A 278 -33.31 19.17 -13.99
CA SER A 278 -32.58 18.98 -12.73
C SER A 278 -32.32 17.50 -12.47
N ILE A 279 -31.27 17.24 -11.69
CA ILE A 279 -30.96 15.92 -11.17
C ILE A 279 -31.44 15.84 -9.73
N ILE A 280 -32.28 14.85 -9.44
CA ILE A 280 -32.80 14.62 -8.10
C ILE A 280 -32.06 13.42 -7.51
N LEU A 281 -31.49 13.59 -6.31
CA LEU A 281 -30.91 12.49 -5.56
C LEU A 281 -31.74 12.21 -4.32
N ALA A 282 -32.10 10.94 -4.13
CA ALA A 282 -32.73 10.46 -2.91
C ALA A 282 -31.73 9.62 -2.12
N THR A 283 -31.20 10.17 -1.03
CA THR A 283 -30.18 9.50 -0.24
C THR A 283 -30.79 9.04 1.09
N GLY A 284 -30.37 7.85 1.54
CA GLY A 284 -30.81 7.33 2.82
C GLY A 284 -30.42 5.86 3.01
N ALA A 285 -30.62 5.37 4.23
CA ALA A 285 -30.32 3.99 4.58
C ALA A 285 -31.27 3.04 3.85
N THR A 286 -30.94 1.74 3.91
CA THR A 286 -31.77 0.71 3.29
C THR A 286 -33.11 0.67 4.00
N GLY A 287 -34.19 0.57 3.21
CA GLY A 287 -35.54 0.40 3.71
C GLY A 287 -36.21 1.73 4.09
N THR A 288 -35.59 2.86 3.73
CA THR A 288 -36.07 4.16 4.17
C THR A 288 -37.28 4.59 3.32
N GLY A 289 -37.25 4.26 2.03
CA GLY A 289 -38.35 4.56 1.13
C GLY A 289 -37.91 5.25 -0.17
N LYS A 290 -36.68 4.96 -0.64
CA LYS A 290 -36.13 5.57 -1.83
C LYS A 290 -36.81 5.01 -3.08
N THR A 291 -37.08 3.70 -3.07
CA THR A 291 -37.72 3.02 -4.19
C THR A 291 -39.17 3.50 -4.33
N LEU A 292 -39.80 3.83 -3.19
CA LEU A 292 -41.17 4.32 -3.20
C LEU A 292 -41.21 5.68 -3.88
N LEU A 293 -40.31 6.58 -3.49
CA LEU A 293 -40.23 7.91 -4.07
C LEU A 293 -39.85 7.85 -5.55
N VAL A 294 -39.06 6.83 -5.94
CA VAL A 294 -38.66 6.67 -7.33
C VAL A 294 -39.75 5.94 -8.11
N SER A 295 -40.79 5.46 -7.40
CA SER A 295 -41.95 4.84 -8.02
C SER A 295 -43.04 5.88 -8.28
N LYS A 296 -43.30 6.73 -7.27
CA LYS A 296 -44.29 7.80 -7.38
C LYS A 296 -43.91 8.72 -8.52
N PHE A 297 -42.67 9.21 -8.50
CA PHE A 297 -42.03 9.75 -9.69
C PHE A 297 -41.89 8.60 -10.69
N ILE A 298 -42.53 8.75 -11.86
CA ILE A 298 -42.70 7.69 -12.86
C ILE A 298 -44.20 7.48 -13.06
N GLU A 299 -44.88 7.10 -11.97
CA GLU A 299 -46.33 7.01 -11.93
C GLU A 299 -46.94 8.35 -12.32
N ASP A 300 -46.35 9.43 -11.82
CA ASP A 300 -46.84 10.78 -12.06
C ASP A 300 -46.64 11.15 -13.54
N ALA A 301 -45.54 10.69 -14.13
CA ALA A 301 -45.26 10.92 -15.55
C ALA A 301 -46.32 10.23 -16.39
N CYS A 302 -46.58 8.96 -16.09
CA CYS A 302 -47.51 8.14 -16.85
C CYS A 302 -48.95 8.59 -16.62
N ARG A 303 -49.21 9.19 -15.45
CA ARG A 303 -50.50 9.77 -15.15
C ARG A 303 -50.70 11.07 -15.94
N ASN A 304 -49.59 11.64 -16.44
CA ASN A 304 -49.62 12.83 -17.28
C ASN A 304 -49.43 12.43 -18.75
N LYS A 305 -49.55 11.13 -19.05
CA LYS A 305 -49.42 10.61 -20.40
C LYS A 305 -48.05 10.95 -20.98
N GLU A 306 -47.00 10.75 -20.17
CA GLU A 306 -45.62 10.95 -20.60
C GLU A 306 -44.86 9.63 -20.43
N ARG A 307 -43.84 9.44 -21.25
CA ARG A 307 -43.02 8.24 -21.21
C ARG A 307 -42.01 8.35 -20.07
N ALA A 308 -41.59 7.20 -19.53
CA ALA A 308 -40.55 7.15 -18.52
C ALA A 308 -39.83 5.80 -18.56
N ILE A 309 -38.53 5.81 -18.19
CA ILE A 309 -37.75 4.59 -18.08
C ILE A 309 -37.27 4.44 -16.65
N LEU A 310 -37.20 3.17 -16.19
CA LEU A 310 -36.61 2.83 -14.92
C LEU A 310 -35.45 1.86 -15.14
N PHE A 311 -34.25 2.28 -14.75
CA PHE A 311 -33.07 1.42 -14.78
C PHE A 311 -32.84 0.86 -13.37
N ALA A 312 -33.18 -0.42 -13.19
CA ALA A 312 -33.08 -1.09 -11.90
C ALA A 312 -31.82 -1.97 -11.90
N TYR A 313 -31.13 -2.00 -10.74
CA TYR A 313 -29.95 -2.83 -10.57
C TYR A 313 -29.98 -3.54 -9.22
N GLU A 314 -31.13 -3.55 -8.55
CA GLU A 314 -31.26 -4.14 -7.22
C GLU A 314 -32.38 -5.18 -7.21
N GLU A 315 -33.58 -4.79 -7.67
CA GLU A 315 -34.74 -5.66 -7.65
C GLU A 315 -35.14 -6.03 -9.08
N SER A 316 -35.85 -7.16 -9.21
CA SER A 316 -36.36 -7.63 -10.49
C SER A 316 -37.69 -6.94 -10.80
N ARG A 317 -38.09 -7.01 -12.08
CA ARG A 317 -39.32 -6.39 -12.55
C ARG A 317 -40.51 -6.94 -11.79
N ALA A 318 -40.47 -8.25 -11.47
CA ALA A 318 -41.54 -8.92 -10.74
C ALA A 318 -41.61 -8.42 -9.31
N GLN A 319 -40.45 -8.34 -8.65
CA GLN A 319 -40.35 -7.81 -7.29
C GLN A 319 -40.86 -6.37 -7.26
N LEU A 320 -40.41 -5.57 -8.22
CA LEU A 320 -40.79 -4.17 -8.35
C LEU A 320 -42.31 -4.05 -8.54
N LEU A 321 -42.88 -4.95 -9.34
CA LEU A 321 -44.31 -4.92 -9.65
C LEU A 321 -45.13 -5.27 -8.41
N ARG A 322 -44.71 -6.33 -7.71
CA ARG A 322 -45.38 -6.78 -6.50
C ARG A 322 -45.39 -5.67 -5.46
N ASN A 323 -44.22 -5.06 -5.23
CA ASN A 323 -44.05 -4.06 -4.19
C ASN A 323 -44.78 -2.78 -4.58
N ALA A 324 -44.77 -2.45 -5.87
CA ALA A 324 -45.49 -1.30 -6.39
C ALA A 324 -47.00 -1.47 -6.14
N THR A 325 -47.50 -2.68 -6.40
CA THR A 325 -48.92 -2.98 -6.23
C THR A 325 -49.31 -2.79 -4.76
N SER A 326 -48.46 -3.27 -3.85
CA SER A 326 -48.69 -3.13 -2.42
C SER A 326 -48.66 -1.66 -2.00
N TRP A 327 -47.92 -0.83 -2.77
CA TRP A 327 -47.91 0.62 -2.58
C TRP A 327 -49.07 1.29 -3.29
N GLY A 328 -49.73 0.58 -4.21
CA GLY A 328 -50.92 1.07 -4.88
C GLY A 328 -50.65 1.47 -6.33
N ILE A 329 -49.42 1.26 -6.80
CA ILE A 329 -48.99 1.70 -8.12
C ILE A 329 -49.06 0.51 -9.08
N ASP A 330 -49.80 0.69 -10.18
CA ASP A 330 -50.00 -0.36 -11.17
C ASP A 330 -49.08 -0.07 -12.36
N PHE A 331 -47.87 -0.65 -12.32
CA PHE A 331 -46.88 -0.48 -13.38
C PHE A 331 -47.27 -1.24 -14.64
N GLU A 332 -47.85 -2.44 -14.46
CA GLU A 332 -48.18 -3.32 -15.57
C GLU A 332 -48.98 -2.56 -16.63
N GLN A 333 -49.90 -1.69 -16.18
CA GLN A 333 -50.73 -0.91 -17.09
C GLN A 333 -49.86 0.10 -17.84
N MET A 334 -48.92 0.73 -17.12
CA MET A 334 -48.11 1.82 -17.66
C MET A 334 -47.21 1.28 -18.78
N GLU A 335 -46.71 0.05 -18.60
CA GLU A 335 -45.89 -0.61 -19.61
C GLU A 335 -46.75 -0.94 -20.84
N GLN A 336 -47.98 -1.40 -20.60
CA GLN A 336 -48.88 -1.79 -21.66
C GLN A 336 -49.38 -0.56 -22.42
N ASP A 337 -49.66 0.52 -21.68
CA ASP A 337 -50.17 1.75 -22.27
C ASP A 337 -49.08 2.48 -23.05
N GLY A 338 -47.85 1.95 -23.02
CA GLY A 338 -46.76 2.43 -23.86
C GLY A 338 -46.07 3.66 -23.29
N LEU A 339 -46.10 3.79 -21.95
CA LEU A 339 -45.65 5.00 -21.28
C LEU A 339 -44.63 4.68 -20.18
N LEU A 340 -44.10 3.45 -20.15
CA LEU A 340 -43.18 3.05 -19.10
C LEU A 340 -42.37 1.83 -19.56
N LYS A 341 -41.04 1.95 -19.54
CA LYS A 341 -40.14 0.84 -19.77
C LYS A 341 -39.32 0.60 -18.50
N ILE A 342 -38.98 -0.67 -18.24
CA ILE A 342 -38.20 -1.06 -17.07
C ILE A 342 -37.07 -1.98 -17.52
N ILE A 343 -35.83 -1.50 -17.38
CA ILE A 343 -34.65 -2.27 -17.73
C ILE A 343 -33.96 -2.70 -16.43
N CYS A 344 -34.05 -4.00 -16.12
CA CYS A 344 -33.44 -4.57 -14.94
C CYS A 344 -32.18 -5.32 -15.33
N ALA A 345 -31.07 -5.06 -14.62
CA ALA A 345 -29.80 -5.70 -14.89
C ALA A 345 -28.89 -5.57 -13.67
N TYR A 346 -28.22 -6.67 -13.30
CA TYR A 346 -27.24 -6.65 -12.23
C TYR A 346 -26.09 -5.73 -12.65
N PRO A 347 -25.54 -4.90 -11.73
CA PRO A 347 -24.41 -4.03 -12.07
C PRO A 347 -23.22 -4.77 -12.68
N GLU A 348 -23.05 -6.04 -12.31
CA GLU A 348 -21.90 -6.83 -12.74
C GLU A 348 -22.07 -7.29 -14.19
N SER A 349 -23.29 -7.20 -14.72
CA SER A 349 -23.59 -7.54 -16.11
C SER A 349 -22.42 -7.16 -17.01
N THR A 350 -22.10 -5.85 -17.04
CA THR A 350 -21.10 -5.31 -17.94
C THR A 350 -20.16 -4.42 -17.14
N GLY A 351 -19.68 -3.32 -17.76
CA GLY A 351 -18.90 -2.30 -17.09
C GLY A 351 -19.57 -0.93 -17.22
N LEU A 352 -19.05 0.05 -16.46
CA LEU A 352 -19.65 1.37 -16.37
C LEU A 352 -19.80 1.99 -17.76
N GLU A 353 -18.72 1.95 -18.55
CA GLU A 353 -18.71 2.52 -19.88
C GLU A 353 -19.77 1.86 -20.75
N ASP A 354 -19.97 0.54 -20.58
CA ASP A 354 -20.97 -0.21 -21.33
C ASP A 354 -22.36 0.10 -20.77
N HIS A 355 -22.47 0.18 -19.43
CA HIS A 355 -23.72 0.51 -18.77
C HIS A 355 -24.26 1.84 -19.29
N LEU A 356 -23.34 2.81 -19.47
CA LEU A 356 -23.71 4.16 -19.86
C LEU A 356 -24.32 4.13 -21.27
N GLN A 357 -23.74 3.31 -22.15
CA GLN A 357 -24.23 3.16 -23.52
C GLN A 357 -25.63 2.53 -23.51
N ILE A 358 -25.83 1.54 -22.64
CA ILE A 358 -27.09 0.84 -22.52
C ILE A 358 -28.21 1.84 -22.15
N ILE A 359 -27.87 2.83 -21.31
CA ILE A 359 -28.81 3.87 -20.95
C ILE A 359 -29.07 4.74 -22.17
N LYS A 360 -27.99 5.27 -22.76
CA LYS A 360 -28.07 6.18 -23.89
C LYS A 360 -28.94 5.58 -25.00
N THR A 361 -28.65 4.33 -25.37
CA THR A 361 -29.36 3.65 -26.43
C THR A 361 -30.85 3.55 -26.11
N GLU A 362 -31.17 3.12 -24.89
CA GLU A 362 -32.55 2.87 -24.49
C GLU A 362 -33.33 4.18 -24.42
N ILE A 363 -32.67 5.27 -24.03
CA ILE A 363 -33.30 6.59 -23.97
C ILE A 363 -33.71 7.02 -25.37
N SER A 364 -32.80 6.88 -26.34
CA SER A 364 -33.06 7.30 -27.71
C SER A 364 -34.17 6.47 -28.35
N GLN A 365 -34.22 5.17 -28.00
CA GLN A 365 -35.19 4.25 -28.55
C GLN A 365 -36.60 4.62 -28.07
N PHE A 366 -36.77 4.73 -26.75
CA PHE A 366 -38.07 4.92 -26.14
C PHE A 366 -38.41 6.41 -26.08
N LYS A 367 -37.41 7.25 -25.86
CA LYS A 367 -37.56 8.71 -25.85
C LYS A 367 -38.42 9.13 -24.66
N PRO A 368 -37.90 9.05 -23.41
CA PRO A 368 -38.68 9.36 -22.21
C PRO A 368 -38.72 10.84 -21.83
N SER A 369 -39.70 11.19 -20.99
CA SER A 369 -39.79 12.49 -20.35
C SER A 369 -39.04 12.48 -19.02
N ARG A 370 -38.99 11.32 -18.36
CA ARG A 370 -38.39 11.19 -17.04
C ARG A 370 -37.59 9.88 -16.95
N MET A 371 -36.36 9.98 -16.42
CA MET A 371 -35.51 8.81 -16.21
C MET A 371 -35.40 8.55 -14.70
N ALA A 372 -35.01 7.33 -14.35
CA ALA A 372 -34.82 6.95 -12.95
C ALA A 372 -33.82 5.81 -12.85
N ILE A 373 -32.79 6.00 -12.02
CA ILE A 373 -31.81 4.97 -11.75
C ILE A 373 -31.95 4.54 -10.28
N ASP A 374 -32.03 3.22 -10.08
CA ASP A 374 -32.20 2.64 -8.75
C ASP A 374 -31.35 1.37 -8.69
N SER A 375 -30.09 1.48 -8.27
CA SER A 375 -29.53 2.67 -7.64
C SER A 375 -28.12 2.94 -8.16
N LEU A 376 -27.65 4.18 -7.94
CA LEU A 376 -26.30 4.60 -8.29
C LEU A 376 -25.29 3.96 -7.33
N SER A 377 -25.71 3.69 -6.09
CA SER A 377 -24.85 3.06 -5.10
C SER A 377 -24.48 1.64 -5.53
N ALA A 378 -25.40 0.97 -6.22
CA ALA A 378 -25.17 -0.39 -6.71
C ALA A 378 -24.20 -0.39 -7.90
N LEU A 379 -24.31 0.63 -8.77
CA LEU A 379 -23.45 0.76 -9.93
C LEU A 379 -22.03 1.19 -9.50
N ALA A 380 -21.85 1.51 -8.22
CA ALA A 380 -20.55 1.89 -7.67
C ALA A 380 -19.85 0.69 -7.06
N ARG A 381 -20.52 -0.47 -7.03
CA ARG A 381 -19.90 -1.69 -6.55
C ARG A 381 -18.88 -2.19 -7.58
N GLY A 382 -17.65 -2.42 -7.13
CA GLY A 382 -16.61 -2.99 -7.99
C GLY A 382 -15.69 -1.92 -8.55
N VAL A 383 -16.28 -0.87 -9.13
CA VAL A 383 -15.54 0.19 -9.80
C VAL A 383 -14.76 1.01 -8.76
N SER A 384 -13.84 1.84 -9.26
CA SER A 384 -13.09 2.78 -8.44
C SER A 384 -13.91 4.05 -8.25
N HIS A 385 -13.54 4.84 -7.22
CA HIS A 385 -14.19 6.10 -6.92
C HIS A 385 -14.06 7.05 -8.12
N ASN A 386 -12.87 7.05 -8.73
CA ASN A 386 -12.60 7.89 -9.88
C ASN A 386 -13.35 7.36 -11.11
N ALA A 387 -13.43 6.03 -11.22
CA ALA A 387 -14.11 5.38 -12.33
C ALA A 387 -15.61 5.66 -12.27
N PHE A 388 -16.17 5.65 -11.06
CA PHE A 388 -17.59 5.88 -10.87
C PHE A 388 -17.96 7.34 -11.16
N ARG A 389 -17.15 8.27 -10.64
CA ARG A 389 -17.41 9.70 -10.79
C ARG A 389 -17.60 10.06 -12.26
N GLN A 390 -16.89 9.35 -13.15
CA GLN A 390 -16.98 9.59 -14.59
C GLN A 390 -18.33 9.13 -15.13
N PHE A 391 -18.87 8.04 -14.58
CA PHE A 391 -20.18 7.54 -14.98
C PHE A 391 -21.25 8.60 -14.68
N VAL A 392 -21.23 9.10 -13.43
CA VAL A 392 -22.26 10.00 -12.94
C VAL A 392 -22.30 11.26 -13.81
N ILE A 393 -21.12 11.83 -14.10
CA ILE A 393 -21.04 13.04 -14.91
C ILE A 393 -21.59 12.74 -16.30
N GLY A 394 -21.18 11.61 -16.89
CA GLY A 394 -21.67 11.19 -18.19
C GLY A 394 -23.20 11.05 -18.23
N VAL A 395 -23.75 10.36 -17.22
CA VAL A 395 -25.18 10.12 -17.13
C VAL A 395 -25.92 11.43 -16.85
N THR A 396 -25.38 12.20 -15.89
CA THR A 396 -25.95 13.49 -15.51
C THR A 396 -26.07 14.39 -16.74
N GLY A 397 -24.97 14.50 -17.49
CA GLY A 397 -24.89 15.39 -18.64
C GLY A 397 -25.86 15.03 -19.75
N TYR A 398 -26.08 13.72 -19.96
CA TYR A 398 -26.94 13.26 -21.03
C TYR A 398 -28.38 13.69 -20.77
N ALA A 399 -28.82 13.55 -19.52
CA ALA A 399 -30.19 13.88 -19.14
C ALA A 399 -30.48 15.36 -19.38
N LYS A 400 -29.58 16.23 -18.89
CA LYS A 400 -29.71 17.66 -19.04
C LYS A 400 -29.56 18.06 -20.51
N GLN A 401 -28.73 17.32 -21.25
CA GLN A 401 -28.53 17.56 -22.67
C GLN A 401 -29.80 17.19 -23.44
N GLU A 402 -30.45 16.10 -23.03
CA GLU A 402 -31.67 15.62 -23.67
C GLU A 402 -32.91 16.24 -23.03
N GLU A 403 -32.72 17.02 -21.96
CA GLU A 403 -33.80 17.67 -21.24
C GLU A 403 -34.75 16.60 -20.68
N ILE A 404 -34.21 15.76 -19.80
CA ILE A 404 -34.95 14.68 -19.17
C ILE A 404 -34.77 14.79 -17.66
N ALA A 405 -35.89 14.81 -16.92
CA ALA A 405 -35.86 14.80 -15.47
C ALA A 405 -35.34 13.45 -14.98
N GLY A 406 -34.39 13.49 -14.03
CA GLY A 406 -33.68 12.29 -13.60
C GLY A 406 -33.71 12.12 -12.08
N PHE A 407 -34.24 10.99 -11.62
CA PHE A 407 -34.38 10.68 -10.21
C PHE A 407 -33.42 9.55 -9.86
N PHE A 408 -32.43 9.83 -9.01
CA PHE A 408 -31.39 8.86 -8.69
C PHE A 408 -31.46 8.53 -7.20
N THR A 409 -31.06 7.30 -6.86
CA THR A 409 -31.07 6.83 -5.49
C THR A 409 -29.66 6.40 -5.09
N ASN A 410 -29.30 6.68 -3.83
CA ASN A 410 -28.03 6.27 -3.26
C ASN A 410 -28.29 5.74 -1.85
N THR A 411 -27.90 4.49 -1.60
CA THR A 411 -28.04 3.88 -0.29
C THR A 411 -26.79 4.19 0.53
N SER A 412 -26.98 4.82 1.71
CA SER A 412 -25.86 5.14 2.59
C SER A 412 -25.49 3.93 3.44
N GLU A 413 -24.21 3.86 3.83
CA GLU A 413 -23.65 2.67 4.45
C GLU A 413 -24.08 2.55 5.92
N GLU A 414 -24.29 3.69 6.59
CA GLU A 414 -24.66 3.69 7.99
C GLU A 414 -26.17 3.93 8.12
N PHE A 415 -26.82 3.15 8.99
CA PHE A 415 -28.28 3.14 9.06
C PHE A 415 -28.76 4.27 9.97
N MET A 416 -27.85 4.85 10.77
CA MET A 416 -28.17 6.02 11.57
C MET A 416 -26.87 6.76 11.91
N GLY A 417 -26.92 8.09 11.80
CA GLY A 417 -25.79 8.94 12.14
C GLY A 417 -24.89 9.23 10.94
N SER A 418 -25.40 8.96 9.73
CA SER A 418 -24.69 9.29 8.50
C SER A 418 -24.64 10.80 8.34
N HIS A 419 -23.58 11.42 8.87
CA HIS A 419 -23.37 12.85 8.75
C HIS A 419 -22.80 13.19 7.37
N SER A 420 -22.81 12.21 6.46
CA SER A 420 -22.35 12.39 5.09
C SER A 420 -23.48 12.02 4.13
N ILE A 421 -23.70 12.88 3.11
CA ILE A 421 -24.72 12.62 2.11
C ILE A 421 -24.30 11.37 1.32
N THR A 422 -23.19 11.51 0.57
CA THR A 422 -22.61 10.38 -0.14
C THR A 422 -21.17 10.19 0.34
N ASP A 423 -20.66 8.95 0.16
CA ASP A 423 -19.26 8.66 0.38
C ASP A 423 -18.48 8.89 -0.92
N SER A 424 -19.21 8.98 -2.04
CA SER A 424 -18.60 9.12 -3.35
C SER A 424 -18.35 10.59 -3.69
N HIS A 425 -18.98 11.51 -2.95
CA HIS A 425 -18.79 12.94 -3.10
C HIS A 425 -19.34 13.38 -4.46
N ILE A 426 -20.65 13.16 -4.65
CA ILE A 426 -21.34 13.49 -5.89
C ILE A 426 -22.44 14.51 -5.61
N THR A 428 -22.29 17.79 -5.19
CA THR A 428 -22.15 18.99 -6.00
C THR A 428 -22.81 18.78 -7.37
N ILE A 429 -22.76 17.54 -7.87
CA ILE A 429 -23.28 17.21 -9.19
C ILE A 429 -24.81 17.24 -9.14
N THR A 430 -25.37 16.91 -7.98
CA THR A 430 -26.82 16.89 -7.77
C THR A 430 -27.36 18.31 -7.58
N ASP A 431 -28.60 18.52 -8.02
CA ASP A 431 -29.30 19.79 -7.88
C ASP A 431 -30.23 19.73 -6.68
N THR A 432 -31.09 18.71 -6.64
CA THR A 432 -32.03 18.51 -5.54
C THR A 432 -31.61 17.28 -4.75
N ILE A 433 -31.50 17.44 -3.42
CA ILE A 433 -31.14 16.34 -2.53
C ILE A 433 -32.32 16.10 -1.58
N LEU A 434 -32.81 14.85 -1.59
CA LEU A 434 -33.80 14.38 -0.64
C LEU A 434 -33.13 13.39 0.32
N LEU A 435 -33.11 13.74 1.61
CA LEU A 435 -32.48 12.92 2.62
C LEU A 435 -33.56 12.17 3.39
N LEU A 436 -33.51 10.82 3.34
CA LEU A 436 -34.39 9.96 4.11
C LEU A 436 -33.58 9.32 5.23
N GLN A 437 -34.12 9.33 6.45
CA GLN A 437 -33.42 8.79 7.60
C GLN A 437 -34.39 8.10 8.55
N TYR A 438 -33.89 7.12 9.30
CA TYR A 438 -34.61 6.54 10.41
C TYR A 438 -34.43 7.41 11.64
N VAL A 439 -35.46 7.47 12.50
CA VAL A 439 -35.43 8.19 13.76
C VAL A 439 -36.08 7.33 14.83
N GLU A 440 -35.43 7.22 15.99
CA GLU A 440 -35.95 6.46 17.12
C GLU A 440 -36.74 7.39 18.03
N ILE A 441 -38.01 7.07 18.28
CA ILE A 441 -38.91 8.01 18.96
C ILE A 441 -39.25 7.50 20.35
N ARG A 442 -39.85 6.31 20.45
CA ARG A 442 -40.19 5.73 21.74
C ARG A 442 -40.05 4.21 21.66
N GLY A 443 -38.79 3.77 21.52
CA GLY A 443 -38.48 2.37 21.28
C GLY A 443 -38.84 1.92 19.87
N GLU A 444 -39.47 2.81 19.08
CA GLU A 444 -39.92 2.49 17.74
C GLU A 444 -39.02 3.18 16.71
N MET A 445 -38.91 2.56 15.54
CA MET A 445 -38.12 3.09 14.43
C MET A 445 -39.05 3.91 13.53
N ALA A 446 -38.88 5.24 13.53
CA ALA A 446 -39.65 6.11 12.66
C ALA A 446 -38.82 6.49 11.44
N ARG A 447 -39.45 7.20 10.49
CA ARG A 447 -38.79 7.69 9.29
C ARG A 447 -38.97 9.20 9.21
N ALA A 448 -38.02 9.87 8.57
CA ALA A 448 -38.16 11.28 8.26
C ALA A 448 -37.59 11.54 6.88
N LEU A 449 -38.13 12.55 6.19
CA LEU A 449 -37.55 13.02 4.95
C LEU A 449 -37.32 14.52 5.04
N ASN A 450 -36.33 14.99 4.28
CA ASN A 450 -35.92 16.38 4.29
C ASN A 450 -35.46 16.75 2.90
N VAL A 451 -35.95 17.89 2.38
CA VAL A 451 -35.39 18.47 1.18
C VAL A 451 -34.10 19.19 1.59
N PHE A 452 -32.98 18.48 1.49
CA PHE A 452 -31.71 18.94 2.00
C PHE A 452 -31.21 20.11 1.15
N LYS A 453 -31.35 20.00 -0.17
CA LYS A 453 -30.88 21.01 -1.09
C LYS A 453 -31.86 21.13 -2.25
N MET A 454 -32.06 22.37 -2.73
CA MET A 454 -32.78 22.62 -3.97
C MET A 454 -32.24 23.88 -4.63
N ARG A 455 -31.42 23.69 -5.66
CA ARG A 455 -30.86 24.79 -6.42
C ARG A 455 -31.97 25.48 -7.21
N GLY A 456 -31.99 26.82 -7.14
CA GLY A 456 -32.88 27.64 -7.94
C GLY A 456 -34.31 27.67 -7.39
N SER A 457 -34.48 27.34 -6.10
CA SER A 457 -35.80 27.28 -5.49
C SER A 457 -35.71 27.38 -3.98
N TRP A 458 -36.74 27.97 -3.36
CA TRP A 458 -37.01 27.80 -1.95
C TRP A 458 -37.44 26.35 -1.70
N HIS A 459 -37.14 25.84 -0.50
CA HIS A 459 -37.65 24.55 -0.06
C HIS A 459 -37.99 24.60 1.41
N ASP A 460 -38.80 23.65 1.87
CA ASP A 460 -39.10 23.46 3.27
C ASP A 460 -37.86 22.90 3.96
N LYS A 461 -37.53 23.44 5.13
CA LYS A 461 -36.33 23.08 5.85
C LYS A 461 -36.60 21.99 6.88
N GLY A 462 -37.88 21.61 7.04
CA GLY A 462 -38.28 20.68 8.08
C GLY A 462 -37.81 19.26 7.83
N ILE A 463 -37.42 18.57 8.92
CA ILE A 463 -37.15 17.14 8.88
C ILE A 463 -38.45 16.44 9.25
N ARG A 464 -39.33 16.26 8.26
CA ARG A 464 -40.70 15.85 8.53
C ARG A 464 -40.80 14.34 8.65
N GLU A 465 -41.62 13.88 9.60
CA GLU A 465 -41.95 12.48 9.74
C GLU A 465 -42.75 12.04 8.51
N PHE A 466 -42.57 10.78 8.11
CA PHE A 466 -43.45 10.20 7.11
C PHE A 466 -43.63 8.71 7.41
N VAL A 467 -44.74 8.17 6.90
CA VAL A 467 -45.09 6.77 7.07
C VAL A 467 -45.42 6.20 5.70
N ILE A 468 -45.05 4.93 5.49
CA ILE A 468 -45.33 4.22 4.26
C ILE A 468 -46.55 3.34 4.49
N THR A 469 -47.52 3.43 3.58
CA THR A 469 -48.77 2.69 3.66
C THR A 469 -49.01 1.95 2.35
N GLY A 470 -50.15 1.25 2.26
CA GLY A 470 -50.61 0.67 1.02
C GLY A 470 -51.13 1.72 0.03
N ASN A 471 -51.32 2.95 0.51
CA ASN A 471 -51.73 4.06 -0.32
C ASN A 471 -50.51 4.87 -0.78
N GLY A 472 -49.32 4.50 -0.29
CA GLY A 472 -48.09 5.21 -0.59
C GLY A 472 -47.61 6.02 0.61
N PRO A 473 -46.72 7.02 0.41
CA PRO A 473 -46.16 7.78 1.53
C PRO A 473 -47.17 8.76 2.12
N GLU A 474 -46.88 9.22 3.35
CA GLU A 474 -47.65 10.26 3.99
C GLU A 474 -46.69 11.13 4.80
N ILE A 475 -46.40 12.33 4.28
CA ILE A 475 -45.52 13.27 4.95
C ILE A 475 -46.31 13.98 6.04
N LYS A 476 -45.79 13.91 7.27
CA LYS A 476 -46.45 14.43 8.46
C LYS A 476 -45.67 15.63 8.97
N ASP A 477 -45.58 15.78 10.31
CA ASP A 477 -45.05 16.99 10.91
C ASP A 477 -43.58 16.80 11.29
N SER A 478 -42.92 17.92 11.59
CA SER A 478 -41.55 17.94 12.08
C SER A 478 -41.56 17.66 13.58
N PHE A 479 -40.45 17.11 14.08
CA PHE A 479 -40.32 16.77 15.50
C PHE A 479 -39.80 17.98 16.27
N SER A 480 -40.68 18.97 16.48
CA SER A 480 -40.29 20.25 17.07
C SER A 480 -39.93 20.08 18.55
N ASN A 481 -40.40 18.99 19.17
CA ASN A 481 -40.22 18.77 20.61
C ASN A 481 -38.95 17.96 20.87
N PHE A 482 -38.20 17.62 19.82
CA PHE A 482 -37.02 16.78 19.97
C PHE A 482 -35.75 17.58 19.64
N GLU A 483 -34.60 16.99 20.00
CA GLU A 483 -33.29 17.48 19.62
C GLU A 483 -32.47 16.31 19.06
N ARG A 484 -31.45 16.64 18.26
CA ARG A 484 -30.51 15.69 17.69
C ARG A 484 -31.24 14.66 16.81
N ILE A 485 -32.18 15.14 15.98
CA ILE A 485 -32.98 14.28 15.12
C ILE A 485 -32.11 13.72 13.99
N ILE A 486 -31.18 14.52 13.47
CA ILE A 486 -30.31 14.11 12.37
C ILE A 486 -29.43 12.95 12.82
N SER A 487 -29.10 12.90 14.11
CA SER A 487 -28.33 11.80 14.68
C SER A 487 -29.07 10.47 14.54
N GLY A 488 -30.41 10.51 14.63
CA GLY A 488 -31.23 9.32 14.60
C GLY A 488 -31.60 8.85 16.00
N VAL A 489 -30.81 9.29 16.99
CA VAL A 489 -31.02 8.99 18.39
C VAL A 489 -31.35 10.29 19.10
N PRO A 490 -32.63 10.73 19.11
CA PRO A 490 -32.99 12.06 19.58
C PRO A 490 -33.21 12.14 21.09
N HIS A 491 -33.39 13.38 21.58
CA HIS A 491 -33.67 13.64 22.97
C HIS A 491 -34.94 14.47 23.07
N ARG A 492 -35.98 13.89 23.70
CA ARG A 492 -37.20 14.63 24.00
C ARG A 492 -36.86 15.73 24.99
N ILE A 493 -37.12 16.98 24.59
CA ILE A 493 -36.87 18.13 25.43
C ILE A 493 -38.13 18.43 26.24
N GLN B 13 -21.94 -12.72 -41.57
CA GLN B 13 -21.48 -12.46 -40.18
C GLN B 13 -20.94 -13.75 -39.58
N VAL B 14 -20.03 -13.61 -38.61
CA VAL B 14 -19.34 -14.75 -38.02
C VAL B 14 -20.33 -15.55 -37.17
N GLN B 15 -20.48 -16.83 -37.51
CA GLN B 15 -21.37 -17.74 -36.77
C GLN B 15 -20.55 -18.41 -35.68
N LYS B 16 -21.24 -19.03 -34.71
CA LYS B 16 -20.59 -19.61 -33.54
C LYS B 16 -21.04 -21.06 -33.36
N LEU B 17 -20.08 -21.92 -33.00
CA LEU B 17 -20.33 -23.32 -32.71
C LEU B 17 -20.50 -23.47 -31.19
N PRO B 18 -21.71 -23.79 -30.68
CA PRO B 18 -21.90 -24.05 -29.25
C PRO B 18 -20.99 -25.18 -28.74
N THR B 19 -20.30 -24.90 -27.62
CA THR B 19 -19.37 -25.85 -27.04
C THR B 19 -20.12 -26.87 -26.18
N GLY B 20 -21.27 -26.46 -25.64
CA GLY B 20 -22.04 -27.29 -24.73
C GLY B 20 -21.53 -27.21 -23.29
N ILE B 21 -20.45 -26.44 -23.08
CA ILE B 21 -19.87 -26.29 -21.76
C ILE B 21 -20.70 -25.26 -20.99
N GLU B 22 -20.97 -25.55 -19.72
CA GLU B 22 -21.83 -24.73 -18.88
C GLU B 22 -21.16 -23.38 -18.61
N GLY B 23 -21.64 -22.33 -19.30
CA GLY B 23 -21.22 -20.97 -19.04
C GLY B 23 -20.26 -20.43 -20.11
N PHE B 24 -19.48 -21.31 -20.73
CA PHE B 24 -18.48 -20.87 -21.71
C PHE B 24 -19.15 -20.16 -22.87
N ASP B 25 -20.28 -20.70 -23.34
CA ASP B 25 -20.98 -20.15 -24.50
C ASP B 25 -21.58 -18.79 -24.15
N ASP B 26 -22.02 -18.64 -22.90
CA ASP B 26 -22.62 -17.41 -22.43
C ASP B 26 -21.58 -16.29 -22.41
N VAL B 27 -20.33 -16.64 -22.04
CA VAL B 27 -19.23 -15.69 -22.03
C VAL B 27 -18.78 -15.44 -23.46
N CYS B 28 -18.93 -16.44 -24.34
CA CYS B 28 -18.55 -16.32 -25.74
C CYS B 28 -19.66 -15.71 -26.58
N HIS B 29 -20.78 -15.34 -25.95
CA HIS B 29 -21.96 -14.84 -26.66
C HIS B 29 -22.37 -15.83 -27.77
N GLY B 30 -22.52 -17.10 -27.40
CA GLY B 30 -22.96 -18.13 -28.33
C GLY B 30 -21.99 -19.30 -28.41
N GLY B 31 -20.68 -19.01 -28.37
CA GLY B 31 -19.66 -20.03 -28.44
C GLY B 31 -18.50 -19.62 -29.36
N LEU B 32 -17.71 -20.62 -29.78
CA LEU B 32 -16.52 -20.39 -30.59
C LEU B 32 -16.92 -20.14 -32.04
N PRO B 33 -16.33 -19.12 -32.71
CA PRO B 33 -16.50 -18.95 -34.16
C PRO B 33 -16.22 -20.24 -34.93
N ILE B 34 -17.06 -20.54 -35.93
CA ILE B 34 -17.01 -21.80 -36.64
C ILE B 34 -15.92 -21.70 -37.71
N GLY B 35 -15.18 -22.81 -37.89
CA GLY B 35 -14.17 -22.89 -38.93
C GLY B 35 -12.94 -22.04 -38.64
N ARG B 36 -12.71 -21.75 -37.36
CA ARG B 36 -11.62 -20.88 -36.93
C ARG B 36 -10.93 -21.50 -35.73
N SER B 37 -9.68 -21.07 -35.50
CA SER B 37 -8.82 -21.64 -34.48
C SER B 37 -8.79 -20.72 -33.26
N THR B 38 -9.07 -21.30 -32.09
CA THR B 38 -9.05 -20.59 -30.83
C THR B 38 -7.85 -21.01 -30.00
N LEU B 39 -7.12 -20.01 -29.48
CA LEU B 39 -5.98 -20.25 -28.60
C LEU B 39 -6.45 -20.30 -27.16
N ILE B 40 -6.15 -21.41 -26.46
CA ILE B 40 -6.38 -21.53 -25.04
C ILE B 40 -5.02 -21.52 -24.32
N SER B 41 -4.73 -20.42 -23.59
CA SER B 41 -3.46 -20.31 -22.88
C SER B 41 -3.69 -20.30 -21.37
N GLY B 42 -2.71 -20.89 -20.64
CA GLY B 42 -2.77 -20.94 -19.19
C GLY B 42 -1.52 -21.62 -18.62
N THR B 43 -1.25 -21.34 -17.33
CA THR B 43 -0.14 -21.96 -16.62
C THR B 43 -0.49 -23.44 -16.40
N SER B 44 0.50 -24.21 -15.93
CA SER B 44 0.33 -25.64 -15.73
C SER B 44 -0.78 -25.89 -14.72
N GLY B 45 -1.76 -26.71 -15.12
CA GLY B 45 -2.80 -27.18 -14.22
C GLY B 45 -4.00 -26.24 -14.17
N THR B 46 -4.14 -25.41 -15.22
CA THR B 46 -5.24 -24.46 -15.31
C THR B 46 -6.48 -25.11 -15.92
N GLY B 47 -6.30 -26.24 -16.62
CA GLY B 47 -7.41 -26.99 -17.18
C GLY B 47 -7.53 -26.84 -18.69
N LYS B 48 -6.38 -26.74 -19.37
CA LYS B 48 -6.35 -26.54 -20.81
C LYS B 48 -6.72 -27.85 -21.53
N THR B 49 -6.17 -28.97 -21.06
CA THR B 49 -6.45 -30.28 -21.62
C THR B 49 -7.91 -30.66 -21.37
N VAL B 50 -8.39 -30.41 -20.15
CA VAL B 50 -9.76 -30.73 -19.78
C VAL B 50 -10.74 -29.91 -20.61
N PHE B 51 -10.44 -28.62 -20.82
CA PHE B 51 -11.29 -27.78 -21.65
C PHE B 51 -11.34 -28.35 -23.07
N SER B 52 -10.17 -28.74 -23.60
CA SER B 52 -10.06 -29.26 -24.95
C SER B 52 -10.90 -30.52 -25.12
N LEU B 53 -10.69 -31.48 -24.23
CA LEU B 53 -11.41 -32.74 -24.29
C LEU B 53 -12.92 -32.52 -24.15
N HIS B 54 -13.30 -31.49 -23.40
CA HIS B 54 -14.71 -31.18 -23.16
C HIS B 54 -15.34 -30.68 -24.46
N PHE B 55 -14.58 -29.87 -25.21
CA PHE B 55 -14.98 -29.37 -26.52
C PHE B 55 -15.32 -30.53 -27.44
N LEU B 56 -14.50 -31.59 -27.41
CA LEU B 56 -14.65 -32.74 -28.29
C LEU B 56 -15.76 -33.67 -27.80
N HIS B 57 -15.77 -33.94 -26.48
CA HIS B 57 -16.74 -34.85 -25.89
C HIS B 57 -18.16 -34.37 -26.16
N ASN B 58 -18.40 -33.07 -26.01
CA ASN B 58 -19.72 -32.50 -26.16
C ASN B 58 -20.12 -32.52 -27.63
N GLY B 59 -19.17 -32.20 -28.51
CA GLY B 59 -19.37 -32.31 -29.94
C GLY B 59 -19.98 -33.66 -30.32
N ILE B 60 -19.42 -34.74 -29.78
CA ILE B 60 -19.83 -36.10 -30.07
C ILE B 60 -21.14 -36.41 -29.34
N LYS B 61 -21.18 -36.14 -28.02
CA LYS B 61 -22.29 -36.59 -27.19
C LYS B 61 -23.55 -35.78 -27.47
N HIS B 62 -23.42 -34.47 -27.74
CA HIS B 62 -24.56 -33.57 -27.78
C HIS B 62 -24.87 -33.08 -29.20
N PHE B 63 -23.85 -32.94 -30.06
CA PHE B 63 -24.07 -32.39 -31.40
C PHE B 63 -23.74 -33.43 -32.47
N ASP B 64 -23.40 -34.65 -32.06
CA ASP B 64 -22.91 -35.69 -32.95
C ASP B 64 -21.97 -35.07 -33.99
N GLU B 65 -20.85 -34.55 -33.48
CA GLU B 65 -19.79 -33.99 -34.30
C GLU B 65 -18.49 -34.71 -33.96
N PRO B 66 -17.95 -35.56 -34.86
CA PRO B 66 -16.71 -36.29 -34.59
C PRO B 66 -15.53 -35.35 -34.32
N GLY B 67 -14.59 -35.83 -33.48
CA GLY B 67 -13.50 -34.99 -33.02
C GLY B 67 -12.14 -35.68 -33.14
N ILE B 68 -11.09 -34.87 -33.39
CA ILE B 68 -9.70 -35.33 -33.40
C ILE B 68 -8.94 -34.60 -32.30
N PHE B 69 -8.26 -35.38 -31.44
CA PHE B 69 -7.37 -34.84 -30.43
C PHE B 69 -5.93 -35.13 -30.84
N VAL B 70 -5.17 -34.06 -31.13
CA VAL B 70 -3.75 -34.18 -31.41
C VAL B 70 -2.96 -33.91 -30.14
N THR B 71 -2.13 -34.88 -29.74
CA THR B 71 -1.28 -34.79 -28.57
C THR B 71 0.18 -34.89 -29.01
N PHE B 72 1.05 -34.13 -28.33
CA PHE B 72 2.48 -34.14 -28.63
C PHE B 72 3.28 -34.74 -27.47
N GLU B 73 2.60 -35.10 -26.37
CA GLU B 73 3.32 -35.51 -25.17
C GLU B 73 2.50 -36.58 -24.43
N GLU B 74 1.38 -36.19 -23.80
CA GLU B 74 0.52 -37.15 -23.13
C GLU B 74 0.13 -38.25 -24.12
N SER B 75 0.15 -39.50 -23.64
CA SER B 75 -0.17 -40.63 -24.50
C SER B 75 -1.68 -40.76 -24.63
N PRO B 76 -2.19 -41.42 -25.69
CA PRO B 76 -3.61 -41.74 -25.82
C PRO B 76 -4.20 -42.45 -24.59
N LEU B 77 -3.48 -43.47 -24.09
CA LEU B 77 -3.95 -44.27 -22.96
C LEU B 77 -4.13 -43.40 -21.72
N ASP B 78 -3.20 -42.45 -21.52
CA ASP B 78 -3.26 -41.54 -20.38
C ASP B 78 -4.44 -40.58 -20.55
N ILE B 79 -4.59 -40.03 -21.75
CA ILE B 79 -5.66 -39.08 -22.04
C ILE B 79 -7.01 -39.71 -21.74
N LEU B 80 -7.16 -41.00 -22.07
CA LEU B 80 -8.40 -41.73 -21.83
C LEU B 80 -8.56 -41.99 -20.33
N ARG B 81 -7.47 -42.47 -19.69
CA ARG B 81 -7.48 -42.76 -18.27
C ARG B 81 -7.81 -41.50 -17.48
N ASN B 82 -7.19 -40.37 -17.85
CA ASN B 82 -7.37 -39.12 -17.12
C ASN B 82 -8.81 -38.62 -17.28
N ALA B 83 -9.38 -38.82 -18.48
CA ALA B 83 -10.70 -38.29 -18.79
C ALA B 83 -11.79 -39.12 -18.12
N ALA B 84 -11.43 -40.32 -17.63
CA ALA B 84 -12.39 -41.22 -17.01
C ALA B 84 -12.86 -40.66 -15.65
N SER B 85 -12.20 -39.61 -15.15
CA SER B 85 -12.56 -39.00 -13.89
C SER B 85 -13.78 -38.08 -14.04
N PHE B 86 -14.14 -37.72 -15.28
CA PHE B 86 -15.26 -36.85 -15.55
C PHE B 86 -16.48 -37.63 -16.02
N GLY B 87 -16.42 -38.97 -15.90
CA GLY B 87 -17.56 -39.83 -16.19
C GLY B 87 -17.89 -39.86 -17.68
N TRP B 88 -16.85 -39.83 -18.54
CA TRP B 88 -17.02 -40.04 -19.96
C TRP B 88 -16.46 -41.41 -20.35
N ASN B 89 -16.99 -41.96 -21.44
CA ASN B 89 -16.46 -43.18 -22.03
C ASN B 89 -15.89 -42.84 -23.40
N LEU B 90 -14.66 -42.31 -23.40
CA LEU B 90 -14.00 -41.89 -24.63
C LEU B 90 -13.45 -43.10 -25.37
N GLN B 91 -13.25 -44.21 -24.64
CA GLN B 91 -12.80 -45.46 -25.24
C GLN B 91 -13.88 -46.01 -26.17
N GLU B 92 -15.15 -45.84 -25.76
CA GLU B 92 -16.28 -46.19 -26.61
C GLU B 92 -16.24 -45.37 -27.89
N MET B 93 -16.07 -44.05 -27.74
CA MET B 93 -16.09 -43.11 -28.86
C MET B 93 -14.95 -43.45 -29.84
N VAL B 94 -13.84 -43.96 -29.31
CA VAL B 94 -12.71 -44.39 -30.11
C VAL B 94 -13.08 -45.62 -30.92
N GLU B 95 -13.78 -46.57 -30.29
CA GLU B 95 -14.17 -47.81 -30.94
C GLU B 95 -15.24 -47.54 -32.00
N GLN B 96 -16.01 -46.45 -31.82
CA GLN B 96 -17.09 -46.10 -32.73
C GLN B 96 -16.63 -45.08 -33.77
N ASP B 97 -15.32 -44.78 -33.79
CA ASP B 97 -14.73 -43.92 -34.82
C ASP B 97 -15.34 -42.52 -34.75
N LYS B 98 -15.66 -42.06 -33.53
CA LYS B 98 -16.18 -40.72 -33.32
C LYS B 98 -15.08 -39.82 -32.78
N LEU B 99 -14.28 -40.35 -31.85
CA LEU B 99 -13.08 -39.69 -31.38
C LEU B 99 -11.85 -40.43 -31.89
N PHE B 100 -10.94 -39.69 -32.55
CA PHE B 100 -9.63 -40.21 -32.93
C PHE B 100 -8.54 -39.39 -32.24
N ILE B 101 -7.71 -40.07 -31.42
CA ILE B 101 -6.56 -39.46 -30.79
C ILE B 101 -5.34 -39.66 -31.68
N LEU B 102 -4.88 -38.58 -32.32
CA LEU B 102 -3.65 -38.61 -33.11
C LEU B 102 -2.47 -38.41 -32.18
N ASP B 103 -1.62 -39.44 -32.06
CA ASP B 103 -0.41 -39.37 -31.26
C ASP B 103 0.73 -38.84 -32.13
N ALA B 104 1.13 -37.59 -31.87
CA ALA B 104 2.26 -36.97 -32.54
C ALA B 104 3.38 -36.70 -31.52
N SER B 105 3.56 -37.63 -30.58
CA SER B 105 4.58 -37.50 -29.55
C SER B 105 5.89 -38.11 -30.02
N PRO B 106 7.06 -37.58 -29.58
CA PRO B 106 8.35 -38.21 -29.87
C PRO B 106 8.51 -39.58 -29.22
N ASP B 107 9.22 -40.47 -29.90
CA ASP B 107 9.46 -41.83 -29.42
C ASP B 107 10.54 -41.80 -28.33
N ASP B 118 8.61 -32.16 -39.13
CA ASP B 118 7.83 -31.78 -40.34
C ASP B 118 6.40 -31.40 -39.92
N LEU B 119 6.16 -30.08 -39.79
CA LEU B 119 4.82 -29.59 -39.49
C LEU B 119 3.89 -29.93 -40.65
N SER B 120 4.42 -29.82 -41.88
CA SER B 120 3.70 -30.25 -43.07
C SER B 120 3.28 -31.72 -42.93
N GLY B 121 4.21 -32.56 -42.46
CA GLY B 121 3.93 -33.96 -42.17
C GLY B 121 2.76 -34.13 -41.21
N LEU B 122 2.73 -33.31 -40.15
CA LEU B 122 1.69 -33.35 -39.15
C LEU B 122 0.34 -32.94 -39.76
N ILE B 123 0.34 -31.83 -40.52
CA ILE B 123 -0.88 -31.27 -41.09
C ILE B 123 -1.57 -32.32 -41.96
N GLU B 124 -0.79 -32.99 -42.82
CA GLU B 124 -1.33 -34.03 -43.70
C GLU B 124 -2.03 -35.12 -42.88
N ARG B 125 -1.41 -35.52 -41.76
CA ARG B 125 -1.95 -36.55 -40.90
C ARG B 125 -3.26 -36.08 -40.27
N ILE B 126 -3.32 -34.80 -39.89
CA ILE B 126 -4.52 -34.22 -39.30
C ILE B 126 -5.60 -34.12 -40.38
N ASN B 127 -5.19 -33.71 -41.59
CA ASN B 127 -6.10 -33.65 -42.72
C ASN B 127 -6.74 -35.01 -42.96
N TYR B 128 -5.91 -36.04 -43.22
CA TYR B 128 -6.38 -37.40 -43.44
C TYR B 128 -7.37 -37.81 -42.36
N ALA B 129 -7.05 -37.50 -41.11
CA ALA B 129 -7.84 -37.92 -39.96
C ALA B 129 -9.19 -37.23 -39.97
N ILE B 130 -9.20 -35.92 -40.23
CA ILE B 130 -10.43 -35.14 -40.28
C ILE B 130 -11.35 -35.74 -41.35
N ARG B 131 -10.78 -36.06 -42.52
CA ARG B 131 -11.55 -36.52 -43.66
C ARG B 131 -12.12 -37.91 -43.40
N LYS B 132 -11.31 -38.79 -42.77
CA LYS B 132 -11.66 -40.18 -42.56
C LYS B 132 -12.78 -40.31 -41.53
N TYR B 133 -12.71 -39.50 -40.46
CA TYR B 133 -13.66 -39.58 -39.37
C TYR B 133 -14.77 -38.54 -39.59
N LYS B 134 -14.60 -37.66 -40.58
CA LYS B 134 -15.55 -36.61 -40.87
C LYS B 134 -15.76 -35.79 -39.60
N ALA B 135 -14.67 -35.16 -39.16
CA ALA B 135 -14.63 -34.45 -37.89
C ALA B 135 -14.88 -32.96 -38.10
N LYS B 136 -15.64 -32.36 -37.18
CA LYS B 136 -15.97 -30.95 -37.22
C LYS B 136 -15.16 -30.19 -36.17
N ARG B 137 -14.57 -30.93 -35.21
CA ARG B 137 -13.84 -30.34 -34.09
C ARG B 137 -12.46 -30.95 -33.97
N VAL B 138 -11.47 -30.10 -33.69
CA VAL B 138 -10.09 -30.53 -33.53
C VAL B 138 -9.48 -29.82 -32.31
N ALA B 139 -8.60 -30.55 -31.60
CA ALA B 139 -7.88 -30.00 -30.46
C ALA B 139 -6.40 -30.32 -30.59
N ILE B 140 -5.55 -29.29 -30.55
CA ILE B 140 -4.11 -29.43 -30.60
C ILE B 140 -3.55 -29.09 -29.21
N ASP B 141 -2.85 -30.04 -28.59
CA ASP B 141 -2.41 -29.89 -27.21
C ASP B 141 -1.07 -30.61 -27.01
N SER B 142 0.05 -29.87 -27.00
CA SER B 142 0.12 -28.42 -27.02
C SER B 142 1.10 -27.97 -28.09
N ILE B 143 0.81 -26.82 -28.72
CA ILE B 143 1.66 -26.26 -29.75
C ILE B 143 3.03 -25.99 -29.14
N THR B 144 3.02 -25.31 -27.98
CA THR B 144 4.23 -24.91 -27.26
C THR B 144 5.26 -26.04 -27.27
N ALA B 145 4.80 -27.25 -26.93
CA ALA B 145 5.68 -28.41 -26.83
C ALA B 145 6.39 -28.69 -28.15
N VAL B 146 5.68 -28.51 -29.27
CA VAL B 146 6.20 -28.87 -30.57
C VAL B 146 7.44 -28.03 -30.88
N PHE B 147 7.38 -26.73 -30.56
CA PHE B 147 8.50 -25.83 -30.81
C PHE B 147 9.03 -25.29 -29.48
N SER B 154 10.90 -16.58 -34.35
CA SER B 154 9.78 -15.98 -35.13
C SER B 154 9.33 -16.89 -36.28
N VAL B 155 9.89 -18.10 -36.34
CA VAL B 155 9.37 -19.16 -37.20
C VAL B 155 8.03 -19.64 -36.66
N VAL B 156 7.84 -19.49 -35.33
CA VAL B 156 6.60 -19.84 -34.66
C VAL B 156 5.43 -19.14 -35.36
N ARG B 157 5.62 -17.86 -35.71
CA ARG B 157 4.57 -17.07 -36.32
C ARG B 157 4.11 -17.73 -37.63
N ARG B 158 5.08 -18.10 -38.48
CA ARG B 158 4.79 -18.65 -39.79
C ARG B 158 4.14 -20.03 -39.65
N GLU B 159 4.63 -20.84 -38.71
CA GLU B 159 4.16 -22.22 -38.59
C GLU B 159 2.76 -22.27 -37.99
N ILE B 160 2.44 -21.35 -37.07
CA ILE B 160 1.10 -21.27 -36.51
C ILE B 160 0.15 -20.69 -37.57
N PHE B 161 0.68 -19.76 -38.39
CA PHE B 161 -0.10 -19.16 -39.46
C PHE B 161 -0.53 -20.23 -40.47
N ARG B 162 0.38 -21.18 -40.75
CA ARG B 162 0.11 -22.27 -41.69
C ARG B 162 -0.96 -23.19 -41.12
N LEU B 163 -0.78 -23.63 -39.86
CA LEU B 163 -1.71 -24.53 -39.20
C LEU B 163 -3.13 -23.97 -39.25
N ILE B 164 -3.26 -22.69 -38.87
CA ILE B 164 -4.55 -22.03 -38.81
C ILE B 164 -5.18 -22.00 -40.20
N ALA B 165 -4.38 -21.61 -41.20
CA ALA B 165 -4.83 -21.55 -42.59
C ALA B 165 -5.43 -22.90 -43.01
N ARG B 166 -4.65 -23.97 -42.83
CA ARG B 166 -5.01 -25.29 -43.32
C ARG B 166 -6.30 -25.76 -42.64
N LEU B 167 -6.40 -25.58 -41.32
CA LEU B 167 -7.54 -26.03 -40.54
C LEU B 167 -8.79 -25.24 -40.95
N LYS B 168 -8.59 -23.96 -41.28
CA LYS B 168 -9.67 -23.12 -41.79
C LYS B 168 -10.07 -23.63 -43.18
N GLU B 169 -9.09 -24.08 -43.97
CA GLU B 169 -9.35 -24.65 -45.28
C GLU B 169 -10.19 -25.92 -45.14
N ILE B 170 -9.74 -26.87 -44.31
CA ILE B 170 -10.48 -28.12 -44.13
C ILE B 170 -11.89 -27.79 -43.67
N GLY B 171 -12.03 -26.74 -42.86
CA GLY B 171 -13.32 -26.20 -42.46
C GLY B 171 -13.79 -26.73 -41.11
N VAL B 172 -12.85 -26.87 -40.16
CA VAL B 172 -13.15 -27.37 -38.84
C VAL B 172 -12.88 -26.27 -37.81
N THR B 173 -13.58 -26.35 -36.68
CA THR B 173 -13.35 -25.46 -35.55
C THR B 173 -12.26 -26.08 -34.67
N THR B 174 -11.19 -25.33 -34.39
CA THR B 174 -10.04 -25.89 -33.69
C THR B 174 -9.79 -25.17 -32.38
N VAL B 175 -9.28 -25.93 -31.40
CA VAL B 175 -8.81 -25.43 -30.12
C VAL B 175 -7.31 -25.70 -30.04
N MET B 176 -6.52 -24.64 -29.80
CA MET B 176 -5.07 -24.76 -29.68
C MET B 176 -4.65 -24.35 -28.27
N THR B 177 -3.78 -25.16 -27.66
CA THR B 177 -3.38 -24.98 -26.28
C THR B 177 -1.95 -24.43 -26.24
N THR B 178 -1.71 -23.47 -25.33
CA THR B 178 -0.39 -22.87 -25.18
C THR B 178 -0.08 -22.66 -23.70
N GLU B 179 1.22 -22.65 -23.39
CA GLU B 179 1.70 -22.64 -22.02
C GLU B 179 2.23 -21.26 -21.68
N ARG B 180 1.98 -20.82 -20.43
CA ARG B 180 2.48 -19.54 -19.94
C ARG B 180 3.26 -19.75 -18.64
N ILE B 181 4.13 -18.79 -18.33
CA ILE B 181 4.93 -18.82 -17.11
C ILE B 181 4.16 -18.14 -15.98
N ASP B 182 3.73 -16.89 -16.22
CA ASP B 182 3.05 -16.10 -15.21
C ASP B 182 1.55 -16.10 -15.49
N GLU B 183 0.78 -15.61 -14.51
CA GLU B 183 -0.67 -15.59 -14.56
C GLU B 183 -1.14 -14.28 -15.18
N TYR B 184 -0.49 -13.17 -14.80
CA TYR B 184 -0.86 -11.84 -15.29
C TYR B 184 0.26 -11.25 -16.16
N GLY B 185 1.15 -12.12 -16.67
CA GLY B 185 2.18 -11.70 -17.60
C GLY B 185 1.77 -11.93 -19.05
N PRO B 186 2.70 -12.28 -19.96
CA PRO B 186 2.35 -12.53 -21.37
C PRO B 186 1.38 -13.69 -21.56
N ILE B 187 0.69 -13.69 -22.71
CA ILE B 187 -0.40 -14.61 -22.99
C ILE B 187 0.17 -15.99 -23.32
N ALA B 188 1.25 -16.03 -24.10
CA ALA B 188 1.91 -17.27 -24.50
C ALA B 188 3.43 -17.07 -24.44
N ARG B 189 4.18 -18.14 -24.70
CA ARG B 189 5.61 -18.16 -24.37
C ARG B 189 6.46 -17.43 -25.41
N TYR B 190 5.90 -17.06 -26.56
CA TYR B 190 6.72 -16.50 -27.64
C TYR B 190 6.20 -15.15 -28.14
N GLY B 191 5.18 -14.60 -27.47
CA GLY B 191 4.66 -13.27 -27.78
C GLY B 191 4.21 -13.10 -29.23
N VAL B 192 3.66 -14.17 -29.80
CA VAL B 192 3.30 -14.21 -31.21
C VAL B 192 1.95 -14.89 -31.40
N GLU B 193 1.72 -15.95 -30.61
CA GLU B 193 0.58 -16.84 -30.78
C GLU B 193 -0.74 -16.06 -30.66
N GLU B 194 -0.74 -14.98 -29.86
CA GLU B 194 -1.95 -14.24 -29.54
C GLU B 194 -2.38 -13.32 -30.69
N PHE B 195 -1.43 -12.92 -31.54
CA PHE B 195 -1.70 -11.98 -32.63
C PHE B 195 -2.08 -12.72 -33.91
N VAL B 196 -1.65 -13.98 -34.05
CA VAL B 196 -1.97 -14.78 -35.23
C VAL B 196 -3.36 -15.39 -35.05
N SER B 197 -3.70 -15.77 -33.81
CA SER B 197 -4.97 -16.39 -33.51
C SER B 197 -6.10 -15.38 -33.64
N ASP B 198 -7.22 -15.83 -34.22
CA ASP B 198 -8.41 -15.00 -34.36
C ASP B 198 -9.11 -14.90 -33.01
N ASN B 199 -8.97 -15.94 -32.18
CA ASN B 199 -9.67 -16.02 -30.90
C ASN B 199 -8.67 -16.41 -29.81
N VAL B 200 -8.80 -15.75 -28.65
CA VAL B 200 -7.85 -15.94 -27.56
C VAL B 200 -8.64 -16.08 -26.26
N VAL B 201 -8.44 -17.23 -25.60
CA VAL B 201 -9.01 -17.51 -24.30
C VAL B 201 -7.87 -17.76 -23.31
N ILE B 202 -8.02 -17.22 -22.10
CA ILE B 202 -6.98 -17.31 -21.08
C ILE B 202 -7.57 -18.01 -19.86
N LEU B 203 -6.96 -19.13 -19.47
CA LEU B 203 -7.26 -19.81 -18.22
C LEU B 203 -6.21 -19.41 -17.19
N ARG B 204 -6.67 -19.10 -15.97
CA ARG B 204 -5.80 -18.64 -14.90
C ARG B 204 -6.08 -19.45 -13.63
N ASN B 205 -5.04 -19.59 -12.82
CA ASN B 205 -5.09 -20.26 -11.53
C ASN B 205 -4.33 -19.40 -10.52
N VAL B 206 -5.00 -18.32 -10.06
CA VAL B 206 -4.36 -17.27 -9.29
C VAL B 206 -4.31 -17.68 -7.82
N LEU B 207 -3.16 -17.46 -7.18
CA LEU B 207 -2.97 -17.71 -5.76
C LEU B 207 -3.00 -16.40 -5.01
N GLU B 208 -3.92 -16.28 -4.04
CA GLU B 208 -3.98 -15.12 -3.16
C GLU B 208 -4.39 -15.58 -1.77
N GLY B 209 -3.56 -15.25 -0.77
CA GLY B 209 -3.81 -15.64 0.60
C GLY B 209 -3.75 -17.15 0.78
N GLU B 210 -2.83 -17.80 0.08
CA GLU B 210 -2.61 -19.24 0.14
C GLU B 210 -3.78 -20.01 -0.46
N ARG B 211 -4.65 -19.34 -1.24
CA ARG B 211 -5.83 -19.96 -1.83
C ARG B 211 -5.80 -19.76 -3.34
N ARG B 212 -6.29 -20.77 -4.07
CA ARG B 212 -6.29 -20.78 -5.53
C ARG B 212 -7.70 -20.50 -6.05
N ARG B 213 -7.79 -19.77 -7.17
CA ARG B 213 -9.06 -19.41 -7.78
C ARG B 213 -8.93 -19.47 -9.29
N ARG B 214 -9.71 -20.35 -9.92
CA ARG B 214 -9.70 -20.52 -11.37
C ARG B 214 -10.59 -19.45 -12.02
N THR B 215 -10.12 -18.86 -13.12
CA THR B 215 -10.95 -17.98 -13.93
C THR B 215 -10.75 -18.28 -15.41
N VAL B 216 -11.77 -17.91 -16.21
CA VAL B 216 -11.68 -17.90 -17.66
C VAL B 216 -11.79 -16.46 -18.12
N GLU B 217 -11.06 -16.13 -19.19
CA GLU B 217 -11.20 -14.85 -19.87
C GLU B 217 -11.19 -15.06 -21.38
N ILE B 218 -12.23 -14.56 -22.05
CA ILE B 218 -12.23 -14.39 -23.50
C ILE B 218 -11.59 -13.05 -23.77
N LEU B 219 -10.36 -13.06 -24.30
CA LEU B 219 -9.61 -11.83 -24.51
C LEU B 219 -10.05 -11.19 -25.82
N LYS B 220 -10.18 -12.03 -26.85
CA LYS B 220 -10.43 -11.54 -28.20
C LYS B 220 -11.24 -12.57 -28.99
N LEU B 221 -12.30 -12.09 -29.65
CA LEU B 221 -13.01 -12.84 -30.69
C LEU B 221 -13.17 -11.92 -31.89
N ARG B 222 -12.33 -12.09 -32.92
CA ARG B 222 -12.41 -11.25 -34.11
C ARG B 222 -13.77 -11.42 -34.78
N GLY B 223 -14.40 -10.29 -35.10
CA GLY B 223 -15.59 -10.26 -35.95
C GLY B 223 -16.88 -10.56 -35.19
N THR B 224 -16.80 -10.66 -33.86
CA THR B 224 -17.95 -10.95 -33.03
C THR B 224 -17.82 -10.24 -31.69
N THR B 225 -18.82 -10.46 -30.82
CA THR B 225 -18.81 -9.91 -29.48
C THR B 225 -18.59 -11.04 -28.48
N HIS B 226 -18.26 -10.66 -27.25
CA HIS B 226 -18.07 -11.59 -26.15
C HIS B 226 -18.14 -10.81 -24.83
N MET B 227 -18.25 -11.55 -23.73
CA MET B 227 -18.16 -10.96 -22.41
C MET B 227 -16.70 -10.61 -22.14
N LYS B 228 -16.47 -9.55 -21.37
CA LYS B 228 -15.14 -9.03 -21.12
C LYS B 228 -14.74 -9.32 -19.67
N GLY B 229 -13.45 -9.58 -19.46
CA GLY B 229 -12.88 -9.75 -18.12
C GLY B 229 -12.77 -11.21 -17.71
N GLU B 230 -12.50 -11.44 -16.41
CA GLU B 230 -12.39 -12.78 -15.86
C GLU B 230 -13.72 -13.22 -15.27
N PHE B 231 -14.03 -14.52 -15.45
CA PHE B 231 -15.17 -15.14 -14.83
C PHE B 231 -14.69 -16.41 -14.13
N PRO B 232 -15.05 -16.64 -12.85
CA PRO B 232 -14.53 -17.80 -12.12
C PRO B 232 -15.13 -19.09 -12.65
N PHE B 233 -14.43 -20.21 -12.45
CA PHE B 233 -14.95 -21.51 -12.87
C PHE B 233 -14.51 -22.61 -11.91
N THR B 234 -15.07 -23.80 -12.11
CA THR B 234 -14.81 -24.96 -11.28
C THR B 234 -14.80 -26.19 -12.19
N MET B 235 -13.97 -27.17 -11.86
CA MET B 235 -14.02 -28.45 -12.52
C MET B 235 -14.67 -29.46 -11.56
N GLY B 236 -15.84 -29.95 -11.97
CA GLY B 236 -16.62 -30.89 -11.19
C GLY B 236 -16.51 -32.30 -11.73
N ALA B 237 -17.58 -33.09 -11.55
CA ALA B 237 -17.62 -34.47 -12.01
C ALA B 237 -18.14 -34.54 -13.45
N HIS B 238 -18.77 -33.46 -13.92
CA HIS B 238 -19.27 -33.38 -15.28
C HIS B 238 -18.40 -32.45 -16.13
N GLY B 239 -17.23 -32.07 -15.59
CA GLY B 239 -16.29 -31.22 -16.32
C GLY B 239 -16.31 -29.77 -15.84
N ILE B 240 -15.93 -28.86 -16.74
CA ILE B 240 -15.82 -27.44 -16.43
C ILE B 240 -17.22 -26.84 -16.27
N SER B 241 -17.40 -26.05 -15.20
CA SER B 241 -18.62 -25.29 -15.01
C SER B 241 -18.26 -23.84 -14.72
N ILE B 242 -18.63 -22.96 -15.66
CA ILE B 242 -18.40 -21.53 -15.54
C ILE B 242 -19.72 -20.89 -15.09
N PHE B 243 -19.62 -19.97 -14.11
CA PHE B 243 -20.78 -19.27 -13.60
C PHE B 243 -20.59 -17.77 -13.82
N PRO B 244 -20.98 -17.24 -15.01
CA PRO B 244 -20.97 -15.79 -15.23
C PRO B 244 -22.10 -15.14 -14.45
N LEU B 245 -21.74 -14.37 -13.42
CA LEU B 245 -22.71 -13.58 -12.66
C LEU B 245 -23.30 -12.52 -13.59
N GLY B 246 -22.54 -12.11 -14.60
CA GLY B 246 -23.00 -11.17 -15.60
C GLY B 246 -24.13 -11.75 -16.46
N ALA B 247 -24.12 -13.07 -16.67
CA ALA B 247 -25.13 -13.75 -17.47
C ALA B 247 -26.43 -13.91 -16.68
N MET B 248 -26.31 -14.04 -15.35
CA MET B 248 -27.47 -14.09 -14.48
C MET B 248 -28.25 -12.79 -14.64
N ARG B 249 -29.54 -12.92 -14.99
CA ARG B 249 -30.38 -11.77 -15.27
C ARG B 249 -31.28 -11.49 -14.07
N LEU B 250 -31.61 -10.21 -13.87
CA LEU B 250 -32.41 -9.77 -12.73
C LEU B 250 -33.89 -10.07 -13.01
N THR B 251 -34.19 -11.36 -13.17
CA THR B 251 -35.51 -11.79 -13.66
C THR B 251 -36.05 -12.90 -12.76
N GLN B 252 -35.94 -12.69 -11.44
CA GLN B 252 -36.50 -13.62 -10.46
C GLN B 252 -38.00 -13.35 -10.32
N ARG B 253 -38.75 -14.43 -10.07
CA ARG B 253 -40.21 -14.34 -9.93
C ARG B 253 -40.54 -13.92 -8.50
N SER B 254 -41.75 -13.36 -8.33
CA SER B 254 -42.21 -12.88 -7.03
C SER B 254 -43.64 -13.37 -6.78
N SER B 255 -44.03 -13.37 -5.50
CA SER B 255 -45.35 -13.82 -5.07
C SER B 255 -45.66 -13.25 -3.69
N ASN B 256 -46.95 -13.26 -3.31
CA ASN B 256 -47.40 -12.73 -2.03
C ASN B 256 -47.73 -13.87 -1.07
N VAL B 257 -47.03 -15.01 -1.21
CA VAL B 257 -47.27 -16.16 -0.34
C VAL B 257 -46.40 -16.02 0.90
N ARG B 258 -46.99 -16.30 2.07
CA ARG B 258 -46.32 -16.12 3.36
C ARG B 258 -45.87 -17.46 3.91
N VAL B 259 -44.82 -17.43 4.74
CA VAL B 259 -44.35 -18.60 5.47
C VAL B 259 -44.04 -18.16 6.90
N SER B 260 -44.16 -19.11 7.85
CA SER B 260 -44.00 -18.84 9.26
C SER B 260 -42.53 -18.83 9.66
N SER B 261 -42.22 -18.08 10.73
CA SER B 261 -40.87 -17.93 11.24
C SER B 261 -40.55 -19.03 12.26
N GLY B 262 -41.60 -19.51 12.96
CA GLY B 262 -41.45 -20.38 14.12
C GLY B 262 -41.75 -19.63 15.41
N VAL B 263 -41.82 -18.30 15.32
CA VAL B 263 -42.20 -17.43 16.43
C VAL B 263 -43.41 -16.62 15.97
N PRO B 264 -44.62 -16.84 16.53
CA PRO B 264 -45.83 -16.18 16.03
C PRO B 264 -45.80 -14.66 16.18
N ARG B 265 -45.23 -14.16 17.28
CA ARG B 265 -45.11 -12.73 17.51
C ARG B 265 -44.27 -12.09 16.40
N LEU B 266 -43.19 -12.78 16.00
CA LEU B 266 -42.33 -12.30 14.93
C LEU B 266 -43.12 -12.27 13.62
N ASP B 267 -43.91 -13.32 13.37
CA ASP B 267 -44.75 -13.39 12.18
C ASP B 267 -45.68 -12.18 12.14
N GLU B 268 -46.24 -11.83 13.30
CA GLU B 268 -47.11 -10.67 13.43
C GLU B 268 -46.30 -9.40 13.18
N MET B 269 -45.08 -9.35 13.72
CA MET B 269 -44.19 -8.21 13.56
C MET B 269 -43.85 -8.00 12.08
N CYS B 270 -43.78 -9.10 11.32
CA CYS B 270 -43.49 -9.02 9.89
C CYS B 270 -44.76 -8.80 9.06
N GLY B 271 -45.91 -8.67 9.74
CA GLY B 271 -47.17 -8.37 9.08
C GLY B 271 -47.77 -9.59 8.39
N GLY B 272 -47.64 -10.76 9.03
CA GLY B 272 -48.24 -12.00 8.52
C GLY B 272 -47.25 -13.16 8.49
N GLY B 273 -45.95 -12.86 8.42
CA GLY B 273 -44.90 -13.85 8.23
C GLY B 273 -43.99 -13.47 7.07
N PHE B 274 -42.93 -14.26 6.86
CA PHE B 274 -41.98 -13.99 5.79
C PHE B 274 -42.63 -14.32 4.45
N PHE B 275 -42.11 -13.71 3.38
CA PHE B 275 -42.51 -14.06 2.03
C PHE B 275 -41.67 -15.26 1.57
N LYS B 276 -42.34 -16.28 1.02
CA LYS B 276 -41.69 -17.46 0.49
C LYS B 276 -40.55 -17.05 -0.44
N ASP B 277 -40.87 -16.22 -1.44
CA ASP B 277 -39.89 -15.74 -2.40
C ASP B 277 -39.22 -14.48 -1.87
N SER B 278 -38.27 -14.65 -0.94
CA SER B 278 -37.57 -13.53 -0.34
C SER B 278 -36.26 -14.00 0.31
N ILE B 279 -35.34 -13.04 0.48
CA ILE B 279 -34.12 -13.25 1.23
C ILE B 279 -34.29 -12.58 2.60
N ILE B 280 -34.16 -13.39 3.66
CA ILE B 280 -34.24 -12.91 5.04
C ILE B 280 -32.82 -12.84 5.60
N LEU B 281 -32.47 -11.71 6.22
CA LEU B 281 -31.15 -11.56 6.84
C LEU B 281 -31.34 -11.30 8.33
N ALA B 282 -30.53 -12.00 9.14
CA ALA B 282 -30.47 -11.79 10.58
C ALA B 282 -29.10 -11.21 10.95
N THR B 283 -29.06 -9.89 11.16
CA THR B 283 -27.85 -9.19 11.58
C THR B 283 -27.85 -9.00 13.09
N GLY B 284 -26.66 -9.04 13.69
CA GLY B 284 -26.50 -8.77 15.11
C GLY B 284 -25.17 -9.30 15.63
N ALA B 285 -24.82 -8.88 16.86
CA ALA B 285 -23.59 -9.31 17.51
C ALA B 285 -23.69 -10.77 17.92
N THR B 286 -22.53 -11.35 18.29
CA THR B 286 -22.46 -12.74 18.73
C THR B 286 -23.22 -12.89 20.04
N GLY B 287 -24.05 -13.94 20.11
CA GLY B 287 -24.80 -14.28 21.31
C GLY B 287 -26.20 -13.68 21.32
N THR B 288 -26.56 -12.92 20.28
CA THR B 288 -27.81 -12.18 20.24
C THR B 288 -28.99 -13.12 20.00
N GLY B 289 -28.82 -14.08 19.08
CA GLY B 289 -29.80 -15.14 18.88
C GLY B 289 -30.09 -15.46 17.43
N LYS B 290 -29.11 -15.25 16.53
CA LYS B 290 -29.31 -15.45 15.11
C LYS B 290 -29.45 -16.93 14.79
N THR B 291 -28.68 -17.78 15.48
CA THR B 291 -28.73 -19.22 15.28
C THR B 291 -30.06 -19.77 15.80
N LEU B 292 -30.65 -19.09 16.80
CA LEU B 292 -31.94 -19.49 17.34
C LEU B 292 -33.04 -19.22 16.32
N LEU B 293 -33.00 -18.05 15.67
CA LEU B 293 -34.01 -17.68 14.69
C LEU B 293 -33.92 -18.58 13.45
N VAL B 294 -32.70 -19.04 13.13
CA VAL B 294 -32.50 -19.97 12.02
C VAL B 294 -33.14 -21.31 12.37
N SER B 295 -32.87 -21.81 13.57
CA SER B 295 -33.35 -23.12 13.99
C SER B 295 -34.88 -23.18 13.98
N LYS B 296 -35.54 -22.05 14.28
CA LYS B 296 -36.99 -21.99 14.36
C LYS B 296 -37.60 -21.93 12.95
N PHE B 297 -36.84 -21.39 11.99
CA PHE B 297 -37.31 -21.21 10.62
C PHE B 297 -37.21 -22.53 9.86
N ILE B 298 -36.16 -23.30 10.15
CA ILE B 298 -35.98 -24.62 9.56
C ILE B 298 -37.01 -25.58 10.17
N GLU B 299 -37.18 -25.50 11.50
CA GLU B 299 -38.15 -26.30 12.22
C GLU B 299 -39.52 -26.22 11.54
N ASP B 300 -39.94 -25.00 11.22
CA ASP B 300 -41.31 -24.73 10.79
C ASP B 300 -41.62 -25.48 9.50
N ALA B 301 -40.64 -25.53 8.58
CA ALA B 301 -40.78 -26.30 7.34
C ALA B 301 -40.98 -27.78 7.67
N CYS B 302 -40.20 -28.28 8.63
CA CYS B 302 -40.22 -29.69 9.00
C CYS B 302 -41.51 -30.01 9.77
N ARG B 303 -42.09 -29.01 10.44
CA ARG B 303 -43.36 -29.17 11.12
C ARG B 303 -44.50 -29.23 10.08
N ASN B 304 -44.37 -28.44 9.01
CA ASN B 304 -45.33 -28.44 7.92
C ASN B 304 -44.96 -29.48 6.87
N LYS B 305 -44.01 -30.37 7.20
CA LYS B 305 -43.58 -31.45 6.33
C LYS B 305 -43.08 -30.86 5.01
N GLU B 306 -41.89 -30.25 5.06
CA GLU B 306 -41.22 -29.71 3.88
C GLU B 306 -39.71 -29.92 4.04
N ARG B 307 -38.96 -29.61 2.98
CA ARG B 307 -37.54 -29.93 2.94
C ARG B 307 -36.71 -28.65 3.11
N ALA B 308 -35.73 -28.73 4.01
CA ALA B 308 -34.89 -27.59 4.37
C ALA B 308 -33.45 -28.04 4.52
N ILE B 309 -32.52 -27.13 4.21
CA ILE B 309 -31.09 -27.42 4.31
C ILE B 309 -30.42 -26.35 5.17
N LEU B 310 -29.61 -26.81 6.13
CA LEU B 310 -28.90 -25.94 7.05
C LEU B 310 -27.41 -25.96 6.73
N PHE B 311 -26.95 -24.94 6.00
CA PHE B 311 -25.54 -24.74 5.74
C PHE B 311 -24.89 -24.10 6.96
N ALA B 312 -24.09 -24.88 7.69
CA ALA B 312 -23.44 -24.44 8.91
C ALA B 312 -21.94 -24.29 8.68
N TYR B 313 -21.40 -23.11 9.04
CA TYR B 313 -20.00 -22.79 8.81
C TYR B 313 -19.32 -22.38 10.11
N GLU B 314 -19.88 -22.81 11.25
CA GLU B 314 -19.42 -22.37 12.57
C GLU B 314 -19.52 -23.52 13.58
N GLU B 315 -20.70 -24.16 13.66
CA GLU B 315 -20.98 -25.16 14.68
C GLU B 315 -21.01 -26.56 14.07
N SER B 316 -20.73 -27.56 14.91
CA SER B 316 -20.78 -28.96 14.52
C SER B 316 -22.20 -29.48 14.63
N ARG B 317 -22.45 -30.64 14.00
CA ARG B 317 -23.77 -31.26 14.00
C ARG B 317 -24.17 -31.64 15.43
N ALA B 318 -23.19 -32.05 16.23
CA ALA B 318 -23.42 -32.44 17.61
C ALA B 318 -23.80 -31.22 18.44
N GLN B 319 -23.08 -30.11 18.22
CA GLN B 319 -23.28 -28.90 19.00
C GLN B 319 -24.60 -28.25 18.59
N LEU B 320 -24.81 -28.13 17.27
CA LEU B 320 -26.08 -27.65 16.73
C LEU B 320 -27.24 -28.41 17.36
N LEU B 321 -27.06 -29.73 17.54
CA LEU B 321 -28.11 -30.59 18.08
C LEU B 321 -28.27 -30.35 19.58
N ARG B 322 -27.15 -30.34 20.31
CA ARG B 322 -27.18 -30.14 21.76
C ARG B 322 -27.83 -28.79 22.08
N ASN B 323 -27.36 -27.73 21.41
CA ASN B 323 -27.84 -26.38 21.67
C ASN B 323 -29.32 -26.27 21.33
N ALA B 324 -29.73 -26.90 20.21
CA ALA B 324 -31.11 -26.86 19.75
C ALA B 324 -32.02 -27.61 20.73
N THR B 325 -31.53 -28.74 21.27
CA THR B 325 -32.31 -29.54 22.20
C THR B 325 -32.44 -28.83 23.54
N SER B 326 -31.52 -27.89 23.82
CA SER B 326 -31.62 -27.03 24.99
C SER B 326 -32.66 -25.92 24.75
N TRP B 327 -33.07 -25.73 23.49
CA TRP B 327 -34.15 -24.81 23.15
C TRP B 327 -35.46 -25.53 22.91
N GLY B 328 -35.42 -26.88 22.86
CA GLY B 328 -36.61 -27.69 22.62
C GLY B 328 -36.64 -28.29 21.21
N ILE B 329 -36.09 -27.55 20.24
CA ILE B 329 -36.10 -27.95 18.85
C ILE B 329 -35.26 -29.21 18.68
N ASP B 330 -35.90 -30.29 18.19
CA ASP B 330 -35.24 -31.58 18.01
C ASP B 330 -34.95 -31.79 16.53
N PHE B 331 -33.68 -31.65 16.14
CA PHE B 331 -33.25 -31.75 14.76
C PHE B 331 -33.12 -33.21 14.34
N GLU B 332 -32.77 -34.09 15.28
CA GLU B 332 -32.46 -35.48 14.99
C GLU B 332 -33.59 -36.14 14.22
N GLN B 333 -34.82 -35.97 14.70
CA GLN B 333 -36.01 -36.52 14.06
C GLN B 333 -36.11 -35.98 12.63
N MET B 334 -35.99 -34.66 12.49
CA MET B 334 -36.21 -33.98 11.22
C MET B 334 -35.28 -34.56 10.16
N GLU B 335 -33.98 -34.64 10.47
CA GLU B 335 -32.99 -35.20 9.56
C GLU B 335 -33.33 -36.64 9.19
N GLN B 336 -33.83 -37.40 10.17
CA GLN B 336 -34.17 -38.80 9.97
C GLN B 336 -35.35 -38.93 9.01
N ASP B 337 -36.30 -37.99 9.11
CA ASP B 337 -37.51 -38.03 8.31
C ASP B 337 -37.24 -37.57 6.88
N GLY B 338 -36.02 -37.10 6.61
CA GLY B 338 -35.63 -36.68 5.27
C GLY B 338 -36.02 -35.24 4.96
N LEU B 339 -36.57 -34.55 5.97
CA LEU B 339 -37.06 -33.19 5.83
C LEU B 339 -35.93 -32.18 6.05
N LEU B 340 -34.85 -32.62 6.71
CA LEU B 340 -33.74 -31.76 7.07
C LEU B 340 -32.45 -32.35 6.51
N LYS B 341 -31.50 -31.49 6.12
CA LYS B 341 -30.16 -31.91 5.77
C LYS B 341 -29.16 -30.86 6.27
N ILE B 342 -28.37 -31.24 7.29
CA ILE B 342 -27.40 -30.35 7.89
C ILE B 342 -26.02 -30.63 7.28
N ILE B 343 -25.57 -29.74 6.39
CA ILE B 343 -24.22 -29.79 5.86
C ILE B 343 -23.34 -28.84 6.69
N CYS B 344 -22.35 -29.41 7.38
CA CYS B 344 -21.42 -28.66 8.20
C CYS B 344 -20.04 -28.66 7.56
N ALA B 345 -19.42 -27.48 7.47
CA ALA B 345 -18.11 -27.33 6.88
C ALA B 345 -17.53 -25.95 7.22
N TYR B 346 -16.21 -25.86 7.34
CA TYR B 346 -15.55 -24.60 7.64
C TYR B 346 -15.37 -23.81 6.35
N PRO B 347 -15.31 -22.45 6.40
CA PRO B 347 -15.11 -21.64 5.20
C PRO B 347 -13.88 -21.97 4.36
N GLU B 348 -12.84 -22.52 5.00
CA GLU B 348 -11.58 -22.81 4.33
C GLU B 348 -11.56 -24.25 3.80
N SER B 349 -12.63 -25.02 4.04
CA SER B 349 -12.75 -26.37 3.51
C SER B 349 -12.74 -26.35 1.99
N THR B 350 -13.25 -25.25 1.41
CA THR B 350 -13.15 -24.98 -0.02
C THR B 350 -13.00 -23.48 -0.24
N GLY B 351 -13.20 -23.05 -1.49
CA GLY B 351 -13.29 -21.63 -1.82
C GLY B 351 -14.74 -21.24 -2.10
N LEU B 352 -14.99 -19.93 -2.23
CA LEU B 352 -16.34 -19.42 -2.41
C LEU B 352 -16.99 -20.01 -3.66
N GLU B 353 -16.26 -19.98 -4.77
CA GLU B 353 -16.74 -20.56 -6.02
C GLU B 353 -17.14 -22.02 -5.79
N ASP B 354 -16.30 -22.75 -5.04
CA ASP B 354 -16.53 -24.15 -4.73
C ASP B 354 -17.66 -24.28 -3.71
N HIS B 355 -17.75 -23.34 -2.76
CA HIS B 355 -18.83 -23.30 -1.80
C HIS B 355 -20.16 -23.06 -2.51
N LEU B 356 -20.18 -22.05 -3.40
CA LEU B 356 -21.38 -21.72 -4.16
C LEU B 356 -21.82 -22.95 -4.95
N GLN B 357 -20.85 -23.59 -5.62
CA GLN B 357 -21.10 -24.78 -6.40
C GLN B 357 -21.64 -25.90 -5.49
N ILE B 358 -21.00 -26.08 -4.33
CA ILE B 358 -21.39 -27.08 -3.36
C ILE B 358 -22.82 -26.81 -2.89
N ILE B 359 -23.19 -25.53 -2.75
CA ILE B 359 -24.52 -25.13 -2.32
C ILE B 359 -25.55 -25.55 -3.37
N LYS B 360 -25.29 -25.17 -4.63
CA LYS B 360 -26.22 -25.41 -5.73
C LYS B 360 -26.42 -26.92 -5.93
N THR B 361 -25.32 -27.69 -5.83
CA THR B 361 -25.36 -29.13 -6.03
C THR B 361 -26.04 -29.82 -4.84
N GLU B 362 -25.72 -29.36 -3.62
CA GLU B 362 -26.28 -29.95 -2.41
C GLU B 362 -27.80 -29.72 -2.37
N ILE B 363 -28.24 -28.57 -2.91
CA ILE B 363 -29.64 -28.22 -2.95
C ILE B 363 -30.34 -29.04 -4.03
N SER B 364 -29.65 -29.30 -5.15
CA SER B 364 -30.22 -30.03 -6.26
C SER B 364 -30.70 -31.40 -5.83
N GLN B 365 -29.90 -32.08 -4.99
CA GLN B 365 -30.18 -33.43 -4.55
C GLN B 365 -31.43 -33.47 -3.66
N PHE B 366 -31.60 -32.44 -2.82
CA PHE B 366 -32.68 -32.39 -1.85
C PHE B 366 -33.88 -31.62 -2.40
N LYS B 367 -33.60 -30.52 -3.13
CA LYS B 367 -34.63 -29.64 -3.66
C LYS B 367 -35.46 -29.07 -2.51
N PRO B 368 -34.86 -28.24 -1.62
CA PRO B 368 -35.52 -27.81 -0.40
C PRO B 368 -36.45 -26.62 -0.61
N SER B 369 -37.46 -26.51 0.25
CA SER B 369 -38.34 -25.35 0.29
C SER B 369 -37.58 -24.18 0.91
N ARG B 370 -37.00 -24.41 2.10
CA ARG B 370 -36.32 -23.38 2.86
C ARG B 370 -34.83 -23.71 2.97
N MET B 371 -33.98 -22.70 2.71
CA MET B 371 -32.54 -22.87 2.79
C MET B 371 -31.97 -21.84 3.78
N ALA B 372 -31.01 -22.27 4.60
CA ALA B 372 -30.43 -21.42 5.63
C ALA B 372 -28.91 -21.52 5.59
N ILE B 373 -28.26 -20.35 5.59
CA ILE B 373 -26.81 -20.24 5.74
C ILE B 373 -26.51 -19.53 7.05
N ASP B 374 -25.68 -20.17 7.89
CA ASP B 374 -25.22 -19.60 9.14
C ASP B 374 -23.72 -19.86 9.25
N SER B 375 -22.88 -18.89 8.83
CA SER B 375 -23.27 -17.53 8.49
C SER B 375 -22.55 -17.06 7.24
N LEU B 376 -23.10 -16.01 6.60
CA LEU B 376 -22.42 -15.34 5.50
C LEU B 376 -21.15 -14.67 6.01
N SER B 377 -21.19 -14.19 7.25
CA SER B 377 -20.05 -13.51 7.87
C SER B 377 -18.83 -14.43 7.94
N ALA B 378 -19.06 -15.72 8.18
CA ALA B 378 -17.99 -16.70 8.26
C ALA B 378 -17.30 -16.86 6.90
N LEU B 379 -18.12 -17.05 5.85
CA LEU B 379 -17.63 -17.29 4.50
C LEU B 379 -16.82 -16.10 3.98
N ALA B 380 -16.93 -14.94 4.65
CA ALA B 380 -16.22 -13.74 4.24
C ALA B 380 -14.84 -13.65 4.87
N ARG B 381 -14.53 -14.56 5.80
CA ARG B 381 -13.26 -14.53 6.52
C ARG B 381 -12.12 -14.88 5.58
N GLY B 382 -11.24 -13.90 5.32
CA GLY B 382 -10.05 -14.10 4.51
C GLY B 382 -10.22 -13.58 3.08
N VAL B 383 -11.45 -13.66 2.55
CA VAL B 383 -11.71 -13.34 1.15
C VAL B 383 -11.86 -11.82 1.02
N SER B 384 -11.63 -11.31 -0.19
CA SER B 384 -11.84 -9.90 -0.50
C SER B 384 -13.34 -9.65 -0.70
N HIS B 385 -13.72 -8.36 -0.65
CA HIS B 385 -15.12 -7.95 -0.67
C HIS B 385 -15.77 -8.32 -2.01
N ASN B 386 -15.05 -8.04 -3.10
CA ASN B 386 -15.58 -8.20 -4.45
C ASN B 386 -15.96 -9.66 -4.70
N ALA B 387 -15.07 -10.59 -4.29
CA ALA B 387 -15.31 -12.01 -4.46
C ALA B 387 -16.52 -12.45 -3.63
N PHE B 388 -16.63 -11.91 -2.42
CA PHE B 388 -17.73 -12.22 -1.52
C PHE B 388 -19.03 -11.61 -2.05
N ARG B 389 -18.96 -10.33 -2.44
CA ARG B 389 -20.10 -9.64 -3.03
C ARG B 389 -20.67 -10.49 -4.18
N GLN B 390 -19.77 -11.06 -4.99
CA GLN B 390 -20.15 -11.91 -6.11
C GLN B 390 -20.77 -13.21 -5.61
N PHE B 391 -20.25 -13.74 -4.48
CA PHE B 391 -20.79 -14.95 -3.88
C PHE B 391 -22.20 -14.71 -3.37
N VAL B 392 -22.41 -13.62 -2.64
CA VAL B 392 -23.70 -13.33 -2.04
C VAL B 392 -24.73 -13.08 -3.14
N ILE B 393 -24.38 -12.20 -4.10
CA ILE B 393 -25.22 -11.92 -5.24
C ILE B 393 -25.59 -13.22 -5.95
N GLY B 394 -24.61 -14.14 -6.05
CA GLY B 394 -24.83 -15.44 -6.66
C GLY B 394 -25.82 -16.31 -5.89
N VAL B 395 -25.60 -16.44 -4.57
CA VAL B 395 -26.39 -17.32 -3.73
C VAL B 395 -27.79 -16.73 -3.54
N THR B 396 -27.86 -15.41 -3.34
CA THR B 396 -29.12 -14.71 -3.15
C THR B 396 -29.90 -14.64 -4.47
N GLY B 397 -29.16 -14.67 -5.59
CA GLY B 397 -29.78 -14.70 -6.91
C GLY B 397 -30.29 -16.10 -7.28
N TYR B 398 -29.51 -17.12 -6.92
CA TYR B 398 -29.84 -18.50 -7.25
C TYR B 398 -31.05 -18.97 -6.46
N ALA B 399 -31.17 -18.51 -5.21
CA ALA B 399 -32.27 -18.91 -4.33
C ALA B 399 -33.59 -18.35 -4.86
N LYS B 400 -33.54 -17.13 -5.40
CA LYS B 400 -34.73 -16.45 -5.89
C LYS B 400 -35.10 -16.95 -7.28
N GLN B 401 -34.12 -17.50 -8.02
CA GLN B 401 -34.39 -18.05 -9.35
C GLN B 401 -34.85 -19.49 -9.22
N GLU B 402 -34.68 -20.09 -8.03
CA GLU B 402 -35.14 -21.44 -7.76
C GLU B 402 -36.33 -21.42 -6.80
N GLU B 403 -36.85 -20.21 -6.52
CA GLU B 403 -38.00 -20.03 -5.63
C GLU B 403 -37.78 -20.80 -4.33
N ILE B 404 -36.73 -20.41 -3.59
CA ILE B 404 -36.40 -21.01 -2.31
C ILE B 404 -36.32 -19.92 -1.25
N ALA B 405 -36.93 -20.16 -0.08
CA ALA B 405 -36.88 -19.22 1.03
C ALA B 405 -35.51 -19.24 1.68
N GLY B 406 -34.78 -18.13 1.54
CA GLY B 406 -33.42 -18.02 2.05
C GLY B 406 -33.36 -17.23 3.35
N PHE B 407 -32.71 -17.81 4.37
CA PHE B 407 -32.52 -17.15 5.65
C PHE B 407 -31.02 -17.13 5.95
N PHE B 408 -30.43 -15.93 5.92
CA PHE B 408 -29.00 -15.76 6.06
C PHE B 408 -28.70 -15.06 7.39
N THR B 409 -27.52 -15.36 7.95
CA THR B 409 -27.04 -14.78 9.18
C THR B 409 -25.82 -13.91 8.89
N ASN B 410 -25.61 -12.88 9.73
CA ASN B 410 -24.41 -12.07 9.66
C ASN B 410 -24.08 -11.55 11.05
N THR B 411 -22.87 -11.88 11.53
CA THR B 411 -22.40 -11.42 12.83
C THR B 411 -21.72 -10.06 12.67
N SER B 412 -22.11 -9.10 13.52
CA SER B 412 -21.53 -7.77 13.49
C SER B 412 -20.32 -7.71 14.42
N GLU B 413 -19.33 -6.90 14.04
CA GLU B 413 -18.07 -6.81 14.76
C GLU B 413 -18.27 -6.09 16.09
N GLU B 414 -18.96 -4.94 16.05
CA GLU B 414 -19.20 -4.15 17.25
C GLU B 414 -20.38 -4.77 18.00
N PHE B 415 -20.15 -5.09 19.28
CA PHE B 415 -21.12 -5.84 20.06
C PHE B 415 -22.22 -4.92 20.57
N MET B 416 -21.97 -3.60 20.54
CA MET B 416 -22.97 -2.62 20.89
C MET B 416 -22.67 -1.30 20.17
N GLY B 417 -23.58 -0.91 19.26
CA GLY B 417 -23.54 0.38 18.61
C GLY B 417 -23.12 0.33 17.15
N SER B 418 -23.14 -0.87 16.54
CA SER B 418 -22.91 -1.00 15.11
C SER B 418 -23.91 -0.10 14.36
N HIS B 419 -23.41 1.03 13.86
CA HIS B 419 -24.22 1.98 13.12
C HIS B 419 -24.48 1.48 11.70
N SER B 420 -23.79 0.39 11.32
CA SER B 420 -23.96 -0.23 10.02
C SER B 420 -24.87 -1.45 10.14
N ILE B 421 -25.60 -1.75 9.05
CA ILE B 421 -26.43 -2.94 8.98
C ILE B 421 -25.55 -4.13 8.64
N THR B 422 -24.88 -4.06 7.49
CA THR B 422 -23.95 -5.08 7.05
C THR B 422 -22.53 -4.50 7.03
N ASP B 423 -21.56 -5.33 7.38
CA ASP B 423 -20.15 -4.92 7.41
C ASP B 423 -19.66 -4.69 5.99
N SER B 424 -19.85 -5.69 5.13
CA SER B 424 -19.40 -5.64 3.75
C SER B 424 -20.49 -5.12 2.82
N HIS B 425 -21.68 -4.83 3.38
CA HIS B 425 -22.77 -4.21 2.65
C HIS B 425 -23.38 -5.21 1.67
N ILE B 426 -24.36 -5.99 2.15
CA ILE B 426 -25.15 -6.88 1.32
C ILE B 426 -26.63 -6.68 1.62
N THR B 428 -28.90 -4.28 0.51
CA THR B 428 -29.79 -3.97 -0.59
C THR B 428 -30.34 -5.24 -1.23
N ILE B 429 -29.58 -6.35 -1.12
CA ILE B 429 -29.91 -7.59 -1.79
C ILE B 429 -31.00 -8.32 -1.01
N THR B 430 -31.02 -8.15 0.32
CA THR B 430 -32.00 -8.83 1.16
C THR B 430 -33.35 -8.11 1.04
N ASP B 431 -34.44 -8.85 1.34
CA ASP B 431 -35.79 -8.33 1.23
C ASP B 431 -36.39 -8.12 2.62
N THR B 432 -35.99 -8.95 3.59
CA THR B 432 -36.30 -8.72 5.00
C THR B 432 -34.98 -8.63 5.78
N ILE B 433 -34.95 -7.73 6.76
CA ILE B 433 -33.80 -7.58 7.64
C ILE B 433 -34.30 -7.57 9.08
N LEU B 434 -33.81 -8.55 9.87
CA LEU B 434 -34.04 -8.60 11.30
C LEU B 434 -32.76 -8.14 11.99
N LEU B 435 -32.88 -7.11 12.84
CA LEU B 435 -31.75 -6.58 13.56
C LEU B 435 -31.83 -7.03 15.02
N LEU B 436 -30.84 -7.83 15.45
CA LEU B 436 -30.69 -8.21 16.84
C LEU B 436 -29.55 -7.39 17.46
N GLN B 437 -29.75 -6.92 18.69
CA GLN B 437 -28.76 -6.09 19.35
C GLN B 437 -28.80 -6.32 20.86
N TYR B 438 -27.73 -5.86 21.54
CA TYR B 438 -27.68 -5.85 22.99
C TYR B 438 -28.19 -4.49 23.48
N VAL B 439 -28.73 -4.49 24.70
CA VAL B 439 -29.22 -3.28 25.36
C VAL B 439 -28.79 -3.36 26.82
N GLU B 440 -28.13 -2.31 27.32
CA GLU B 440 -27.78 -2.22 28.74
C GLU B 440 -28.96 -1.64 29.51
N ILE B 441 -29.63 -2.48 30.31
CA ILE B 441 -30.74 -2.06 31.14
C ILE B 441 -30.42 -2.35 32.60
N ARG B 442 -30.29 -1.28 33.42
CA ARG B 442 -30.17 -1.37 34.86
C ARG B 442 -28.95 -2.23 35.25
N GLY B 443 -27.84 -2.04 34.53
CA GLY B 443 -26.58 -2.72 34.83
C GLY B 443 -26.57 -4.17 34.37
N GLU B 444 -27.54 -4.56 33.54
CA GLU B 444 -27.63 -5.92 33.01
C GLU B 444 -27.75 -5.86 31.49
N MET B 445 -27.38 -6.96 30.82
CA MET B 445 -27.34 -7.05 29.38
C MET B 445 -28.65 -7.64 28.87
N ALA B 446 -29.48 -6.80 28.23
CA ALA B 446 -30.72 -7.24 27.62
C ALA B 446 -30.54 -7.37 26.11
N ARG B 447 -31.56 -7.93 25.44
CA ARG B 447 -31.57 -8.12 23.99
C ARG B 447 -32.82 -7.48 23.41
N ALA B 448 -32.75 -7.10 22.13
CA ALA B 448 -33.89 -6.53 21.43
C ALA B 448 -33.89 -6.97 19.98
N LEU B 449 -35.09 -7.18 19.44
CA LEU B 449 -35.29 -7.60 18.05
C LEU B 449 -36.04 -6.48 17.32
N ASN B 450 -35.56 -6.13 16.11
CA ASN B 450 -36.23 -5.16 15.26
C ASN B 450 -36.31 -5.70 13.84
N VAL B 451 -37.53 -5.71 13.28
CA VAL B 451 -37.71 -5.94 11.85
C VAL B 451 -37.38 -4.64 11.14
N PHE B 452 -36.13 -4.55 10.64
CA PHE B 452 -35.56 -3.31 10.14
C PHE B 452 -36.15 -2.96 8.78
N LYS B 453 -36.24 -3.98 7.90
CA LYS B 453 -36.73 -3.81 6.55
C LYS B 453 -37.64 -4.98 6.21
N MET B 454 -38.71 -4.69 5.44
CA MET B 454 -39.64 -5.70 4.99
C MET B 454 -40.26 -5.24 3.67
N ARG B 455 -39.61 -5.63 2.57
CA ARG B 455 -40.11 -5.30 1.24
C ARG B 455 -41.44 -6.01 1.02
N GLY B 456 -42.45 -5.23 0.64
CA GLY B 456 -43.70 -5.76 0.13
C GLY B 456 -44.78 -5.92 1.21
N SER B 457 -44.56 -5.33 2.38
CA SER B 457 -45.50 -5.48 3.48
C SER B 457 -45.24 -4.46 4.58
N TRP B 458 -46.28 -4.20 5.38
CA TRP B 458 -46.14 -3.52 6.65
C TRP B 458 -45.35 -4.41 7.61
N HIS B 459 -44.65 -3.78 8.55
CA HIS B 459 -44.02 -4.48 9.66
C HIS B 459 -44.12 -3.61 10.89
N ASP B 460 -44.02 -4.23 12.07
CA ASP B 460 -43.92 -3.51 13.32
C ASP B 460 -42.58 -2.77 13.32
N LYS B 461 -42.57 -1.56 13.92
CA LYS B 461 -41.39 -0.72 13.88
C LYS B 461 -40.70 -0.72 15.24
N GLY B 462 -41.20 -1.54 16.18
CA GLY B 462 -40.70 -1.53 17.54
C GLY B 462 -39.38 -2.27 17.69
N ILE B 463 -38.51 -1.74 18.56
CA ILE B 463 -37.31 -2.44 18.98
C ILE B 463 -37.66 -3.18 20.26
N ARG B 464 -38.27 -4.36 20.09
CA ARG B 464 -38.90 -5.05 21.21
C ARG B 464 -37.86 -5.92 21.91
N GLU B 465 -37.92 -5.93 23.24
CA GLU B 465 -37.14 -6.85 24.04
C GLU B 465 -37.53 -8.28 23.68
N PHE B 466 -36.54 -9.18 23.67
CA PHE B 466 -36.82 -10.61 23.59
C PHE B 466 -35.85 -11.35 24.50
N VAL B 467 -36.35 -12.45 25.09
CA VAL B 467 -35.57 -13.29 25.98
C VAL B 467 -35.42 -14.65 25.32
N ILE B 468 -34.40 -15.41 25.73
CA ILE B 468 -34.20 -16.76 25.26
C ILE B 468 -34.38 -17.70 26.43
N THR B 469 -35.07 -18.82 26.20
CA THR B 469 -35.36 -19.82 27.21
C THR B 469 -35.27 -21.21 26.60
N GLY B 470 -35.46 -22.23 27.44
CA GLY B 470 -35.51 -23.61 26.99
C GLY B 470 -36.76 -23.92 26.15
N ASN B 471 -37.73 -23.00 26.13
CA ASN B 471 -38.88 -23.10 25.25
C ASN B 471 -38.57 -22.36 23.94
N GLY B 472 -37.47 -21.59 23.94
CA GLY B 472 -37.05 -20.84 22.76
C GLY B 472 -37.18 -19.33 22.98
N PRO B 473 -37.44 -18.54 21.92
CA PRO B 473 -37.52 -17.09 22.03
C PRO B 473 -38.91 -16.59 22.45
N GLU B 474 -38.93 -15.54 23.29
CA GLU B 474 -40.16 -14.85 23.66
C GLU B 474 -39.96 -13.36 23.42
N ILE B 475 -40.75 -12.80 22.49
CA ILE B 475 -40.64 -11.39 22.12
C ILE B 475 -41.61 -10.58 22.97
N LYS B 476 -41.05 -9.77 23.88
CA LYS B 476 -41.82 -8.95 24.81
C LYS B 476 -42.06 -7.59 24.18
N ASP B 477 -42.16 -6.53 25.01
CA ASP B 477 -42.52 -5.20 24.54
C ASP B 477 -41.25 -4.37 24.33
N SER B 478 -41.44 -3.15 23.80
CA SER B 478 -40.33 -2.26 23.51
C SER B 478 -40.06 -1.36 24.71
N PHE B 479 -38.92 -0.67 24.66
CA PHE B 479 -38.48 0.20 25.74
C PHE B 479 -38.98 1.62 25.44
N SER B 480 -40.28 1.83 25.64
CA SER B 480 -40.92 3.09 25.28
C SER B 480 -40.42 4.24 26.15
N ASN B 481 -39.94 3.92 27.35
CA ASN B 481 -39.54 4.91 28.34
C ASN B 481 -38.02 5.12 28.30
N PHE B 482 -37.39 4.78 27.17
CA PHE B 482 -35.93 4.82 27.05
C PHE B 482 -35.52 5.59 25.81
N GLU B 483 -34.31 6.17 25.86
CA GLU B 483 -33.71 6.90 24.74
C GLU B 483 -32.35 6.29 24.41
N ARG B 484 -32.00 6.32 23.11
CA ARG B 484 -30.71 5.88 22.60
C ARG B 484 -30.55 4.36 22.77
N ILE B 485 -31.62 3.62 22.46
CA ILE B 485 -31.62 2.17 22.56
C ILE B 485 -30.76 1.57 21.45
N ILE B 486 -30.85 2.15 20.24
CA ILE B 486 -30.10 1.70 19.08
C ILE B 486 -28.60 1.75 19.37
N SER B 487 -28.17 2.65 20.26
CA SER B 487 -26.77 2.72 20.68
C SER B 487 -26.39 1.49 21.52
N GLY B 488 -27.36 0.94 22.25
CA GLY B 488 -27.11 -0.19 23.14
C GLY B 488 -26.75 0.25 24.57
N VAL B 489 -26.46 1.55 24.72
CA VAL B 489 -26.22 2.15 26.03
C VAL B 489 -27.22 3.30 26.21
N PRO B 490 -28.45 3.01 26.70
CA PRO B 490 -29.55 3.96 26.70
C PRO B 490 -29.66 4.86 27.93
N HIS B 491 -30.74 5.63 27.97
CA HIS B 491 -31.07 6.54 29.06
C HIS B 491 -32.57 6.43 29.34
N ARG B 492 -32.93 6.29 30.62
CA ARG B 492 -34.33 6.27 31.02
C ARG B 492 -34.85 7.70 31.08
N ILE B 493 -36.03 7.95 30.49
CA ILE B 493 -36.56 9.29 30.32
C ILE B 493 -37.15 9.79 31.65
N THR B 494 -37.56 11.06 31.66
CA THR B 494 -38.16 11.69 32.82
C THR B 494 -39.61 11.22 32.99
N GLN C 13 46.49 -1.72 13.83
CA GLN C 13 45.08 -1.26 13.75
C GLN C 13 44.97 -0.17 12.69
N VAL C 14 43.84 -0.14 11.98
CA VAL C 14 43.64 0.74 10.85
C VAL C 14 43.46 2.16 11.36
N GLN C 15 44.34 3.07 10.90
CA GLN C 15 44.27 4.47 11.25
C GLN C 15 43.46 5.21 10.18
N LYS C 16 42.93 6.38 10.53
CA LYS C 16 42.06 7.12 9.64
C LYS C 16 42.68 8.48 9.30
N LEU C 17 42.39 8.95 8.08
CA LEU C 17 42.90 10.21 7.58
C LEU C 17 41.73 11.20 7.53
N PRO C 18 41.79 12.35 8.26
CA PRO C 18 40.75 13.37 8.16
C PRO C 18 40.64 13.89 6.72
N THR C 19 39.41 13.90 6.20
CA THR C 19 39.13 14.40 4.87
C THR C 19 38.91 15.91 4.92
N GLY C 20 38.49 16.42 6.08
CA GLY C 20 38.21 17.83 6.25
C GLY C 20 36.86 18.25 5.66
N ILE C 21 36.10 17.27 5.13
CA ILE C 21 34.77 17.53 4.61
C ILE C 21 33.80 17.53 5.78
N GLU C 22 32.92 18.54 5.82
CA GLU C 22 32.05 18.79 6.95
C GLU C 22 31.05 17.65 7.11
N GLY C 23 31.26 16.83 8.15
CA GLY C 23 30.32 15.78 8.52
C GLY C 23 30.74 14.40 8.02
N PHE C 24 31.62 14.35 7.02
CA PHE C 24 32.05 13.08 6.44
C PHE C 24 32.88 12.29 7.45
N ASP C 25 33.72 12.99 8.22
CA ASP C 25 34.62 12.36 9.16
C ASP C 25 33.83 11.80 10.35
N ASP C 26 32.68 12.41 10.65
CA ASP C 26 31.82 11.94 11.72
C ASP C 26 31.18 10.60 11.34
N VAL C 27 30.66 10.52 10.10
CA VAL C 27 30.01 9.31 9.61
C VAL C 27 31.06 8.22 9.40
N CYS C 28 32.32 8.62 9.18
CA CYS C 28 33.44 7.71 9.01
C CYS C 28 34.09 7.36 10.35
N HIS C 29 33.63 7.97 11.45
CA HIS C 29 34.26 7.80 12.75
C HIS C 29 35.75 8.13 12.66
N GLY C 30 36.07 9.29 12.05
CA GLY C 30 37.43 9.79 12.02
C GLY C 30 37.88 10.20 10.62
N GLY C 31 37.60 9.36 9.63
CA GLY C 31 38.00 9.62 8.26
C GLY C 31 38.17 8.33 7.46
N LEU C 32 38.86 8.43 6.32
CA LEU C 32 39.09 7.29 5.45
C LEU C 32 40.33 6.54 5.93
N PRO C 33 40.29 5.19 5.97
CA PRO C 33 41.48 4.37 6.25
C PRO C 33 42.71 4.80 5.46
N ILE C 34 43.83 5.02 6.17
CA ILE C 34 45.05 5.52 5.56
C ILE C 34 45.68 4.38 4.75
N GLY C 35 46.27 4.75 3.61
CA GLY C 35 46.99 3.82 2.76
C GLY C 35 46.07 2.82 2.08
N ARG C 36 44.78 3.15 1.99
CA ARG C 36 43.79 2.24 1.42
C ARG C 36 42.92 2.99 0.43
N SER C 37 42.15 2.22 -0.35
CA SER C 37 41.34 2.75 -1.44
C SER C 37 39.86 2.73 -1.05
N THR C 38 39.19 3.88 -1.24
CA THR C 38 37.78 4.00 -0.99
C THR C 38 37.03 4.15 -2.31
N LEU C 39 36.09 3.24 -2.57
CA LEU C 39 35.19 3.36 -3.71
C LEU C 39 34.11 4.38 -3.39
N ILE C 40 33.92 5.36 -4.28
CA ILE C 40 32.80 6.28 -4.23
C ILE C 40 31.90 6.00 -5.43
N SER C 41 30.72 5.44 -5.19
CA SER C 41 29.82 5.06 -6.28
C SER C 41 28.58 5.95 -6.23
N GLY C 42 28.01 6.24 -7.41
CA GLY C 42 26.78 6.99 -7.50
C GLY C 42 26.34 7.19 -8.94
N THR C 43 25.06 7.53 -9.13
CA THR C 43 24.51 7.90 -10.42
C THR C 43 25.08 9.27 -10.83
N SER C 44 24.73 9.70 -12.04
CA SER C 44 25.21 10.96 -12.57
C SER C 44 24.64 12.12 -11.76
N GLY C 45 25.54 13.01 -11.31
CA GLY C 45 25.17 14.24 -10.65
C GLY C 45 25.07 14.07 -9.14
N THR C 46 25.70 13.03 -8.60
CA THR C 46 25.62 12.72 -7.18
C THR C 46 26.67 13.52 -6.41
N GLY C 47 27.74 13.92 -7.10
CA GLY C 47 28.80 14.72 -6.48
C GLY C 47 30.06 13.90 -6.21
N LYS C 48 30.35 12.94 -7.10
CA LYS C 48 31.51 12.06 -6.98
C LYS C 48 32.79 12.86 -7.24
N THR C 49 32.78 13.66 -8.30
CA THR C 49 33.95 14.45 -8.66
C THR C 49 34.21 15.53 -7.61
N VAL C 50 33.13 16.15 -7.12
CA VAL C 50 33.25 17.21 -6.13
C VAL C 50 33.86 16.65 -4.85
N PHE C 51 33.38 15.46 -4.45
CA PHE C 51 33.93 14.80 -3.27
C PHE C 51 35.42 14.56 -3.46
N SER C 52 35.80 14.04 -4.63
CA SER C 52 37.18 13.68 -4.94
C SER C 52 38.10 14.89 -4.83
N LEU C 53 37.69 16.01 -5.43
CA LEU C 53 38.47 17.24 -5.42
C LEU C 53 38.60 17.79 -3.99
N HIS C 54 37.51 17.68 -3.22
CA HIS C 54 37.46 18.19 -1.86
C HIS C 54 38.50 17.46 -1.02
N PHE C 55 38.50 16.13 -1.13
CA PHE C 55 39.46 15.26 -0.46
C PHE C 55 40.89 15.71 -0.74
N LEU C 56 41.20 15.93 -2.03
CA LEU C 56 42.54 16.33 -2.43
C LEU C 56 42.82 17.77 -1.99
N HIS C 57 41.83 18.66 -2.18
CA HIS C 57 41.99 20.07 -1.84
C HIS C 57 42.38 20.23 -0.37
N ASN C 58 41.65 19.53 0.51
CA ASN C 58 41.85 19.64 1.94
C ASN C 58 43.18 18.99 2.35
N GLY C 59 43.58 17.97 1.58
CA GLY C 59 44.88 17.35 1.76
C GLY C 59 46.02 18.37 1.73
N ILE C 60 45.90 19.35 0.82
CA ILE C 60 47.00 20.27 0.55
C ILE C 60 46.85 21.56 1.35
N LYS C 61 45.61 21.96 1.66
CA LYS C 61 45.39 23.20 2.39
C LYS C 61 45.63 22.99 3.88
N HIS C 62 45.24 21.83 4.41
CA HIS C 62 45.29 21.57 5.83
C HIS C 62 46.63 20.96 6.24
N PHE C 63 47.06 19.92 5.53
CA PHE C 63 48.18 19.10 5.98
C PHE C 63 49.37 19.17 5.02
N ASP C 64 49.23 19.92 3.91
CA ASP C 64 50.28 20.02 2.90
C ASP C 64 50.63 18.64 2.36
N GLU C 65 49.61 17.80 2.12
CA GLU C 65 49.79 16.49 1.51
C GLU C 65 49.46 16.60 0.02
N PRO C 66 50.47 16.54 -0.88
CA PRO C 66 50.22 16.67 -2.32
C PRO C 66 49.26 15.61 -2.84
N GLY C 67 48.47 15.99 -3.87
CA GLY C 67 47.44 15.13 -4.41
C GLY C 67 47.56 14.95 -5.93
N ILE C 68 47.06 13.81 -6.41
CA ILE C 68 47.03 13.52 -7.82
C ILE C 68 45.60 13.14 -8.21
N PHE C 69 45.06 13.85 -9.21
CA PHE C 69 43.76 13.55 -9.77
C PHE C 69 43.95 12.89 -11.13
N VAL C 70 43.52 11.62 -11.24
CA VAL C 70 43.59 10.88 -12.50
C VAL C 70 42.24 10.99 -13.20
N THR C 71 42.22 11.63 -14.38
CA THR C 71 41.01 11.81 -15.15
C THR C 71 41.08 10.98 -16.43
N PHE C 72 39.95 10.35 -16.79
CA PHE C 72 39.86 9.50 -17.96
C PHE C 72 38.98 10.12 -19.04
N GLU C 73 38.35 11.26 -18.75
CA GLU C 73 37.48 11.91 -19.71
C GLU C 73 37.61 13.43 -19.58
N GLU C 74 37.12 13.99 -18.47
CA GLU C 74 37.15 15.44 -18.25
C GLU C 74 38.57 15.94 -18.47
N SER C 75 38.69 17.10 -19.12
CA SER C 75 40.00 17.70 -19.36
C SER C 75 40.46 18.40 -18.09
N PRO C 76 41.78 18.50 -17.83
CA PRO C 76 42.31 19.24 -16.69
C PRO C 76 41.78 20.67 -16.57
N LEU C 77 41.60 21.34 -17.71
CA LEU C 77 41.18 22.73 -17.73
C LEU C 77 39.72 22.85 -17.29
N ASP C 78 38.91 21.82 -17.57
CA ASP C 78 37.50 21.82 -17.21
C ASP C 78 37.34 21.53 -15.72
N ILE C 79 38.16 20.63 -15.18
CA ILE C 79 38.12 20.27 -13.76
C ILE C 79 38.41 21.50 -12.91
N LEU C 80 39.42 22.27 -13.33
CA LEU C 80 39.79 23.51 -12.65
C LEU C 80 38.66 24.53 -12.73
N ARG C 81 38.07 24.68 -13.93
CA ARG C 81 37.02 25.65 -14.15
C ARG C 81 35.75 25.23 -13.39
N ASN C 82 35.51 23.91 -13.34
CA ASN C 82 34.36 23.38 -12.63
C ASN C 82 34.57 23.50 -11.11
N ALA C 83 35.84 23.57 -10.67
CA ALA C 83 36.13 23.69 -9.25
C ALA C 83 36.05 25.16 -8.78
N ALA C 84 36.06 26.09 -9.73
CA ALA C 84 36.09 27.51 -9.40
C ALA C 84 34.82 27.93 -8.66
N SER C 85 33.73 27.17 -8.84
CA SER C 85 32.45 27.48 -8.23
C SER C 85 32.47 27.29 -6.71
N PHE C 86 33.56 26.70 -6.18
CA PHE C 86 33.71 26.49 -4.75
C PHE C 86 34.76 27.43 -4.16
N GLY C 87 35.48 28.18 -5.00
CA GLY C 87 36.45 29.15 -4.52
C GLY C 87 37.74 28.51 -4.00
N TRP C 88 38.09 27.34 -4.55
CA TRP C 88 39.38 26.72 -4.30
C TRP C 88 40.38 27.26 -5.33
N ASN C 89 41.49 27.82 -4.83
CA ASN C 89 42.54 28.32 -5.71
C ASN C 89 43.40 27.14 -6.15
N LEU C 90 42.84 26.27 -6.99
CA LEU C 90 43.49 25.03 -7.40
C LEU C 90 44.56 25.32 -8.45
N GLN C 91 44.41 26.45 -9.17
CA GLN C 91 45.36 26.86 -10.19
C GLN C 91 46.72 27.15 -9.54
N GLU C 92 46.69 27.76 -8.36
CA GLU C 92 47.89 28.03 -7.60
C GLU C 92 48.49 26.71 -7.10
N MET C 93 47.61 25.76 -6.72
CA MET C 93 48.04 24.47 -6.19
C MET C 93 48.80 23.70 -7.27
N VAL C 94 48.33 23.82 -8.52
CA VAL C 94 48.91 23.11 -9.64
C VAL C 94 50.27 23.73 -9.98
N GLU C 95 50.35 25.07 -9.91
CA GLU C 95 51.55 25.81 -10.25
C GLU C 95 52.64 25.55 -9.19
N GLN C 96 52.22 25.51 -7.91
CA GLN C 96 53.13 25.26 -6.81
C GLN C 96 53.43 23.77 -6.67
N ASP C 97 52.87 22.95 -7.58
CA ASP C 97 53.25 21.55 -7.72
C ASP C 97 52.72 20.74 -6.53
N LYS C 98 51.59 21.17 -5.96
CA LYS C 98 50.96 20.49 -4.84
C LYS C 98 49.77 19.65 -5.33
N LEU C 99 49.18 20.05 -6.46
CA LEU C 99 48.16 19.25 -7.13
C LEU C 99 48.63 18.93 -8.54
N PHE C 100 48.41 17.68 -8.96
CA PHE C 100 48.74 17.26 -10.32
C PHE C 100 47.54 16.52 -10.90
N ILE C 101 47.08 16.98 -12.05
CA ILE C 101 46.01 16.33 -12.79
C ILE C 101 46.64 15.47 -13.88
N LEU C 102 46.56 14.14 -13.70
CA LEU C 102 47.05 13.21 -14.69
C LEU C 102 45.94 12.94 -15.70
N ASP C 103 46.21 13.27 -16.97
CA ASP C 103 45.24 13.08 -18.04
C ASP C 103 45.49 11.71 -18.65
N ALA C 104 44.56 10.78 -18.40
CA ALA C 104 44.60 9.44 -18.98
C ALA C 104 43.44 9.27 -19.95
N SER C 105 43.02 10.37 -20.60
CA SER C 105 41.91 10.34 -21.53
C SER C 105 42.39 9.84 -22.90
N PRO C 106 41.47 9.37 -23.78
CA PRO C 106 41.84 8.82 -25.09
C PRO C 106 42.96 9.54 -25.85
N ASP C 107 43.85 8.73 -26.44
CA ASP C 107 44.97 9.21 -27.24
C ASP C 107 44.50 10.25 -28.27
N PRO C 108 43.38 10.04 -28.99
CA PRO C 108 42.75 11.11 -29.80
C PRO C 108 42.34 12.32 -28.95
N LEU C 119 46.13 -1.94 -17.65
CA LEU C 119 46.10 -1.04 -16.47
C LEU C 119 47.49 -0.94 -15.83
N SER C 120 48.43 -1.79 -16.27
CA SER C 120 49.80 -1.78 -15.78
C SER C 120 50.51 -0.49 -16.19
N GLY C 121 50.27 -0.04 -17.42
CA GLY C 121 50.86 1.19 -17.93
C GLY C 121 50.36 2.42 -17.17
N LEU C 122 49.06 2.43 -16.88
CA LEU C 122 48.43 3.49 -16.10
C LEU C 122 48.99 3.48 -14.67
N ILE C 123 49.12 2.28 -14.09
CA ILE C 123 49.59 2.12 -12.72
C ILE C 123 51.03 2.65 -12.61
N GLU C 124 51.82 2.46 -13.66
CA GLU C 124 53.21 2.90 -13.68
C GLU C 124 53.26 4.43 -13.77
N ARG C 125 52.38 5.04 -14.57
CA ARG C 125 52.30 6.49 -14.66
C ARG C 125 51.89 7.08 -13.30
N ILE C 126 50.88 6.47 -12.68
CA ILE C 126 50.35 6.95 -11.40
C ILE C 126 51.45 6.85 -10.36
N ASN C 127 52.14 5.69 -10.32
CA ASN C 127 53.17 5.43 -9.33
C ASN C 127 54.23 6.54 -9.37
N TYR C 128 54.76 6.82 -10.55
CA TYR C 128 55.89 7.74 -10.70
C TYR C 128 55.42 9.19 -10.57
N ALA C 129 54.13 9.45 -10.80
CA ALA C 129 53.55 10.75 -10.51
C ALA C 129 53.54 10.99 -9.00
N ILE C 130 53.20 9.95 -8.23
CA ILE C 130 53.21 10.01 -6.78
C ILE C 130 54.62 10.35 -6.27
N ARG C 131 55.63 9.75 -6.91
CA ARG C 131 57.02 9.88 -6.50
C ARG C 131 57.52 11.29 -6.79
N LYS C 132 57.10 11.86 -7.92
CA LYS C 132 57.55 13.16 -8.37
C LYS C 132 56.97 14.27 -7.49
N TYR C 133 55.68 14.14 -7.14
CA TYR C 133 54.98 15.17 -6.40
C TYR C 133 54.92 14.83 -4.92
N LYS C 134 55.48 13.66 -4.54
CA LYS C 134 55.50 13.19 -3.16
C LYS C 134 54.08 13.17 -2.62
N ALA C 135 53.18 12.51 -3.37
CA ALA C 135 51.75 12.56 -3.10
C ALA C 135 51.36 11.52 -2.06
N LYS C 136 50.44 11.91 -1.18
CA LYS C 136 49.92 11.04 -0.12
C LYS C 136 48.46 10.68 -0.38
N ARG C 137 47.83 11.38 -1.33
CA ARG C 137 46.42 11.17 -1.66
C ARG C 137 46.27 11.11 -3.18
N VAL C 138 45.34 10.25 -3.63
CA VAL C 138 45.07 10.07 -5.05
C VAL C 138 43.56 9.92 -5.26
N ALA C 139 43.08 10.44 -6.39
CA ALA C 139 41.70 10.31 -6.80
C ALA C 139 41.66 9.84 -8.24
N ILE C 140 40.88 8.79 -8.51
CA ILE C 140 40.75 8.23 -9.85
C ILE C 140 39.28 8.34 -10.26
N ASP C 141 39.02 9.15 -11.29
CA ASP C 141 37.67 9.48 -11.71
C ASP C 141 37.57 9.40 -13.24
N SER C 142 36.80 8.44 -13.79
CA SER C 142 36.18 7.34 -13.08
C SER C 142 36.71 6.03 -13.66
N ILE C 143 36.73 4.97 -12.84
CA ILE C 143 37.31 3.71 -13.27
C ILE C 143 36.30 3.01 -14.19
N THR C 144 35.01 3.30 -13.99
CA THR C 144 33.96 2.74 -14.83
C THR C 144 34.29 2.94 -16.31
N ALA C 145 34.72 4.16 -16.65
CA ALA C 145 34.95 4.53 -18.03
C ALA C 145 36.02 3.64 -18.67
N VAL C 146 37.08 3.34 -17.92
CA VAL C 146 38.22 2.60 -18.44
C VAL C 146 37.83 1.13 -18.63
N PHE C 147 36.88 0.65 -17.82
CA PHE C 147 36.41 -0.73 -17.89
C PHE C 147 35.26 -0.87 -18.89
N GLN C 148 34.78 0.25 -19.45
CA GLN C 148 33.84 0.24 -20.55
C GLN C 148 34.59 0.32 -21.87
N GLN C 149 35.71 -0.41 -21.97
CA GLN C 149 36.41 -0.62 -23.23
C GLN C 149 36.05 -2.00 -23.74
N TYR C 150 36.40 -3.03 -22.97
CA TYR C 150 35.99 -4.39 -23.27
C TYR C 150 36.15 -5.31 -22.05
N ASP C 151 36.41 -4.74 -20.87
CA ASP C 151 36.75 -5.52 -19.70
C ASP C 151 35.49 -6.22 -19.17
N ALA C 152 35.61 -7.54 -18.95
CA ALA C 152 34.51 -8.37 -18.49
C ALA C 152 34.64 -8.62 -16.98
N VAL C 153 33.65 -9.31 -16.40
CA VAL C 153 33.54 -9.49 -14.96
C VAL C 153 34.87 -9.98 -14.37
N SER C 154 35.42 -11.05 -14.97
CA SER C 154 36.67 -11.63 -14.51
C SER C 154 37.85 -10.68 -14.77
N VAL C 155 37.77 -9.90 -15.86
CA VAL C 155 38.79 -8.92 -16.20
C VAL C 155 38.75 -7.76 -15.21
N VAL C 156 37.57 -7.13 -15.08
CA VAL C 156 37.40 -5.98 -14.22
C VAL C 156 37.89 -6.33 -12.81
N ARG C 157 37.52 -7.52 -12.32
CA ARG C 157 37.84 -7.92 -10.96
C ARG C 157 39.36 -8.04 -10.78
N ARG C 158 40.01 -8.78 -11.68
CA ARG C 158 41.45 -8.98 -11.60
C ARG C 158 42.18 -7.65 -11.79
N GLU C 159 41.60 -6.75 -12.59
CA GLU C 159 42.26 -5.49 -12.94
C GLU C 159 42.08 -4.46 -11.83
N ILE C 160 40.90 -4.40 -11.21
CA ILE C 160 40.71 -3.51 -10.08
C ILE C 160 41.61 -3.97 -8.93
N PHE C 161 41.65 -5.28 -8.70
CA PHE C 161 42.47 -5.84 -7.64
C PHE C 161 43.93 -5.40 -7.83
N ARG C 162 44.41 -5.46 -9.07
CA ARG C 162 45.77 -5.08 -9.39
C ARG C 162 46.01 -3.62 -9.00
N LEU C 163 45.12 -2.73 -9.43
CA LEU C 163 45.23 -1.31 -9.15
C LEU C 163 45.25 -1.07 -7.63
N ILE C 164 44.26 -1.64 -6.94
CA ILE C 164 44.11 -1.43 -5.50
C ILE C 164 45.35 -1.92 -4.75
N ALA C 165 45.77 -3.16 -5.04
CA ALA C 165 46.89 -3.78 -4.34
C ALA C 165 48.15 -2.93 -4.48
N ARG C 166 48.43 -2.42 -5.70
CA ARG C 166 49.62 -1.62 -5.95
C ARG C 166 49.56 -0.32 -5.16
N LEU C 167 48.39 0.32 -5.12
CA LEU C 167 48.25 1.60 -4.45
C LEU C 167 48.49 1.44 -2.95
N LYS C 168 48.20 0.26 -2.39
CA LYS C 168 48.54 -0.05 -1.01
C LYS C 168 50.05 -0.26 -0.87
N GLU C 169 50.68 -0.76 -1.94
CA GLU C 169 52.13 -0.95 -1.96
C GLU C 169 52.83 0.41 -1.87
N ILE C 170 52.34 1.40 -2.62
CA ILE C 170 52.91 2.75 -2.58
C ILE C 170 52.61 3.35 -1.22
N GLY C 171 51.46 2.99 -0.64
CA GLY C 171 51.06 3.47 0.68
C GLY C 171 50.34 4.81 0.61
N VAL C 172 49.49 4.95 -0.40
CA VAL C 172 48.74 6.18 -0.62
C VAL C 172 47.27 5.90 -0.29
N THR C 173 46.57 6.94 0.19
CA THR C 173 45.14 6.87 0.43
C THR C 173 44.44 7.29 -0.86
N THR C 174 43.57 6.41 -1.38
CA THR C 174 42.98 6.62 -2.69
C THR C 174 41.45 6.68 -2.60
N VAL C 175 40.87 7.61 -3.35
CA VAL C 175 39.44 7.65 -3.61
C VAL C 175 39.24 7.22 -5.05
N MET C 176 38.30 6.30 -5.28
CA MET C 176 38.00 5.75 -6.59
C MET C 176 36.50 5.89 -6.86
N THR C 177 36.16 6.42 -8.05
CA THR C 177 34.79 6.75 -8.40
C THR C 177 34.22 5.69 -9.34
N THR C 178 32.97 5.28 -9.11
CA THR C 178 32.26 4.40 -10.03
C THR C 178 30.85 4.92 -10.31
N GLU C 179 30.29 4.49 -11.44
CA GLU C 179 28.98 4.93 -11.90
C GLU C 179 27.93 3.86 -11.58
N ARG C 180 26.67 4.29 -11.49
CA ARG C 180 25.55 3.39 -11.29
C ARG C 180 24.37 3.88 -12.13
N ILE C 181 23.38 3.01 -12.31
CA ILE C 181 22.19 3.35 -13.09
C ILE C 181 21.03 3.70 -12.16
N ASP C 182 20.84 2.92 -11.09
CA ASP C 182 19.72 3.11 -10.17
C ASP C 182 20.25 3.57 -8.81
N GLU C 183 19.32 4.00 -7.95
CA GLU C 183 19.65 4.56 -6.66
C GLU C 183 19.70 3.46 -5.61
N TYR C 184 18.77 2.49 -5.72
CA TYR C 184 18.68 1.40 -4.76
C TYR C 184 18.84 0.05 -5.47
N GLY C 185 19.85 -0.06 -6.32
CA GLY C 185 20.19 -1.31 -6.98
C GLY C 185 21.66 -1.67 -6.76
N PRO C 186 22.33 -2.29 -7.76
CA PRO C 186 23.75 -2.60 -7.64
C PRO C 186 24.60 -1.37 -7.29
N ILE C 187 25.61 -1.59 -6.46
CA ILE C 187 26.45 -0.55 -5.90
C ILE C 187 27.29 0.10 -7.00
N ALA C 188 27.74 -0.71 -7.98
CA ALA C 188 28.43 -0.22 -9.15
C ALA C 188 27.82 -0.84 -10.42
N ARG C 189 28.65 -1.11 -11.44
CA ARG C 189 28.14 -1.56 -12.73
C ARG C 189 28.24 -3.07 -12.87
N TYR C 190 29.32 -3.68 -12.38
CA TYR C 190 29.67 -5.06 -12.73
C TYR C 190 29.53 -6.01 -11.54
N GLY C 191 28.97 -5.54 -10.43
CA GLY C 191 28.72 -6.38 -9.27
C GLY C 191 30.01 -6.99 -8.70
N VAL C 192 31.10 -6.23 -8.77
CA VAL C 192 32.42 -6.76 -8.46
C VAL C 192 33.25 -5.73 -7.68
N GLU C 193 33.03 -4.44 -7.97
CA GLU C 193 33.89 -3.39 -7.47
C GLU C 193 33.76 -3.24 -5.95
N GLU C 194 32.55 -3.50 -5.41
CA GLU C 194 32.30 -3.32 -3.99
C GLU C 194 33.03 -4.38 -3.18
N PHE C 195 33.17 -5.58 -3.75
CA PHE C 195 33.71 -6.72 -3.03
C PHE C 195 35.24 -6.64 -2.97
N VAL C 196 35.86 -6.00 -3.96
CA VAL C 196 37.33 -5.94 -4.04
C VAL C 196 37.83 -4.74 -3.23
N SER C 197 37.03 -3.67 -3.18
CA SER C 197 37.37 -2.48 -2.43
C SER C 197 37.29 -2.75 -0.93
N ASP C 198 38.19 -2.10 -0.18
CA ASP C 198 38.23 -2.21 1.28
C ASP C 198 37.19 -1.29 1.90
N ASN C 199 36.89 -0.18 1.21
CA ASN C 199 35.98 0.85 1.71
C ASN C 199 35.01 1.25 0.60
N VAL C 200 33.72 1.40 0.96
CA VAL C 200 32.68 1.65 -0.03
C VAL C 200 31.77 2.78 0.47
N VAL C 201 31.70 3.85 -0.33
CA VAL C 201 30.82 4.99 -0.07
C VAL C 201 29.82 5.06 -1.22
N ILE C 202 28.53 5.24 -0.90
CA ILE C 202 27.47 5.34 -1.88
C ILE C 202 26.84 6.73 -1.80
N LEU C 203 26.93 7.48 -2.90
CA LEU C 203 26.24 8.75 -3.01
C LEU C 203 24.94 8.52 -3.77
N ARG C 204 23.83 9.03 -3.20
CA ARG C 204 22.52 8.85 -3.79
C ARG C 204 21.86 10.21 -3.98
N ASN C 205 21.00 10.27 -5.00
CA ASN C 205 20.28 11.48 -5.36
C ASN C 205 18.85 11.08 -5.69
N VAL C 206 18.06 10.79 -4.65
CA VAL C 206 16.79 10.11 -4.79
C VAL C 206 15.71 11.12 -5.14
N LEU C 207 14.83 10.74 -6.07
CA LEU C 207 13.69 11.54 -6.48
C LEU C 207 12.40 10.93 -5.93
N GLU C 208 11.97 11.40 -4.75
CA GLU C 208 10.66 11.07 -4.21
C GLU C 208 9.74 12.29 -4.38
N GLY C 209 8.52 12.04 -4.88
CA GLY C 209 7.60 13.10 -5.24
C GLY C 209 8.05 13.75 -6.55
N GLU C 210 8.49 15.01 -6.47
CA GLU C 210 9.14 15.66 -7.59
C GLU C 210 10.42 16.35 -7.10
N ARG C 211 10.86 15.98 -5.90
CA ARG C 211 11.96 16.65 -5.22
C ARG C 211 13.13 15.68 -5.05
N ARG C 212 14.36 16.20 -5.14
CA ARG C 212 15.56 15.39 -5.04
C ARG C 212 16.17 15.58 -3.64
N ARG C 213 16.72 14.50 -3.08
CA ARG C 213 17.39 14.53 -1.80
C ARG C 213 18.71 13.77 -1.90
N ARG C 214 19.82 14.50 -1.77
CA ARG C 214 21.15 13.92 -1.80
C ARG C 214 21.44 13.27 -0.45
N THR C 215 21.88 12.00 -0.48
CA THR C 215 22.33 11.31 0.72
C THR C 215 23.70 10.70 0.47
N VAL C 216 24.44 10.48 1.57
CA VAL C 216 25.70 9.76 1.56
C VAL C 216 25.53 8.57 2.50
N GLU C 217 26.12 7.43 2.12
CA GLU C 217 26.18 6.26 2.99
C GLU C 217 27.58 5.65 2.96
N ILE C 218 28.06 5.22 4.13
CA ILE C 218 29.27 4.43 4.25
C ILE C 218 28.86 2.99 4.53
N LEU C 219 28.91 2.16 3.49
CA LEU C 219 28.42 0.80 3.55
C LEU C 219 29.36 -0.05 4.38
N LYS C 220 30.67 0.18 4.19
CA LYS C 220 31.68 -0.79 4.57
C LYS C 220 33.03 -0.08 4.74
N LEU C 221 33.64 -0.25 5.92
CA LEU C 221 35.03 0.11 6.19
C LEU C 221 35.70 -1.09 6.86
N ARG C 222 36.51 -1.84 6.11
CA ARG C 222 37.18 -3.01 6.65
C ARG C 222 38.12 -2.56 7.78
N GLY C 223 38.09 -3.30 8.88
CA GLY C 223 39.05 -3.11 9.97
C GLY C 223 38.68 -1.94 10.90
N THR C 224 37.58 -1.24 10.63
CA THR C 224 37.21 -0.06 11.40
C THR C 224 35.71 0.03 11.57
N THR C 225 35.27 1.04 12.33
CA THR C 225 33.87 1.31 12.55
C THR C 225 33.45 2.52 11.73
N HIS C 226 32.13 2.70 11.59
CA HIS C 226 31.56 3.81 10.87
C HIS C 226 30.07 3.89 11.20
N MET C 227 29.46 5.06 10.94
CA MET C 227 28.03 5.23 11.08
C MET C 227 27.33 4.44 9.98
N LYS C 228 26.06 4.11 10.21
CA LYS C 228 25.33 3.21 9.33
C LYS C 228 24.09 3.91 8.78
N GLY C 229 23.75 3.56 7.54
CA GLY C 229 22.56 4.10 6.88
C GLY C 229 22.88 5.30 6.00
N GLU C 230 21.81 6.02 5.59
CA GLU C 230 21.91 7.17 4.72
C GLU C 230 21.90 8.45 5.56
N PHE C 231 22.72 9.43 5.17
CA PHE C 231 22.74 10.73 5.82
C PHE C 231 22.57 11.82 4.76
N PRO C 232 21.63 12.77 4.93
CA PRO C 232 21.44 13.85 3.97
C PRO C 232 22.66 14.75 3.85
N PHE C 233 22.84 15.36 2.67
CA PHE C 233 23.90 16.33 2.48
C PHE C 233 23.47 17.35 1.43
N THR C 234 24.17 18.48 1.40
CA THR C 234 23.98 19.51 0.39
C THR C 234 25.34 19.92 -0.14
N MET C 235 25.35 20.42 -1.37
CA MET C 235 26.57 20.96 -1.96
C MET C 235 26.39 22.48 -2.03
N GLY C 236 27.30 23.19 -1.36
CA GLY C 236 27.19 24.62 -1.18
C GLY C 236 28.35 25.38 -1.82
N ALA C 237 28.73 26.49 -1.19
CA ALA C 237 29.70 27.43 -1.76
C ALA C 237 31.12 27.02 -1.41
N HIS C 238 31.28 26.25 -0.33
CA HIS C 238 32.58 25.72 0.07
C HIS C 238 32.65 24.21 -0.15
N GLY C 239 31.64 23.66 -0.86
CA GLY C 239 31.63 22.26 -1.25
C GLY C 239 30.56 21.46 -0.51
N ILE C 240 30.86 20.18 -0.27
CA ILE C 240 29.93 19.25 0.33
C ILE C 240 29.78 19.58 1.82
N SER C 241 28.54 19.50 2.32
CA SER C 241 28.25 19.64 3.74
C SER C 241 27.25 18.57 4.16
N ILE C 242 27.68 17.69 5.07
CA ILE C 242 26.89 16.56 5.52
C ILE C 242 26.37 16.85 6.92
N PHE C 243 25.05 16.66 7.12
CA PHE C 243 24.41 16.81 8.41
C PHE C 243 24.03 15.41 8.92
N PRO C 244 24.85 14.78 9.80
CA PRO C 244 24.47 13.54 10.46
C PRO C 244 23.85 13.81 11.83
N LEU C 245 22.53 13.72 11.91
CA LEU C 245 21.79 13.95 13.16
C LEU C 245 22.30 12.97 14.22
N GLY C 246 22.65 11.76 13.80
CA GLY C 246 23.20 10.74 14.67
C GLY C 246 24.42 11.23 15.45
N ALA C 247 25.30 11.98 14.78
CA ALA C 247 26.53 12.47 15.38
C ALA C 247 26.24 13.60 16.37
N MET C 248 25.09 14.27 16.21
CA MET C 248 24.67 15.33 17.13
C MET C 248 24.38 14.70 18.48
N ARG C 249 24.80 15.37 19.56
CA ARG C 249 24.72 14.81 20.90
C ARG C 249 23.72 15.60 21.75
N LEU C 250 23.16 14.93 22.75
CA LEU C 250 22.27 15.54 23.74
C LEU C 250 23.13 16.19 24.83
N THR C 251 23.75 17.32 24.49
CA THR C 251 24.62 18.02 25.41
C THR C 251 24.47 19.52 25.18
N GLN C 252 23.28 20.05 25.51
CA GLN C 252 23.00 21.48 25.48
C GLN C 252 22.76 21.96 26.91
N ARG C 253 23.10 23.24 27.14
CA ARG C 253 23.12 23.82 28.48
C ARG C 253 21.72 24.26 28.89
N SER C 254 21.54 24.49 30.19
CA SER C 254 20.25 24.87 30.73
C SER C 254 20.43 25.83 31.91
N SER C 255 19.97 27.08 31.74
CA SER C 255 20.04 28.10 32.78
C SER C 255 18.64 28.45 33.26
N ASN C 256 18.57 29.27 34.32
CA ASN C 256 17.31 29.77 34.86
C ASN C 256 17.07 31.22 34.42
N VAL C 257 17.84 31.68 33.43
CA VAL C 257 17.66 33.02 32.89
C VAL C 257 16.31 33.09 32.18
N ARG C 258 15.52 34.13 32.49
CA ARG C 258 14.20 34.29 31.94
C ARG C 258 14.23 35.33 30.81
N VAL C 259 13.31 35.17 29.84
CA VAL C 259 13.11 36.14 28.78
C VAL C 259 11.60 36.38 28.65
N SER C 260 11.22 37.63 28.40
CA SER C 260 9.82 38.04 28.39
C SER C 260 9.17 37.68 27.06
N SER C 261 7.88 37.33 27.12
CA SER C 261 7.07 37.02 25.96
C SER C 261 6.73 38.29 25.19
N GLY C 262 6.53 39.39 25.92
CA GLY C 262 5.97 40.61 25.35
C GLY C 262 4.55 40.86 25.85
N VAL C 263 3.98 39.85 26.52
CA VAL C 263 2.66 39.94 27.11
C VAL C 263 2.82 39.70 28.61
N PRO C 264 2.82 40.76 29.46
CA PRO C 264 3.17 40.62 30.87
C PRO C 264 2.38 39.56 31.64
N ARG C 265 1.10 39.38 31.27
CA ARG C 265 0.24 38.41 31.92
C ARG C 265 0.65 36.98 31.56
N LEU C 266 1.14 36.79 30.33
CA LEU C 266 1.63 35.49 29.90
C LEU C 266 2.90 35.15 30.69
N ASP C 267 3.77 36.15 30.87
CA ASP C 267 5.01 35.98 31.63
C ASP C 267 4.70 35.51 33.05
N GLU C 268 3.67 36.12 33.65
CA GLU C 268 3.22 35.73 34.99
C GLU C 268 2.71 34.29 34.95
N MET C 269 1.99 33.94 33.87
CA MET C 269 1.45 32.60 33.68
C MET C 269 2.58 31.59 33.53
N CYS C 270 3.74 32.02 33.01
CA CYS C 270 4.88 31.13 32.79
C CYS C 270 5.80 31.07 34.01
N GLY C 271 5.43 31.76 35.09
CA GLY C 271 6.22 31.76 36.31
C GLY C 271 7.37 32.77 36.27
N GLY C 272 7.18 33.84 35.47
CA GLY C 272 8.11 34.95 35.42
C GLY C 272 8.82 35.07 34.06
N GLY C 273 8.09 34.79 32.97
CA GLY C 273 8.63 34.85 31.63
C GLY C 273 9.13 33.49 31.14
N PHE C 274 9.44 33.40 29.85
CA PHE C 274 10.00 32.19 29.27
C PHE C 274 11.44 32.00 29.74
N PHE C 275 11.96 30.77 29.56
CA PHE C 275 13.37 30.51 29.74
C PHE C 275 14.11 30.82 28.44
N LYS C 276 15.35 31.32 28.57
CA LYS C 276 16.19 31.62 27.42
C LYS C 276 16.59 30.30 26.75
N ASP C 277 17.15 29.38 27.53
CA ASP C 277 17.56 28.08 27.04
C ASP C 277 16.34 27.15 26.97
N SER C 278 15.43 27.42 26.03
CA SER C 278 14.21 26.66 25.92
C SER C 278 13.64 26.73 24.51
N ILE C 279 12.78 25.75 24.19
CA ILE C 279 12.02 25.72 22.95
C ILE C 279 10.56 25.96 23.29
N ILE C 280 10.02 27.08 22.80
CA ILE C 280 8.64 27.46 23.00
C ILE C 280 7.83 26.98 21.80
N LEU C 281 6.78 26.17 22.05
CA LEU C 281 5.86 25.77 20.99
C LEU C 281 4.50 26.39 21.25
N ALA C 282 3.98 27.10 20.24
CA ALA C 282 2.59 27.55 20.24
C ALA C 282 1.81 26.71 19.23
N THR C 283 0.81 25.98 19.74
CA THR C 283 -0.03 25.13 18.91
C THR C 283 -1.47 25.61 19.00
N GLY C 284 -2.20 25.45 17.90
CA GLY C 284 -3.61 25.85 17.87
C GLY C 284 -4.13 25.91 16.44
N ALA C 285 -5.47 25.95 16.32
CA ALA C 285 -6.14 26.07 15.05
C ALA C 285 -5.78 27.41 14.39
N THR C 286 -6.12 27.52 13.11
CA THR C 286 -5.85 28.71 12.32
C THR C 286 -6.68 29.87 12.88
N GLY C 287 -6.04 31.04 12.98
CA GLY C 287 -6.71 32.28 13.35
C GLY C 287 -6.73 32.53 14.86
N THR C 288 -6.08 31.64 15.63
CA THR C 288 -6.12 31.71 17.08
C THR C 288 -5.26 32.87 17.59
N GLY C 289 -4.12 33.12 16.93
CA GLY C 289 -3.22 34.18 17.34
C GLY C 289 -1.79 33.72 17.61
N LYS C 290 -1.36 32.65 16.93
CA LYS C 290 -0.02 32.12 17.09
C LYS C 290 1.01 33.13 16.57
N THR C 291 0.70 33.75 15.43
CA THR C 291 1.59 34.71 14.80
C THR C 291 1.71 35.96 15.68
N LEU C 292 0.60 36.35 16.32
CA LEU C 292 0.58 37.48 17.23
C LEU C 292 1.60 37.28 18.34
N LEU C 293 1.65 36.06 18.89
CA LEU C 293 2.55 35.75 19.99
C LEU C 293 4.01 35.73 19.51
N VAL C 294 4.25 35.16 18.33
CA VAL C 294 5.57 35.20 17.71
C VAL C 294 6.01 36.66 17.59
N SER C 295 5.12 37.50 17.06
CA SER C 295 5.43 38.90 16.83
C SER C 295 5.86 39.59 18.12
N LYS C 296 5.17 39.29 19.22
CA LYS C 296 5.49 39.88 20.53
C LYS C 296 6.85 39.39 21.02
N PHE C 297 7.12 38.09 20.86
CA PHE C 297 8.36 37.47 21.28
C PHE C 297 9.56 38.14 20.62
N ILE C 298 9.39 38.50 19.34
CA ILE C 298 10.44 39.13 18.55
C ILE C 298 10.61 40.58 18.96
N GLU C 299 9.48 41.31 19.04
CA GLU C 299 9.47 42.71 19.44
C GLU C 299 10.31 42.91 20.71
N ASP C 300 10.11 42.02 21.68
CA ASP C 300 10.72 42.14 23.00
C ASP C 300 12.24 42.17 22.88
N ALA C 301 12.81 41.23 22.12
CA ALA C 301 14.25 41.17 21.89
C ALA C 301 14.77 42.52 21.40
N CYS C 302 14.06 43.11 20.43
CA CYS C 302 14.48 44.35 19.80
C CYS C 302 14.36 45.52 20.78
N ARG C 303 13.40 45.44 21.70
CA ARG C 303 13.24 46.45 22.74
C ARG C 303 14.41 46.40 23.72
N ASN C 304 15.00 45.21 23.91
CA ASN C 304 16.15 45.03 24.76
C ASN C 304 17.45 45.09 23.94
N LYS C 305 17.38 45.69 22.76
CA LYS C 305 18.55 45.85 21.89
C LYS C 305 19.20 44.50 21.64
N GLU C 306 18.37 43.47 21.44
CA GLU C 306 18.85 42.14 21.07
C GLU C 306 18.38 41.84 19.65
N ARG C 307 19.07 40.89 18.99
CA ARG C 307 18.82 40.57 17.59
C ARG C 307 17.91 39.35 17.50
N ALA C 308 16.98 39.38 16.55
CA ALA C 308 16.04 38.29 16.33
C ALA C 308 15.83 38.06 14.83
N ILE C 309 15.64 36.80 14.44
CA ILE C 309 15.30 36.42 13.08
C ILE C 309 13.90 35.82 13.08
N LEU C 310 13.12 36.16 12.04
CA LEU C 310 11.84 35.54 11.80
C LEU C 310 11.92 34.72 10.50
N PHE C 311 11.66 33.42 10.60
CA PHE C 311 11.56 32.55 9.44
C PHE C 311 10.08 32.31 9.14
N ALA C 312 9.57 33.04 8.14
CA ALA C 312 8.16 32.99 7.76
C ALA C 312 7.99 32.12 6.52
N TYR C 313 7.04 31.17 6.60
CA TYR C 313 6.82 30.21 5.53
C TYR C 313 5.36 30.24 5.06
N GLU C 314 4.62 31.30 5.44
CA GLU C 314 3.18 31.37 5.20
C GLU C 314 2.79 32.75 4.71
N GLU C 315 3.35 33.80 5.33
CA GLU C 315 3.04 35.18 5.02
C GLU C 315 4.28 35.87 4.47
N SER C 316 4.08 36.96 3.71
CA SER C 316 5.17 37.73 3.14
C SER C 316 5.48 38.94 4.02
N ARG C 317 6.69 39.50 3.87
CA ARG C 317 7.11 40.67 4.64
C ARG C 317 6.00 41.72 4.65
N ALA C 318 5.43 41.99 3.47
CA ALA C 318 4.41 43.03 3.33
C ALA C 318 3.20 42.69 4.20
N GLN C 319 2.71 41.45 4.11
CA GLN C 319 1.56 41.02 4.88
C GLN C 319 1.92 41.03 6.38
N LEU C 320 3.09 40.45 6.70
CA LEU C 320 3.57 40.38 8.07
C LEU C 320 3.63 41.77 8.70
N LEU C 321 4.05 42.78 7.92
CA LEU C 321 4.22 44.13 8.44
C LEU C 321 2.89 44.87 8.52
N ARG C 322 1.98 44.59 7.58
CA ARG C 322 0.66 45.21 7.60
C ARG C 322 -0.11 44.73 8.83
N ASN C 323 0.01 43.43 9.11
CA ASN C 323 -0.75 42.80 10.19
C ASN C 323 -0.14 43.17 11.54
N ALA C 324 1.20 43.30 11.57
CA ALA C 324 1.91 43.72 12.77
C ALA C 324 1.53 45.14 13.15
N THR C 325 1.40 46.02 12.14
CA THR C 325 1.01 47.41 12.37
C THR C 325 -0.46 47.48 12.80
N SER C 326 -1.25 46.47 12.43
CA SER C 326 -2.62 46.35 12.91
C SER C 326 -2.64 45.89 14.36
N TRP C 327 -1.53 45.30 14.82
CA TRP C 327 -1.39 44.87 16.21
C TRP C 327 -0.59 45.88 17.04
N GLY C 328 0.08 46.83 16.37
CA GLY C 328 0.86 47.86 17.03
C GLY C 328 2.34 47.49 17.16
N ILE C 329 2.87 46.81 16.13
CA ILE C 329 4.26 46.36 16.11
C ILE C 329 4.91 46.93 14.84
N ASP C 330 6.08 47.56 14.99
CA ASP C 330 6.81 48.09 13.86
C ASP C 330 8.08 47.27 13.66
N PHE C 331 8.01 46.30 12.74
CA PHE C 331 9.16 45.46 12.40
C PHE C 331 10.14 46.23 11.53
N GLU C 332 9.68 47.30 10.87
CA GLU C 332 10.52 48.10 10.00
C GLU C 332 11.60 48.78 10.84
N GLN C 333 11.18 49.56 11.84
CA GLN C 333 12.09 50.23 12.76
C GLN C 333 13.13 49.24 13.27
N MET C 334 12.68 48.03 13.63
CA MET C 334 13.56 47.00 14.16
C MET C 334 14.53 46.53 13.08
N GLU C 335 14.04 46.41 11.84
CA GLU C 335 14.85 45.99 10.71
C GLU C 335 15.83 47.10 10.33
N GLN C 336 15.42 48.36 10.53
CA GLN C 336 16.28 49.52 10.30
C GLN C 336 17.44 49.53 11.30
N ASP C 337 17.14 49.15 12.55
CA ASP C 337 18.10 49.22 13.63
C ASP C 337 19.00 47.97 13.64
N GLY C 338 18.78 47.06 12.68
CA GLY C 338 19.62 45.89 12.52
C GLY C 338 19.39 44.85 13.61
N LEU C 339 18.18 44.87 14.19
CA LEU C 339 17.81 44.00 15.29
C LEU C 339 16.85 42.90 14.82
N LEU C 340 16.25 43.07 13.64
CA LEU C 340 15.28 42.12 13.11
C LEU C 340 15.65 41.78 11.68
N LYS C 341 15.69 40.48 11.36
CA LYS C 341 15.84 40.03 9.99
C LYS C 341 14.72 39.05 9.67
N ILE C 342 13.84 39.43 8.73
CA ILE C 342 12.73 38.58 8.33
C ILE C 342 13.13 37.86 7.04
N ILE C 343 13.07 36.52 7.07
CA ILE C 343 13.41 35.69 5.92
C ILE C 343 12.13 34.96 5.50
N CYS C 344 11.44 35.49 4.49
CA CYS C 344 10.24 34.86 3.96
C CYS C 344 10.61 33.93 2.80
N ALA C 345 10.02 32.73 2.78
CA ALA C 345 10.24 31.77 1.72
C ALA C 345 9.22 30.66 1.81
N TYR C 346 8.77 30.15 0.65
CA TYR C 346 7.84 29.05 0.59
C TYR C 346 8.53 27.77 1.04
N PRO C 347 7.83 26.81 1.68
CA PRO C 347 8.38 25.48 1.95
C PRO C 347 8.77 24.68 0.72
N GLU C 348 8.20 25.04 -0.45
CA GLU C 348 8.42 24.31 -1.68
C GLU C 348 9.72 24.78 -2.36
N SER C 349 10.23 25.95 -1.96
CA SER C 349 11.43 26.50 -2.56
C SER C 349 12.59 25.51 -2.50
N THR C 350 12.68 24.75 -1.39
CA THR C 350 13.73 23.75 -1.23
C THR C 350 13.21 22.56 -0.41
N GLY C 351 14.06 21.54 -0.27
CA GLY C 351 13.84 20.45 0.66
C GLY C 351 14.22 20.85 2.08
N LEU C 352 13.83 20.03 3.07
CA LEU C 352 14.01 20.35 4.47
C LEU C 352 15.50 20.44 4.82
N GLU C 353 16.30 19.47 4.33
CA GLU C 353 17.74 19.47 4.56
C GLU C 353 18.34 20.81 4.15
N ASP C 354 17.84 21.37 3.03
CA ASP C 354 18.34 22.64 2.52
C ASP C 354 17.82 23.79 3.38
N HIS C 355 16.54 23.71 3.77
CA HIS C 355 15.93 24.68 4.67
C HIS C 355 16.72 24.77 5.97
N LEU C 356 17.16 23.61 6.47
CA LEU C 356 17.90 23.54 7.72
C LEU C 356 19.21 24.31 7.58
N GLN C 357 19.90 24.12 6.45
CA GLN C 357 21.12 24.84 6.13
C GLN C 357 20.87 26.35 6.07
N ILE C 358 19.82 26.76 5.33
CA ILE C 358 19.51 28.17 5.16
C ILE C 358 19.32 28.82 6.53
N ILE C 359 18.70 28.10 7.46
CA ILE C 359 18.47 28.59 8.82
C ILE C 359 19.81 28.75 9.53
N LYS C 360 20.62 27.68 9.54
CA LYS C 360 21.90 27.66 10.25
C LYS C 360 22.82 28.76 9.71
N THR C 361 22.87 28.90 8.38
CA THR C 361 23.73 29.89 7.74
C THR C 361 23.30 31.30 8.14
N GLU C 362 21.99 31.58 8.01
CA GLU C 362 21.45 32.91 8.25
C GLU C 362 21.60 33.28 9.73
N ILE C 363 21.53 32.25 10.60
CA ILE C 363 21.78 32.43 12.02
C ILE C 363 23.26 32.73 12.23
N SER C 364 24.13 31.93 11.59
CA SER C 364 25.57 32.08 11.77
C SER C 364 26.05 33.45 11.27
N GLN C 365 25.26 34.08 10.39
CA GLN C 365 25.56 35.41 9.89
C GLN C 365 25.04 36.47 10.86
N PHE C 366 23.73 36.48 11.10
CA PHE C 366 23.06 37.52 11.88
C PHE C 366 23.31 37.32 13.38
N LYS C 367 23.52 36.07 13.79
CA LYS C 367 23.91 35.73 15.15
C LYS C 367 22.89 36.28 16.15
N PRO C 368 21.64 35.74 16.16
CA PRO C 368 20.56 36.29 16.99
C PRO C 368 20.46 35.70 18.39
N SER C 369 19.77 36.42 19.29
CA SER C 369 19.50 35.94 20.63
C SER C 369 18.20 35.12 20.63
N ARG C 370 17.26 35.48 19.74
CA ARG C 370 16.00 34.78 19.62
C ARG C 370 15.74 34.46 18.14
N MET C 371 15.04 33.34 17.88
CA MET C 371 14.60 33.00 16.53
C MET C 371 13.14 32.56 16.58
N ALA C 372 12.48 32.64 15.42
CA ALA C 372 11.10 32.23 15.26
C ALA C 372 10.92 31.44 13.97
N ILE C 373 10.14 30.35 14.04
CA ILE C 373 9.71 29.60 12.87
C ILE C 373 8.19 29.64 12.80
N ASP C 374 7.66 30.34 11.79
CA ASP C 374 6.23 30.48 11.61
C ASP C 374 5.89 30.06 10.18
N SER C 375 5.57 28.77 9.96
CA SER C 375 5.35 27.78 11.01
C SER C 375 5.97 26.43 10.61
N LEU C 376 6.09 25.54 11.60
CA LEU C 376 6.63 24.20 11.39
C LEU C 376 5.65 23.34 10.61
N SER C 377 4.34 23.56 10.84
CA SER C 377 3.30 22.80 10.16
C SER C 377 3.37 23.02 8.65
N ALA C 378 3.81 24.21 8.22
CA ALA C 378 3.97 24.50 6.79
C ALA C 378 5.10 23.67 6.19
N LEU C 379 6.17 23.48 6.98
CA LEU C 379 7.36 22.76 6.52
C LEU C 379 7.11 21.25 6.47
N ALA C 380 6.05 20.77 7.12
CA ALA C 380 5.69 19.36 7.08
C ALA C 380 4.83 19.04 5.85
N ARG C 381 4.50 20.07 5.05
CA ARG C 381 3.71 19.88 3.85
C ARG C 381 4.54 19.13 2.79
N GLY C 382 4.04 17.96 2.40
CA GLY C 382 4.63 17.21 1.30
C GLY C 382 5.99 16.61 1.67
N VAL C 383 6.13 16.19 2.93
CA VAL C 383 7.34 15.51 3.38
C VAL C 383 6.90 14.33 4.24
N SER C 384 7.79 13.33 4.36
CA SER C 384 7.54 12.18 5.20
C SER C 384 7.60 12.58 6.68
N HIS C 385 7.03 11.73 7.54
CA HIS C 385 6.91 12.02 8.96
C HIS C 385 8.29 12.02 9.62
N ASN C 386 9.19 11.15 9.12
CA ASN C 386 10.51 10.97 9.69
C ASN C 386 11.46 12.06 9.19
N ALA C 387 11.27 12.50 7.94
CA ALA C 387 12.10 13.55 7.36
C ALA C 387 11.78 14.89 8.03
N PHE C 388 10.55 15.04 8.53
CA PHE C 388 10.15 16.24 9.27
C PHE C 388 10.71 16.17 10.68
N ARG C 389 10.60 15.01 11.33
CA ARG C 389 11.17 14.79 12.66
C ARG C 389 12.66 15.13 12.64
N GLN C 390 13.38 14.52 11.69
CA GLN C 390 14.81 14.73 11.52
C GLN C 390 15.11 16.22 11.36
N PHE C 391 14.20 16.95 10.71
CA PHE C 391 14.30 18.40 10.60
C PHE C 391 14.11 19.06 11.96
N VAL C 392 13.06 18.63 12.69
CA VAL C 392 12.72 19.22 13.98
C VAL C 392 13.86 19.00 14.97
N ILE C 393 14.38 17.77 15.03
CA ILE C 393 15.47 17.44 15.94
C ILE C 393 16.65 18.36 15.65
N GLY C 394 16.88 18.65 14.36
CA GLY C 394 18.01 19.44 13.92
C GLY C 394 17.91 20.91 14.31
N VAL C 395 16.76 21.54 14.03
CA VAL C 395 16.59 22.96 14.25
C VAL C 395 16.53 23.24 15.75
N THR C 396 15.87 22.34 16.50
CA THR C 396 15.80 22.43 17.95
C THR C 396 17.20 22.29 18.54
N GLY C 397 17.85 21.16 18.24
CA GLY C 397 19.18 20.87 18.75
C GLY C 397 20.18 21.97 18.43
N TYR C 398 20.07 22.56 17.24
CA TYR C 398 20.93 23.66 16.82
C TYR C 398 20.64 24.88 17.69
N ALA C 399 19.36 25.20 17.89
CA ALA C 399 18.96 26.36 18.67
C ALA C 399 19.42 26.21 20.12
N LYS C 400 19.32 24.99 20.66
CA LYS C 400 19.62 24.71 22.06
C LYS C 400 21.14 24.68 22.29
N GLN C 401 21.90 24.21 21.30
CA GLN C 401 23.34 24.07 21.45
C GLN C 401 24.05 25.36 21.02
N GLU C 402 23.28 26.35 20.56
CA GLU C 402 23.81 27.65 20.24
C GLU C 402 23.33 28.69 21.25
N GLU C 403 22.56 28.23 22.26
CA GLU C 403 22.04 29.09 23.31
C GLU C 403 21.25 30.25 22.70
N ILE C 404 20.23 29.93 21.90
CA ILE C 404 19.32 30.92 21.33
C ILE C 404 17.89 30.45 21.62
N ALA C 405 17.08 31.35 22.22
CA ALA C 405 15.70 31.05 22.53
C ALA C 405 14.92 30.87 21.22
N GLY C 406 14.09 29.81 21.17
CA GLY C 406 13.36 29.46 19.96
C GLY C 406 11.85 29.42 20.19
N PHE C 407 11.12 30.14 19.32
CA PHE C 407 9.66 30.16 19.35
C PHE C 407 9.15 29.52 18.05
N PHE C 408 8.40 28.42 18.20
CA PHE C 408 7.89 27.68 17.05
C PHE C 408 6.37 27.65 17.07
N THR C 409 5.77 27.67 15.88
CA THR C 409 4.32 27.67 15.73
C THR C 409 3.89 26.37 15.06
N ASN C 410 2.70 25.90 15.41
CA ASN C 410 2.13 24.71 14.81
C ASN C 410 0.62 24.92 14.67
N THR C 411 0.11 24.82 13.44
CA THR C 411 -1.31 24.87 13.19
C THR C 411 -1.87 23.44 13.24
N SER C 412 -3.00 23.27 13.94
CA SER C 412 -3.64 21.97 14.08
C SER C 412 -4.75 21.83 13.03
N GLU C 413 -4.99 20.58 12.61
CA GLU C 413 -5.87 20.30 11.48
C GLU C 413 -7.33 20.47 11.91
N GLU C 414 -7.63 20.19 13.18
CA GLU C 414 -8.97 20.38 13.72
C GLU C 414 -9.06 21.75 14.37
N PHE C 415 -10.24 22.39 14.27
CA PHE C 415 -10.41 23.75 14.72
C PHE C 415 -11.01 23.80 16.12
N MET C 416 -11.57 22.68 16.59
CA MET C 416 -12.03 22.57 17.97
C MET C 416 -11.99 21.11 18.41
N GLY C 417 -11.38 20.86 19.58
CA GLY C 417 -11.42 19.56 20.21
C GLY C 417 -10.35 18.61 19.70
N SER C 418 -9.19 19.14 19.33
CA SER C 418 -8.03 18.31 19.02
C SER C 418 -7.56 17.63 20.29
N HIS C 419 -7.62 16.29 20.31
CA HIS C 419 -7.25 15.51 21.49
C HIS C 419 -5.73 15.39 21.58
N SER C 420 -5.03 15.78 20.50
CA SER C 420 -3.58 15.77 20.46
C SER C 420 -3.05 17.20 20.44
N ILE C 421 -1.85 17.38 20.97
CA ILE C 421 -1.16 18.67 20.96
C ILE C 421 -0.58 18.89 19.57
N THR C 422 0.25 17.95 19.12
CA THR C 422 0.77 17.97 17.76
C THR C 422 0.35 16.67 17.06
N ASP C 423 0.47 16.66 15.73
CA ASP C 423 0.20 15.48 14.92
C ASP C 423 1.51 14.75 14.62
N SER C 424 2.63 15.49 14.62
CA SER C 424 3.92 14.97 14.22
C SER C 424 4.72 14.43 15.41
N HIS C 425 4.16 14.57 16.63
CA HIS C 425 4.77 14.04 17.83
C HIS C 425 6.10 14.75 18.12
N ILE C 426 6.05 16.07 18.21
CA ILE C 426 7.23 16.89 18.51
C ILE C 426 7.05 17.55 19.88
N THR C 428 7.61 16.24 22.84
CA THR C 428 8.64 15.83 23.79
C THR C 428 9.90 16.68 23.63
N ILE C 429 10.11 17.20 22.41
CA ILE C 429 11.30 17.98 22.09
C ILE C 429 11.16 19.38 22.66
N THR C 430 9.92 19.88 22.76
CA THR C 430 9.68 21.23 23.21
C THR C 430 9.64 21.28 24.74
N ASP C 431 10.05 22.42 25.31
CA ASP C 431 10.14 22.58 26.75
C ASP C 431 8.89 23.30 27.27
N THR C 432 8.46 24.35 26.55
CA THR C 432 7.25 25.09 26.87
C THR C 432 6.22 24.87 25.77
N ILE C 433 4.97 24.58 26.16
CA ILE C 433 3.87 24.47 25.22
C ILE C 433 2.78 25.47 25.58
N LEU C 434 2.43 26.33 24.62
CA LEU C 434 1.27 27.21 24.72
C LEU C 434 0.18 26.69 23.80
N LEU C 435 -0.97 26.31 24.37
CA LEU C 435 -2.10 25.81 23.60
C LEU C 435 -3.13 26.92 23.41
N LEU C 436 -3.39 27.29 22.15
CA LEU C 436 -4.43 28.25 21.81
C LEU C 436 -5.62 27.51 21.21
N GLN C 437 -6.84 27.92 21.58
CA GLN C 437 -8.04 27.25 21.10
C GLN C 437 -9.18 28.24 20.96
N TYR C 438 -10.20 27.83 20.20
CA TYR C 438 -11.48 28.52 20.16
C TYR C 438 -12.42 27.88 21.18
N VAL C 439 -13.26 28.71 21.81
CA VAL C 439 -14.30 28.23 22.69
C VAL C 439 -15.61 28.91 22.30
N GLU C 440 -16.66 28.10 22.07
CA GLU C 440 -17.98 28.63 21.79
C GLU C 440 -18.62 29.09 23.10
N ILE C 441 -18.89 30.39 23.19
CA ILE C 441 -19.57 30.98 24.34
C ILE C 441 -20.73 31.83 23.83
N ARG C 442 -21.96 31.40 24.16
CA ARG C 442 -23.19 32.11 23.84
C ARG C 442 -23.34 32.26 22.33
N GLY C 443 -23.01 31.20 21.59
CA GLY C 443 -23.12 31.18 20.15
C GLY C 443 -22.10 32.09 19.46
N GLU C 444 -21.02 32.42 20.18
CA GLU C 444 -19.93 33.22 19.63
C GLU C 444 -18.61 32.51 19.89
N MET C 445 -17.69 32.62 18.91
CA MET C 445 -16.39 32.00 19.02
C MET C 445 -15.49 32.89 19.89
N ALA C 446 -15.23 32.45 21.12
CA ALA C 446 -14.23 33.08 21.97
C ALA C 446 -12.90 32.35 21.78
N ARG C 447 -11.84 32.86 22.44
CA ARG C 447 -10.52 32.26 22.38
C ARG C 447 -10.01 32.05 23.80
N ALA C 448 -9.15 31.03 23.98
CA ALA C 448 -8.57 30.73 25.27
C ALA C 448 -7.10 30.36 25.09
N LEU C 449 -6.30 30.68 26.12
CA LEU C 449 -4.86 30.43 26.12
C LEU C 449 -4.51 29.63 27.37
N ASN C 450 -3.64 28.62 27.19
CA ASN C 450 -3.22 27.75 28.27
C ASN C 450 -1.72 27.51 28.15
N VAL C 451 -0.99 27.63 29.27
CA VAL C 451 0.38 27.18 29.34
C VAL C 451 0.33 25.69 29.67
N PHE C 452 0.33 24.86 28.63
CA PHE C 452 0.10 23.43 28.78
C PHE C 452 1.25 22.77 29.53
N LYS C 453 2.48 23.18 29.20
CA LYS C 453 3.68 22.62 29.80
C LYS C 453 4.73 23.71 29.97
N MET C 454 5.45 23.65 31.09
CA MET C 454 6.58 24.53 31.33
C MET C 454 7.61 23.76 32.16
N ARG C 455 8.57 23.15 31.46
CA ARG C 455 9.67 22.46 32.12
C ARG C 455 10.45 23.47 32.96
N GLY C 456 10.73 23.08 34.21
CA GLY C 456 11.65 23.81 35.06
C GLY C 456 10.99 24.99 35.79
N SER C 457 9.66 25.11 35.70
CA SER C 457 8.95 26.22 36.33
C SER C 457 7.52 25.85 36.67
N TRP C 458 6.97 26.57 37.65
CA TRP C 458 5.53 26.62 37.88
C TRP C 458 4.88 27.39 36.73
N HIS C 459 3.61 27.08 36.46
CA HIS C 459 2.84 27.84 35.49
C HIS C 459 1.38 27.87 35.92
N ASP C 460 0.66 28.88 35.43
CA ASP C 460 -0.77 28.98 35.62
C ASP C 460 -1.39 27.81 34.84
N LYS C 461 -2.36 27.13 35.48
CA LYS C 461 -2.98 25.97 34.87
C LYS C 461 -4.29 26.38 34.20
N GLY C 462 -4.63 27.67 34.28
CA GLY C 462 -5.91 28.16 33.79
C GLY C 462 -5.98 28.16 32.27
N ILE C 463 -7.16 27.79 31.75
CA ILE C 463 -7.49 27.95 30.34
C ILE C 463 -8.14 29.32 30.19
N ARG C 464 -7.31 30.36 30.10
CA ARG C 464 -7.74 31.74 30.29
C ARG C 464 -8.09 32.38 28.96
N GLU C 465 -9.26 33.04 28.91
CA GLU C 465 -9.71 33.69 27.70
C GLU C 465 -8.75 34.82 27.32
N PHE C 466 -8.67 35.12 26.03
CA PHE C 466 -7.97 36.30 25.55
C PHE C 466 -8.72 36.88 24.37
N VAL C 467 -8.47 38.18 24.13
CA VAL C 467 -9.11 38.93 23.07
C VAL C 467 -8.02 39.68 22.31
N ILE C 468 -7.97 39.49 20.98
CA ILE C 468 -7.01 40.21 20.15
C ILE C 468 -7.59 41.59 19.85
N THR C 469 -6.78 42.62 20.10
CA THR C 469 -7.16 44.01 19.85
C THR C 469 -6.13 44.66 18.94
N GLY C 470 -6.20 45.99 18.83
CA GLY C 470 -5.24 46.77 18.06
C GLY C 470 -3.91 46.94 18.78
N ASN C 471 -3.91 46.81 20.12
CA ASN C 471 -2.71 47.01 20.91
C ASN C 471 -2.02 45.67 21.18
N GLY C 472 -2.76 44.57 21.00
CA GLY C 472 -2.18 43.24 21.12
C GLY C 472 -3.15 42.25 21.79
N PRO C 473 -2.64 41.17 22.41
CA PRO C 473 -3.49 40.25 23.17
C PRO C 473 -3.79 40.76 24.57
N GLU C 474 -5.02 40.53 25.05
CA GLU C 474 -5.42 40.89 26.40
C GLU C 474 -6.00 39.65 27.09
N ILE C 475 -5.16 39.00 27.91
CA ILE C 475 -5.52 37.75 28.56
C ILE C 475 -6.40 38.07 29.78
N LYS C 476 -7.48 37.31 29.92
CA LYS C 476 -8.48 37.54 30.95
C LYS C 476 -8.56 36.31 31.86
N ASP C 477 -9.74 36.07 32.45
CA ASP C 477 -9.92 35.02 33.43
C ASP C 477 -10.34 33.72 32.75
N SER C 478 -10.26 32.61 33.51
CA SER C 478 -10.68 31.30 33.03
C SER C 478 -12.20 31.23 33.03
N PHE C 479 -12.74 30.23 32.33
CA PHE C 479 -14.18 30.00 32.27
C PHE C 479 -14.57 29.05 33.39
N SER C 480 -14.61 29.58 34.62
CA SER C 480 -14.76 28.79 35.83
C SER C 480 -16.18 28.21 35.96
N ASN C 481 -17.13 28.75 35.20
CA ASN C 481 -18.53 28.34 35.31
C ASN C 481 -18.91 27.44 34.13
N PHE C 482 -17.91 26.80 33.50
CA PHE C 482 -18.14 25.99 32.31
C PHE C 482 -17.44 24.63 32.45
N GLU C 483 -17.98 23.63 31.74
CA GLU C 483 -17.36 22.31 31.59
C GLU C 483 -17.09 22.05 30.11
N ARG C 484 -16.22 21.06 29.84
CA ARG C 484 -15.94 20.60 28.49
C ARG C 484 -15.33 21.73 27.65
N ILE C 485 -14.52 22.58 28.29
CA ILE C 485 -13.95 23.75 27.64
C ILE C 485 -12.92 23.32 26.59
N ILE C 486 -12.16 22.26 26.90
CA ILE C 486 -11.09 21.79 26.02
C ILE C 486 -11.68 21.17 24.76
N SER C 487 -12.93 20.69 24.84
CA SER C 487 -13.61 20.17 23.67
C SER C 487 -13.88 21.30 22.67
N GLY C 488 -13.99 22.52 23.19
CA GLY C 488 -14.28 23.69 22.37
C GLY C 488 -15.77 23.99 22.31
N VAL C 489 -16.59 22.99 22.70
CA VAL C 489 -18.04 23.12 22.76
C VAL C 489 -18.47 22.88 24.20
N PRO C 490 -18.42 23.92 25.06
CA PRO C 490 -18.65 23.77 26.50
C PRO C 490 -20.12 23.66 26.90
N HIS C 491 -20.35 23.56 28.22
CA HIS C 491 -21.68 23.56 28.80
C HIS C 491 -21.67 24.45 30.04
N ARG C 492 -22.67 25.35 30.14
CA ARG C 492 -22.81 26.24 31.28
C ARG C 492 -23.39 25.45 32.46
N ILE C 493 -22.81 25.66 33.65
CA ILE C 493 -23.22 24.95 34.86
C ILE C 493 -24.19 25.86 35.63
N GLN D 13 33.58 30.17 -12.57
CA GLN D 13 33.99 30.75 -13.87
C GLN D 13 33.23 30.09 -15.04
N VAL D 14 32.14 29.37 -14.73
CA VAL D 14 31.32 28.75 -15.76
C VAL D 14 30.18 29.70 -16.09
N GLN D 15 30.19 30.23 -17.33
CA GLN D 15 29.20 31.20 -17.77
C GLN D 15 28.07 30.46 -18.47
N LYS D 16 26.92 31.12 -18.61
CA LYS D 16 25.71 30.50 -19.12
C LYS D 16 25.12 31.34 -20.25
N LEU D 17 24.35 30.67 -21.12
CA LEU D 17 23.68 31.31 -22.24
C LEU D 17 22.17 31.20 -22.02
N PRO D 18 21.41 32.31 -21.97
CA PRO D 18 19.95 32.24 -21.90
C PRO D 18 19.37 31.45 -23.07
N THR D 19 18.43 30.55 -22.78
CA THR D 19 17.69 29.82 -23.81
C THR D 19 16.54 30.68 -24.33
N GLY D 20 16.11 31.66 -23.52
CA GLY D 20 14.98 32.51 -23.86
C GLY D 20 13.65 31.87 -23.50
N ILE D 21 13.68 30.63 -23.00
CA ILE D 21 12.48 29.90 -22.62
C ILE D 21 12.08 30.35 -21.22
N GLU D 22 10.81 30.75 -21.07
CA GLU D 22 10.31 31.28 -19.82
C GLU D 22 10.35 30.18 -18.74
N GLY D 23 11.26 30.35 -17.77
CA GLY D 23 11.31 29.47 -16.61
C GLY D 23 12.52 28.55 -16.63
N PHE D 24 12.94 28.12 -17.83
CA PHE D 24 14.06 27.21 -17.98
C PHE D 24 15.33 27.87 -17.44
N ASP D 25 15.51 29.15 -17.77
CA ASP D 25 16.65 29.92 -17.31
C ASP D 25 16.64 29.98 -15.78
N ASP D 26 15.46 30.12 -15.17
CA ASP D 26 15.33 30.17 -13.73
C ASP D 26 15.77 28.85 -13.11
N VAL D 27 15.30 27.73 -13.67
CA VAL D 27 15.59 26.40 -13.15
C VAL D 27 17.08 26.10 -13.36
N CYS D 28 17.68 26.70 -14.41
CA CYS D 28 19.10 26.54 -14.69
C CYS D 28 19.96 27.60 -13.99
N HIS D 29 19.34 28.44 -13.14
CA HIS D 29 20.04 29.56 -12.52
C HIS D 29 20.78 30.39 -13.56
N GLY D 30 20.10 30.74 -14.66
CA GLY D 30 20.64 31.65 -15.65
C GLY D 30 20.61 31.09 -17.08
N GLY D 31 20.78 29.77 -17.22
CA GLY D 31 20.73 29.12 -18.53
C GLY D 31 21.77 28.00 -18.66
N LEU D 32 21.96 27.54 -19.90
CA LEU D 32 22.85 26.43 -20.21
C LEU D 32 24.30 26.93 -20.31
N PRO D 33 25.28 26.24 -19.70
CA PRO D 33 26.68 26.65 -19.78
C PRO D 33 27.19 26.84 -21.21
N ILE D 34 27.89 27.96 -21.44
CA ILE D 34 28.34 28.34 -22.78
C ILE D 34 29.51 27.45 -23.18
N GLY D 35 29.62 27.17 -24.48
CA GLY D 35 30.73 26.42 -25.02
C GLY D 35 30.64 24.92 -24.75
N ARG D 36 29.58 24.49 -24.02
CA ARG D 36 29.44 23.11 -23.60
C ARG D 36 28.23 22.49 -24.30
N SER D 37 28.11 21.17 -24.17
CA SER D 37 27.00 20.44 -24.74
C SER D 37 26.05 20.01 -23.62
N THR D 38 24.74 20.14 -23.88
CA THR D 38 23.70 19.76 -22.94
C THR D 38 22.88 18.63 -23.55
N LEU D 39 22.67 17.56 -22.78
CA LEU D 39 21.85 16.45 -23.19
C LEU D 39 20.41 16.68 -22.72
N ILE D 40 19.47 16.68 -23.67
CA ILE D 40 18.05 16.67 -23.34
C ILE D 40 17.52 15.27 -23.64
N SER D 41 17.01 14.59 -22.60
CA SER D 41 16.57 13.22 -22.73
C SER D 41 15.08 13.12 -22.42
N GLY D 42 14.38 12.23 -23.14
CA GLY D 42 12.97 12.02 -22.90
C GLY D 42 12.39 10.90 -23.77
N THR D 43 11.22 10.40 -23.35
CA THR D 43 10.42 9.48 -24.14
C THR D 43 9.81 10.24 -25.33
N SER D 44 9.17 9.49 -26.23
CA SER D 44 8.58 10.04 -27.44
C SER D 44 7.47 11.03 -27.09
N GLY D 45 7.62 12.28 -27.57
CA GLY D 45 6.59 13.29 -27.42
C GLY D 45 6.72 14.06 -26.10
N THR D 46 7.97 14.27 -25.64
CA THR D 46 8.23 14.98 -24.39
C THR D 46 8.57 16.44 -24.64
N GLY D 47 9.00 16.79 -25.86
CA GLY D 47 9.25 18.17 -26.22
C GLY D 47 10.72 18.46 -26.54
N LYS D 48 11.47 17.40 -26.88
CA LYS D 48 12.90 17.52 -27.12
C LYS D 48 13.15 18.38 -28.36
N THR D 49 12.43 18.08 -29.44
CA THR D 49 12.57 18.83 -30.69
C THR D 49 12.12 20.27 -30.48
N VAL D 50 10.97 20.43 -29.81
CA VAL D 50 10.41 21.74 -29.53
C VAL D 50 11.39 22.57 -28.71
N PHE D 51 12.00 21.95 -27.69
CA PHE D 51 12.95 22.66 -26.83
C PHE D 51 14.18 23.06 -27.64
N SER D 52 14.66 22.16 -28.49
CA SER D 52 15.88 22.41 -29.25
C SER D 52 15.68 23.54 -30.26
N LEU D 53 14.50 23.59 -30.88
CA LEU D 53 14.15 24.65 -31.82
C LEU D 53 14.06 25.98 -31.07
N HIS D 54 13.43 25.96 -29.91
CA HIS D 54 13.27 27.12 -29.04
C HIS D 54 14.64 27.74 -28.76
N PHE D 55 15.59 26.88 -28.39
CA PHE D 55 16.96 27.27 -28.04
C PHE D 55 17.63 28.03 -29.18
N LEU D 56 17.43 27.57 -30.42
CA LEU D 56 18.03 28.21 -31.58
C LEU D 56 17.28 29.49 -31.92
N HIS D 57 15.95 29.43 -31.85
CA HIS D 57 15.11 30.53 -32.29
C HIS D 57 15.43 31.79 -31.48
N ASN D 58 15.55 31.64 -30.16
CA ASN D 58 15.76 32.79 -29.27
C ASN D 58 17.19 33.31 -29.46
N GLY D 59 18.11 32.40 -29.79
CA GLY D 59 19.48 32.78 -30.11
C GLY D 59 19.52 33.86 -31.20
N ILE D 60 18.72 33.67 -32.25
CA ILE D 60 18.81 34.49 -33.46
C ILE D 60 17.97 35.75 -33.28
N LYS D 61 16.83 35.61 -32.60
CA LYS D 61 15.89 36.72 -32.43
C LYS D 61 16.46 37.74 -31.44
N HIS D 62 16.92 37.25 -30.28
CA HIS D 62 17.20 38.11 -29.13
C HIS D 62 18.70 38.40 -28.96
N PHE D 63 19.55 37.59 -29.59
CA PHE D 63 21.00 37.77 -29.44
C PHE D 63 21.69 37.75 -30.80
N ASP D 64 20.92 37.52 -31.87
CA ASP D 64 21.45 37.47 -33.23
C ASP D 64 22.62 36.50 -33.30
N GLU D 65 22.43 35.30 -32.72
CA GLU D 65 23.40 34.23 -32.79
C GLU D 65 22.90 33.17 -33.77
N PRO D 66 23.56 33.00 -34.94
CA PRO D 66 23.17 31.97 -35.90
C PRO D 66 23.22 30.57 -35.30
N GLY D 67 22.35 29.68 -35.80
CA GLY D 67 22.21 28.36 -35.23
C GLY D 67 22.07 27.28 -36.30
N ILE D 68 22.45 26.06 -35.94
CA ILE D 68 22.42 24.92 -36.85
C ILE D 68 21.60 23.82 -36.19
N PHE D 69 20.67 23.24 -36.97
CA PHE D 69 19.86 22.13 -36.53
C PHE D 69 20.20 20.92 -37.39
N VAL D 70 20.80 19.91 -36.76
CA VAL D 70 21.22 18.68 -37.44
C VAL D 70 20.11 17.64 -37.27
N THR D 71 19.60 17.12 -38.39
CA THR D 71 18.51 16.15 -38.37
C THR D 71 18.94 14.86 -39.06
N PHE D 72 18.59 13.72 -38.44
CA PHE D 72 18.95 12.42 -38.96
C PHE D 72 17.70 11.67 -39.45
N GLU D 73 16.52 12.31 -39.39
CA GLU D 73 15.28 11.64 -39.70
C GLU D 73 14.26 12.65 -40.25
N GLU D 74 13.81 13.57 -39.40
CA GLU D 74 12.86 14.59 -39.81
C GLU D 74 13.46 15.42 -40.95
N SER D 75 12.73 15.48 -42.08
CA SER D 75 13.16 16.30 -43.20
C SER D 75 13.14 17.77 -42.79
N PRO D 76 14.03 18.62 -43.35
CA PRO D 76 14.00 20.06 -43.11
C PRO D 76 12.63 20.72 -43.27
N LEU D 77 11.90 20.34 -44.33
CA LEU D 77 10.62 20.94 -44.66
C LEU D 77 9.59 20.61 -43.58
N ASP D 78 9.68 19.40 -43.01
CA ASP D 78 8.75 18.95 -41.99
C ASP D 78 9.05 19.65 -40.66
N ILE D 79 10.33 19.88 -40.39
CA ILE D 79 10.76 20.54 -39.16
C ILE D 79 10.18 21.96 -39.12
N LEU D 80 10.23 22.65 -40.26
CA LEU D 80 9.71 24.01 -40.36
C LEU D 80 8.18 23.98 -40.27
N ARG D 81 7.56 22.97 -40.90
CA ARG D 81 6.11 22.83 -40.88
C ARG D 81 5.62 22.52 -39.46
N ASN D 82 6.35 21.64 -38.75
CA ASN D 82 5.99 21.22 -37.42
C ASN D 82 6.28 22.32 -36.39
N ALA D 83 7.02 23.36 -36.80
CA ALA D 83 7.32 24.48 -35.93
C ALA D 83 6.50 25.72 -36.32
N ALA D 84 5.62 25.58 -37.32
CA ALA D 84 4.90 26.71 -37.89
C ALA D 84 3.86 27.26 -36.91
N SER D 85 3.33 26.42 -36.04
CA SER D 85 2.26 26.82 -35.12
C SER D 85 2.83 27.25 -33.76
N PHE D 86 3.99 27.93 -33.78
CA PHE D 86 4.54 28.55 -32.58
C PHE D 86 4.73 30.04 -32.79
N GLY D 87 4.44 30.55 -34.00
CA GLY D 87 4.48 31.97 -34.30
C GLY D 87 5.90 32.48 -34.57
N TRP D 88 6.77 31.60 -35.08
CA TRP D 88 8.17 31.92 -35.31
C TRP D 88 8.42 32.15 -36.80
N ASN D 89 9.24 33.15 -37.12
CA ASN D 89 9.61 33.42 -38.50
C ASN D 89 10.86 32.62 -38.86
N LEU D 90 10.72 31.29 -38.93
CA LEU D 90 11.85 30.40 -39.18
C LEU D 90 12.21 30.40 -40.66
N GLN D 91 11.18 30.36 -41.53
CA GLN D 91 11.38 30.34 -42.97
C GLN D 91 12.26 31.51 -43.41
N GLU D 92 12.06 32.68 -42.78
CA GLU D 92 12.78 33.88 -43.15
C GLU D 92 14.19 33.86 -42.57
N MET D 93 14.33 33.29 -41.37
CA MET D 93 15.63 33.13 -40.74
C MET D 93 16.50 32.20 -41.59
N VAL D 94 15.89 31.16 -42.17
CA VAL D 94 16.59 30.24 -43.05
C VAL D 94 17.02 31.01 -44.31
N GLU D 95 16.09 31.80 -44.86
CA GLU D 95 16.33 32.55 -46.07
C GLU D 95 17.41 33.61 -45.87
N GLN D 96 17.52 34.13 -44.63
CA GLN D 96 18.47 35.17 -44.30
C GLN D 96 19.75 34.57 -43.71
N ASP D 97 19.93 33.25 -43.81
CA ASP D 97 21.17 32.58 -43.48
C ASP D 97 21.45 32.67 -41.97
N LYS D 98 20.38 32.72 -41.18
CA LYS D 98 20.47 32.84 -39.74
C LYS D 98 20.22 31.48 -39.08
N LEU D 99 19.47 30.62 -39.79
CA LEU D 99 19.22 29.25 -39.36
C LEU D 99 19.52 28.31 -40.51
N PHE D 100 20.29 27.25 -40.23
CA PHE D 100 20.61 26.25 -41.22
C PHE D 100 20.24 24.87 -40.68
N ILE D 101 19.35 24.18 -41.41
CA ILE D 101 19.01 22.81 -41.09
C ILE D 101 19.89 21.89 -41.95
N LEU D 102 20.71 21.08 -41.29
CA LEU D 102 21.62 20.17 -41.96
C LEU D 102 21.02 18.76 -41.96
N ASP D 103 20.61 18.29 -43.16
CA ASP D 103 20.04 16.96 -43.31
C ASP D 103 21.16 15.93 -43.28
N ALA D 104 21.05 14.96 -42.38
CA ALA D 104 22.02 13.88 -42.27
C ALA D 104 21.29 12.54 -42.19
N SER D 105 20.19 12.42 -42.94
CA SER D 105 19.37 11.23 -42.95
C SER D 105 20.11 10.07 -43.63
N PHE D 117 33.61 5.53 -40.09
CA PHE D 117 34.07 6.95 -40.16
C PHE D 117 32.92 7.84 -40.62
N ASP D 118 31.76 7.69 -39.98
CA ASP D 118 30.59 8.49 -40.27
C ASP D 118 30.56 9.71 -39.34
N LEU D 119 31.07 9.54 -38.11
CA LEU D 119 31.05 10.60 -37.11
C LEU D 119 32.10 11.65 -37.46
N SER D 120 33.24 11.19 -37.99
CA SER D 120 34.30 12.08 -38.46
C SER D 120 33.80 12.88 -39.67
N GLY D 121 32.95 12.25 -40.49
CA GLY D 121 32.33 12.91 -41.62
C GLY D 121 31.28 13.93 -41.18
N LEU D 122 30.42 13.52 -40.23
CA LEU D 122 29.41 14.40 -39.68
C LEU D 122 30.08 15.60 -39.01
N ILE D 123 31.12 15.34 -38.21
CA ILE D 123 31.82 16.37 -37.46
C ILE D 123 32.32 17.46 -38.41
N GLU D 124 33.01 17.05 -39.48
CA GLU D 124 33.60 17.99 -40.44
C GLU D 124 32.49 18.73 -41.18
N ARG D 125 31.36 18.07 -41.39
CA ARG D 125 30.21 18.65 -42.09
C ARG D 125 29.55 19.72 -41.22
N ILE D 126 29.44 19.46 -39.91
CA ILE D 126 28.89 20.43 -38.97
C ILE D 126 29.85 21.61 -38.86
N ASN D 127 31.14 21.31 -38.73
CA ASN D 127 32.19 22.31 -38.63
C ASN D 127 32.12 23.28 -39.81
N TYR D 128 31.90 22.74 -41.01
CA TYR D 128 31.77 23.55 -42.21
C TYR D 128 30.64 24.55 -42.04
N ALA D 129 29.46 24.05 -41.66
CA ALA D 129 28.27 24.86 -41.49
C ALA D 129 28.47 25.93 -40.43
N ILE D 130 29.16 25.58 -39.32
CA ILE D 130 29.41 26.53 -38.25
C ILE D 130 30.22 27.70 -38.80
N ARG D 131 31.31 27.40 -39.50
CA ARG D 131 32.22 28.42 -40.03
C ARG D 131 31.53 29.24 -41.11
N LYS D 132 30.72 28.57 -41.95
CA LYS D 132 30.04 29.22 -43.07
C LYS D 132 28.99 30.19 -42.55
N TYR D 133 28.18 29.76 -41.57
CA TYR D 133 27.08 30.56 -41.05
C TYR D 133 27.50 31.31 -39.79
N LYS D 134 28.73 31.06 -39.30
CA LYS D 134 29.24 31.72 -38.11
C LYS D 134 28.36 31.39 -36.90
N ALA D 135 28.07 30.10 -36.71
CA ALA D 135 27.07 29.63 -35.76
C ALA D 135 27.65 29.62 -34.35
N LYS D 136 26.79 29.94 -33.37
CA LYS D 136 27.14 29.94 -31.96
C LYS D 136 26.31 28.90 -31.20
N ARG D 137 25.16 28.50 -31.77
CA ARG D 137 24.28 27.52 -31.15
C ARG D 137 24.06 26.37 -32.12
N VAL D 138 24.11 25.13 -31.61
CA VAL D 138 23.85 23.95 -32.42
C VAL D 138 22.85 23.06 -31.69
N ALA D 139 21.95 22.42 -32.46
CA ALA D 139 21.05 21.41 -31.97
C ALA D 139 21.27 20.12 -32.75
N ILE D 140 21.34 18.99 -32.03
CA ILE D 140 21.48 17.69 -32.65
C ILE D 140 20.32 16.81 -32.19
N ASP D 141 19.55 16.29 -33.15
CA ASP D 141 18.27 15.64 -32.87
C ASP D 141 18.02 14.55 -33.92
N SER D 142 18.22 13.27 -33.58
CA SER D 142 18.66 12.79 -32.28
C SER D 142 19.91 11.91 -32.45
N ILE D 143 20.78 11.93 -31.44
CA ILE D 143 22.05 11.22 -31.51
C ILE D 143 21.81 9.72 -31.43
N THR D 144 20.75 9.31 -30.70
CA THR D 144 20.41 7.91 -30.56
C THR D 144 20.42 7.24 -31.93
N ALA D 145 19.70 7.83 -32.89
CA ALA D 145 19.50 7.27 -34.22
C ALA D 145 20.85 6.92 -34.87
N VAL D 146 21.87 7.74 -34.63
CA VAL D 146 23.19 7.53 -35.22
C VAL D 146 23.80 6.24 -34.65
N PHE D 147 23.77 6.09 -33.32
CA PHE D 147 24.51 5.04 -32.65
C PHE D 147 23.82 3.68 -32.78
N GLN D 148 22.52 3.70 -33.10
CA GLN D 148 21.78 2.46 -33.28
C GLN D 148 22.31 1.70 -34.49
N GLN D 149 22.95 2.42 -35.43
CA GLN D 149 23.56 1.83 -36.61
C GLN D 149 24.18 0.48 -36.26
N TYR D 150 25.12 0.49 -35.31
CA TYR D 150 25.74 -0.74 -34.80
C TYR D 150 26.87 -0.38 -33.85
N ASP D 151 26.53 0.35 -32.77
CA ASP D 151 27.52 0.82 -31.82
C ASP D 151 27.26 0.19 -30.45
N ALA D 152 28.31 -0.35 -29.85
CA ALA D 152 28.25 -0.90 -28.50
C ALA D 152 28.61 0.19 -27.49
N VAL D 153 28.33 -0.08 -26.21
CA VAL D 153 28.45 0.90 -25.13
C VAL D 153 29.86 1.48 -25.10
N SER D 154 30.87 0.65 -25.38
CA SER D 154 32.24 1.10 -25.46
C SER D 154 32.44 2.07 -26.62
N VAL D 155 31.78 1.78 -27.76
CA VAL D 155 31.92 2.59 -28.97
C VAL D 155 31.14 3.89 -28.78
N VAL D 156 29.93 3.79 -28.24
CA VAL D 156 29.08 4.94 -28.01
C VAL D 156 29.81 5.95 -27.13
N ARG D 157 30.42 5.47 -26.04
CA ARG D 157 31.05 6.35 -25.07
C ARG D 157 32.19 7.15 -25.71
N ARG D 158 33.02 6.48 -26.51
CA ARG D 158 34.16 7.14 -27.14
C ARG D 158 33.69 8.09 -28.24
N GLU D 159 32.58 7.74 -28.92
CA GLU D 159 32.11 8.51 -30.06
C GLU D 159 31.40 9.78 -29.61
N ILE D 160 30.55 9.68 -28.58
CA ILE D 160 29.90 10.85 -28.02
C ILE D 160 30.97 11.81 -27.50
N PHE D 161 31.98 11.27 -26.81
CA PHE D 161 33.03 12.07 -26.21
C PHE D 161 33.78 12.88 -27.28
N ARG D 162 34.00 12.27 -28.45
CA ARG D 162 34.64 12.95 -29.56
C ARG D 162 33.77 14.10 -30.02
N LEU D 163 32.50 13.81 -30.32
CA LEU D 163 31.59 14.81 -30.86
C LEU D 163 31.48 15.98 -29.87
N ILE D 164 31.38 15.68 -28.58
CA ILE D 164 31.27 16.68 -27.54
C ILE D 164 32.54 17.51 -27.47
N ALA D 165 33.71 16.84 -27.53
CA ALA D 165 34.99 17.51 -27.41
C ALA D 165 35.24 18.44 -28.59
N ARG D 166 34.97 17.95 -29.81
CA ARG D 166 35.15 18.73 -31.03
C ARG D 166 34.23 19.95 -31.00
N LEU D 167 32.97 19.75 -30.61
CA LEU D 167 32.00 20.83 -30.51
C LEU D 167 32.47 21.88 -29.51
N LYS D 168 33.18 21.45 -28.47
CA LYS D 168 33.80 22.36 -27.51
C LYS D 168 35.00 23.05 -28.16
N GLU D 169 35.62 22.40 -29.15
CA GLU D 169 36.78 22.96 -29.85
C GLU D 169 36.33 24.10 -30.77
N ILE D 170 35.24 23.89 -31.51
CA ILE D 170 34.72 24.91 -32.41
C ILE D 170 34.29 26.11 -31.58
N GLY D 171 33.81 25.85 -30.36
CA GLY D 171 33.41 26.89 -29.43
C GLY D 171 31.91 27.19 -29.52
N VAL D 172 31.11 26.13 -29.65
CA VAL D 172 29.68 26.24 -29.83
C VAL D 172 28.99 25.78 -28.53
N THR D 173 27.78 26.30 -28.29
CA THR D 173 26.91 25.77 -27.26
C THR D 173 25.94 24.81 -27.95
N THR D 174 25.87 23.57 -27.44
CA THR D 174 25.17 22.51 -28.14
C THR D 174 24.05 21.94 -27.26
N VAL D 175 22.95 21.60 -27.92
CA VAL D 175 21.86 20.84 -27.34
C VAL D 175 21.75 19.52 -28.10
N MET D 176 21.89 18.39 -27.38
CA MET D 176 21.85 17.07 -27.98
C MET D 176 20.66 16.30 -27.40
N THR D 177 19.87 15.68 -28.29
CA THR D 177 18.67 14.98 -27.89
C THR D 177 18.93 13.47 -27.83
N THR D 178 18.44 12.81 -26.77
CA THR D 178 18.45 11.36 -26.66
C THR D 178 17.06 10.85 -26.33
N GLU D 179 16.84 9.56 -26.65
CA GLU D 179 15.56 8.90 -26.46
C GLU D 179 15.61 8.02 -25.20
N ARG D 180 14.45 7.89 -24.54
CA ARG D 180 14.28 6.98 -23.41
C ARG D 180 13.09 6.08 -23.71
N ILE D 181 12.96 5.01 -22.92
CA ILE D 181 11.84 4.09 -23.03
C ILE D 181 10.91 4.25 -21.83
N ASP D 182 11.49 4.38 -20.64
CA ASP D 182 10.73 4.55 -19.41
C ASP D 182 10.77 6.02 -18.98
N GLU D 183 9.92 6.36 -18.00
CA GLU D 183 9.86 7.70 -17.45
C GLU D 183 10.79 7.79 -16.23
N TYR D 184 10.68 6.80 -15.34
CA TYR D 184 11.52 6.73 -14.14
C TYR D 184 12.44 5.53 -14.25
N GLY D 185 13.37 5.60 -15.21
CA GLY D 185 14.36 4.56 -15.45
C GLY D 185 15.61 5.13 -16.08
N PRO D 186 16.37 4.35 -16.90
CA PRO D 186 17.58 4.85 -17.55
C PRO D 186 17.37 6.21 -18.20
N ILE D 187 18.31 7.12 -17.95
CA ILE D 187 18.21 8.53 -18.35
C ILE D 187 18.31 8.63 -19.87
N ALA D 188 19.12 7.75 -20.47
CA ALA D 188 19.23 7.65 -21.91
C ALA D 188 18.99 6.19 -22.31
N ARG D 189 19.74 5.67 -23.28
CA ARG D 189 19.53 4.30 -23.74
C ARG D 189 20.65 3.37 -23.31
N TYR D 190 21.91 3.84 -23.37
CA TYR D 190 23.06 2.95 -23.24
C TYR D 190 23.70 3.08 -21.86
N GLY D 191 23.19 3.99 -21.02
CA GLY D 191 23.72 4.21 -19.68
C GLY D 191 25.13 4.78 -19.71
N VAL D 192 25.40 5.66 -20.68
CA VAL D 192 26.73 6.19 -20.92
C VAL D 192 26.67 7.69 -21.21
N GLU D 193 25.62 8.11 -21.92
CA GLU D 193 25.49 9.46 -22.44
C GLU D 193 25.46 10.50 -21.31
N GLU D 194 24.94 10.11 -20.15
CA GLU D 194 24.76 11.04 -19.03
C GLU D 194 26.09 11.32 -18.36
N PHE D 195 26.94 10.29 -18.26
CA PHE D 195 28.21 10.39 -17.57
C PHE D 195 29.27 11.06 -18.45
N VAL D 196 28.99 11.15 -19.75
CA VAL D 196 29.90 11.82 -20.68
C VAL D 196 29.51 13.29 -20.80
N SER D 197 28.23 13.60 -20.59
CA SER D 197 27.73 14.95 -20.76
C SER D 197 27.98 15.76 -19.49
N ASP D 198 28.37 17.03 -19.67
CA ASP D 198 28.55 17.96 -18.57
C ASP D 198 27.19 18.33 -17.98
N ASN D 199 26.18 18.44 -18.86
CA ASN D 199 24.89 18.98 -18.52
C ASN D 199 23.80 18.02 -19.00
N VAL D 200 22.85 17.70 -18.13
CA VAL D 200 21.81 16.73 -18.44
C VAL D 200 20.45 17.31 -18.05
N VAL D 201 19.52 17.24 -19.01
CA VAL D 201 18.15 17.68 -18.83
C VAL D 201 17.23 16.49 -19.14
N ILE D 202 16.22 16.28 -18.29
CA ILE D 202 15.27 15.20 -18.50
C ILE D 202 13.88 15.82 -18.70
N LEU D 203 13.24 15.49 -19.83
CA LEU D 203 11.84 15.79 -20.05
C LEU D 203 11.04 14.51 -19.78
N ARG D 204 9.96 14.64 -19.00
CA ARG D 204 9.11 13.51 -18.67
C ARG D 204 7.65 13.81 -19.01
N ASN D 205 6.90 12.74 -19.25
CA ASN D 205 5.49 12.82 -19.59
C ASN D 205 4.78 11.67 -18.88
N VAL D 206 4.40 11.90 -17.61
CA VAL D 206 4.02 10.83 -16.72
C VAL D 206 2.51 10.66 -16.76
N LEU D 207 2.06 9.40 -16.71
CA LEU D 207 0.66 9.05 -16.77
C LEU D 207 0.21 8.55 -15.40
N GLU D 208 -0.64 9.33 -14.73
CA GLU D 208 -1.25 8.94 -13.47
C GLU D 208 -2.72 9.33 -13.47
N GLY D 209 -3.59 8.33 -13.26
CA GLY D 209 -5.02 8.56 -13.26
C GLY D 209 -5.55 8.95 -14.63
N GLU D 210 -4.95 8.32 -15.67
CA GLU D 210 -5.35 8.49 -17.05
C GLU D 210 -5.02 9.89 -17.58
N ARG D 211 -4.30 10.70 -16.79
CA ARG D 211 -3.93 12.06 -17.16
C ARG D 211 -2.41 12.15 -17.33
N ARG D 212 -1.96 13.04 -18.21
CA ARG D 212 -0.54 13.25 -18.44
C ARG D 212 -0.09 14.55 -17.80
N ARG D 213 1.15 14.55 -17.27
CA ARG D 213 1.76 15.73 -16.67
C ARG D 213 3.19 15.84 -17.20
N ARG D 214 3.46 16.93 -17.93
CA ARG D 214 4.79 17.24 -18.44
C ARG D 214 5.62 17.90 -17.34
N THR D 215 6.88 17.46 -17.18
CA THR D 215 7.78 18.05 -16.20
C THR D 215 9.19 18.17 -16.76
N VAL D 216 9.97 19.09 -16.18
CA VAL D 216 11.34 19.34 -16.55
C VAL D 216 12.22 19.17 -15.31
N GLU D 217 13.38 18.54 -15.47
CA GLU D 217 14.37 18.40 -14.41
C GLU D 217 15.76 18.72 -14.97
N ILE D 218 16.52 19.50 -14.20
CA ILE D 218 17.94 19.68 -14.43
C ILE D 218 18.65 18.75 -13.45
N LEU D 219 19.14 17.62 -13.97
CA LEU D 219 19.77 16.60 -13.16
C LEU D 219 21.16 17.07 -12.75
N LYS D 220 21.90 17.67 -13.69
CA LYS D 220 23.31 17.96 -13.50
C LYS D 220 23.75 19.11 -14.42
N LEU D 221 24.38 20.12 -13.81
CA LEU D 221 25.18 21.11 -14.52
C LEU D 221 26.56 21.16 -13.85
N ARG D 222 27.59 20.63 -14.52
CA ARG D 222 28.93 20.64 -13.96
C ARG D 222 29.39 22.08 -13.78
N GLY D 223 29.94 22.37 -12.60
CA GLY D 223 30.65 23.61 -12.34
C GLY D 223 29.72 24.78 -12.02
N THR D 224 28.42 24.53 -11.84
CA THR D 224 27.47 25.58 -11.52
C THR D 224 26.33 25.04 -10.68
N THR D 225 25.37 25.92 -10.40
CA THR D 225 24.20 25.62 -9.62
C THR D 225 22.98 25.55 -10.54
N HIS D 226 21.92 24.93 -10.03
CA HIS D 226 20.66 24.79 -10.73
C HIS D 226 19.61 24.41 -9.70
N MET D 227 18.34 24.60 -10.07
CA MET D 227 17.24 24.13 -9.23
C MET D 227 17.18 22.61 -9.35
N LYS D 228 16.66 21.96 -8.30
CA LYS D 228 16.66 20.51 -8.22
C LYS D 228 15.22 20.01 -8.27
N GLY D 229 15.02 18.85 -8.90
CA GLY D 229 13.74 18.18 -8.93
C GLY D 229 12.98 18.42 -10.23
N GLU D 230 11.77 17.87 -10.32
CA GLU D 230 10.92 18.03 -11.49
C GLU D 230 10.13 19.32 -11.37
N PHE D 231 9.98 20.04 -12.49
CA PHE D 231 9.18 21.24 -12.54
C PHE D 231 8.13 21.11 -13.65
N PRO D 232 6.82 21.18 -13.31
CA PRO D 232 5.78 21.09 -14.34
C PRO D 232 5.93 22.13 -15.44
N PHE D 233 5.47 21.79 -16.65
CA PHE D 233 5.48 22.72 -17.76
C PHE D 233 4.34 22.39 -18.72
N THR D 234 4.04 23.34 -19.61
CA THR D 234 3.04 23.15 -20.65
C THR D 234 3.59 23.67 -21.97
N MET D 235 3.06 23.17 -23.08
CA MET D 235 3.43 23.65 -24.39
C MET D 235 2.26 24.43 -24.97
N GLY D 236 2.36 25.76 -24.90
CA GLY D 236 1.29 26.67 -25.29
C GLY D 236 1.53 27.31 -26.65
N ALA D 237 1.08 28.56 -26.78
CA ALA D 237 0.97 29.24 -28.05
C ALA D 237 2.34 29.60 -28.61
N HIS D 238 3.20 30.16 -27.75
CA HIS D 238 4.53 30.59 -28.16
C HIS D 238 5.58 29.54 -27.80
N GLY D 239 5.12 28.37 -27.32
CA GLY D 239 5.99 27.23 -27.09
C GLY D 239 5.93 26.73 -25.65
N ILE D 240 7.10 26.40 -25.10
CA ILE D 240 7.22 25.84 -23.77
C ILE D 240 7.08 26.96 -22.74
N SER D 241 6.16 26.76 -21.79
CA SER D 241 6.02 27.61 -20.62
C SER D 241 6.29 26.77 -19.36
N ILE D 242 7.34 27.15 -18.61
CA ILE D 242 7.67 26.50 -17.35
C ILE D 242 7.26 27.42 -16.21
N PHE D 243 6.58 26.85 -15.21
CA PHE D 243 6.19 27.57 -14.00
C PHE D 243 6.96 27.00 -12.81
N PRO D 244 8.17 27.52 -12.49
CA PRO D 244 8.93 27.02 -11.34
C PRO D 244 8.28 27.52 -10.06
N LEU D 245 7.60 26.60 -9.35
CA LEU D 245 6.94 26.91 -8.10
C LEU D 245 7.96 27.31 -7.04
N GLY D 246 9.17 26.73 -7.14
CA GLY D 246 10.28 27.08 -6.26
C GLY D 246 10.78 28.50 -6.49
N ALA D 247 10.61 29.01 -7.72
CA ALA D 247 11.00 30.36 -8.08
C ALA D 247 9.84 31.34 -7.88
N MET D 248 8.94 31.03 -6.95
CA MET D 248 7.96 31.97 -6.46
C MET D 248 8.49 32.60 -5.18
N ARG D 249 8.54 33.94 -5.14
CA ARG D 249 9.04 34.66 -3.99
C ARG D 249 7.87 35.07 -3.10
N LEU D 250 8.08 34.95 -1.78
CA LEU D 250 7.08 35.34 -0.79
C LEU D 250 7.29 36.82 -0.46
N THR D 251 6.92 37.68 -1.42
CA THR D 251 7.18 39.11 -1.34
C THR D 251 6.02 39.91 -1.94
N GLN D 252 4.80 39.34 -1.90
CA GLN D 252 3.62 39.99 -2.47
C GLN D 252 3.23 41.18 -1.58
N ARG D 253 2.80 42.27 -2.22
CA ARG D 253 2.48 43.51 -1.53
C ARG D 253 1.15 43.39 -0.82
N SER D 254 0.91 44.26 0.16
CA SER D 254 -0.24 44.15 1.04
C SER D 254 -0.70 45.55 1.49
N SER D 255 -1.98 45.86 1.22
CA SER D 255 -2.56 47.13 1.59
C SER D 255 -3.74 46.91 2.54
N ASN D 256 -4.31 48.02 3.04
CA ASN D 256 -5.47 47.98 3.91
C ASN D 256 -6.73 48.41 3.16
N VAL D 257 -6.65 48.47 1.82
CA VAL D 257 -7.80 48.85 1.01
C VAL D 257 -8.85 47.74 1.09
N ARG D 258 -10.10 48.13 1.31
CA ARG D 258 -11.21 47.21 1.51
C ARG D 258 -12.02 47.08 0.23
N VAL D 259 -12.71 45.94 0.09
CA VAL D 259 -13.70 45.74 -0.96
C VAL D 259 -14.94 45.14 -0.30
N SER D 260 -16.09 45.22 -1.00
CA SER D 260 -17.35 44.79 -0.43
C SER D 260 -17.67 43.35 -0.85
N SER D 261 -18.39 42.65 0.03
CA SER D 261 -18.80 41.28 -0.17
C SER D 261 -20.07 41.21 -1.04
N GLY D 262 -20.84 42.30 -1.05
CA GLY D 262 -22.18 42.32 -1.63
C GLY D 262 -23.26 42.11 -0.58
N VAL D 263 -22.84 41.89 0.67
CA VAL D 263 -23.74 41.75 1.80
C VAL D 263 -23.23 42.67 2.92
N PRO D 264 -23.83 43.87 3.11
CA PRO D 264 -23.28 44.86 4.04
C PRO D 264 -23.09 44.40 5.48
N ARG D 265 -23.97 43.49 5.95
CA ARG D 265 -23.85 42.96 7.30
C ARG D 265 -22.59 42.08 7.39
N LEU D 266 -22.26 41.40 6.29
CA LEU D 266 -21.04 40.60 6.22
C LEU D 266 -19.84 41.54 6.23
N ASP D 267 -19.98 42.67 5.53
CA ASP D 267 -18.94 43.69 5.49
C ASP D 267 -18.67 44.22 6.89
N GLU D 268 -19.73 44.40 7.68
CA GLU D 268 -19.60 44.86 9.05
C GLU D 268 -18.91 43.78 9.88
N MET D 269 -19.39 42.54 9.73
CA MET D 269 -18.81 41.40 10.43
C MET D 269 -17.33 41.25 10.11
N CYS D 270 -16.94 41.60 8.88
CA CYS D 270 -15.55 41.50 8.44
C CYS D 270 -14.78 42.78 8.76
N GLY D 271 -15.41 43.71 9.49
CA GLY D 271 -14.74 44.89 10.00
C GLY D 271 -14.65 46.00 8.95
N GLY D 272 -15.61 46.03 8.03
CA GLY D 272 -15.65 47.03 6.96
C GLY D 272 -15.44 46.45 5.57
N GLY D 273 -15.60 45.12 5.42
CA GLY D 273 -15.45 44.46 4.12
C GLY D 273 -14.13 43.70 4.02
N PHE D 274 -13.99 42.89 2.97
CA PHE D 274 -12.76 42.15 2.72
C PHE D 274 -11.65 43.11 2.31
N PHE D 275 -10.40 42.67 2.43
CA PHE D 275 -9.27 43.37 1.85
C PHE D 275 -9.16 42.99 0.38
N LYS D 276 -8.78 43.97 -0.46
CA LYS D 276 -8.55 43.72 -1.88
C LYS D 276 -7.39 42.73 -2.02
N ASP D 277 -6.31 42.99 -1.29
CA ASP D 277 -5.15 42.12 -1.28
C ASP D 277 -5.38 41.01 -0.26
N SER D 278 -6.22 40.03 -0.63
CA SER D 278 -6.49 38.91 0.27
C SER D 278 -7.07 37.72 -0.48
N ILE D 279 -6.95 36.54 0.14
CA ILE D 279 -7.58 35.31 -0.34
C ILE D 279 -8.73 34.98 0.61
N ILE D 280 -9.94 34.81 0.06
CA ILE D 280 -11.13 34.51 0.84
C ILE D 280 -11.48 33.03 0.62
N LEU D 281 -11.67 32.29 1.73
CA LEU D 281 -12.16 30.93 1.67
C LEU D 281 -13.55 30.87 2.29
N ALA D 282 -14.53 30.39 1.51
CA ALA D 282 -15.83 30.02 2.03
C ALA D 282 -15.92 28.50 2.06
N THR D 283 -16.16 27.94 3.26
CA THR D 283 -16.16 26.50 3.43
C THR D 283 -17.46 26.07 4.11
N GLY D 284 -17.90 24.86 3.78
CA GLY D 284 -19.13 24.33 4.34
C GLY D 284 -19.72 23.22 3.47
N ALA D 285 -20.71 22.52 4.04
CA ALA D 285 -21.35 21.38 3.41
C ALA D 285 -22.17 21.85 2.20
N THR D 286 -22.68 20.86 1.44
CA THR D 286 -23.45 21.15 0.24
C THR D 286 -24.75 21.83 0.63
N GLY D 287 -25.06 22.94 -0.07
CA GLY D 287 -26.31 23.66 0.08
C GLY D 287 -26.26 24.69 1.21
N THR D 288 -25.05 25.05 1.67
CA THR D 288 -24.91 25.99 2.77
C THR D 288 -25.03 27.42 2.26
N GLY D 289 -24.66 27.65 0.99
CA GLY D 289 -24.81 28.96 0.36
C GLY D 289 -23.48 29.56 -0.08
N LYS D 290 -22.53 28.70 -0.44
CA LYS D 290 -21.20 29.14 -0.84
C LYS D 290 -21.29 29.88 -2.17
N THR D 291 -21.93 29.23 -3.17
CA THR D 291 -22.07 29.78 -4.51
C THR D 291 -22.75 31.14 -4.45
N LEU D 292 -23.69 31.30 -3.51
CA LEU D 292 -24.36 32.57 -3.30
C LEU D 292 -23.33 33.66 -2.97
N LEU D 293 -22.44 33.35 -2.01
CA LEU D 293 -21.52 34.34 -1.50
C LEU D 293 -20.51 34.75 -2.58
N VAL D 294 -20.16 33.83 -3.49
CA VAL D 294 -19.24 34.15 -4.57
C VAL D 294 -19.97 35.00 -5.61
N SER D 295 -21.27 34.71 -5.82
CA SER D 295 -22.09 35.44 -6.77
C SER D 295 -22.24 36.90 -6.33
N LYS D 296 -22.39 37.10 -5.02
CA LYS D 296 -22.48 38.43 -4.43
C LYS D 296 -21.12 39.13 -4.49
N PHE D 297 -20.03 38.37 -4.38
CA PHE D 297 -18.68 38.91 -4.43
C PHE D 297 -18.37 39.41 -5.85
N ILE D 298 -18.85 38.68 -6.86
CA ILE D 298 -18.64 39.04 -8.26
C ILE D 298 -19.54 40.22 -8.62
N GLU D 299 -20.80 40.19 -8.13
CA GLU D 299 -21.79 41.22 -8.41
C GLU D 299 -21.24 42.60 -8.04
N ASP D 300 -20.57 42.68 -6.89
CA ASP D 300 -20.11 43.96 -6.36
C ASP D 300 -18.98 44.52 -7.24
N ALA D 301 -18.15 43.64 -7.79
CA ALA D 301 -17.12 44.06 -8.74
C ALA D 301 -17.77 44.78 -9.92
N CYS D 302 -18.79 44.13 -10.50
CA CYS D 302 -19.45 44.60 -11.70
C CYS D 302 -20.30 45.83 -11.39
N ARG D 303 -20.88 45.88 -10.18
CA ARG D 303 -21.64 47.03 -9.73
C ARG D 303 -20.74 48.24 -9.57
N ASN D 304 -19.45 48.01 -9.25
CA ASN D 304 -18.46 49.08 -9.17
C ASN D 304 -17.76 49.26 -10.53
N LYS D 305 -18.34 48.71 -11.60
CA LYS D 305 -17.82 48.86 -12.95
C LYS D 305 -16.38 48.33 -13.03
N GLU D 306 -16.13 47.19 -12.37
CA GLU D 306 -14.84 46.52 -12.44
C GLU D 306 -15.06 45.10 -12.98
N ARG D 307 -14.00 44.50 -13.53
CA ARG D 307 -14.09 43.21 -14.19
C ARG D 307 -13.87 42.08 -13.18
N ALA D 308 -14.53 40.93 -13.44
CA ALA D 308 -14.37 39.74 -12.62
C ALA D 308 -14.45 38.47 -13.48
N ILE D 309 -13.77 37.41 -13.03
CA ILE D 309 -13.84 36.09 -13.66
C ILE D 309 -14.28 35.05 -12.64
N LEU D 310 -15.24 34.21 -13.04
CA LEU D 310 -15.68 33.09 -12.24
C LEU D 310 -15.27 31.80 -12.94
N PHE D 311 -14.47 30.98 -12.24
CA PHE D 311 -14.07 29.67 -12.72
C PHE D 311 -14.94 28.60 -12.06
N ALA D 312 -15.87 28.04 -12.83
CA ALA D 312 -16.84 27.09 -12.31
C ALA D 312 -16.46 25.68 -12.72
N TYR D 313 -16.42 24.76 -11.74
CA TYR D 313 -16.05 23.38 -11.97
C TYR D 313 -17.15 22.42 -11.52
N GLU D 314 -18.26 22.95 -10.97
CA GLU D 314 -19.32 22.11 -10.45
C GLU D 314 -20.59 22.29 -11.28
N GLU D 315 -20.95 23.54 -11.60
CA GLU D 315 -22.20 23.83 -12.29
C GLU D 315 -21.90 24.36 -13.69
N SER D 316 -22.85 24.12 -14.60
CA SER D 316 -22.84 24.71 -15.94
C SER D 316 -23.27 26.17 -15.85
N ARG D 317 -22.90 26.97 -16.84
CA ARG D 317 -23.22 28.39 -16.82
C ARG D 317 -24.72 28.61 -16.86
N ALA D 318 -25.44 27.79 -17.64
CA ALA D 318 -26.88 27.93 -17.77
C ALA D 318 -27.54 27.72 -16.41
N GLN D 319 -27.01 26.75 -15.65
CA GLN D 319 -27.52 26.43 -14.34
C GLN D 319 -27.23 27.60 -13.39
N LEU D 320 -25.99 28.09 -13.44
CA LEU D 320 -25.54 29.22 -12.63
C LEU D 320 -26.41 30.45 -12.91
N LEU D 321 -26.81 30.63 -14.17
CA LEU D 321 -27.58 31.79 -14.58
C LEU D 321 -28.99 31.74 -14.01
N ARG D 322 -29.63 30.57 -14.08
CA ARG D 322 -30.97 30.40 -13.53
C ARG D 322 -30.93 30.65 -12.03
N ASN D 323 -30.04 29.93 -11.34
CA ASN D 323 -29.91 30.00 -9.89
C ASN D 323 -29.63 31.43 -9.45
N ALA D 324 -28.77 32.13 -10.20
CA ALA D 324 -28.41 33.51 -9.90
C ALA D 324 -29.59 34.46 -10.10
N THR D 325 -30.40 34.21 -11.14
CA THR D 325 -31.57 35.04 -11.40
C THR D 325 -32.64 34.77 -10.34
N SER D 326 -32.62 33.56 -9.74
CA SER D 326 -33.52 33.22 -8.66
C SER D 326 -33.08 33.89 -7.35
N TRP D 327 -31.84 34.40 -7.30
CA TRP D 327 -31.37 35.20 -6.18
C TRP D 327 -31.44 36.69 -6.48
N GLY D 328 -31.92 37.06 -7.68
CA GLY D 328 -32.00 38.46 -8.09
C GLY D 328 -30.66 39.00 -8.60
N ILE D 329 -29.86 38.11 -9.23
CA ILE D 329 -28.55 38.47 -9.72
C ILE D 329 -28.50 38.20 -11.22
N ASP D 330 -28.16 39.24 -12.00
CA ASP D 330 -28.20 39.17 -13.46
C ASP D 330 -26.77 39.11 -13.99
N PHE D 331 -26.29 37.87 -14.20
CA PHE D 331 -24.95 37.63 -14.69
C PHE D 331 -24.83 37.97 -16.17
N GLU D 332 -25.85 37.60 -16.96
CA GLU D 332 -25.86 37.92 -18.39
C GLU D 332 -25.62 39.42 -18.60
N GLN D 333 -26.35 40.25 -17.85
CA GLN D 333 -26.18 41.70 -17.94
C GLN D 333 -24.71 42.06 -17.77
N MET D 334 -24.05 41.43 -16.78
CA MET D 334 -22.67 41.73 -16.43
C MET D 334 -21.73 41.31 -17.54
N GLU D 335 -22.04 40.21 -18.23
CA GLU D 335 -21.25 39.73 -19.35
C GLU D 335 -21.37 40.69 -20.54
N GLN D 336 -22.60 41.14 -20.79
CA GLN D 336 -22.88 42.03 -21.91
C GLN D 336 -22.24 43.40 -21.70
N ASP D 337 -22.04 43.78 -20.43
CA ASP D 337 -21.38 45.04 -20.11
C ASP D 337 -19.86 44.90 -20.31
N GLY D 338 -19.38 43.66 -20.41
CA GLY D 338 -17.96 43.39 -20.55
C GLY D 338 -17.23 43.44 -19.21
N LEU D 339 -17.95 43.12 -18.12
CA LEU D 339 -17.39 43.16 -16.78
C LEU D 339 -17.28 41.77 -16.16
N LEU D 340 -17.92 40.76 -16.77
CA LEU D 340 -17.96 39.43 -16.20
C LEU D 340 -17.54 38.40 -17.25
N LYS D 341 -16.64 37.50 -16.86
CA LYS D 341 -16.25 36.37 -17.67
C LYS D 341 -16.50 35.10 -16.85
N ILE D 342 -17.23 34.13 -17.43
CA ILE D 342 -17.52 32.87 -16.76
C ILE D 342 -16.89 31.74 -17.56
N ILE D 343 -16.01 30.97 -16.90
CA ILE D 343 -15.36 29.82 -17.49
C ILE D 343 -15.84 28.57 -16.76
N CYS D 344 -16.49 27.66 -17.50
CA CYS D 344 -17.04 26.44 -16.95
C CYS D 344 -16.28 25.24 -17.51
N ALA D 345 -15.84 24.35 -16.62
CA ALA D 345 -15.07 23.18 -17.03
C ALA D 345 -15.18 22.08 -15.99
N TYR D 346 -15.17 20.82 -16.44
CA TYR D 346 -15.11 19.68 -15.55
C TYR D 346 -13.68 19.50 -15.05
N PRO D 347 -13.46 19.31 -13.74
CA PRO D 347 -12.11 19.10 -13.19
C PRO D 347 -11.29 18.01 -13.89
N GLU D 348 -11.96 16.93 -14.31
CA GLU D 348 -11.26 15.76 -14.83
C GLU D 348 -10.91 15.96 -16.30
N SER D 349 -11.23 17.14 -16.87
CA SER D 349 -11.02 17.39 -18.28
C SER D 349 -9.54 17.59 -18.61
N THR D 350 -8.74 17.97 -17.60
CA THR D 350 -7.30 18.15 -17.79
C THR D 350 -6.55 17.93 -16.48
N GLY D 351 -5.22 17.97 -16.57
CA GLY D 351 -4.35 17.97 -15.41
C GLY D 351 -4.32 19.33 -14.71
N LEU D 352 -3.85 19.34 -13.47
CA LEU D 352 -3.90 20.52 -12.62
C LEU D 352 -2.93 21.59 -13.11
N GLU D 353 -1.81 21.17 -13.73
CA GLU D 353 -0.86 22.12 -14.30
C GLU D 353 -1.52 22.86 -15.46
N ASP D 354 -2.37 22.14 -16.21
CA ASP D 354 -3.07 22.72 -17.35
C ASP D 354 -4.18 23.64 -16.85
N HIS D 355 -4.97 23.16 -15.88
CA HIS D 355 -5.98 23.98 -15.23
C HIS D 355 -5.39 25.33 -14.82
N LEU D 356 -4.20 25.30 -14.21
CA LEU D 356 -3.55 26.51 -13.74
C LEU D 356 -3.27 27.45 -14.91
N GLN D 357 -2.76 26.90 -16.02
CA GLN D 357 -2.40 27.68 -17.19
C GLN D 357 -3.65 28.31 -17.81
N ILE D 358 -4.78 27.59 -17.77
CA ILE D 358 -6.03 28.15 -18.26
C ILE D 358 -6.38 29.37 -17.40
N ILE D 359 -6.25 29.22 -16.07
CA ILE D 359 -6.59 30.28 -15.13
C ILE D 359 -5.70 31.49 -15.42
N LYS D 360 -4.42 31.26 -15.66
CA LYS D 360 -3.45 32.32 -15.90
C LYS D 360 -3.75 33.02 -17.22
N THR D 361 -3.98 32.22 -18.28
CA THR D 361 -4.22 32.78 -19.61
C THR D 361 -5.51 33.59 -19.61
N GLU D 362 -6.54 33.09 -18.92
CA GLU D 362 -7.87 33.71 -18.98
C GLU D 362 -7.87 35.01 -18.18
N ILE D 363 -7.11 35.02 -17.06
CA ILE D 363 -6.93 36.23 -16.27
C ILE D 363 -6.18 37.29 -17.08
N SER D 364 -5.14 36.87 -17.81
CA SER D 364 -4.31 37.79 -18.56
C SER D 364 -5.09 38.41 -19.73
N GLN D 365 -6.15 37.72 -20.19
CA GLN D 365 -6.96 38.23 -21.30
C GLN D 365 -8.00 39.22 -20.78
N PHE D 366 -8.57 38.98 -19.61
CA PHE D 366 -9.69 39.76 -19.11
C PHE D 366 -9.24 40.76 -18.05
N LYS D 367 -8.02 40.59 -17.51
CA LYS D 367 -7.44 41.47 -16.52
C LYS D 367 -8.50 41.86 -15.48
N PRO D 368 -9.04 40.89 -14.70
CA PRO D 368 -10.03 41.20 -13.67
C PRO D 368 -9.44 41.84 -12.42
N SER D 369 -10.29 42.49 -11.63
CA SER D 369 -9.92 42.98 -10.31
C SER D 369 -10.37 41.99 -9.23
N ARG D 370 -11.24 41.04 -9.62
CA ARG D 370 -11.77 40.04 -8.70
C ARG D 370 -11.93 38.71 -9.42
N MET D 371 -11.63 37.62 -8.70
CA MET D 371 -11.61 36.29 -9.26
C MET D 371 -12.28 35.34 -8.27
N ALA D 372 -12.93 34.28 -8.77
CA ALA D 372 -13.57 33.29 -7.91
C ALA D 372 -13.33 31.89 -8.46
N ILE D 373 -13.03 30.94 -7.56
CA ILE D 373 -12.99 29.53 -7.89
C ILE D 373 -14.09 28.81 -7.11
N ASP D 374 -14.99 28.15 -7.84
CA ASP D 374 -16.13 27.46 -7.28
C ASP D 374 -16.22 26.09 -7.95
N SER D 375 -15.59 25.06 -7.37
CA SER D 375 -14.93 25.08 -6.08
C SER D 375 -13.55 24.44 -6.16
N LEU D 376 -12.70 24.76 -5.17
CA LEU D 376 -11.38 24.15 -5.06
C LEU D 376 -11.51 22.67 -4.70
N SER D 377 -12.51 22.32 -3.88
CA SER D 377 -12.68 20.95 -3.44
C SER D 377 -12.99 20.02 -4.61
N ALA D 378 -13.53 20.58 -5.70
CA ALA D 378 -13.83 19.82 -6.90
C ALA D 378 -12.54 19.47 -7.64
N LEU D 379 -11.56 20.37 -7.60
CA LEU D 379 -10.30 20.19 -8.31
C LEU D 379 -9.38 19.23 -7.56
N ALA D 380 -9.78 18.82 -6.34
CA ALA D 380 -9.00 17.91 -5.52
C ALA D 380 -9.47 16.46 -5.70
N ARG D 381 -10.62 16.25 -6.35
CA ARG D 381 -11.18 14.92 -6.50
C ARG D 381 -10.31 14.10 -7.44
N GLY D 382 -9.77 12.99 -6.93
CA GLY D 382 -9.01 12.05 -7.74
C GLY D 382 -7.63 12.59 -8.12
N VAL D 383 -7.06 13.42 -7.24
CA VAL D 383 -5.73 13.97 -7.46
C VAL D 383 -4.90 13.71 -6.19
N SER D 384 -3.58 13.61 -6.38
CA SER D 384 -2.64 13.60 -5.27
C SER D 384 -2.92 14.77 -4.34
N HIS D 385 -2.88 14.52 -3.03
CA HIS D 385 -3.00 15.56 -2.04
C HIS D 385 -1.89 16.60 -2.24
N ASN D 386 -0.72 16.12 -2.66
CA ASN D 386 0.44 16.96 -2.88
C ASN D 386 0.25 17.81 -4.13
N ALA D 387 -0.19 17.16 -5.22
CA ALA D 387 -0.40 17.83 -6.49
C ALA D 387 -1.43 18.95 -6.35
N PHE D 388 -2.44 18.71 -5.50
CA PHE D 388 -3.46 19.71 -5.23
C PHE D 388 -2.85 20.90 -4.51
N ARG D 389 -2.04 20.63 -3.48
CA ARG D 389 -1.42 21.69 -2.69
C ARG D 389 -0.57 22.57 -3.61
N GLN D 390 0.14 21.94 -4.55
CA GLN D 390 0.96 22.68 -5.50
C GLN D 390 0.08 23.60 -6.35
N PHE D 391 -1.09 23.11 -6.76
CA PHE D 391 -2.05 23.91 -7.51
C PHE D 391 -2.50 25.10 -6.68
N VAL D 392 -2.84 24.86 -5.41
CA VAL D 392 -3.43 25.87 -4.54
C VAL D 392 -2.44 26.99 -4.26
N ILE D 393 -1.19 26.64 -3.98
CA ILE D 393 -0.15 27.62 -3.72
C ILE D 393 0.06 28.48 -4.97
N GLY D 394 -0.02 27.86 -6.15
CA GLY D 394 0.21 28.54 -7.41
C GLY D 394 -0.87 29.56 -7.76
N VAL D 395 -2.15 29.16 -7.63
CA VAL D 395 -3.26 30.05 -7.94
C VAL D 395 -3.33 31.14 -6.89
N THR D 396 -3.18 30.74 -5.62
CA THR D 396 -3.13 31.68 -4.52
C THR D 396 -2.01 32.68 -4.75
N GLY D 397 -0.79 32.16 -4.96
CA GLY D 397 0.38 32.99 -5.19
C GLY D 397 0.21 33.94 -6.37
N TYR D 398 -0.42 33.45 -7.44
CA TYR D 398 -0.64 34.24 -8.64
C TYR D 398 -1.56 35.41 -8.33
N ALA D 399 -2.67 35.13 -7.63
CA ALA D 399 -3.67 36.14 -7.33
C ALA D 399 -3.07 37.27 -6.51
N LYS D 400 -2.40 36.92 -5.42
CA LYS D 400 -1.78 37.88 -4.52
C LYS D 400 -0.69 38.66 -5.27
N GLN D 401 0.04 37.97 -6.15
CA GLN D 401 1.05 38.58 -6.99
C GLN D 401 0.41 39.61 -7.93
N GLU D 402 -0.72 39.23 -8.54
CA GLU D 402 -1.33 40.03 -9.58
C GLU D 402 -2.30 41.05 -8.98
N GLU D 403 -2.45 41.03 -7.64
CA GLU D 403 -3.26 41.99 -6.93
C GLU D 403 -4.73 41.83 -7.33
N ILE D 404 -5.16 40.57 -7.44
CA ILE D 404 -6.55 40.25 -7.72
C ILE D 404 -7.15 39.62 -6.46
N ALA D 405 -8.29 40.16 -6.01
CA ALA D 405 -9.01 39.60 -4.88
C ALA D 405 -9.59 38.25 -5.26
N GLY D 406 -9.23 37.20 -4.51
CA GLY D 406 -9.65 35.83 -4.80
C GLY D 406 -10.64 35.29 -3.75
N PHE D 407 -11.76 34.74 -4.22
CA PHE D 407 -12.75 34.09 -3.39
C PHE D 407 -12.84 32.62 -3.80
N PHE D 408 -12.39 31.72 -2.91
CA PHE D 408 -12.35 30.30 -3.22
C PHE D 408 -13.36 29.55 -2.34
N THR D 409 -14.01 28.55 -2.95
CA THR D 409 -15.04 27.77 -2.28
C THR D 409 -14.52 26.38 -1.98
N ASN D 410 -15.01 25.79 -0.89
CA ASN D 410 -14.61 24.44 -0.48
C ASN D 410 -15.82 23.73 0.11
N THR D 411 -16.14 22.55 -0.43
CA THR D 411 -17.25 21.75 0.07
C THR D 411 -16.71 20.65 0.96
N SER D 412 -17.24 20.58 2.20
CA SER D 412 -16.87 19.56 3.17
C SER D 412 -17.79 18.34 3.01
N GLU D 413 -17.22 17.15 3.26
CA GLU D 413 -17.88 15.89 3.01
C GLU D 413 -18.96 15.63 4.06
N GLU D 414 -18.60 15.81 5.34
CA GLU D 414 -19.53 15.65 6.44
C GLU D 414 -20.38 16.91 6.57
N PHE D 415 -21.71 16.75 6.59
CA PHE D 415 -22.61 17.89 6.45
C PHE D 415 -22.86 18.57 7.79
N MET D 416 -22.54 17.88 8.89
CA MET D 416 -22.69 18.45 10.22
C MET D 416 -21.71 17.78 11.17
N GLY D 417 -20.93 18.59 11.89
CA GLY D 417 -20.01 18.10 12.90
C GLY D 417 -18.54 18.22 12.49
N SER D 418 -18.29 18.43 11.19
CA SER D 418 -16.92 18.54 10.67
C SER D 418 -16.13 19.52 11.54
N HIS D 419 -15.17 18.98 12.29
CA HIS D 419 -14.33 19.77 13.18
C HIS D 419 -13.13 20.35 12.43
N SER D 420 -13.15 20.24 11.08
CA SER D 420 -12.07 20.72 10.24
C SER D 420 -12.62 21.77 9.28
N ILE D 421 -11.73 22.68 8.84
CA ILE D 421 -12.07 23.74 7.92
C ILE D 421 -11.90 23.24 6.49
N THR D 422 -10.79 22.53 6.24
CA THR D 422 -10.56 21.87 4.96
C THR D 422 -10.08 20.45 5.23
N ASP D 423 -10.49 19.52 4.34
CA ASP D 423 -10.00 18.15 4.36
C ASP D 423 -8.63 18.08 3.69
N SER D 424 -8.31 19.11 2.89
CA SER D 424 -7.02 19.21 2.21
C SER D 424 -6.01 20.00 3.06
N HIS D 425 -6.48 20.59 4.16
CA HIS D 425 -5.63 21.27 5.13
C HIS D 425 -4.92 22.43 4.44
N ILE D 426 -5.72 23.40 4.00
CA ILE D 426 -5.26 24.48 3.14
C ILE D 426 -5.52 25.83 3.82
N THR D 428 -4.26 27.64 6.15
CA THR D 428 -3.20 28.57 6.52
C THR D 428 -2.82 29.46 5.33
N ILE D 429 -3.23 29.06 4.11
CA ILE D 429 -2.86 29.79 2.92
C ILE D 429 -3.81 30.97 2.73
N THR D 430 -5.01 30.85 3.30
CA THR D 430 -6.07 31.83 3.13
C THR D 430 -5.92 32.93 4.18
N ASP D 431 -6.47 34.12 3.88
CA ASP D 431 -6.41 35.25 4.80
C ASP D 431 -7.73 35.38 5.56
N THR D 432 -8.85 35.12 4.86
CA THR D 432 -10.17 35.24 5.44
C THR D 432 -10.91 33.92 5.25
N ILE D 433 -11.53 33.44 6.33
CA ILE D 433 -12.29 32.20 6.32
C ILE D 433 -13.72 32.49 6.74
N LEU D 434 -14.67 32.22 5.85
CA LEU D 434 -16.09 32.26 6.15
C LEU D 434 -16.60 30.83 6.29
N LEU D 435 -17.12 30.51 7.48
CA LEU D 435 -17.57 29.17 7.78
C LEU D 435 -19.10 29.13 7.71
N LEU D 436 -19.62 28.35 6.76
CA LEU D 436 -21.05 28.12 6.66
C LEU D 436 -21.35 26.71 7.17
N GLN D 437 -22.52 26.55 7.83
CA GLN D 437 -22.85 25.30 8.49
C GLN D 437 -24.37 25.22 8.72
N TYR D 438 -24.90 23.99 8.67
CA TYR D 438 -26.28 23.71 9.04
C TYR D 438 -26.39 23.63 10.56
N VAL D 439 -27.58 23.97 11.07
CA VAL D 439 -27.90 23.86 12.49
C VAL D 439 -29.35 23.40 12.64
N GLU D 440 -29.55 22.26 13.29
CA GLU D 440 -30.89 21.76 13.54
C GLU D 440 -31.53 22.55 14.67
N ILE D 441 -32.60 23.30 14.34
CA ILE D 441 -33.35 24.07 15.31
C ILE D 441 -34.82 23.62 15.24
N ARG D 442 -35.26 22.92 16.30
CA ARG D 442 -36.66 22.52 16.46
C ARG D 442 -37.12 21.70 15.27
N GLY D 443 -36.33 20.68 14.92
CA GLY D 443 -36.72 19.69 13.92
C GLY D 443 -36.61 20.23 12.49
N GLU D 444 -35.96 21.39 12.32
CA GLU D 444 -35.82 22.01 11.02
C GLU D 444 -34.35 22.33 10.77
N MET D 445 -33.96 22.35 9.49
CA MET D 445 -32.58 22.60 9.09
C MET D 445 -32.38 24.10 8.88
N ALA D 446 -31.72 24.76 9.85
CA ALA D 446 -31.31 26.15 9.72
C ALA D 446 -29.83 26.20 9.32
N ARG D 447 -29.34 27.41 9.02
CA ARG D 447 -27.94 27.61 8.65
C ARG D 447 -27.34 28.74 9.48
N ALA D 448 -26.01 28.82 9.46
CA ALA D 448 -25.27 29.84 10.19
C ALA D 448 -24.02 30.24 9.42
N LEU D 449 -23.48 31.42 9.75
CA LEU D 449 -22.30 31.99 9.11
C LEU D 449 -21.40 32.55 10.19
N ASN D 450 -20.10 32.25 10.09
CA ASN D 450 -19.10 32.78 11.01
C ASN D 450 -17.92 33.31 10.21
N VAL D 451 -17.43 34.50 10.58
CA VAL D 451 -16.14 34.97 10.12
C VAL D 451 -15.09 34.35 11.04
N PHE D 452 -14.58 33.20 10.63
CA PHE D 452 -13.72 32.36 11.46
C PHE D 452 -12.37 33.02 11.66
N LYS D 453 -11.82 33.62 10.59
CA LYS D 453 -10.50 34.22 10.59
C LYS D 453 -10.52 35.48 9.72
N MET D 454 -9.72 36.48 10.11
CA MET D 454 -9.55 37.70 9.33
C MET D 454 -8.23 38.35 9.73
N ARG D 455 -7.17 37.99 9.01
CA ARG D 455 -5.87 38.62 9.16
C ARG D 455 -6.00 40.11 8.85
N GLY D 456 -5.48 40.94 9.75
CA GLY D 456 -5.33 42.36 9.50
C GLY D 456 -6.52 43.20 9.97
N SER D 457 -7.53 42.57 10.59
CA SER D 457 -8.74 43.27 10.95
C SER D 457 -9.52 42.55 12.04
N TRP D 458 -10.25 43.34 12.84
CA TRP D 458 -11.28 42.81 13.71
C TRP D 458 -12.38 42.18 12.86
N HIS D 459 -13.08 41.21 13.46
CA HIS D 459 -14.27 40.63 12.85
C HIS D 459 -15.26 40.28 13.96
N ASP D 460 -16.54 40.19 13.62
CA ASP D 460 -17.54 39.71 14.55
C ASP D 460 -17.27 38.24 14.82
N LYS D 461 -17.31 37.85 16.10
CA LYS D 461 -16.95 36.50 16.50
C LYS D 461 -18.20 35.63 16.60
N GLY D 462 -19.34 36.14 16.11
CA GLY D 462 -20.62 35.48 16.28
C GLY D 462 -20.90 34.44 15.21
N ILE D 463 -21.65 33.39 15.57
CA ILE D 463 -22.09 32.37 14.63
C ILE D 463 -23.52 32.70 14.25
N ARG D 464 -23.67 33.78 13.48
CA ARG D 464 -24.96 34.39 13.21
C ARG D 464 -25.77 33.48 12.30
N GLU D 465 -27.09 33.48 12.50
CA GLU D 465 -28.00 32.82 11.60
C GLU D 465 -28.00 33.59 10.28
N PHE D 466 -28.19 32.87 9.16
CA PHE D 466 -28.42 33.53 7.89
C PHE D 466 -29.40 32.69 7.09
N VAL D 467 -30.25 33.37 6.30
CA VAL D 467 -31.27 32.72 5.50
C VAL D 467 -31.10 33.16 4.05
N ILE D 468 -31.42 32.25 3.12
CA ILE D 468 -31.34 32.53 1.70
C ILE D 468 -32.74 32.84 1.20
N THR D 469 -32.88 33.98 0.51
CA THR D 469 -34.15 34.42 -0.05
C THR D 469 -34.02 34.54 -1.57
N GLY D 470 -35.12 34.99 -2.21
CA GLY D 470 -35.11 35.33 -3.63
C GLY D 470 -34.37 36.64 -3.91
N ASN D 471 -33.98 37.37 -2.85
CA ASN D 471 -33.25 38.61 -2.99
C ASN D 471 -31.88 38.51 -2.31
N GLY D 472 -31.39 37.29 -2.09
CA GLY D 472 -30.04 37.09 -1.58
C GLY D 472 -30.02 36.70 -0.11
N PRO D 473 -28.86 36.78 0.56
CA PRO D 473 -28.71 36.34 1.95
C PRO D 473 -29.18 37.40 2.95
N GLU D 474 -29.67 36.93 4.11
CA GLU D 474 -30.03 37.80 5.21
C GLU D 474 -29.41 37.26 6.50
N ILE D 475 -28.34 37.91 6.95
CA ILE D 475 -27.67 37.53 8.17
C ILE D 475 -28.43 38.12 9.36
N LYS D 476 -28.94 37.23 10.22
CA LYS D 476 -29.65 37.63 11.42
C LYS D 476 -28.69 37.57 12.61
N ASP D 477 -29.17 37.09 13.76
CA ASP D 477 -28.40 37.17 15.00
C ASP D 477 -27.94 35.78 15.45
N SER D 478 -27.03 35.76 16.42
CA SER D 478 -26.46 34.53 16.96
C SER D 478 -27.51 33.77 17.76
N PHE D 479 -27.24 32.47 17.98
CA PHE D 479 -28.11 31.63 18.80
C PHE D 479 -27.57 31.62 20.24
N SER D 480 -27.77 32.74 20.94
CA SER D 480 -27.14 32.98 22.24
C SER D 480 -27.76 32.10 23.34
N ASN D 481 -28.95 31.53 23.07
CA ASN D 481 -29.67 30.72 24.04
C ASN D 481 -29.51 29.24 23.68
N PHE D 482 -28.43 28.90 22.97
CA PHE D 482 -28.16 27.54 22.55
C PHE D 482 -26.72 27.16 22.87
N GLU D 483 -26.44 25.85 22.87
CA GLU D 483 -25.10 25.32 23.09
C GLU D 483 -24.82 24.24 22.05
N ARG D 484 -23.52 24.04 21.76
CA ARG D 484 -23.06 23.05 20.79
C ARG D 484 -23.57 23.40 19.40
N ILE D 485 -23.59 24.70 19.08
CA ILE D 485 -24.05 25.20 17.79
C ILE D 485 -23.10 24.74 16.68
N ILE D 486 -21.80 24.66 16.99
CA ILE D 486 -20.79 24.33 16.00
C ILE D 486 -20.86 22.85 15.62
N SER D 487 -21.53 22.02 16.45
CA SER D 487 -21.68 20.60 16.14
C SER D 487 -22.75 20.37 15.08
N GLY D 488 -23.67 21.35 14.93
CA GLY D 488 -24.81 21.21 14.03
C GLY D 488 -26.08 20.75 14.76
N VAL D 489 -25.90 20.10 15.91
CA VAL D 489 -27.01 19.53 16.68
C VAL D 489 -26.99 20.15 18.08
N PRO D 490 -27.48 21.39 18.24
CA PRO D 490 -27.35 22.11 19.50
C PRO D 490 -28.34 21.68 20.59
N HIS D 491 -28.20 22.32 21.76
CA HIS D 491 -29.06 22.08 22.90
C HIS D 491 -29.53 23.45 23.41
N ARG D 492 -30.85 23.64 23.52
CA ARG D 492 -31.42 24.88 24.02
C ARG D 492 -31.26 24.91 25.54
N ILE D 493 -30.55 25.92 26.04
CA ILE D 493 -30.25 26.04 27.45
C ILE D 493 -31.56 26.28 28.22
N GLN E 13 -9.80 -45.38 -14.67
CA GLN E 13 -9.65 -44.35 -13.61
C GLN E 13 -8.19 -44.32 -13.13
N VAL E 14 -7.87 -43.31 -12.31
CA VAL E 14 -6.53 -43.15 -11.74
C VAL E 14 -6.59 -43.54 -10.27
N GLN E 15 -5.76 -44.52 -9.89
CA GLN E 15 -5.70 -45.01 -8.52
C GLN E 15 -4.53 -44.32 -7.80
N LYS E 16 -4.65 -44.23 -6.47
CA LYS E 16 -3.69 -43.50 -5.65
C LYS E 16 -3.01 -44.44 -4.66
N LEU E 17 -1.73 -44.17 -4.39
CA LEU E 17 -0.93 -44.96 -3.47
C LEU E 17 -0.75 -44.17 -2.17
N PRO E 18 -1.29 -44.65 -1.03
CA PRO E 18 -1.09 -43.96 0.25
C PRO E 18 0.39 -43.86 0.60
N THR E 19 0.84 -42.63 0.86
CA THR E 19 2.24 -42.35 1.11
C THR E 19 2.60 -42.79 2.54
N GLY E 20 1.77 -42.36 3.50
CA GLY E 20 2.04 -42.57 4.92
C GLY E 20 2.29 -41.26 5.65
N ILE E 21 2.66 -40.22 4.88
CA ILE E 21 2.87 -38.89 5.41
C ILE E 21 1.52 -38.33 5.86
N GLU E 22 1.47 -37.85 7.12
CA GLU E 22 0.23 -37.43 7.74
C GLU E 22 -0.19 -36.06 7.21
N GLY E 23 -1.35 -36.00 6.56
CA GLY E 23 -1.88 -34.77 6.00
C GLY E 23 -1.70 -34.70 4.49
N PHE E 24 -0.62 -35.29 3.97
CA PHE E 24 -0.30 -35.22 2.56
C PHE E 24 -1.35 -35.99 1.75
N ASP E 25 -1.75 -37.15 2.26
CA ASP E 25 -2.70 -38.02 1.58
C ASP E 25 -4.07 -37.34 1.53
N ASP E 26 -4.40 -36.58 2.57
CA ASP E 26 -5.66 -35.86 2.65
C ASP E 26 -5.68 -34.72 1.62
N VAL E 27 -4.53 -34.03 1.48
CA VAL E 27 -4.40 -32.95 0.50
C VAL E 27 -4.44 -33.53 -0.91
N CYS E 28 -3.99 -34.79 -1.05
CA CYS E 28 -3.95 -35.47 -2.34
C CYS E 28 -5.21 -36.26 -2.62
N HIS E 29 -6.21 -36.19 -1.73
CA HIS E 29 -7.44 -36.97 -1.84
C HIS E 29 -7.12 -38.45 -2.07
N GLY E 30 -6.22 -39.00 -1.24
CA GLY E 30 -5.91 -40.42 -1.28
C GLY E 30 -4.40 -40.71 -1.26
N GLY E 31 -3.64 -39.97 -2.08
CA GLY E 31 -2.21 -40.18 -2.22
C GLY E 31 -1.71 -39.85 -3.62
N LEU E 32 -0.49 -40.30 -3.94
CA LEU E 32 0.13 -40.04 -5.22
C LEU E 32 -0.38 -41.06 -6.24
N PRO E 33 -0.79 -40.61 -7.45
CA PRO E 33 -1.20 -41.53 -8.52
C PRO E 33 -0.22 -42.69 -8.73
N ILE E 34 -0.76 -43.92 -8.69
CA ILE E 34 0.04 -45.13 -8.75
C ILE E 34 0.57 -45.30 -10.17
N GLY E 35 1.84 -45.70 -10.28
CA GLY E 35 2.46 -46.01 -11.55
C GLY E 35 2.97 -44.77 -12.28
N ARG E 36 2.82 -43.59 -11.67
CA ARG E 36 3.19 -42.34 -12.29
C ARG E 36 4.28 -41.65 -11.47
N SER E 37 4.89 -40.63 -12.07
CA SER E 37 5.94 -39.86 -11.43
C SER E 37 5.39 -38.52 -10.97
N THR E 38 5.82 -38.06 -9.78
CA THR E 38 5.42 -36.78 -9.24
C THR E 38 6.65 -35.88 -9.04
N LEU E 39 6.55 -34.65 -9.54
CA LEU E 39 7.57 -33.63 -9.34
C LEU E 39 7.32 -32.91 -8.02
N ILE E 40 8.33 -32.93 -7.13
CA ILE E 40 8.35 -32.09 -5.93
C ILE E 40 9.38 -30.99 -6.13
N SER E 41 8.92 -29.73 -6.28
CA SER E 41 9.84 -28.62 -6.51
C SER E 41 9.84 -27.67 -5.32
N GLY E 42 11.00 -27.05 -5.06
CA GLY E 42 11.16 -26.13 -3.96
C GLY E 42 12.57 -25.52 -3.90
N THR E 43 12.70 -24.37 -3.24
CA THR E 43 14.00 -23.74 -3.03
C THR E 43 14.83 -24.61 -2.08
N SER E 44 16.09 -24.20 -1.87
CA SER E 44 16.99 -24.92 -0.98
C SER E 44 16.44 -24.91 0.45
N GLY E 45 16.30 -26.11 1.03
CA GLY E 45 15.93 -26.28 2.43
C GLY E 45 14.42 -26.34 2.66
N THR E 46 13.66 -26.69 1.61
CA THR E 46 12.21 -26.74 1.66
C THR E 46 11.70 -28.09 2.15
N GLY E 47 12.51 -29.15 2.06
CA GLY E 47 12.14 -30.45 2.58
C GLY E 47 11.90 -31.50 1.49
N LYS E 48 12.54 -31.33 0.33
CA LYS E 48 12.32 -32.19 -0.81
C LYS E 48 12.94 -33.57 -0.54
N THR E 49 14.18 -33.57 -0.07
CA THR E 49 14.88 -34.80 0.24
C THR E 49 14.15 -35.56 1.36
N VAL E 50 13.73 -34.82 2.38
CA VAL E 50 13.05 -35.39 3.54
C VAL E 50 11.73 -36.01 3.10
N PHE E 51 10.95 -35.28 2.31
CA PHE E 51 9.68 -35.77 1.81
C PHE E 51 9.88 -37.09 1.07
N SER E 52 10.89 -37.14 0.19
CA SER E 52 11.10 -38.29 -0.67
C SER E 52 11.59 -39.50 0.12
N LEU E 53 12.39 -39.28 1.17
CA LEU E 53 12.80 -40.36 2.06
C LEU E 53 11.62 -40.86 2.88
N HIS E 54 10.71 -39.95 3.21
CA HIS E 54 9.49 -40.27 3.95
C HIS E 54 8.59 -41.16 3.08
N PHE E 55 8.58 -40.87 1.78
CA PHE E 55 7.82 -41.65 0.81
C PHE E 55 8.24 -43.11 0.85
N LEU E 56 9.54 -43.37 0.65
CA LEU E 56 10.07 -44.72 0.59
C LEU E 56 9.91 -45.41 1.95
N HIS E 57 10.29 -44.70 3.03
CA HIS E 57 10.27 -45.25 4.37
C HIS E 57 8.93 -45.92 4.67
N ASN E 58 7.85 -45.16 4.54
CA ASN E 58 6.51 -45.62 4.90
C ASN E 58 6.07 -46.71 3.94
N GLY E 59 6.55 -46.65 2.69
CA GLY E 59 6.33 -47.68 1.70
C GLY E 59 6.81 -49.05 2.19
N ILE E 60 7.92 -49.05 2.93
CA ILE E 60 8.53 -50.27 3.42
C ILE E 60 7.92 -50.64 4.76
N LYS E 61 7.81 -49.67 5.68
CA LYS E 61 7.45 -49.95 7.07
C LYS E 61 5.99 -50.36 7.16
N HIS E 62 5.12 -49.73 6.36
CA HIS E 62 3.68 -49.90 6.51
C HIS E 62 3.12 -50.85 5.46
N PHE E 63 3.66 -50.82 4.24
CA PHE E 63 3.08 -51.55 3.12
C PHE E 63 4.01 -52.64 2.60
N ASP E 64 5.24 -52.70 3.12
CA ASP E 64 6.21 -53.72 2.75
C ASP E 64 6.55 -53.62 1.26
N GLU E 65 6.61 -52.38 0.76
CA GLU E 65 6.93 -52.10 -0.63
C GLU E 65 8.37 -51.58 -0.70
N PRO E 66 9.33 -52.38 -1.21
CA PRO E 66 10.73 -51.95 -1.29
C PRO E 66 10.88 -50.68 -2.13
N GLY E 67 11.87 -49.86 -1.77
CA GLY E 67 12.09 -48.58 -2.43
C GLY E 67 13.56 -48.35 -2.78
N ILE E 68 13.78 -47.49 -3.78
CA ILE E 68 15.11 -47.18 -4.28
C ILE E 68 15.27 -45.66 -4.34
N PHE E 69 16.37 -45.15 -3.78
CA PHE E 69 16.68 -43.73 -3.77
C PHE E 69 17.82 -43.45 -4.74
N VAL E 70 17.55 -42.65 -5.79
CA VAL E 70 18.55 -42.24 -6.76
C VAL E 70 19.11 -40.88 -6.37
N THR E 71 20.42 -40.83 -6.07
CA THR E 71 21.06 -39.62 -5.57
C THR E 71 22.18 -39.19 -6.52
N PHE E 72 22.26 -37.88 -6.77
CA PHE E 72 23.18 -37.33 -7.77
C PHE E 72 24.28 -36.49 -7.14
N GLU E 73 24.18 -36.19 -5.83
CA GLU E 73 25.18 -35.37 -5.16
C GLU E 73 25.43 -35.87 -3.75
N GLU E 74 24.38 -35.85 -2.90
CA GLU E 74 24.49 -36.37 -1.55
C GLU E 74 24.97 -37.83 -1.61
N SER E 75 25.90 -38.18 -0.72
CA SER E 75 26.45 -39.53 -0.69
C SER E 75 25.51 -40.44 0.10
N PRO E 76 25.43 -41.74 -0.27
CA PRO E 76 24.62 -42.71 0.47
C PRO E 76 24.73 -42.63 1.99
N LEU E 77 25.97 -42.52 2.49
CA LEU E 77 26.21 -42.48 3.92
C LEU E 77 25.63 -41.20 4.53
N ASP E 78 25.71 -40.09 3.76
CA ASP E 78 25.24 -38.80 4.21
C ASP E 78 23.72 -38.77 4.26
N ILE E 79 23.06 -39.42 3.31
CA ILE E 79 21.61 -39.53 3.30
C ILE E 79 21.15 -40.29 4.55
N LEU E 80 21.82 -41.40 4.86
CA LEU E 80 21.46 -42.23 6.01
C LEU E 80 21.74 -41.48 7.30
N ARG E 81 22.83 -40.69 7.32
CA ARG E 81 23.22 -39.92 8.49
C ARG E 81 22.23 -38.77 8.73
N ASN E 82 21.78 -38.14 7.64
CA ASN E 82 20.85 -37.01 7.74
C ASN E 82 19.46 -37.48 8.11
N ALA E 83 19.14 -38.75 7.79
CA ALA E 83 17.85 -39.32 8.12
C ALA E 83 17.80 -39.75 9.58
N ALA E 84 18.98 -39.92 10.19
CA ALA E 84 19.13 -40.54 11.50
C ALA E 84 18.20 -39.91 12.54
N SER E 85 18.13 -38.57 12.57
CA SER E 85 17.43 -37.87 13.63
C SER E 85 15.95 -37.70 13.31
N PHE E 86 15.37 -38.66 12.57
CA PHE E 86 13.93 -38.78 12.43
C PHE E 86 13.42 -40.06 13.10
N GLY E 87 14.35 -40.93 13.51
CA GLY E 87 13.97 -42.19 14.15
C GLY E 87 13.67 -43.30 13.14
N TRP E 88 13.87 -43.01 11.85
CA TRP E 88 13.73 -44.02 10.80
C TRP E 88 14.94 -44.96 10.85
N ASN E 89 14.67 -46.26 11.04
CA ASN E 89 15.71 -47.27 10.99
C ASN E 89 15.97 -47.63 9.53
N LEU E 90 16.69 -46.74 8.82
CA LEU E 90 16.95 -46.90 7.40
C LEU E 90 18.15 -47.83 7.19
N GLN E 91 18.94 -48.03 8.24
CA GLN E 91 20.10 -48.92 8.19
C GLN E 91 19.63 -50.38 8.14
N GLU E 92 18.69 -50.73 9.03
CA GLU E 92 18.13 -52.07 9.10
C GLU E 92 17.42 -52.40 7.79
N MET E 93 16.69 -51.42 7.24
CA MET E 93 16.00 -51.58 5.96
C MET E 93 17.03 -51.79 4.85
N VAL E 94 18.19 -51.14 4.98
CA VAL E 94 19.29 -51.29 4.03
C VAL E 94 19.85 -52.70 4.15
N GLU E 95 20.14 -53.13 5.38
CA GLU E 95 20.71 -54.44 5.65
C GLU E 95 19.78 -55.54 5.13
N GLN E 96 18.47 -55.35 5.34
CA GLN E 96 17.47 -56.34 4.95
C GLN E 96 17.07 -56.20 3.49
N ASP E 97 17.82 -55.38 2.72
CA ASP E 97 17.69 -55.30 1.27
C ASP E 97 16.29 -54.81 0.87
N LYS E 98 15.66 -54.00 1.73
CA LYS E 98 14.38 -53.40 1.43
C LYS E 98 14.61 -52.04 0.76
N LEU E 99 15.52 -51.25 1.33
CA LEU E 99 15.88 -49.94 0.80
C LEU E 99 17.24 -50.03 0.11
N PHE E 100 17.31 -49.52 -1.12
CA PHE E 100 18.55 -49.43 -1.87
C PHE E 100 18.80 -47.98 -2.29
N ILE E 101 20.02 -47.50 -2.04
CA ILE E 101 20.41 -46.16 -2.43
C ILE E 101 21.36 -46.25 -3.62
N LEU E 102 20.89 -45.76 -4.78
CA LEU E 102 21.67 -45.75 -6.01
C LEU E 102 22.52 -44.49 -6.07
N ASP E 103 23.85 -44.65 -5.96
CA ASP E 103 24.78 -43.55 -6.05
C ASP E 103 25.08 -43.28 -7.53
N ALA E 104 24.54 -42.17 -8.05
CA ALA E 104 24.88 -41.70 -9.39
C ALA E 104 25.64 -40.38 -9.27
N SER E 105 26.52 -40.27 -8.26
CA SER E 105 27.30 -39.07 -8.04
C SER E 105 28.37 -38.93 -9.12
N PRO E 106 28.86 -37.71 -9.40
CA PRO E 106 29.82 -37.48 -10.48
C PRO E 106 31.17 -38.15 -10.21
N ASP E 107 31.70 -37.96 -9.00
CA ASP E 107 33.02 -38.46 -8.61
C ASP E 107 34.09 -37.70 -9.39
N ASP E 118 24.78 -41.43 -20.68
CA ASP E 118 23.96 -40.60 -19.75
C ASP E 118 22.47 -40.85 -20.02
N LEU E 119 21.64 -40.59 -19.01
CA LEU E 119 20.20 -40.79 -19.06
C LEU E 119 19.88 -42.26 -19.32
N SER E 120 20.12 -42.72 -20.55
CA SER E 120 19.90 -44.11 -20.93
C SER E 120 20.63 -45.05 -19.95
N GLY E 121 21.89 -44.72 -19.65
CA GLY E 121 22.68 -45.49 -18.71
C GLY E 121 22.06 -45.51 -17.31
N LEU E 122 21.57 -44.34 -16.87
CA LEU E 122 20.95 -44.19 -15.56
C LEU E 122 19.68 -45.04 -15.49
N ILE E 123 18.81 -44.89 -16.50
CA ILE E 123 17.56 -45.63 -16.58
C ILE E 123 17.85 -47.12 -16.55
N GLU E 124 18.89 -47.54 -17.29
CA GLU E 124 19.31 -48.93 -17.35
C GLU E 124 19.73 -49.41 -15.95
N ARG E 125 20.50 -48.58 -15.24
CA ARG E 125 21.01 -48.92 -13.92
C ARG E 125 19.88 -48.92 -12.88
N ILE E 126 18.84 -48.11 -13.10
CA ILE E 126 17.71 -48.03 -12.19
C ILE E 126 16.81 -49.25 -12.39
N ASN E 127 16.47 -49.54 -13.65
CA ASN E 127 15.58 -50.65 -14.00
C ASN E 127 16.13 -51.95 -13.42
N TYR E 128 17.44 -52.18 -13.56
CA TYR E 128 18.09 -53.36 -13.03
C TYR E 128 17.90 -53.41 -11.52
N ALA E 129 18.14 -52.27 -10.85
CA ALA E 129 18.03 -52.18 -9.40
C ALA E 129 16.59 -52.45 -8.95
N ILE E 130 15.61 -51.98 -9.72
CA ILE E 130 14.21 -52.19 -9.40
C ILE E 130 13.92 -53.69 -9.35
N ARG E 131 14.43 -54.42 -10.36
CA ARG E 131 14.22 -55.86 -10.48
C ARG E 131 14.91 -56.58 -9.32
N LYS E 132 16.16 -56.19 -9.02
CA LYS E 132 16.98 -56.87 -8.04
C LYS E 132 16.43 -56.71 -6.63
N TYR E 133 15.57 -55.70 -6.42
CA TYR E 133 15.00 -55.44 -5.11
C TYR E 133 13.48 -55.55 -5.14
N LYS E 134 12.91 -55.78 -6.33
CA LYS E 134 11.47 -55.84 -6.52
C LYS E 134 10.84 -54.55 -5.98
N ALA E 135 11.33 -53.43 -6.52
CA ALA E 135 11.04 -52.11 -5.97
C ALA E 135 9.75 -51.56 -6.57
N LYS E 136 8.88 -51.06 -5.69
CA LYS E 136 7.61 -50.46 -6.08
C LYS E 136 7.75 -48.94 -6.17
N ARG E 137 8.48 -48.35 -5.21
CA ARG E 137 8.60 -46.90 -5.11
C ARG E 137 10.03 -46.47 -5.46
N VAL E 138 10.16 -45.33 -6.14
CA VAL E 138 11.44 -44.78 -6.54
C VAL E 138 11.48 -43.28 -6.26
N ALA E 139 12.59 -42.82 -5.69
CA ALA E 139 12.81 -41.41 -5.44
C ALA E 139 14.09 -40.95 -6.16
N ILE E 140 13.98 -39.85 -6.92
CA ILE E 140 15.11 -39.32 -7.68
C ILE E 140 15.35 -37.89 -7.24
N ASP E 141 16.59 -37.59 -6.82
CA ASP E 141 16.91 -36.35 -6.14
C ASP E 141 18.37 -35.99 -6.38
N SER E 142 18.67 -34.93 -7.15
CA SER E 142 17.72 -34.06 -7.82
C SER E 142 17.97 -34.06 -9.32
N ILE E 143 16.90 -33.98 -10.12
CA ILE E 143 17.00 -34.09 -11.57
C ILE E 143 17.68 -32.83 -12.11
N THR E 144 17.49 -31.70 -11.42
CA THR E 144 18.05 -30.43 -11.84
C THR E 144 19.57 -30.53 -11.93
N ALA E 145 20.19 -31.24 -10.96
CA ALA E 145 21.63 -31.35 -10.87
C ALA E 145 22.19 -32.04 -12.12
N VAL E 146 21.49 -33.08 -12.59
CA VAL E 146 21.87 -33.78 -13.80
C VAL E 146 22.04 -32.76 -14.92
N PHE E 147 20.93 -32.10 -15.29
CA PHE E 147 20.93 -31.09 -16.33
C PHE E 147 21.66 -29.83 -15.84
N SER E 154 15.10 -27.00 -23.94
CA SER E 154 14.80 -27.73 -25.20
C SER E 154 15.18 -29.20 -25.06
N VAL E 155 16.40 -29.45 -24.58
CA VAL E 155 16.91 -30.79 -24.37
C VAL E 155 16.26 -31.37 -23.11
N VAL E 156 16.04 -30.51 -22.10
CA VAL E 156 15.51 -30.92 -20.82
C VAL E 156 14.11 -31.54 -21.01
N ARG E 157 13.29 -30.95 -21.89
CA ARG E 157 11.92 -31.38 -22.08
C ARG E 157 11.88 -32.84 -22.55
N ARG E 158 12.69 -33.17 -23.56
CA ARG E 158 12.65 -34.48 -24.20
C ARG E 158 13.21 -35.55 -23.26
N GLU E 159 14.25 -35.20 -22.49
CA GLU E 159 14.89 -36.17 -21.61
C GLU E 159 14.05 -36.39 -20.35
N ILE E 160 13.41 -35.32 -19.85
CA ILE E 160 12.48 -35.43 -18.74
C ILE E 160 11.31 -36.32 -19.14
N PHE E 161 10.84 -36.17 -20.39
CA PHE E 161 9.75 -36.96 -20.93
C PHE E 161 10.12 -38.44 -20.92
N ARG E 162 11.33 -38.74 -21.42
CA ARG E 162 11.81 -40.11 -21.53
C ARG E 162 11.85 -40.76 -20.15
N LEU E 163 12.45 -40.07 -19.17
CA LEU E 163 12.61 -40.57 -17.82
C LEU E 163 11.25 -41.00 -17.28
N ILE E 164 10.25 -40.13 -17.47
CA ILE E 164 8.90 -40.36 -16.97
C ILE E 164 8.29 -41.56 -17.68
N ALA E 165 8.48 -41.65 -19.01
CA ALA E 165 7.87 -42.68 -19.83
C ALA E 165 8.45 -44.06 -19.49
N ARG E 166 9.78 -44.13 -19.32
CA ARG E 166 10.45 -45.38 -19.04
C ARG E 166 10.01 -45.92 -17.67
N LEU E 167 9.89 -45.02 -16.69
CA LEU E 167 9.53 -45.39 -15.32
C LEU E 167 8.06 -45.83 -15.26
N LYS E 168 7.21 -45.27 -16.13
CA LYS E 168 5.82 -45.69 -16.24
C LYS E 168 5.75 -47.09 -16.84
N GLU E 169 6.69 -47.40 -17.74
CA GLU E 169 6.79 -48.73 -18.34
C GLU E 169 7.13 -49.76 -17.26
N ILE E 170 8.02 -49.40 -16.33
CA ILE E 170 8.37 -50.29 -15.23
C ILE E 170 7.13 -50.46 -14.35
N GLY E 171 6.31 -49.40 -14.27
CA GLY E 171 5.08 -49.42 -13.49
C GLY E 171 5.33 -49.05 -12.04
N VAL E 172 6.24 -48.08 -11.84
CA VAL E 172 6.70 -47.68 -10.51
C VAL E 172 6.14 -46.29 -10.21
N THR E 173 5.84 -46.05 -8.92
CA THR E 173 5.44 -44.74 -8.43
C THR E 173 6.69 -43.95 -8.08
N THR E 174 6.94 -42.85 -8.81
CA THR E 174 8.21 -42.13 -8.70
C THR E 174 7.98 -40.74 -8.13
N VAL E 175 8.94 -40.30 -7.30
CA VAL E 175 9.02 -38.94 -6.80
C VAL E 175 10.32 -38.33 -7.33
N MET E 176 10.20 -37.19 -8.03
CA MET E 176 11.34 -36.49 -8.61
C MET E 176 11.47 -35.10 -7.98
N THR E 177 12.70 -34.69 -7.69
CA THR E 177 12.98 -33.43 -7.02
C THR E 177 13.48 -32.40 -8.03
N THR E 178 12.92 -31.18 -7.97
CA THR E 178 13.42 -30.06 -8.75
C THR E 178 13.79 -28.90 -7.83
N GLU E 179 14.70 -28.06 -8.33
CA GLU E 179 15.14 -26.87 -7.61
C GLU E 179 14.40 -25.66 -8.16
N ARG E 180 14.24 -24.63 -7.33
CA ARG E 180 13.73 -23.34 -7.75
C ARG E 180 14.60 -22.24 -7.16
N ILE E 181 14.52 -21.05 -7.76
CA ILE E 181 15.28 -19.89 -7.30
C ILE E 181 14.41 -19.06 -6.36
N ASP E 182 13.12 -18.95 -6.67
CA ASP E 182 12.22 -18.05 -5.95
C ASP E 182 11.09 -18.86 -5.33
N GLU E 183 10.35 -18.23 -4.42
CA GLU E 183 9.30 -18.90 -3.67
C GLU E 183 7.99 -18.80 -4.45
N TYR E 184 7.71 -17.60 -4.96
CA TYR E 184 6.62 -17.35 -5.89
C TYR E 184 7.23 -16.98 -7.24
N GLY E 185 6.98 -17.81 -8.26
CA GLY E 185 7.64 -17.66 -9.54
C GLY E 185 7.73 -19.00 -10.29
N PRO E 186 8.76 -19.19 -11.15
CA PRO E 186 8.89 -20.42 -11.94
C PRO E 186 8.99 -21.67 -11.06
N ILE E 187 8.13 -22.65 -11.35
CA ILE E 187 7.93 -23.81 -10.50
C ILE E 187 9.19 -24.65 -10.45
N ALA E 188 9.93 -24.69 -11.56
CA ALA E 188 11.27 -25.28 -11.61
C ALA E 188 12.18 -24.35 -12.39
N ARG E 189 13.40 -24.81 -12.69
CA ARG E 189 14.43 -23.95 -13.26
C ARG E 189 14.14 -23.60 -14.71
N TYR E 190 14.05 -24.63 -15.57
CA TYR E 190 14.10 -24.46 -17.00
C TYR E 190 12.71 -24.18 -17.59
N GLY E 191 11.69 -24.08 -16.73
CA GLY E 191 10.38 -23.60 -17.14
C GLY E 191 9.61 -24.61 -17.99
N VAL E 192 9.94 -25.90 -17.84
CA VAL E 192 9.47 -26.92 -18.77
C VAL E 192 9.01 -28.18 -18.00
N GLU E 193 9.52 -28.36 -16.77
CA GLU E 193 9.38 -29.61 -16.04
C GLU E 193 7.94 -29.83 -15.58
N GLU E 194 7.22 -28.74 -15.28
CA GLU E 194 5.88 -28.84 -14.73
C GLU E 194 4.90 -29.32 -15.79
N PHE E 195 5.14 -28.91 -17.04
CA PHE E 195 4.24 -29.20 -18.15
C PHE E 195 4.39 -30.65 -18.61
N VAL E 196 5.57 -31.24 -18.37
CA VAL E 196 5.84 -32.61 -18.76
C VAL E 196 5.38 -33.56 -17.66
N SER E 197 5.41 -33.09 -16.40
CA SER E 197 5.02 -33.91 -15.27
C SER E 197 3.50 -34.01 -15.21
N ASP E 198 3.00 -35.21 -14.92
CA ASP E 198 1.58 -35.44 -14.70
C ASP E 198 1.17 -34.81 -13.36
N ASN E 199 2.05 -34.92 -12.36
CA ASN E 199 1.76 -34.50 -11.00
C ASN E 199 2.80 -33.48 -10.54
N VAL E 200 2.37 -32.46 -9.80
CA VAL E 200 3.26 -31.38 -9.39
C VAL E 200 2.96 -30.97 -7.94
N VAL E 201 3.98 -31.08 -7.09
CA VAL E 201 3.91 -30.64 -5.70
C VAL E 201 4.92 -29.50 -5.51
N ILE E 202 4.53 -28.48 -4.74
CA ILE E 202 5.38 -27.32 -4.50
C ILE E 202 5.60 -27.15 -3.00
N LEU E 203 6.87 -27.30 -2.58
CA LEU E 203 7.27 -26.97 -1.22
C LEU E 203 7.77 -25.53 -1.18
N ARG E 204 7.28 -24.74 -0.22
CA ARG E 204 7.68 -23.34 -0.07
C ARG E 204 8.18 -23.08 1.35
N ASN E 205 9.09 -22.12 1.46
CA ASN E 205 9.65 -21.69 2.73
C ASN E 205 9.66 -20.16 2.74
N VAL E 206 8.50 -19.56 3.00
CA VAL E 206 8.28 -18.14 2.77
C VAL E 206 8.78 -17.36 3.98
N LEU E 207 9.53 -16.28 3.72
CA LEU E 207 9.96 -15.35 4.74
C LEU E 207 9.02 -14.15 4.76
N GLU E 208 8.08 -14.15 5.71
CA GLU E 208 7.20 -13.02 5.95
C GLU E 208 7.58 -12.38 7.29
N GLY E 209 7.93 -11.10 7.25
CA GLY E 209 8.52 -10.42 8.39
C GLY E 209 9.98 -10.84 8.55
N GLU E 210 10.28 -11.55 9.63
CA GLU E 210 11.59 -12.13 9.83
C GLU E 210 11.44 -13.59 10.24
N ARG E 211 10.28 -14.20 9.94
CA ARG E 211 9.98 -15.57 10.30
C ARG E 211 9.74 -16.37 9.01
N ARG E 212 10.09 -17.66 9.04
CA ARG E 212 9.86 -18.56 7.92
C ARG E 212 8.61 -19.40 8.18
N ARG E 213 7.85 -19.67 7.12
CA ARG E 213 6.67 -20.50 7.18
C ARG E 213 6.73 -21.52 6.05
N ARG E 214 6.72 -22.81 6.41
CA ARG E 214 6.76 -23.89 5.45
C ARG E 214 5.35 -24.21 4.96
N THR E 215 5.20 -24.43 3.65
CA THR E 215 3.92 -24.79 3.07
C THR E 215 4.11 -25.82 1.95
N VAL E 216 3.06 -26.64 1.75
CA VAL E 216 2.98 -27.58 0.65
C VAL E 216 1.76 -27.22 -0.19
N GLU E 217 1.91 -27.30 -1.51
CA GLU E 217 0.79 -27.16 -2.42
C GLU E 217 0.80 -28.30 -3.43
N ILE E 218 -0.38 -28.92 -3.63
CA ILE E 218 -0.62 -29.78 -4.76
C ILE E 218 -1.17 -28.89 -5.89
N LEU E 219 -0.37 -28.66 -6.92
CA LEU E 219 -0.73 -27.76 -7.99
C LEU E 219 -1.52 -28.52 -9.05
N LYS E 220 -1.07 -29.74 -9.38
CA LYS E 220 -1.61 -30.49 -10.49
C LYS E 220 -1.57 -31.99 -10.18
N LEU E 221 -2.71 -32.66 -10.35
CA LEU E 221 -2.78 -34.12 -10.47
C LEU E 221 -3.68 -34.49 -11.64
N ARG E 222 -3.07 -34.85 -12.78
CA ARG E 222 -3.83 -35.22 -13.96
C ARG E 222 -4.68 -36.45 -13.66
N GLY E 223 -5.95 -36.38 -14.07
CA GLY E 223 -6.85 -37.51 -14.00
C GLY E 223 -7.46 -37.73 -12.62
N THR E 224 -7.27 -36.77 -11.71
CA THR E 224 -7.72 -36.93 -10.32
C THR E 224 -8.00 -35.58 -9.68
N THR E 225 -8.54 -35.65 -8.46
CA THR E 225 -8.88 -34.49 -7.65
C THR E 225 -7.84 -34.31 -6.55
N HIS E 226 -7.77 -33.08 -6.00
CA HIS E 226 -6.87 -32.79 -4.90
C HIS E 226 -7.30 -31.50 -4.22
N MET E 227 -6.80 -31.29 -3.00
CA MET E 227 -6.98 -30.03 -2.30
C MET E 227 -6.11 -28.97 -2.97
N LYS E 228 -6.59 -27.72 -2.90
CA LYS E 228 -6.03 -26.65 -3.71
C LYS E 228 -5.59 -25.51 -2.80
N GLY E 229 -4.41 -24.95 -3.11
CA GLY E 229 -3.83 -23.87 -2.33
C GLY E 229 -2.68 -24.36 -1.45
N GLU E 230 -2.07 -23.42 -0.71
CA GLU E 230 -0.94 -23.73 0.16
C GLU E 230 -1.47 -24.24 1.50
N PHE E 231 -0.82 -25.30 2.01
CA PHE E 231 -1.14 -25.82 3.33
C PHE E 231 0.12 -25.81 4.18
N PRO E 232 0.11 -25.19 5.38
CA PRO E 232 1.29 -25.17 6.25
C PRO E 232 1.70 -26.57 6.71
N PHE E 233 2.99 -26.74 6.96
CA PHE E 233 3.50 -27.98 7.53
C PHE E 233 4.69 -27.69 8.42
N THR E 234 5.08 -28.71 9.20
CA THR E 234 6.29 -28.65 10.02
C THR E 234 7.07 -29.95 9.85
N MET E 235 8.39 -29.86 10.09
CA MET E 235 9.23 -31.03 10.14
C MET E 235 9.58 -31.30 11.60
N GLY E 236 8.91 -32.30 12.18
CA GLY E 236 9.25 -32.83 13.48
C GLY E 236 10.11 -34.08 13.35
N ALA E 237 10.51 -34.65 14.50
CA ALA E 237 11.44 -35.76 14.52
C ALA E 237 10.75 -37.07 14.15
N HIS E 238 9.50 -37.00 13.67
CA HIS E 238 8.84 -38.14 13.04
C HIS E 238 8.78 -37.93 11.52
N GLY E 239 9.23 -36.76 11.05
CA GLY E 239 9.19 -36.40 9.65
C GLY E 239 8.31 -35.17 9.40
N ILE E 240 7.78 -35.08 8.17
CA ILE E 240 6.89 -34.01 7.78
C ILE E 240 5.52 -34.25 8.41
N SER E 241 4.87 -33.15 8.86
CA SER E 241 3.52 -33.21 9.40
C SER E 241 2.70 -32.06 8.84
N ILE E 242 1.74 -32.39 7.96
CA ILE E 242 0.88 -31.41 7.32
C ILE E 242 -0.44 -31.35 8.08
N PHE E 243 -0.97 -30.13 8.24
CA PHE E 243 -2.29 -29.90 8.81
C PHE E 243 -3.19 -29.30 7.74
N PRO E 244 -4.00 -30.12 7.02
CA PRO E 244 -4.93 -29.60 6.02
C PRO E 244 -6.05 -28.75 6.66
N LEU E 250 -15.92 -30.49 10.69
CA LEU E 250 -16.84 -29.81 11.63
C LEU E 250 -17.83 -30.84 12.21
N THR E 251 -17.27 -31.80 12.96
CA THR E 251 -18.03 -32.89 13.55
C THR E 251 -17.42 -33.28 14.90
N GLN E 252 -17.10 -32.27 15.72
CA GLN E 252 -16.63 -32.51 17.08
C GLN E 252 -17.84 -32.77 17.98
N ARG E 253 -17.68 -33.69 18.93
CA ARG E 253 -18.76 -34.14 19.79
C ARG E 253 -19.09 -33.05 20.82
N SER E 254 -20.29 -33.16 21.41
CA SER E 254 -20.79 -32.16 22.35
C SER E 254 -21.66 -32.83 23.41
N SER E 255 -21.42 -32.50 24.68
CA SER E 255 -22.16 -33.08 25.80
C SER E 255 -22.66 -31.97 26.72
N ASN E 256 -23.49 -32.35 27.70
CA ASN E 256 -24.10 -31.41 28.63
C ASN E 256 -23.47 -31.56 30.02
N VAL E 257 -22.21 -32.01 30.07
CA VAL E 257 -21.52 -32.21 31.33
C VAL E 257 -20.76 -30.93 31.69
N ARG E 258 -20.75 -30.59 32.98
CA ARG E 258 -20.29 -29.30 33.45
C ARG E 258 -19.02 -29.44 34.28
N VAL E 259 -18.17 -28.41 34.24
CA VAL E 259 -16.96 -28.33 35.04
C VAL E 259 -16.91 -26.96 35.70
N SER E 260 -16.24 -26.88 36.87
CA SER E 260 -16.21 -25.67 37.67
C SER E 260 -15.11 -24.73 37.20
N SER E 261 -15.34 -23.42 37.43
CA SER E 261 -14.40 -22.37 37.10
C SER E 261 -13.41 -22.14 38.24
N GLY E 262 -13.74 -22.65 39.45
CA GLY E 262 -13.01 -22.33 40.65
C GLY E 262 -13.58 -21.09 41.34
N VAL E 263 -14.63 -20.51 40.74
CA VAL E 263 -15.38 -19.42 41.34
C VAL E 263 -16.85 -19.82 41.32
N PRO E 264 -17.43 -20.25 42.47
CA PRO E 264 -18.81 -20.76 42.51
C PRO E 264 -19.88 -19.78 42.04
N ARG E 265 -19.67 -18.48 42.29
CA ARG E 265 -20.63 -17.49 41.83
C ARG E 265 -20.62 -17.44 40.31
N LEU E 266 -19.43 -17.52 39.70
CA LEU E 266 -19.28 -17.53 38.25
C LEU E 266 -19.98 -18.77 37.69
N ASP E 267 -19.78 -19.92 38.34
CA ASP E 267 -20.39 -21.17 37.92
C ASP E 267 -21.91 -21.04 37.90
N GLU E 268 -22.46 -20.33 38.90
CA GLU E 268 -23.90 -20.05 38.95
C GLU E 268 -24.27 -19.07 37.84
N MET E 269 -23.40 -18.08 37.59
CA MET E 269 -23.60 -17.11 36.53
C MET E 269 -23.60 -17.79 35.16
N CYS E 270 -22.94 -18.94 35.05
CA CYS E 270 -22.87 -19.69 33.80
C CYS E 270 -23.96 -20.75 33.72
N GLY E 271 -24.84 -20.81 34.72
CA GLY E 271 -25.99 -21.70 34.70
C GLY E 271 -25.65 -23.11 35.13
N GLY E 272 -24.65 -23.25 36.02
CA GLY E 272 -24.21 -24.54 36.53
C GLY E 272 -22.70 -24.71 36.45
N GLY E 273 -22.05 -24.00 35.53
CA GLY E 273 -20.61 -24.11 35.32
C GLY E 273 -20.28 -24.20 33.84
N PHE E 274 -18.97 -24.21 33.52
CA PHE E 274 -18.52 -24.36 32.15
C PHE E 274 -18.81 -25.79 31.68
N PHE E 275 -19.03 -25.96 30.38
CA PHE E 275 -19.14 -27.28 29.78
C PHE E 275 -17.74 -27.85 29.59
N LYS E 276 -17.59 -29.16 29.77
CA LYS E 276 -16.31 -29.83 29.60
C LYS E 276 -15.91 -29.80 28.12
N ASP E 277 -16.91 -29.97 27.24
CA ASP E 277 -16.72 -29.85 25.81
C ASP E 277 -17.10 -28.43 25.38
N SER E 278 -16.22 -27.48 25.68
CA SER E 278 -16.43 -26.08 25.29
C SER E 278 -15.11 -25.32 25.25
N ILE E 279 -15.12 -24.23 24.47
CA ILE E 279 -14.04 -23.26 24.47
C ILE E 279 -14.50 -22.01 25.22
N ILE E 280 -13.75 -21.65 26.27
CA ILE E 280 -14.03 -20.47 27.07
C ILE E 280 -13.06 -19.36 26.65
N LEU E 281 -13.57 -18.13 26.54
CA LEU E 281 -12.75 -16.97 26.23
C LEU E 281 -12.99 -15.88 27.28
N ALA E 282 -11.91 -15.43 27.93
CA ALA E 282 -11.95 -14.25 28.77
C ALA E 282 -11.31 -13.07 28.02
N THR E 283 -12.11 -12.04 27.74
CA THR E 283 -11.64 -10.84 27.06
C THR E 283 -11.70 -9.66 28.02
N GLY E 284 -10.68 -8.79 27.94
CA GLY E 284 -10.64 -7.60 28.76
C GLY E 284 -9.30 -6.88 28.66
N ALA E 285 -9.27 -5.65 29.18
CA ALA E 285 -8.07 -4.82 29.17
C ALA E 285 -7.03 -5.37 30.14
N THR E 286 -5.87 -4.71 30.19
CA THR E 286 -4.75 -5.16 30.99
C THR E 286 -5.06 -4.90 32.47
N GLY E 287 -4.86 -5.93 33.29
CA GLY E 287 -5.01 -5.84 34.74
C GLY E 287 -6.45 -6.10 35.21
N THR E 288 -7.30 -6.61 34.32
CA THR E 288 -8.70 -6.84 34.66
C THR E 288 -8.87 -8.14 35.43
N GLY E 289 -7.92 -9.08 35.29
CA GLY E 289 -7.93 -10.32 36.06
C GLY E 289 -8.22 -11.55 35.21
N LYS E 290 -7.72 -11.56 33.97
CA LYS E 290 -7.88 -12.70 33.07
C LYS E 290 -6.99 -13.86 33.49
N THR E 291 -5.76 -13.54 33.93
CA THR E 291 -4.80 -14.56 34.33
C THR E 291 -5.25 -15.23 35.63
N LEU E 292 -6.03 -14.50 36.44
CA LEU E 292 -6.57 -15.02 37.69
C LEU E 292 -7.62 -16.09 37.42
N LEU E 293 -8.52 -15.82 36.47
CA LEU E 293 -9.59 -16.75 36.15
C LEU E 293 -8.99 -18.02 35.54
N VAL E 294 -7.95 -17.85 34.72
CA VAL E 294 -7.19 -18.94 34.16
C VAL E 294 -6.61 -19.77 35.29
N SER E 295 -5.88 -19.10 36.20
CA SER E 295 -5.28 -19.75 37.35
C SER E 295 -6.33 -20.55 38.13
N LYS E 296 -7.53 -19.98 38.28
CA LYS E 296 -8.60 -20.62 39.02
C LYS E 296 -9.14 -21.83 38.25
N PHE E 297 -9.09 -21.77 36.92
CA PHE E 297 -9.56 -22.86 36.07
C PHE E 297 -8.61 -24.04 36.20
N ILE E 298 -7.30 -23.76 36.17
CA ILE E 298 -6.27 -24.77 36.32
C ILE E 298 -6.36 -25.41 37.70
N GLU E 299 -6.49 -24.57 38.74
CA GLU E 299 -6.52 -25.03 40.11
C GLU E 299 -7.63 -26.08 40.31
N ASP E 300 -8.81 -25.83 39.73
CA ASP E 300 -9.97 -26.67 39.97
C ASP E 300 -9.72 -28.09 39.47
N ALA E 301 -8.98 -28.22 38.36
CA ALA E 301 -8.66 -29.51 37.77
C ALA E 301 -7.69 -30.27 38.68
N CYS E 302 -6.76 -29.54 39.29
CA CYS E 302 -5.75 -30.13 40.17
C CYS E 302 -6.37 -30.53 41.51
N ARG E 303 -7.53 -29.95 41.84
CA ARG E 303 -8.24 -30.28 43.07
C ARG E 303 -9.22 -31.43 42.83
N ASN E 304 -9.62 -31.65 41.57
CA ASN E 304 -10.51 -32.75 41.20
C ASN E 304 -9.70 -33.93 40.67
N LYS E 305 -8.40 -33.97 40.99
CA LYS E 305 -7.55 -35.11 40.64
C LYS E 305 -7.56 -35.33 39.13
N GLU E 306 -7.33 -34.25 38.38
CA GLU E 306 -7.17 -34.31 36.94
C GLU E 306 -5.98 -33.43 36.55
N ARG E 307 -5.43 -33.66 35.35
CA ARG E 307 -4.22 -32.97 34.92
C ARG E 307 -4.60 -31.77 34.05
N ALA E 308 -3.69 -30.79 34.00
CA ALA E 308 -3.92 -29.57 33.21
C ALA E 308 -2.58 -28.99 32.75
N ILE E 309 -2.63 -28.30 31.60
CA ILE E 309 -1.46 -27.67 31.01
C ILE E 309 -1.78 -26.19 30.80
N LEU E 310 -0.79 -25.32 31.07
CA LEU E 310 -0.94 -23.89 30.89
C LEU E 310 0.15 -23.38 29.95
N PHE E 311 -0.26 -22.94 28.76
CA PHE E 311 0.64 -22.31 27.82
C PHE E 311 0.67 -20.80 28.11
N ALA E 312 1.83 -20.33 28.56
CA ALA E 312 2.00 -18.94 28.95
C ALA E 312 2.93 -18.24 27.96
N TYR E 313 2.52 -17.07 27.47
CA TYR E 313 3.26 -16.33 26.45
C TYR E 313 3.53 -14.89 26.89
N GLU E 314 3.32 -14.59 28.18
CA GLU E 314 3.46 -13.23 28.68
C GLU E 314 4.29 -13.21 29.97
N GLU E 315 4.08 -14.19 30.85
CA GLU E 315 4.76 -14.22 32.14
C GLU E 315 5.69 -15.43 32.23
N SER E 316 6.83 -15.24 32.89
CA SER E 316 7.76 -16.32 33.18
C SER E 316 7.21 -17.17 34.32
N ARG E 317 7.66 -18.43 34.38
CA ARG E 317 7.21 -19.37 35.41
C ARG E 317 7.37 -18.76 36.79
N ALA E 318 8.52 -18.11 37.03
CA ALA E 318 8.86 -17.52 38.32
C ALA E 318 7.79 -16.54 38.76
N GLN E 319 7.42 -15.61 37.86
CA GLN E 319 6.44 -14.58 38.15
C GLN E 319 5.06 -15.19 38.37
N LEU E 320 4.67 -16.11 37.49
CA LEU E 320 3.40 -16.81 37.60
C LEU E 320 3.23 -17.38 39.00
N LEU E 321 4.29 -18.05 39.50
CA LEU E 321 4.28 -18.67 40.81
C LEU E 321 4.06 -17.64 41.91
N ARG E 322 4.84 -16.56 41.89
CA ARG E 322 4.72 -15.51 42.88
C ARG E 322 3.30 -14.96 42.90
N ASN E 323 2.78 -14.59 41.73
CA ASN E 323 1.49 -13.93 41.61
C ASN E 323 0.38 -14.89 42.04
N ALA E 324 0.53 -16.17 41.68
CA ALA E 324 -0.43 -17.20 42.04
C ALA E 324 -0.50 -17.37 43.56
N THR E 325 0.65 -17.29 44.25
CA THR E 325 0.70 -17.52 45.69
C THR E 325 0.09 -16.32 46.42
N SER E 326 0.12 -15.14 45.80
CA SER E 326 -0.51 -13.95 46.35
C SER E 326 -2.03 -14.07 46.31
N TRP E 327 -2.57 -14.91 45.42
CA TRP E 327 -3.99 -15.17 45.33
C TRP E 327 -4.39 -16.43 46.10
N GLY E 328 -3.41 -17.08 46.74
CA GLY E 328 -3.66 -18.30 47.51
C GLY E 328 -3.67 -19.56 46.65
N ILE E 329 -2.92 -19.53 45.54
CA ILE E 329 -2.89 -20.64 44.60
C ILE E 329 -1.46 -21.14 44.48
N ASP E 330 -1.25 -22.40 44.90
CA ASP E 330 0.08 -22.99 44.94
C ASP E 330 0.25 -23.89 43.72
N PHE E 331 0.71 -23.30 42.61
CA PHE E 331 0.92 -24.02 41.36
C PHE E 331 2.06 -25.02 41.50
N GLU E 332 3.10 -24.62 42.25
CA GLU E 332 4.30 -25.43 42.42
C GLU E 332 3.95 -26.81 42.97
N GLN E 333 2.99 -26.87 43.90
CA GLN E 333 2.60 -28.13 44.54
C GLN E 333 1.88 -29.02 43.53
N MET E 334 1.13 -28.42 42.61
CA MET E 334 0.45 -29.15 41.56
C MET E 334 1.46 -29.58 40.48
N GLU E 335 2.52 -28.78 40.31
CA GLU E 335 3.64 -29.18 39.46
C GLU E 335 4.37 -30.36 40.10
N GLN E 336 4.60 -30.27 41.42
CA GLN E 336 5.31 -31.30 42.17
C GLN E 336 4.55 -32.63 42.09
N ASP E 337 3.22 -32.56 42.14
CA ASP E 337 2.37 -33.75 42.10
C ASP E 337 2.03 -34.11 40.67
N GLY E 338 2.67 -33.43 39.70
CA GLY E 338 2.52 -33.72 38.28
C GLY E 338 1.06 -33.67 37.83
N LEU E 339 0.31 -32.69 38.36
CA LEU E 339 -1.06 -32.44 37.93
C LEU E 339 -1.11 -31.18 37.06
N LEU E 340 0.02 -30.46 36.98
CA LEU E 340 0.08 -29.19 36.27
C LEU E 340 1.40 -29.11 35.52
N LYS E 341 1.35 -28.79 34.22
CA LYS E 341 2.54 -28.48 33.45
C LYS E 341 2.43 -27.06 32.90
N ILE E 342 3.51 -26.28 33.04
CA ILE E 342 3.56 -24.89 32.62
C ILE E 342 4.62 -24.73 31.54
N ILE E 343 4.17 -24.41 30.31
CA ILE E 343 5.08 -24.20 29.19
C ILE E 343 5.17 -22.70 28.92
N CYS E 344 6.28 -22.08 29.32
CA CYS E 344 6.50 -20.66 29.11
C CYS E 344 7.38 -20.47 27.87
N ALA E 345 7.00 -19.50 27.02
CA ALA E 345 7.73 -19.22 25.80
C ALA E 345 7.26 -17.89 25.20
N TYR E 346 8.18 -17.19 24.54
CA TYR E 346 7.87 -15.94 23.87
C TYR E 346 7.08 -16.25 22.58
N PRO E 347 6.12 -15.39 22.18
CA PRO E 347 5.39 -15.57 20.91
C PRO E 347 6.27 -15.42 19.66
N GLU E 348 7.20 -14.46 19.71
CA GLU E 348 8.02 -14.12 18.55
C GLU E 348 9.04 -15.22 18.28
N SER E 349 9.29 -16.09 19.27
CA SER E 349 10.26 -17.16 19.16
C SER E 349 10.12 -17.87 17.82
N THR E 350 8.94 -18.43 17.55
CA THR E 350 8.69 -19.21 16.34
C THR E 350 7.45 -18.67 15.64
N GLY E 351 7.09 -19.32 14.52
CA GLY E 351 5.83 -19.06 13.84
C GLY E 351 4.67 -19.81 14.50
N LEU E 352 3.45 -19.38 14.18
CA LEU E 352 2.24 -19.91 14.81
C LEU E 352 2.05 -21.39 14.47
N GLU E 353 2.37 -21.76 13.22
CA GLU E 353 2.31 -23.16 12.80
C GLU E 353 3.17 -24.02 13.73
N ASP E 354 4.34 -23.49 14.14
CA ASP E 354 5.25 -24.19 15.03
C ASP E 354 4.70 -24.18 16.47
N HIS E 355 4.17 -23.02 16.89
CA HIS E 355 3.57 -22.88 18.21
C HIS E 355 2.44 -23.90 18.41
N LEU E 356 1.73 -24.21 17.33
CA LEU E 356 0.61 -25.15 17.38
C LEU E 356 1.12 -26.56 17.62
N GLN E 357 2.25 -26.90 17.00
CA GLN E 357 2.85 -28.22 17.13
C GLN E 357 3.40 -28.44 18.54
N ILE E 358 3.84 -27.36 19.20
CA ILE E 358 4.27 -27.44 20.59
C ILE E 358 3.08 -27.87 21.44
N ILE E 359 1.93 -27.26 21.17
CA ILE E 359 0.73 -27.50 21.96
C ILE E 359 0.27 -28.94 21.76
N LYS E 360 0.13 -29.36 20.50
CA LYS E 360 -0.33 -30.70 20.16
C LYS E 360 0.58 -31.76 20.78
N THR E 361 1.89 -31.53 20.72
CA THR E 361 2.87 -32.45 21.29
C THR E 361 2.68 -32.56 22.79
N GLU E 362 2.70 -31.40 23.48
CA GLU E 362 2.62 -31.34 24.93
C GLU E 362 1.29 -31.92 25.41
N ILE E 363 0.22 -31.70 24.64
CA ILE E 363 -1.11 -32.19 24.99
C ILE E 363 -1.15 -33.71 24.87
N SER E 364 -0.38 -34.29 23.94
CA SER E 364 -0.31 -35.73 23.78
C SER E 364 0.62 -36.35 24.82
N GLN E 365 1.68 -35.62 25.19
CA GLN E 365 2.69 -36.13 26.10
C GLN E 365 2.25 -36.04 27.56
N PHE E 366 1.20 -35.26 27.83
CA PHE E 366 0.68 -35.08 29.19
C PHE E 366 -0.74 -35.61 29.33
N LYS E 367 -1.51 -35.60 28.23
CA LYS E 367 -2.90 -36.01 28.24
C LYS E 367 -3.66 -35.25 29.34
N PRO E 368 -3.81 -33.91 29.23
CA PRO E 368 -4.53 -33.12 30.22
C PRO E 368 -6.04 -33.16 29.98
N SER E 369 -6.80 -32.88 31.06
CA SER E 369 -8.24 -32.71 30.96
C SER E 369 -8.59 -31.26 30.61
N ARG E 370 -7.75 -30.31 31.08
CA ARG E 370 -7.98 -28.89 30.85
C ARG E 370 -6.74 -28.25 30.24
N MET E 371 -6.98 -27.20 29.45
CA MET E 371 -5.93 -26.49 28.73
C MET E 371 -6.13 -24.99 28.92
N ALA E 372 -5.03 -24.23 28.98
CA ALA E 372 -5.11 -22.78 29.09
C ALA E 372 -4.07 -22.13 28.17
N ILE E 373 -4.51 -21.09 27.45
CA ILE E 373 -3.64 -20.27 26.64
C ILE E 373 -3.75 -18.83 27.11
N ASP E 374 -2.62 -18.27 27.57
CA ASP E 374 -2.57 -16.95 28.17
C ASP E 374 -1.34 -16.22 27.62
N SER E 375 -1.51 -15.42 26.55
CA SER E 375 -2.79 -15.07 25.96
C SER E 375 -2.76 -15.26 24.45
N LEU E 376 -3.95 -15.39 23.85
CA LEU E 376 -4.09 -15.45 22.40
C LEU E 376 -3.65 -14.13 21.78
N SER E 377 -3.94 -13.00 22.44
CA SER E 377 -3.61 -11.70 21.90
C SER E 377 -2.10 -11.57 21.67
N ALA E 378 -1.30 -12.20 22.55
CA ALA E 378 0.15 -12.15 22.46
C ALA E 378 0.64 -12.86 21.19
N LEU E 379 -0.02 -13.98 20.85
CA LEU E 379 0.32 -14.76 19.66
C LEU E 379 -0.08 -14.04 18.38
N ALA E 380 -0.96 -13.02 18.49
CA ALA E 380 -1.43 -12.29 17.32
C ALA E 380 -0.48 -11.15 16.96
N ARG E 381 0.45 -10.81 17.87
CA ARG E 381 1.35 -9.67 17.67
C ARG E 381 2.31 -9.98 16.51
N GLY E 382 2.32 -9.10 15.50
CA GLY E 382 3.21 -9.23 14.36
C GLY E 382 2.91 -10.50 13.55
N VAL E 383 1.64 -10.72 13.24
CA VAL E 383 1.22 -11.82 12.38
C VAL E 383 0.09 -11.32 11.48
N SER E 384 -0.05 -11.96 10.32
CA SER E 384 -1.20 -11.75 9.45
C SER E 384 -2.47 -12.17 10.19
N HIS E 385 -3.54 -11.41 10.00
CA HIS E 385 -4.80 -11.66 10.70
C HIS E 385 -5.32 -13.04 10.31
N ASN E 386 -5.07 -13.44 9.06
CA ASN E 386 -5.54 -14.71 8.52
C ASN E 386 -4.67 -15.85 9.05
N ALA E 387 -3.35 -15.61 9.16
CA ALA E 387 -2.43 -16.60 9.71
C ALA E 387 -2.78 -16.89 11.16
N PHE E 388 -3.26 -15.86 11.88
CA PHE E 388 -3.70 -16.01 13.26
C PHE E 388 -5.02 -16.78 13.30
N ARG E 389 -5.98 -16.36 12.48
CA ARG E 389 -7.31 -16.95 12.48
C ARG E 389 -7.22 -18.47 12.30
N GLN E 390 -6.30 -18.92 11.44
CA GLN E 390 -6.15 -20.35 11.16
C GLN E 390 -5.47 -21.05 12.34
N PHE E 391 -4.61 -20.34 13.07
CA PHE E 391 -4.03 -20.87 14.29
C PHE E 391 -5.13 -21.16 15.30
N VAL E 392 -6.06 -20.20 15.48
CA VAL E 392 -7.11 -20.30 16.47
C VAL E 392 -8.03 -21.48 16.15
N ILE E 393 -8.41 -21.61 14.88
CA ILE E 393 -9.25 -22.72 14.44
C ILE E 393 -8.54 -24.03 14.76
N GLY E 394 -7.22 -24.05 14.58
CA GLY E 394 -6.41 -25.23 14.81
C GLY E 394 -6.45 -25.71 16.26
N VAL E 395 -6.23 -24.80 17.21
CA VAL E 395 -6.11 -25.17 18.62
C VAL E 395 -7.49 -25.44 19.18
N THR E 396 -8.47 -24.60 18.84
CA THR E 396 -9.84 -24.76 19.30
C THR E 396 -10.41 -26.07 18.76
N GLY E 397 -10.34 -26.24 17.44
CA GLY E 397 -10.78 -27.47 16.78
C GLY E 397 -10.11 -28.72 17.33
N TYR E 398 -8.83 -28.59 17.71
CA TYR E 398 -8.06 -29.71 18.25
C TYR E 398 -8.61 -30.11 19.62
N ALA E 399 -8.74 -29.13 20.51
CA ALA E 399 -9.20 -29.38 21.87
C ALA E 399 -10.63 -29.92 21.87
N LYS E 400 -11.44 -29.44 20.92
CA LYS E 400 -12.80 -29.91 20.75
C LYS E 400 -12.81 -31.33 20.19
N GLN E 401 -11.67 -31.76 19.61
CA GLN E 401 -11.54 -33.08 19.01
C GLN E 401 -10.81 -34.04 19.94
N GLU E 402 -10.20 -33.52 21.01
CA GLU E 402 -9.48 -34.34 21.97
C GLU E 402 -10.18 -34.33 23.32
N GLU E 403 -11.39 -33.76 23.37
CA GLU E 403 -12.21 -33.71 24.58
C GLU E 403 -11.42 -33.04 25.71
N ILE E 404 -10.88 -31.84 25.44
CA ILE E 404 -10.17 -31.05 26.44
C ILE E 404 -10.85 -29.70 26.56
N ALA E 405 -10.96 -29.20 27.80
CA ALA E 405 -11.56 -27.91 28.07
C ALA E 405 -10.50 -26.82 27.92
N GLY E 406 -10.83 -25.79 27.13
CA GLY E 406 -9.87 -24.75 26.78
C GLY E 406 -10.29 -23.38 27.32
N PHE E 407 -9.40 -22.78 28.13
CA PHE E 407 -9.56 -21.40 28.55
C PHE E 407 -8.53 -20.54 27.80
N PHE E 408 -9.04 -19.68 26.91
CA PHE E 408 -8.18 -18.77 26.15
C PHE E 408 -8.39 -17.36 26.68
N THR E 409 -7.32 -16.56 26.63
CA THR E 409 -7.32 -15.20 27.14
C THR E 409 -7.02 -14.23 26.00
N ASN E 410 -7.58 -13.02 26.10
CA ASN E 410 -7.43 -12.01 25.06
C ASN E 410 -7.40 -10.62 25.70
N THR E 411 -6.31 -9.88 25.48
CA THR E 411 -6.18 -8.51 25.93
C THR E 411 -6.72 -7.56 24.85
N SER E 412 -7.63 -6.67 25.25
CA SER E 412 -8.15 -5.64 24.35
C SER E 412 -7.23 -4.42 24.39
N GLU E 413 -7.25 -3.64 23.30
CA GLU E 413 -6.31 -2.55 23.11
C GLU E 413 -6.71 -1.35 23.97
N GLU E 414 -8.01 -1.06 24.03
CA GLU E 414 -8.53 0.07 24.79
C GLU E 414 -8.91 -0.41 26.19
N PHE E 415 -8.65 0.44 27.20
CA PHE E 415 -8.87 0.07 28.59
C PHE E 415 -10.31 0.34 29.00
N MET E 416 -11.05 1.10 28.19
CA MET E 416 -12.43 1.47 28.54
C MET E 416 -13.21 1.82 27.27
N GLY E 417 -14.43 1.30 27.19
CA GLY E 417 -15.34 1.64 26.10
C GLY E 417 -14.93 0.99 24.79
N SER E 418 -14.61 -0.32 24.86
CA SER E 418 -14.29 -1.10 23.68
C SER E 418 -15.57 -1.65 23.08
N HIS E 419 -15.83 -1.30 21.81
CA HIS E 419 -17.05 -1.71 21.12
C HIS E 419 -16.95 -3.17 20.67
N SER E 420 -15.73 -3.72 20.66
CA SER E 420 -15.49 -5.07 20.17
C SER E 420 -15.13 -5.98 21.34
N ILE E 421 -15.55 -7.25 21.23
CA ILE E 421 -15.23 -8.27 22.21
C ILE E 421 -13.82 -8.78 21.95
N THR E 422 -13.51 -9.01 20.67
CA THR E 422 -12.17 -9.33 20.23
C THR E 422 -11.77 -8.40 19.08
N ASP E 423 -10.47 -8.20 18.91
CA ASP E 423 -9.94 -7.37 17.83
C ASP E 423 -9.52 -8.24 16.66
N SER E 424 -9.81 -9.54 16.72
CA SER E 424 -9.35 -10.50 15.73
C SER E 424 -10.44 -11.47 15.29
N HIS E 425 -11.71 -11.17 15.62
CA HIS E 425 -12.84 -11.96 15.19
C HIS E 425 -12.67 -13.43 15.60
N ILE E 426 -12.47 -13.65 16.91
CA ILE E 426 -12.38 -14.98 17.49
C ILE E 426 -13.69 -15.32 18.20
N THR E 428 -16.87 -15.91 17.28
CA THR E 428 -17.75 -16.95 16.75
C THR E 428 -17.21 -18.34 17.09
N ILE E 429 -15.88 -18.46 17.24
CA ILE E 429 -15.23 -19.75 17.41
C ILE E 429 -15.42 -20.24 18.84
N THR E 430 -15.71 -19.31 19.76
CA THR E 430 -15.83 -19.63 21.18
C THR E 430 -17.29 -19.85 21.56
N ASP E 431 -17.52 -20.74 22.53
CA ASP E 431 -18.84 -21.10 23.00
C ASP E 431 -19.22 -20.23 24.20
N THR E 432 -18.24 -19.95 25.06
CA THR E 432 -18.43 -19.09 26.22
C THR E 432 -17.50 -17.89 26.10
N ILE E 433 -18.04 -16.69 26.36
CA ILE E 433 -17.25 -15.47 26.42
C ILE E 433 -17.46 -14.82 27.78
N LEU E 434 -16.35 -14.53 28.48
CA LEU E 434 -16.35 -13.75 29.70
C LEU E 434 -15.75 -12.38 29.40
N LEU E 435 -16.46 -11.31 29.79
CA LEU E 435 -16.03 -9.96 29.48
C LEU E 435 -15.68 -9.24 30.79
N LEU E 436 -14.38 -8.97 30.99
CA LEU E 436 -13.91 -8.20 32.13
C LEU E 436 -13.67 -6.77 31.66
N GLN E 437 -13.96 -5.79 32.53
CA GLN E 437 -13.78 -4.39 32.16
C GLN E 437 -13.56 -3.54 33.41
N TYR E 438 -13.06 -2.32 33.19
CA TYR E 438 -12.96 -1.31 34.24
C TYR E 438 -14.20 -0.44 34.21
N VAL E 439 -14.71 -0.09 35.40
CA VAL E 439 -15.77 0.89 35.53
C VAL E 439 -15.31 1.96 36.52
N GLU E 440 -15.40 3.23 36.11
CA GLU E 440 -15.07 4.35 36.98
C GLU E 440 -16.27 4.65 37.89
N ILE E 441 -16.05 4.53 39.20
CA ILE E 441 -17.08 4.79 40.20
C ILE E 441 -16.49 5.70 41.28
N ARG E 442 -16.95 6.96 41.31
CA ARG E 442 -16.67 7.91 42.37
C ARG E 442 -15.17 8.15 42.51
N GLY E 443 -14.52 8.40 41.37
CA GLY E 443 -13.11 8.77 41.34
C GLY E 443 -12.17 7.57 41.47
N GLU E 444 -12.75 6.36 41.53
CA GLU E 444 -11.98 5.14 41.75
C GLU E 444 -12.20 4.19 40.58
N MET E 445 -11.16 3.42 40.25
CA MET E 445 -11.23 2.40 39.22
C MET E 445 -11.81 1.12 39.82
N ALA E 446 -13.01 0.76 39.37
CA ALA E 446 -13.60 -0.52 39.72
C ALA E 446 -13.43 -1.50 38.56
N ARG E 447 -13.94 -2.71 38.75
CA ARG E 447 -13.91 -3.74 37.72
C ARG E 447 -15.25 -4.49 37.75
N ALA E 448 -15.56 -5.14 36.63
CA ALA E 448 -16.82 -5.86 36.48
C ALA E 448 -16.64 -7.07 35.58
N LEU E 449 -17.52 -8.06 35.79
CA LEU E 449 -17.50 -9.36 35.12
C LEU E 449 -18.84 -9.55 34.43
N ASN E 450 -18.83 -9.99 33.17
CA ASN E 450 -20.07 -10.31 32.48
C ASN E 450 -19.91 -11.63 31.71
N VAL E 451 -20.87 -12.55 31.92
CA VAL E 451 -20.98 -13.73 31.07
C VAL E 451 -21.72 -13.31 29.81
N PHE E 452 -20.94 -12.91 28.80
CA PHE E 452 -21.47 -12.29 27.59
C PHE E 452 -22.24 -13.31 26.77
N LYS E 453 -21.66 -14.50 26.59
CA LYS E 453 -22.23 -15.54 25.75
C LYS E 453 -22.03 -16.91 26.40
N MET E 454 -23.07 -17.74 26.32
CA MET E 454 -23.01 -19.12 26.80
C MET E 454 -23.87 -19.98 25.89
N ARG E 455 -23.21 -20.75 25.02
CA ARG E 455 -23.91 -21.59 24.07
C ARG E 455 -24.44 -22.81 24.81
N GLY E 456 -25.74 -23.08 24.63
CA GLY E 456 -26.39 -24.26 25.19
C GLY E 456 -26.71 -24.13 26.68
N SER E 457 -26.80 -22.89 27.19
CA SER E 457 -27.10 -22.68 28.59
C SER E 457 -27.65 -21.27 28.81
N TRP E 458 -28.52 -21.15 29.83
CA TRP E 458 -28.84 -19.87 30.42
C TRP E 458 -27.61 -19.32 31.15
N HIS E 459 -27.51 -17.99 31.24
CA HIS E 459 -26.44 -17.35 31.99
C HIS E 459 -26.95 -16.05 32.59
N ASP E 460 -26.27 -15.58 33.65
CA ASP E 460 -26.58 -14.31 34.26
C ASP E 460 -26.25 -13.19 33.28
N LYS E 461 -27.15 -12.21 33.17
CA LYS E 461 -27.01 -11.12 32.21
C LYS E 461 -26.47 -9.88 32.91
N GLY E 462 -26.08 -10.00 34.18
CA GLY E 462 -25.60 -8.87 34.95
C GLY E 462 -24.16 -8.52 34.64
N ILE E 463 -23.85 -7.22 34.67
CA ILE E 463 -22.49 -6.73 34.64
C ILE E 463 -22.04 -6.56 36.08
N ARG E 464 -21.64 -7.69 36.69
CA ARG E 464 -21.44 -7.75 38.13
C ARG E 464 -20.07 -7.21 38.48
N GLU E 465 -20.01 -6.43 39.56
CA GLU E 465 -18.74 -5.98 40.12
C GLU E 465 -18.02 -7.20 40.67
N PHE E 466 -16.69 -7.22 40.54
CA PHE E 466 -15.87 -8.22 41.21
C PHE E 466 -14.60 -7.56 41.73
N VAL E 467 -14.06 -8.14 42.81
CA VAL E 467 -12.88 -7.59 43.48
C VAL E 467 -11.83 -8.67 43.54
N ILE E 468 -10.57 -8.27 43.33
CA ILE E 468 -9.43 -9.17 43.42
C ILE E 468 -8.80 -9.00 44.79
N THR E 469 -8.68 -10.11 45.52
CA THR E 469 -8.13 -10.11 46.87
C THR E 469 -6.99 -11.13 46.95
N GLY E 470 -6.43 -11.29 48.14
CA GLY E 470 -5.39 -12.28 48.38
C GLY E 470 -5.93 -13.71 48.43
N ASN E 471 -7.26 -13.86 48.42
CA ASN E 471 -7.89 -15.17 48.42
C ASN E 471 -8.62 -15.42 47.11
N GLY E 472 -8.30 -14.65 46.07
CA GLY E 472 -8.85 -14.84 44.74
C GLY E 472 -9.92 -13.80 44.40
N PRO E 473 -10.77 -14.06 43.38
CA PRO E 473 -11.84 -13.14 43.00
C PRO E 473 -13.07 -13.24 43.90
N GLU E 474 -13.82 -12.13 44.01
CA GLU E 474 -15.08 -12.12 44.74
C GLU E 474 -16.10 -11.31 43.94
N ILE E 475 -17.10 -12.00 43.39
CA ILE E 475 -18.11 -11.38 42.54
C ILE E 475 -19.23 -10.84 43.43
N LYS E 476 -19.61 -9.57 43.21
CA LYS E 476 -20.69 -8.94 43.93
C LYS E 476 -21.84 -8.66 42.96
N ASP E 477 -22.50 -7.50 43.10
CA ASP E 477 -23.77 -7.26 42.42
C ASP E 477 -23.55 -6.33 41.23
N SER E 478 -24.61 -6.15 40.43
CA SER E 478 -24.58 -5.27 39.27
C SER E 478 -24.79 -3.82 39.71
N PHE E 479 -24.40 -2.87 38.84
CA PHE E 479 -24.53 -1.45 39.10
C PHE E 479 -25.91 -0.99 38.63
N SER E 480 -26.92 -1.21 39.47
CA SER E 480 -28.31 -0.98 39.10
C SER E 480 -28.64 0.51 39.05
N ASN E 481 -27.90 1.33 39.82
CA ASN E 481 -28.19 2.75 39.94
C ASN E 481 -27.26 3.55 39.02
N PHE E 482 -26.82 2.92 37.92
CA PHE E 482 -25.97 3.57 36.93
C PHE E 482 -26.47 3.26 35.52
N GLU E 483 -25.98 4.05 34.55
CA GLU E 483 -26.14 3.76 33.14
C GLU E 483 -24.80 3.95 32.44
N ARG E 484 -24.69 3.42 31.21
CA ARG E 484 -23.50 3.54 30.38
C ARG E 484 -22.31 2.86 31.07
N ILE E 485 -22.58 1.69 31.68
CA ILE E 485 -21.57 0.92 32.38
C ILE E 485 -20.63 0.24 31.39
N ILE E 486 -21.18 -0.28 30.28
CA ILE E 486 -20.37 -0.90 29.23
C ILE E 486 -19.30 0.06 28.73
N SER E 487 -19.56 1.37 28.80
CA SER E 487 -18.61 2.38 28.36
C SER E 487 -17.39 2.42 29.28
N GLY E 488 -17.58 2.09 30.57
CA GLY E 488 -16.53 2.19 31.57
C GLY E 488 -16.55 3.53 32.30
N VAL E 489 -17.22 4.52 31.71
CA VAL E 489 -17.36 5.84 32.30
C VAL E 489 -18.85 6.13 32.48
N PRO E 490 -19.48 5.60 33.55
CA PRO E 490 -20.93 5.61 33.68
C PRO E 490 -21.53 6.88 34.29
N HIS E 491 -22.87 6.92 34.30
CA HIS E 491 -23.63 7.99 34.91
C HIS E 491 -24.52 7.40 36.00
N ARG E 492 -24.57 8.07 37.16
CA ARG E 492 -25.43 7.66 38.26
C ARG E 492 -26.83 8.23 38.04
N ILE E 493 -27.84 7.35 38.10
CA ILE E 493 -29.23 7.73 37.92
C ILE E 493 -29.75 8.36 39.22
N MET F 12 26.16 -41.98 14.94
CA MET F 12 24.67 -42.00 14.86
C MET F 12 24.19 -40.82 14.01
N GLN F 13 23.96 -39.67 14.66
CA GLN F 13 23.33 -38.52 14.03
C GLN F 13 24.41 -37.53 13.61
N VAL F 14 23.98 -36.31 13.25
CA VAL F 14 24.87 -35.23 12.86
C VAL F 14 25.30 -34.47 14.11
N GLN F 15 26.61 -34.51 14.41
CA GLN F 15 27.18 -33.82 15.56
C GLN F 15 27.53 -32.38 15.19
N LYS F 16 27.66 -31.53 16.21
CA LYS F 16 27.91 -30.11 16.01
C LYS F 16 29.14 -29.67 16.81
N LEU F 17 29.88 -28.72 16.23
CA LEU F 17 30.99 -28.05 16.89
C LEU F 17 30.46 -26.75 17.51
N PRO F 18 30.81 -26.42 18.78
CA PRO F 18 30.57 -25.09 19.32
C PRO F 18 31.52 -24.07 18.68
N THR F 19 30.97 -22.90 18.36
CA THR F 19 31.72 -21.81 17.75
C THR F 19 32.18 -20.83 18.82
N GLY F 20 31.42 -20.74 19.91
CA GLY F 20 31.71 -19.79 20.98
C GLY F 20 31.15 -18.40 20.69
N ILE F 21 30.72 -18.16 19.44
CA ILE F 21 30.12 -16.89 19.05
C ILE F 21 28.79 -16.75 19.77
N GLU F 22 28.59 -15.61 20.44
CA GLU F 22 27.42 -15.34 21.25
C GLU F 22 26.15 -15.34 20.38
N GLY F 23 25.29 -16.35 20.61
CA GLY F 23 24.01 -16.44 19.96
C GLY F 23 24.00 -17.36 18.73
N PHE F 24 25.17 -17.58 18.11
CA PHE F 24 25.23 -18.33 16.86
C PHE F 24 24.97 -19.82 17.14
N ASP F 25 25.58 -20.36 18.20
CA ASP F 25 25.35 -21.74 18.62
C ASP F 25 23.88 -21.94 18.98
N ASP F 26 23.24 -20.90 19.52
CA ASP F 26 21.83 -20.95 19.87
C ASP F 26 20.98 -21.13 18.62
N VAL F 27 21.21 -20.30 17.60
CA VAL F 27 20.40 -20.27 16.39
C VAL F 27 20.71 -21.51 15.54
N CYS F 28 21.90 -22.12 15.74
CA CYS F 28 22.31 -23.33 15.05
C CYS F 28 21.99 -24.59 15.86
N HIS F 29 21.36 -24.43 17.04
CA HIS F 29 20.99 -25.54 17.91
C HIS F 29 22.21 -26.37 18.27
N GLY F 30 23.27 -25.70 18.76
CA GLY F 30 24.46 -26.39 19.24
C GLY F 30 25.73 -25.91 18.53
N GLY F 31 25.61 -25.58 17.24
CA GLY F 31 26.75 -25.08 16.46
C GLY F 31 26.76 -25.63 15.04
N LEU F 32 27.89 -25.46 14.35
CA LEU F 32 28.04 -25.91 12.98
C LEU F 32 28.22 -27.42 12.95
N PRO F 33 27.54 -28.16 12.05
CA PRO F 33 27.80 -29.59 11.86
C PRO F 33 29.27 -29.93 11.62
N ILE F 34 29.78 -30.91 12.38
CA ILE F 34 31.18 -31.29 12.37
C ILE F 34 31.48 -32.05 11.07
N GLY F 35 32.67 -31.79 10.52
CA GLY F 35 33.15 -32.52 9.35
C GLY F 35 32.45 -32.09 8.05
N ARG F 36 31.70 -31.00 8.10
CA ARG F 36 30.94 -30.53 6.94
C ARG F 36 31.29 -29.07 6.68
N SER F 37 30.81 -28.55 5.54
CA SER F 37 31.09 -27.18 5.16
C SER F 37 29.81 -26.35 5.24
N THR F 38 29.96 -25.12 5.74
CA THR F 38 28.85 -24.19 5.87
C THR F 38 29.08 -22.99 4.94
N LEU F 39 28.10 -22.71 4.08
CA LEU F 39 28.15 -21.55 3.22
C LEU F 39 27.64 -20.34 3.98
N ILE F 40 28.45 -19.27 4.05
CA ILE F 40 28.01 -17.98 4.54
C ILE F 40 27.96 -17.02 3.35
N SER F 41 26.74 -16.61 2.97
CA SER F 41 26.58 -15.68 1.87
C SER F 41 26.04 -14.36 2.39
N GLY F 42 26.29 -13.28 1.63
CA GLY F 42 25.83 -11.95 1.97
C GLY F 42 26.36 -10.90 1.00
N THR F 43 25.67 -9.75 0.93
CA THR F 43 26.15 -8.61 0.18
C THR F 43 27.41 -8.06 0.83
N SER F 44 28.05 -7.11 0.14
CA SER F 44 29.29 -6.51 0.62
C SER F 44 29.04 -5.80 1.94
N GLY F 45 29.87 -6.13 2.93
CA GLY F 45 29.89 -5.45 4.22
C GLY F 45 28.92 -6.06 5.22
N THR F 46 28.52 -7.32 4.98
CA THR F 46 27.56 -8.00 5.85
C THR F 46 28.26 -8.62 7.05
N GLY F 47 29.57 -8.92 6.91
CA GLY F 47 30.34 -9.48 8.00
C GLY F 47 30.81 -10.92 7.76
N LYS F 48 30.89 -11.33 6.49
CA LYS F 48 31.28 -12.69 6.16
C LYS F 48 32.70 -12.98 6.62
N THR F 49 33.62 -12.02 6.41
CA THR F 49 35.02 -12.19 6.77
C THR F 49 35.15 -12.22 8.29
N VAL F 50 34.44 -11.31 8.97
CA VAL F 50 34.47 -11.21 10.42
C VAL F 50 33.96 -12.49 11.06
N PHE F 51 32.89 -13.06 10.51
CA PHE F 51 32.33 -14.30 11.01
C PHE F 51 33.36 -15.43 10.87
N SER F 52 33.94 -15.54 9.67
CA SER F 52 34.94 -16.55 9.35
C SER F 52 36.10 -16.50 10.32
N LEU F 53 36.60 -15.28 10.58
CA LEU F 53 37.75 -15.07 11.44
C LEU F 53 37.40 -15.37 12.89
N HIS F 54 36.18 -15.00 13.29
CA HIS F 54 35.71 -15.23 14.65
C HIS F 54 35.62 -16.74 14.91
N PHE F 55 35.10 -17.48 13.94
CA PHE F 55 35.02 -18.93 13.98
C PHE F 55 36.39 -19.54 14.28
N LEU F 56 37.41 -19.12 13.51
CA LEU F 56 38.76 -19.66 13.65
C LEU F 56 39.38 -19.18 14.96
N HIS F 57 39.21 -17.90 15.27
CA HIS F 57 39.72 -17.33 16.52
C HIS F 57 39.26 -18.16 17.71
N ASN F 58 37.95 -18.39 17.79
CA ASN F 58 37.36 -19.05 18.95
C ASN F 58 37.85 -20.50 19.02
N GLY F 59 37.95 -21.15 17.85
CA GLY F 59 38.46 -22.50 17.77
C GLY F 59 39.78 -22.66 18.51
N ILE F 60 40.65 -21.64 18.37
CA ILE F 60 42.03 -21.70 18.86
C ILE F 60 42.07 -21.32 20.34
N LYS F 61 41.44 -20.19 20.68
CA LYS F 61 41.48 -19.67 22.03
C LYS F 61 40.67 -20.57 22.97
N HIS F 62 39.44 -20.90 22.57
CA HIS F 62 38.48 -21.53 23.48
C HIS F 62 38.54 -23.05 23.39
N PHE F 63 38.80 -23.61 22.20
CA PHE F 63 38.70 -25.05 21.99
C PHE F 63 40.03 -25.69 21.62
N ASP F 64 41.10 -24.88 21.51
CA ASP F 64 42.46 -25.39 21.29
C ASP F 64 42.54 -26.15 19.97
N GLU F 65 41.82 -25.65 18.95
CA GLU F 65 41.78 -26.28 17.64
C GLU F 65 42.41 -25.34 16.61
N PRO F 66 43.55 -25.71 15.97
CA PRO F 66 44.17 -24.85 14.96
C PRO F 66 43.30 -24.62 13.73
N GLY F 67 43.55 -23.51 13.03
CA GLY F 67 42.70 -23.10 11.92
C GLY F 67 43.50 -22.66 10.69
N ILE F 68 42.83 -22.72 9.54
CA ILE F 68 43.40 -22.22 8.29
C ILE F 68 42.41 -21.25 7.62
N PHE F 69 42.88 -20.04 7.36
CA PHE F 69 42.13 -19.05 6.60
C PHE F 69 42.71 -19.00 5.18
N VAL F 70 41.88 -19.32 4.18
CA VAL F 70 42.29 -19.26 2.79
C VAL F 70 41.74 -17.99 2.16
N THR F 71 42.64 -17.14 1.64
CA THR F 71 42.28 -15.86 1.06
C THR F 71 42.65 -15.83 -0.43
N PHE F 72 41.77 -15.20 -1.23
CA PHE F 72 41.98 -15.07 -2.66
C PHE F 72 42.25 -13.61 -3.06
N GLU F 73 42.07 -12.67 -2.14
CA GLU F 73 42.27 -11.26 -2.42
C GLU F 73 42.98 -10.58 -1.25
N GLU F 74 42.25 -10.35 -0.15
CA GLU F 74 42.81 -9.75 1.05
C GLU F 74 44.16 -10.40 1.36
N SER F 75 45.19 -9.58 1.56
CA SER F 75 46.51 -10.09 1.93
C SER F 75 46.48 -10.54 3.38
N PRO F 76 47.39 -11.45 3.80
CA PRO F 76 47.54 -11.82 5.22
C PRO F 76 47.71 -10.66 6.19
N LEU F 77 48.55 -9.69 5.82
CA LEU F 77 48.84 -8.55 6.71
C LEU F 77 47.55 -7.75 6.97
N ASP F 78 46.77 -7.50 5.92
CA ASP F 78 45.56 -6.69 6.04
C ASP F 78 44.50 -7.42 6.86
N ILE F 79 44.46 -8.75 6.75
CA ILE F 79 43.54 -9.58 7.52
C ILE F 79 43.84 -9.42 9.01
N LEU F 80 45.11 -9.57 9.39
CA LEU F 80 45.54 -9.40 10.77
C LEU F 80 45.26 -7.97 11.23
N ARG F 81 45.45 -7.02 10.32
CA ARG F 81 45.27 -5.61 10.62
C ARG F 81 43.78 -5.32 10.85
N ASN F 82 42.94 -5.86 9.97
CA ASN F 82 41.50 -5.65 10.05
C ASN F 82 40.93 -6.28 11.31
N ALA F 83 41.50 -7.42 11.73
CA ALA F 83 41.04 -8.15 12.90
C ALA F 83 41.42 -7.43 14.19
N ALA F 84 42.45 -6.58 14.14
CA ALA F 84 43.01 -5.96 15.33
C ALA F 84 42.02 -4.98 15.96
N SER F 85 40.87 -4.77 15.31
CA SER F 85 39.81 -3.93 15.88
C SER F 85 38.94 -4.71 16.85
N PHE F 86 39.19 -6.02 17.03
CA PHE F 86 38.34 -6.87 17.87
C PHE F 86 39.06 -7.34 19.14
N GLY F 87 40.35 -7.03 19.29
CA GLY F 87 41.10 -7.47 20.46
C GLY F 87 41.54 -8.94 20.37
N TRP F 88 41.30 -9.58 19.22
CA TRP F 88 41.84 -10.90 18.95
C TRP F 88 43.33 -10.76 18.67
N ASN F 89 44.15 -11.41 19.50
CA ASN F 89 45.59 -11.44 19.28
C ASN F 89 45.89 -12.54 18.26
N LEU F 90 45.62 -12.26 16.98
CA LEU F 90 45.81 -13.24 15.92
C LEU F 90 47.29 -13.33 15.55
N GLN F 91 48.04 -12.22 15.75
CA GLN F 91 49.45 -12.18 15.41
C GLN F 91 50.20 -13.25 16.20
N GLU F 92 49.89 -13.34 17.50
CA GLU F 92 50.50 -14.32 18.38
C GLU F 92 50.06 -15.73 17.97
N MET F 93 48.80 -15.87 17.54
CA MET F 93 48.25 -17.16 17.17
C MET F 93 48.91 -17.66 15.89
N VAL F 94 49.33 -16.73 15.01
CA VAL F 94 50.11 -17.07 13.82
C VAL F 94 51.52 -17.48 14.25
N GLU F 95 52.14 -16.71 15.14
CA GLU F 95 53.49 -16.99 15.60
C GLU F 95 53.58 -18.41 16.18
N GLN F 96 52.54 -18.83 16.92
CA GLN F 96 52.53 -20.09 17.63
C GLN F 96 52.04 -21.25 16.74
N ASP F 97 51.83 -20.99 15.44
CA ASP F 97 51.50 -22.02 14.47
C ASP F 97 50.12 -22.62 14.76
N LYS F 98 49.21 -21.78 15.28
CA LYS F 98 47.84 -22.17 15.59
C LYS F 98 46.91 -21.71 14.45
N LEU F 99 47.16 -20.50 13.95
CA LEU F 99 46.50 -20.00 12.75
C LEU F 99 47.52 -19.95 11.61
N PHE F 100 47.09 -20.36 10.41
CA PHE F 100 47.87 -20.17 9.20
C PHE F 100 46.98 -19.57 8.12
N ILE F 101 47.41 -18.43 7.59
CA ILE F 101 46.71 -17.76 6.50
C ILE F 101 47.37 -18.20 5.19
N LEU F 102 46.62 -18.97 4.39
CA LEU F 102 47.09 -19.44 3.10
C LEU F 102 46.72 -18.43 2.03
N ASP F 103 47.73 -17.76 1.48
CA ASP F 103 47.54 -16.74 0.47
C ASP F 103 47.40 -17.43 -0.88
N ALA F 104 46.17 -17.44 -1.42
CA ALA F 104 45.87 -18.08 -2.69
C ALA F 104 45.44 -17.02 -3.70
N SER F 105 45.88 -15.77 -3.49
CA SER F 105 45.66 -14.71 -4.45
C SER F 105 46.63 -14.86 -5.62
N PRO F 106 46.32 -14.31 -6.82
CA PRO F 106 47.27 -14.33 -7.94
C PRO F 106 48.52 -13.49 -7.68
N LEU F 119 41.89 -25.84 -9.24
CA LEU F 119 41.13 -26.18 -8.00
C LEU F 119 41.84 -27.32 -7.28
N SER F 120 42.14 -28.40 -8.03
CA SER F 120 42.84 -29.55 -7.50
C SER F 120 44.17 -29.14 -6.86
N GLY F 121 44.86 -28.17 -7.48
CA GLY F 121 46.05 -27.57 -6.91
C GLY F 121 45.78 -26.97 -5.53
N LEU F 122 44.77 -26.08 -5.48
CA LEU F 122 44.40 -25.40 -4.25
C LEU F 122 44.06 -26.42 -3.16
N ILE F 123 43.29 -27.45 -3.50
CA ILE F 123 42.89 -28.45 -2.52
C ILE F 123 44.13 -29.14 -1.95
N GLU F 124 45.16 -29.33 -2.79
CA GLU F 124 46.40 -29.95 -2.37
C GLU F 124 47.14 -29.08 -1.36
N ARG F 125 47.17 -27.77 -1.64
CA ARG F 125 47.82 -26.80 -0.78
C ARG F 125 47.07 -26.70 0.55
N ILE F 126 45.74 -26.69 0.47
CA ILE F 126 44.88 -26.66 1.65
C ILE F 126 45.14 -27.91 2.50
N ASN F 127 45.19 -29.08 1.85
CA ASN F 127 45.40 -30.35 2.53
C ASN F 127 46.74 -30.32 3.28
N TYR F 128 47.81 -29.96 2.57
CA TYR F 128 49.14 -29.86 3.14
C TYR F 128 49.10 -29.02 4.42
N ALA F 129 48.44 -27.87 4.34
CA ALA F 129 48.37 -26.94 5.47
C ALA F 129 47.62 -27.57 6.63
N ILE F 130 46.49 -28.22 6.33
CA ILE F 130 45.68 -28.88 7.36
C ILE F 130 46.55 -29.87 8.13
N ARG F 131 47.38 -30.61 7.40
CA ARG F 131 48.22 -31.65 7.98
C ARG F 131 49.36 -31.03 8.79
N LYS F 132 49.98 -29.98 8.25
CA LYS F 132 51.16 -29.37 8.84
C LYS F 132 50.82 -28.69 10.15
N TYR F 133 49.65 -28.04 10.22
CA TYR F 133 49.24 -27.28 11.39
C TYR F 133 48.21 -28.07 12.20
N LYS F 134 47.87 -29.28 11.74
CA LYS F 134 46.93 -30.14 12.44
C LYS F 134 45.64 -29.38 12.69
N ALA F 135 45.06 -28.86 11.60
CA ALA F 135 43.92 -27.96 11.66
C ALA F 135 42.62 -28.77 11.70
N LYS F 136 41.68 -28.30 12.53
CA LYS F 136 40.36 -28.89 12.64
C LYS F 136 39.32 -28.00 11.96
N ARG F 137 39.67 -26.73 11.71
CA ARG F 137 38.75 -25.72 11.24
C ARG F 137 39.36 -24.95 10.08
N VAL F 138 38.59 -24.79 8.99
CA VAL F 138 39.05 -24.07 7.82
C VAL F 138 38.01 -23.02 7.43
N ALA F 139 38.48 -21.91 6.84
CA ALA F 139 37.62 -20.89 6.28
C ALA F 139 38.13 -20.48 4.91
N ILE F 140 37.21 -20.29 3.96
CA ILE F 140 37.56 -19.94 2.60
C ILE F 140 36.76 -18.70 2.19
N ASP F 141 37.47 -17.60 1.89
CA ASP F 141 36.88 -16.29 1.65
C ASP F 141 37.56 -15.63 0.46
N SER F 142 36.85 -15.41 -0.67
CA SER F 142 35.55 -15.98 -0.97
C SER F 142 35.68 -16.89 -2.19
N ILE F 143 34.88 -17.96 -2.23
CA ILE F 143 34.89 -18.87 -3.37
C ILE F 143 34.40 -18.16 -4.64
N THR F 144 33.51 -17.17 -4.50
CA THR F 144 32.96 -16.50 -5.67
C THR F 144 34.11 -15.92 -6.50
N ALA F 145 35.09 -15.33 -5.82
CA ALA F 145 36.23 -14.70 -6.47
C ALA F 145 37.03 -15.71 -7.29
N VAL F 146 37.16 -16.95 -6.78
CA VAL F 146 37.98 -17.97 -7.41
C VAL F 146 37.39 -18.31 -8.78
N PHE F 147 36.06 -18.25 -8.90
CA PHE F 147 35.37 -18.51 -10.15
C PHE F 147 35.42 -17.28 -11.05
N GLN F 148 35.50 -16.09 -10.42
CA GLN F 148 35.63 -14.84 -11.14
C GLN F 148 37.10 -14.41 -11.24
N GLN F 149 38.02 -15.38 -11.13
CA GLN F 149 39.44 -15.15 -11.36
C GLN F 149 39.95 -16.13 -12.43
N SER F 154 27.15 -25.46 -13.22
CA SER F 154 27.80 -26.15 -14.37
C SER F 154 29.23 -26.55 -13.99
N VAL F 155 30.21 -25.71 -14.34
CA VAL F 155 31.59 -25.91 -13.91
C VAL F 155 31.69 -25.59 -12.43
N VAL F 156 31.03 -24.50 -12.02
CA VAL F 156 31.02 -24.05 -10.63
C VAL F 156 30.45 -25.18 -9.75
N ARG F 157 29.32 -25.76 -10.19
CA ARG F 157 28.62 -26.74 -9.38
C ARG F 157 29.51 -27.96 -9.14
N ARG F 158 30.16 -28.43 -10.22
CA ARG F 158 31.02 -29.61 -10.15
C ARG F 158 32.22 -29.33 -9.24
N GLU F 159 32.81 -28.13 -9.37
CA GLU F 159 34.04 -27.81 -8.67
C GLU F 159 33.77 -27.53 -7.19
N ILE F 160 32.64 -26.88 -6.88
CA ILE F 160 32.23 -26.66 -5.51
C ILE F 160 31.94 -28.01 -4.85
N PHE F 161 31.33 -28.93 -5.60
CA PHE F 161 31.09 -30.28 -5.11
C PHE F 161 32.43 -30.92 -4.75
N ARG F 162 33.41 -30.76 -5.64
CA ARG F 162 34.72 -31.40 -5.47
C ARG F 162 35.41 -30.83 -4.23
N LEU F 163 35.37 -29.51 -4.06
CA LEU F 163 35.99 -28.87 -2.91
C LEU F 163 35.36 -29.39 -1.61
N ILE F 164 34.03 -29.34 -1.54
CA ILE F 164 33.31 -29.77 -0.35
C ILE F 164 33.54 -31.26 -0.09
N ALA F 165 33.62 -32.06 -1.15
CA ALA F 165 33.81 -33.49 -1.03
C ALA F 165 35.17 -33.80 -0.42
N ARG F 166 36.21 -33.11 -0.90
CA ARG F 166 37.58 -33.37 -0.47
C ARG F 166 37.79 -32.90 0.97
N LEU F 167 37.11 -31.81 1.36
CA LEU F 167 37.23 -31.28 2.71
C LEU F 167 36.57 -32.22 3.71
N LYS F 168 35.48 -32.89 3.29
CA LYS F 168 34.85 -33.90 4.12
C LYS F 168 35.79 -35.07 4.33
N GLU F 169 36.43 -35.54 3.24
CA GLU F 169 37.37 -36.65 3.28
C GLU F 169 38.46 -36.40 4.31
N ILE F 170 38.99 -35.17 4.34
CA ILE F 170 40.07 -34.81 5.25
C ILE F 170 39.54 -34.78 6.69
N GLY F 171 38.27 -34.39 6.84
CA GLY F 171 37.58 -34.45 8.13
C GLY F 171 37.60 -33.11 8.86
N VAL F 172 37.45 -32.02 8.11
CA VAL F 172 37.61 -30.68 8.65
C VAL F 172 36.28 -29.94 8.56
N THR F 173 35.99 -29.09 9.56
CA THR F 173 34.80 -28.26 9.53
C THR F 173 35.15 -26.94 8.85
N THR F 174 34.44 -26.64 7.74
CA THR F 174 34.80 -25.53 6.87
C THR F 174 33.71 -24.47 6.84
N VAL F 175 34.14 -23.21 6.69
CA VAL F 175 33.26 -22.09 6.44
C VAL F 175 33.63 -21.52 5.07
N MET F 176 32.63 -21.42 4.18
CA MET F 176 32.80 -20.93 2.82
C MET F 176 31.96 -19.67 2.62
N THR F 177 32.57 -18.62 2.07
CA THR F 177 31.95 -17.32 1.91
C THR F 177 31.50 -17.12 0.47
N THR F 178 30.28 -16.61 0.26
CA THR F 178 29.76 -16.28 -1.06
C THR F 178 29.23 -14.85 -1.12
N GLU F 179 29.38 -14.23 -2.28
CA GLU F 179 28.88 -12.89 -2.52
C GLU F 179 27.46 -12.96 -3.04
N ARG F 180 26.64 -11.95 -2.68
CA ARG F 180 25.33 -11.72 -3.26
C ARG F 180 25.26 -10.28 -3.77
N ILE F 181 24.27 -9.98 -4.61
CA ILE F 181 24.04 -8.61 -5.06
C ILE F 181 22.88 -7.98 -4.28
N ASP F 182 21.85 -8.78 -3.94
CA ASP F 182 20.64 -8.25 -3.32
C ASP F 182 20.38 -8.95 -1.98
N GLU F 183 19.55 -8.31 -1.16
CA GLU F 183 19.34 -8.72 0.21
C GLU F 183 18.28 -9.82 0.26
N TYR F 184 17.17 -9.63 -0.47
CA TYR F 184 16.10 -10.60 -0.52
C TYR F 184 15.91 -11.09 -1.96
N GLY F 185 16.95 -11.72 -2.51
CA GLY F 185 16.90 -12.32 -3.83
C GLY F 185 17.64 -13.66 -3.84
N PRO F 186 18.43 -13.99 -4.88
CA PRO F 186 19.22 -15.22 -4.89
C PRO F 186 20.22 -15.27 -3.74
N ILE F 187 20.45 -16.49 -3.24
CA ILE F 187 21.17 -16.74 -1.99
C ILE F 187 22.68 -16.63 -2.23
N ALA F 188 23.10 -17.02 -3.44
CA ALA F 188 24.48 -16.85 -3.87
C ALA F 188 24.47 -16.21 -5.26
N ARG F 189 25.55 -16.38 -6.03
CA ARG F 189 25.71 -15.68 -7.28
C ARG F 189 25.14 -16.50 -8.45
N TYR F 190 25.43 -17.80 -8.49
CA TYR F 190 25.14 -18.61 -9.66
C TYR F 190 24.01 -19.61 -9.41
N GLY F 191 23.25 -19.40 -8.32
CA GLY F 191 22.05 -20.18 -8.04
C GLY F 191 22.30 -21.68 -7.92
N VAL F 192 23.43 -22.04 -7.28
CA VAL F 192 23.91 -23.42 -7.28
C VAL F 192 24.55 -23.73 -5.92
N GLU F 193 25.33 -22.78 -5.40
CA GLU F 193 26.11 -22.94 -4.18
C GLU F 193 25.25 -23.44 -3.02
N GLU F 194 23.98 -23.02 -2.97
CA GLU F 194 23.08 -23.38 -1.88
C GLU F 194 22.78 -24.87 -1.92
N PHE F 195 22.46 -25.38 -3.12
CA PHE F 195 21.93 -26.72 -3.28
C PHE F 195 23.02 -27.76 -3.05
N VAL F 196 24.28 -27.39 -3.36
CA VAL F 196 25.40 -28.29 -3.19
C VAL F 196 25.78 -28.32 -1.71
N SER F 197 25.68 -27.17 -1.04
CA SER F 197 26.04 -27.05 0.37
C SER F 197 25.04 -27.80 1.24
N ASP F 198 25.56 -28.39 2.34
CA ASP F 198 24.75 -29.03 3.34
C ASP F 198 24.16 -27.98 4.28
N ASN F 199 24.92 -26.88 4.46
CA ASN F 199 24.60 -25.87 5.45
C ASN F 199 24.73 -24.48 4.82
N VAL F 200 23.72 -23.65 5.02
CA VAL F 200 23.65 -22.33 4.40
C VAL F 200 23.25 -21.30 5.44
N VAL F 201 24.14 -20.32 5.66
CA VAL F 201 23.85 -19.17 6.50
C VAL F 201 23.79 -17.93 5.63
N ILE F 202 22.79 -17.07 5.88
CA ILE F 202 22.60 -15.85 5.11
C ILE F 202 22.81 -14.67 6.05
N LEU F 203 23.80 -13.82 5.72
CA LEU F 203 23.97 -12.53 6.35
C LEU F 203 23.28 -11.46 5.50
N ARG F 204 22.51 -10.59 6.16
CA ARG F 204 21.81 -9.52 5.48
C ARG F 204 22.10 -8.20 6.18
N ASN F 205 21.90 -7.10 5.44
CA ASN F 205 22.17 -5.75 5.89
C ASN F 205 21.18 -4.84 5.20
N VAL F 206 19.93 -4.86 5.68
CA VAL F 206 18.78 -4.32 4.95
C VAL F 206 18.71 -2.81 5.20
N LEU F 207 18.59 -2.05 4.11
CA LEU F 207 18.38 -0.61 4.17
C LEU F 207 16.89 -0.32 4.08
N GLU F 208 16.29 0.10 5.21
CA GLU F 208 14.88 0.47 5.24
C GLU F 208 14.73 1.76 6.03
N GLY F 209 14.19 2.80 5.37
CA GLY F 209 14.00 4.10 6.00
C GLY F 209 15.33 4.76 6.34
N GLU F 210 16.29 4.63 5.41
CA GLU F 210 17.61 5.25 5.52
C GLU F 210 18.43 4.62 6.65
N ARG F 211 17.93 3.53 7.24
CA ARG F 211 18.63 2.86 8.33
C ARG F 211 19.00 1.44 7.91
N ARG F 212 20.17 0.98 8.36
CA ARG F 212 20.67 -0.36 8.07
C ARG F 212 20.49 -1.23 9.31
N ARG F 213 20.14 -2.50 9.09
CA ARG F 213 19.95 -3.46 10.18
C ARG F 213 20.57 -4.78 9.74
N ARG F 214 21.43 -5.34 10.60
CA ARG F 214 22.13 -6.57 10.32
C ARG F 214 21.31 -7.74 10.86
N THR F 215 21.16 -8.79 10.05
CA THR F 215 20.47 -10.00 10.49
C THR F 215 21.26 -11.23 10.03
N VAL F 216 21.08 -12.34 10.75
CA VAL F 216 21.63 -13.64 10.39
C VAL F 216 20.46 -14.61 10.30
N GLU F 217 20.49 -15.48 9.29
CA GLU F 217 19.52 -16.55 9.16
C GLU F 217 20.27 -17.86 8.93
N ILE F 218 19.84 -18.91 9.63
CA ILE F 218 20.16 -20.28 9.27
C ILE F 218 19.03 -20.79 8.39
N LEU F 219 19.34 -20.97 7.09
CA LEU F 219 18.33 -21.36 6.11
C LEU F 219 18.17 -22.88 6.14
N LYS F 220 19.30 -23.59 6.32
CA LYS F 220 19.36 -25.03 6.12
C LYS F 220 20.55 -25.61 6.85
N LEU F 221 20.30 -26.62 7.69
CA LEU F 221 21.31 -27.53 8.19
C LEU F 221 20.82 -28.96 7.96
N ARG F 222 21.26 -29.58 6.86
CA ARG F 222 20.86 -30.93 6.55
C ARG F 222 21.14 -31.84 7.74
N GLY F 223 20.14 -32.64 8.12
CA GLY F 223 20.32 -33.69 9.10
C GLY F 223 20.12 -33.23 10.55
N THR F 224 19.84 -31.94 10.77
CA THR F 224 19.66 -31.43 12.12
C THR F 224 18.61 -30.32 12.14
N THR F 225 18.30 -29.88 13.37
CA THR F 225 17.38 -28.78 13.60
C THR F 225 18.17 -27.48 13.73
N HIS F 226 17.42 -26.37 13.68
CA HIS F 226 17.98 -25.04 13.79
C HIS F 226 16.83 -24.06 13.90
N MET F 227 17.11 -22.86 14.41
CA MET F 227 16.10 -21.82 14.50
C MET F 227 15.84 -21.27 13.10
N LYS F 228 14.63 -20.73 12.90
CA LYS F 228 14.20 -20.33 11.57
C LYS F 228 14.00 -18.80 11.54
N GLY F 229 14.21 -18.22 10.36
CA GLY F 229 14.00 -16.80 10.14
C GLY F 229 15.26 -15.98 10.43
N GLU F 230 15.08 -14.65 10.48
CA GLU F 230 16.19 -13.73 10.69
C GLU F 230 16.33 -13.43 12.18
N PHE F 231 17.56 -13.20 12.62
CA PHE F 231 17.85 -12.80 13.98
C PHE F 231 18.83 -11.63 13.94
N PRO F 232 18.52 -10.51 14.64
CA PRO F 232 19.41 -9.35 14.64
C PRO F 232 20.76 -9.69 15.26
N PHE F 233 21.83 -9.12 14.71
CA PHE F 233 23.15 -9.23 15.31
C PHE F 233 23.85 -7.88 15.20
N THR F 234 24.84 -7.67 16.06
CA THR F 234 25.70 -6.50 15.98
C THR F 234 27.15 -6.98 16.02
N MET F 235 28.05 -6.13 15.52
CA MET F 235 29.47 -6.38 15.64
C MET F 235 30.00 -5.43 16.71
N GLY F 236 30.77 -5.99 17.65
CA GLY F 236 31.24 -5.24 18.80
C GLY F 236 32.73 -5.45 19.03
N ALA F 237 33.16 -5.13 20.26
CA ALA F 237 34.56 -5.15 20.65
C ALA F 237 35.12 -6.58 20.58
N HIS F 238 34.30 -7.57 20.91
CA HIS F 238 34.74 -8.97 20.96
C HIS F 238 34.41 -9.70 19.66
N GLY F 239 33.75 -9.01 18.72
CA GLY F 239 33.35 -9.61 17.46
C GLY F 239 31.83 -9.60 17.28
N ILE F 240 31.31 -10.69 16.71
CA ILE F 240 29.89 -10.84 16.43
C ILE F 240 29.18 -11.23 17.71
N SER F 241 28.04 -10.58 17.99
CA SER F 241 27.15 -10.98 19.06
C SER F 241 25.71 -11.01 18.53
N ILE F 242 25.09 -12.19 18.57
CA ILE F 242 23.73 -12.39 18.10
C ILE F 242 22.81 -12.44 19.32
N PHE F 243 21.61 -11.88 19.15
CA PHE F 243 20.63 -11.79 20.23
C PHE F 243 19.36 -12.51 19.81
N PRO F 244 19.31 -13.86 19.86
CA PRO F 244 18.07 -14.59 19.61
C PRO F 244 17.11 -14.31 20.76
N LEU F 245 15.98 -13.67 20.45
CA LEU F 245 14.98 -13.33 21.45
C LEU F 245 14.29 -14.60 21.96
N GLY F 246 14.74 -15.77 21.49
CA GLY F 246 14.20 -17.05 21.90
C GLY F 246 13.46 -17.73 20.75
N ARG F 253 12.80 -18.04 41.14
CA ARG F 253 11.47 -17.47 41.50
C ARG F 253 11.56 -15.94 41.52
N SER F 254 10.39 -15.31 41.53
CA SER F 254 10.27 -13.85 41.57
C SER F 254 10.11 -13.40 43.02
N SER F 255 10.91 -12.42 43.43
CA SER F 255 10.94 -11.97 44.82
C SER F 255 9.72 -11.09 45.12
N ASN F 256 9.35 -11.03 46.41
CA ASN F 256 8.32 -10.12 46.90
C ASN F 256 8.97 -8.92 47.57
N VAL F 257 10.28 -8.72 47.34
CA VAL F 257 11.02 -7.65 47.98
C VAL F 257 10.63 -6.33 47.33
N ARG F 258 10.50 -5.29 48.17
CA ARG F 258 9.93 -4.01 47.78
C ARG F 258 11.02 -2.94 47.74
N VAL F 259 10.81 -1.93 46.89
CA VAL F 259 11.71 -0.79 46.77
C VAL F 259 10.86 0.47 46.70
N SER F 260 11.33 1.54 47.36
CA SER F 260 10.58 2.78 47.48
C SER F 260 10.66 3.59 46.19
N SER F 261 9.63 4.41 45.95
CA SER F 261 9.53 5.22 44.75
C SER F 261 10.08 6.63 45.00
N GLY F 262 10.27 6.98 46.28
CA GLY F 262 10.63 8.34 46.65
C GLY F 262 9.39 9.21 46.90
N VAL F 263 8.21 8.59 46.81
CA VAL F 263 6.96 9.23 47.19
C VAL F 263 6.22 8.26 48.12
N PRO F 264 6.26 8.45 49.46
CA PRO F 264 5.57 7.57 50.40
C PRO F 264 4.08 7.32 50.11
N ARG F 265 3.39 8.33 49.57
CA ARG F 265 1.97 8.18 49.26
C ARG F 265 1.79 7.14 48.15
N LEU F 266 2.69 7.16 47.15
CA LEU F 266 2.62 6.23 46.03
C LEU F 266 3.01 4.83 46.52
N ASP F 267 4.08 4.76 47.32
CA ASP F 267 4.53 3.51 47.93
C ASP F 267 3.33 2.77 48.54
N GLU F 268 2.54 3.50 49.33
CA GLU F 268 1.39 2.94 50.00
C GLU F 268 0.29 2.58 48.99
N MET F 269 0.15 3.42 47.95
CA MET F 269 -0.80 3.18 46.87
C MET F 269 -0.41 1.93 46.08
N CYS F 270 0.89 1.59 46.07
CA CYS F 270 1.39 0.39 45.41
C CYS F 270 1.42 -0.79 46.37
N GLY F 271 0.84 -0.63 47.57
CA GLY F 271 0.77 -1.71 48.54
C GLY F 271 2.13 -1.99 49.18
N GLY F 272 2.89 -0.93 49.48
CA GLY F 272 4.16 -1.05 50.19
C GLY F 272 5.37 -0.70 49.32
N GLY F 273 5.15 -0.26 48.08
CA GLY F 273 6.22 0.12 47.18
C GLY F 273 6.31 -0.83 45.98
N PHE F 274 7.17 -0.47 45.02
CA PHE F 274 7.34 -1.28 43.82
C PHE F 274 8.11 -2.56 44.17
N PHE F 275 7.90 -3.60 43.36
CA PHE F 275 8.69 -4.81 43.48
C PHE F 275 10.07 -4.55 42.87
N LYS F 276 11.12 -5.05 43.54
CA LYS F 276 12.47 -4.98 43.01
C LYS F 276 12.55 -5.77 41.71
N ASP F 277 11.91 -6.94 41.69
CA ASP F 277 11.80 -7.75 40.49
C ASP F 277 10.52 -7.39 39.74
N SER F 278 10.54 -6.25 39.04
CA SER F 278 9.39 -5.81 38.25
C SER F 278 9.81 -4.77 37.22
N ILE F 279 8.91 -4.58 36.24
CA ILE F 279 9.03 -3.52 35.25
C ILE F 279 7.93 -2.48 35.54
N ILE F 280 8.35 -1.24 35.83
CA ILE F 280 7.43 -0.15 36.11
C ILE F 280 7.29 0.70 34.86
N LEU F 281 6.04 1.03 34.50
CA LEU F 281 5.75 1.90 33.37
C LEU F 281 4.94 3.11 33.85
N ALA F 282 5.47 4.31 33.62
CA ALA F 282 4.71 5.54 33.76
C ALA F 282 4.27 6.01 32.38
N THR F 283 2.95 6.03 32.15
CA THR F 283 2.40 6.44 30.87
C THR F 283 1.57 7.70 31.07
N GLY F 284 1.54 8.56 30.05
CA GLY F 284 0.73 9.76 30.11
C GLY F 284 1.18 10.82 29.11
N ALA F 285 0.32 11.83 28.93
CA ALA F 285 0.55 12.92 28.00
C ALA F 285 1.80 13.71 28.40
N THR F 286 2.20 14.62 27.51
CA THR F 286 3.38 15.43 27.71
C THR F 286 3.08 16.44 28.82
N GLY F 287 3.98 16.51 29.81
CA GLY F 287 3.92 17.49 30.88
C GLY F 287 3.14 17.01 32.10
N THR F 288 2.75 15.73 32.11
CA THR F 288 1.97 15.18 33.22
C THR F 288 2.85 14.96 34.44
N GLY F 289 4.13 14.62 34.24
CA GLY F 289 5.09 14.52 35.33
C GLY F 289 5.75 13.15 35.46
N LYS F 290 6.00 12.49 34.32
CA LYS F 290 6.63 11.17 34.31
C LYS F 290 8.09 11.26 34.74
N THR F 291 8.79 12.31 34.30
CA THR F 291 10.22 12.44 34.55
C THR F 291 10.46 12.76 36.03
N LEU F 292 9.52 13.49 36.64
CA LEU F 292 9.54 13.75 38.06
C LEU F 292 9.52 12.43 38.84
N LEU F 293 8.66 11.49 38.42
CA LEU F 293 8.57 10.20 39.07
C LEU F 293 9.86 9.41 38.86
N VAL F 294 10.40 9.46 37.64
CA VAL F 294 11.66 8.82 37.32
C VAL F 294 12.75 9.38 38.24
N SER F 295 12.73 10.70 38.44
CA SER F 295 13.75 11.39 39.21
C SER F 295 13.68 10.98 40.69
N LYS F 296 12.46 10.74 41.19
CA LYS F 296 12.26 10.38 42.58
C LYS F 296 12.69 8.94 42.83
N PHE F 297 12.44 8.07 41.84
CA PHE F 297 12.79 6.66 41.91
C PHE F 297 14.31 6.49 41.92
N ILE F 298 15.02 7.36 41.18
CA ILE F 298 16.48 7.30 41.12
C ILE F 298 17.05 7.88 42.43
N GLU F 299 16.45 8.98 42.89
CA GLU F 299 16.89 9.65 44.11
C GLU F 299 16.86 8.69 45.29
N ASP F 300 15.86 7.81 45.34
CA ASP F 300 15.66 6.95 46.50
C ASP F 300 16.78 5.91 46.59
N ALA F 301 17.18 5.37 45.44
CA ALA F 301 18.28 4.42 45.36
C ALA F 301 19.54 5.03 45.98
N CYS F 302 19.85 6.27 45.57
CA CYS F 302 21.08 6.94 45.95
C CYS F 302 21.07 7.30 47.44
N ARG F 303 19.87 7.52 48.00
CA ARG F 303 19.73 7.81 49.42
C ARG F 303 19.92 6.53 50.24
N ASN F 304 19.84 5.37 49.59
CA ASN F 304 20.09 4.07 50.23
C ASN F 304 21.47 3.54 49.82
N LYS F 305 22.29 4.40 49.20
CA LYS F 305 23.60 4.03 48.69
C LYS F 305 23.49 2.81 47.78
N GLU F 306 22.44 2.80 46.95
CA GLU F 306 22.32 1.86 45.85
C GLU F 306 22.54 2.65 44.56
N ARG F 307 23.29 2.05 43.62
CA ARG F 307 23.66 2.73 42.40
C ARG F 307 22.49 2.69 41.42
N ALA F 308 22.37 3.74 40.60
CA ALA F 308 21.28 3.86 39.63
C ALA F 308 21.82 4.42 38.32
N ILE F 309 21.21 3.98 37.22
CA ILE F 309 21.52 4.52 35.90
C ILE F 309 20.26 5.16 35.33
N LEU F 310 20.45 6.30 34.66
CA LEU F 310 19.38 6.97 33.94
C LEU F 310 19.78 7.11 32.48
N PHE F 311 19.01 6.48 31.59
CA PHE F 311 19.20 6.64 30.15
C PHE F 311 18.18 7.64 29.62
N ALA F 312 18.66 8.82 29.22
CA ALA F 312 17.81 9.89 28.75
C ALA F 312 17.89 9.99 27.23
N TYR F 313 16.74 10.14 26.56
CA TYR F 313 16.67 10.18 25.11
C TYR F 313 15.91 11.42 24.63
N GLU F 314 15.64 12.37 25.55
CA GLU F 314 14.83 13.54 25.21
C GLU F 314 15.48 14.82 25.72
N GLU F 315 16.17 14.76 26.87
CA GLU F 315 16.72 15.94 27.53
C GLU F 315 18.21 15.76 27.77
N SER F 316 18.94 16.88 27.77
CA SER F 316 20.36 16.89 28.11
C SER F 316 20.53 16.70 29.61
N ARG F 317 21.73 16.28 30.01
CA ARG F 317 22.09 16.14 31.42
C ARG F 317 21.89 17.49 32.12
N ALA F 318 22.24 18.57 31.42
CA ALA F 318 22.15 19.92 31.97
C ALA F 318 20.71 20.26 32.32
N GLN F 319 19.78 20.01 31.38
CA GLN F 319 18.38 20.33 31.59
C GLN F 319 17.82 19.46 32.72
N LEU F 320 18.15 18.16 32.69
CA LEU F 320 17.71 17.23 33.71
C LEU F 320 18.16 17.71 35.09
N LEU F 321 19.37 18.28 35.19
CA LEU F 321 19.89 18.77 36.46
C LEU F 321 19.15 20.01 36.92
N ARG F 322 18.91 20.96 36.01
CA ARG F 322 18.26 22.23 36.34
C ARG F 322 16.83 21.95 36.76
N ASN F 323 16.13 21.14 35.96
CA ASN F 323 14.75 20.77 36.23
C ASN F 323 14.66 19.97 37.53
N ALA F 324 15.69 19.16 37.80
CA ALA F 324 15.72 18.34 39.01
C ALA F 324 15.84 19.23 40.25
N THR F 325 16.73 20.23 40.17
CA THR F 325 16.94 21.16 41.28
C THR F 325 15.70 22.03 41.50
N SER F 326 14.90 22.25 40.44
CA SER F 326 13.67 22.99 40.57
C SER F 326 12.59 22.12 41.23
N TRP F 327 12.80 20.79 41.22
CA TRP F 327 11.95 19.85 41.95
C TRP F 327 12.52 19.56 43.35
N GLY F 328 13.80 19.89 43.56
CA GLY F 328 14.44 19.72 44.87
C GLY F 328 15.36 18.51 44.93
N ILE F 329 15.77 18.00 43.76
CA ILE F 329 16.63 16.84 43.68
C ILE F 329 17.99 17.28 43.16
N ASP F 330 19.07 16.72 43.73
CA ASP F 330 20.44 17.08 43.40
C ASP F 330 21.16 15.86 42.83
N PHE F 331 21.09 15.71 41.50
CA PHE F 331 21.72 14.59 40.81
C PHE F 331 23.25 14.72 40.85
N GLU F 332 23.76 15.96 40.94
CA GLU F 332 25.19 16.20 40.96
C GLU F 332 25.84 15.47 42.13
N GLN F 333 25.29 15.67 43.33
CA GLN F 333 25.81 15.05 44.54
C GLN F 333 25.83 13.53 44.38
N MET F 334 24.78 13.00 43.73
CA MET F 334 24.64 11.56 43.54
C MET F 334 25.71 11.05 42.58
N GLU F 335 25.91 11.77 41.46
CA GLU F 335 26.96 11.46 40.51
C GLU F 335 28.32 11.50 41.20
N GLN F 336 28.57 12.59 41.94
CA GLN F 336 29.85 12.83 42.60
C GLN F 336 30.15 11.73 43.60
N ASP F 337 29.11 11.22 44.27
CA ASP F 337 29.26 10.15 45.25
C ASP F 337 29.47 8.81 44.56
N GLY F 338 29.33 8.79 43.22
CA GLY F 338 29.46 7.55 42.46
C GLY F 338 28.23 6.65 42.64
N LEU F 339 27.06 7.29 42.69
CA LEU F 339 25.79 6.59 42.90
C LEU F 339 24.94 6.67 41.63
N LEU F 340 25.06 7.78 40.89
CA LEU F 340 24.26 8.01 39.70
C LEU F 340 25.16 7.98 38.47
N LYS F 341 24.64 7.45 37.36
CA LYS F 341 25.27 7.62 36.05
C LYS F 341 24.17 7.97 35.05
N ILE F 342 24.28 9.16 34.44
CA ILE F 342 23.31 9.64 33.46
C ILE F 342 23.93 9.52 32.07
N ILE F 343 23.28 8.73 31.20
CA ILE F 343 23.70 8.55 29.82
C ILE F 343 22.65 9.19 28.92
N CYS F 344 22.98 10.34 28.33
CA CYS F 344 22.08 11.07 27.45
C CYS F 344 22.49 10.87 26.01
N ALA F 345 21.54 10.40 25.18
CA ALA F 345 21.79 10.14 23.77
C ALA F 345 20.50 10.29 22.99
N TYR F 346 20.59 10.83 21.77
CA TYR F 346 19.44 10.91 20.88
C TYR F 346 19.09 9.50 20.39
N PRO F 347 17.79 9.20 20.16
CA PRO F 347 17.39 7.91 19.59
C PRO F 347 18.04 7.62 18.23
N GLU F 348 18.27 8.67 17.44
CA GLU F 348 18.74 8.53 16.07
C GLU F 348 20.27 8.37 16.03
N SER F 349 20.93 8.45 17.19
CA SER F 349 22.38 8.31 17.28
C SER F 349 22.83 6.93 16.80
N THR F 350 22.03 5.90 17.11
CA THR F 350 22.32 4.53 16.71
C THR F 350 21.01 3.80 16.39
N GLY F 351 21.12 2.51 16.08
CA GLY F 351 19.97 1.64 15.95
C GLY F 351 19.62 0.98 17.27
N LEU F 352 18.37 0.48 17.36
CA LEU F 352 17.82 -0.10 18.58
C LEU F 352 18.68 -1.26 19.06
N GLU F 353 19.21 -2.06 18.12
CA GLU F 353 20.06 -3.19 18.46
C GLU F 353 21.34 -2.68 19.12
N ASP F 354 21.83 -1.51 18.67
CA ASP F 354 23.02 -0.90 19.25
C ASP F 354 22.71 -0.33 20.63
N HIS F 355 21.57 0.36 20.75
CA HIS F 355 21.14 0.97 22.01
C HIS F 355 21.13 -0.08 23.12
N LEU F 356 20.56 -1.25 22.84
CA LEU F 356 20.44 -2.33 23.80
C LEU F 356 21.83 -2.73 24.30
N GLN F 357 22.81 -2.76 23.38
CA GLN F 357 24.18 -3.10 23.72
C GLN F 357 24.79 -2.02 24.61
N ILE F 358 24.56 -0.75 24.28
CA ILE F 358 25.06 0.36 25.08
C ILE F 358 24.56 0.20 26.52
N ILE F 359 23.24 -0.04 26.65
CA ILE F 359 22.60 -0.25 27.94
C ILE F 359 23.25 -1.45 28.64
N LYS F 360 23.47 -2.53 27.88
CA LYS F 360 24.03 -3.77 28.41
C LYS F 360 25.43 -3.52 29.01
N THR F 361 26.29 -2.81 28.26
CA THR F 361 27.67 -2.59 28.69
C THR F 361 27.72 -1.61 29.86
N GLU F 362 26.88 -0.56 29.82
CA GLU F 362 26.85 0.43 30.88
C GLU F 362 26.38 -0.19 32.19
N ILE F 363 25.35 -1.04 32.11
CA ILE F 363 24.83 -1.73 33.29
C ILE F 363 25.94 -2.54 33.94
N SER F 364 26.68 -3.31 33.14
CA SER F 364 27.74 -4.17 33.66
C SER F 364 28.85 -3.35 34.29
N GLN F 365 29.24 -2.26 33.63
CA GLN F 365 30.37 -1.44 34.07
C GLN F 365 30.07 -0.78 35.41
N PHE F 366 28.81 -0.35 35.60
CA PHE F 366 28.42 0.40 36.79
C PHE F 366 27.79 -0.52 37.84
N LYS F 367 27.13 -1.60 37.37
CA LYS F 367 26.55 -2.61 38.24
C LYS F 367 25.52 -1.98 39.17
N PRO F 368 24.43 -1.38 38.64
CA PRO F 368 23.45 -0.67 39.45
C PRO F 368 22.35 -1.57 40.01
N SER F 369 21.59 -1.04 40.98
CA SER F 369 20.45 -1.74 41.54
C SER F 369 19.16 -1.31 40.81
N ARG F 370 19.12 -0.06 40.35
CA ARG F 370 17.98 0.46 39.62
C ARG F 370 18.43 1.04 38.28
N MET F 371 17.49 1.09 37.33
CA MET F 371 17.73 1.52 35.96
C MET F 371 16.49 2.25 35.48
N ALA F 372 16.66 3.29 34.65
CA ALA F 372 15.53 4.04 34.14
C ALA F 372 15.75 4.43 32.68
N ILE F 373 14.70 4.27 31.87
CA ILE F 373 14.68 4.70 30.48
C ILE F 373 13.62 5.78 30.34
N ASP F 374 14.04 6.97 29.90
CA ASP F 374 13.18 8.12 29.74
C ASP F 374 13.52 8.79 28.40
N SER F 375 12.83 8.40 27.31
CA SER F 375 11.64 7.58 27.32
C SER F 375 11.71 6.46 26.29
N LEU F 376 10.78 5.51 26.41
CA LEU F 376 10.59 4.45 25.42
C LEU F 376 9.94 5.01 24.16
N SER F 377 9.04 5.99 24.32
CA SER F 377 8.29 6.52 23.20
C SER F 377 9.20 7.33 22.27
N ALA F 378 10.37 7.74 22.76
CA ALA F 378 11.36 8.42 21.95
C ALA F 378 12.15 7.41 21.11
N LEU F 379 12.40 6.23 21.70
CA LEU F 379 13.12 5.15 21.04
C LEU F 379 12.22 4.43 20.04
N ALA F 380 10.92 4.78 20.01
CA ALA F 380 9.97 4.15 19.10
C ALA F 380 9.89 4.92 17.77
N ARG F 381 10.30 6.19 17.78
CA ARG F 381 10.21 7.04 16.61
C ARG F 381 11.08 6.45 15.48
N GLY F 382 10.49 6.32 14.30
CA GLY F 382 11.22 5.92 13.10
C GLY F 382 11.74 4.49 13.18
N VAL F 383 10.93 3.59 13.75
CA VAL F 383 11.23 2.16 13.76
C VAL F 383 9.93 1.39 13.58
N SER F 384 10.02 0.18 13.04
CA SER F 384 8.87 -0.71 12.93
C SER F 384 8.53 -1.26 14.31
N HIS F 385 7.23 -1.39 14.59
CA HIS F 385 6.74 -1.88 15.87
C HIS F 385 7.52 -3.13 16.27
N ASN F 386 7.71 -4.04 15.31
CA ASN F 386 8.40 -5.31 15.52
C ASN F 386 9.77 -5.04 16.16
N ALA F 387 10.50 -4.08 15.61
CA ALA F 387 11.82 -3.73 16.11
C ALA F 387 11.70 -3.11 17.50
N PHE F 388 10.73 -2.21 17.68
CA PHE F 388 10.51 -1.57 18.98
C PHE F 388 10.12 -2.65 20.01
N ARG F 389 9.18 -3.51 19.63
CA ARG F 389 8.73 -4.60 20.49
C ARG F 389 9.93 -5.45 20.90
N GLN F 390 10.78 -5.79 19.94
CA GLN F 390 11.96 -6.61 20.18
C GLN F 390 12.88 -5.91 21.18
N PHE F 391 13.03 -4.59 21.04
CA PHE F 391 13.88 -3.80 21.93
C PHE F 391 13.36 -3.85 23.36
N VAL F 392 12.04 -3.66 23.53
CA VAL F 392 11.42 -3.64 24.84
C VAL F 392 11.62 -5.01 25.51
N ILE F 393 11.42 -6.09 24.74
CA ILE F 393 11.56 -7.45 25.25
C ILE F 393 12.99 -7.66 25.77
N GLY F 394 13.98 -7.10 25.07
CA GLY F 394 15.38 -7.26 25.45
C GLY F 394 15.73 -6.52 26.74
N VAL F 395 15.41 -5.22 26.77
CA VAL F 395 15.66 -4.38 27.93
C VAL F 395 14.92 -4.95 29.13
N THR F 396 13.60 -5.16 28.96
CA THR F 396 12.76 -5.86 29.92
C THR F 396 13.48 -7.10 30.44
N GLY F 397 13.86 -7.99 29.51
CA GLY F 397 14.49 -9.25 29.84
C GLY F 397 15.78 -9.07 30.64
N TYR F 398 16.67 -8.20 30.16
CA TYR F 398 17.99 -8.03 30.76
C TYR F 398 17.84 -7.58 32.21
N ALA F 399 16.94 -6.63 32.45
CA ALA F 399 16.73 -6.06 33.78
C ALA F 399 16.22 -7.15 34.74
N LYS F 400 15.31 -7.99 34.24
CA LYS F 400 14.75 -9.08 35.02
C LYS F 400 15.83 -10.11 35.36
N GLN F 401 16.76 -10.34 34.41
CA GLN F 401 17.81 -11.34 34.58
C GLN F 401 18.89 -10.83 35.54
N GLU F 402 19.23 -9.54 35.43
CA GLU F 402 20.31 -8.97 36.21
C GLU F 402 19.80 -8.48 37.58
N GLU F 403 18.49 -8.61 37.82
CA GLU F 403 17.87 -8.28 39.09
C GLU F 403 17.94 -6.77 39.33
N ILE F 404 17.48 -6.01 38.33
CA ILE F 404 17.47 -4.56 38.37
C ILE F 404 16.02 -4.08 38.24
N ALA F 405 15.62 -3.17 39.14
CA ALA F 405 14.33 -2.50 39.04
C ALA F 405 14.36 -1.54 37.86
N GLY F 406 13.42 -1.72 36.93
CA GLY F 406 13.30 -0.88 35.75
C GLY F 406 12.10 0.06 35.85
N PHE F 407 12.34 1.36 35.67
CA PHE F 407 11.30 2.36 35.56
C PHE F 407 11.33 2.92 34.13
N PHE F 408 10.27 2.66 33.37
CA PHE F 408 10.20 3.07 31.97
C PHE F 408 9.16 4.19 31.82
N THR F 409 9.36 5.02 30.80
CA THR F 409 8.48 6.14 30.52
C THR F 409 7.84 5.95 29.15
N ASN F 410 6.56 6.36 29.03
CA ASN F 410 5.87 6.39 27.76
C ASN F 410 5.03 7.65 27.67
N THR F 411 5.26 8.48 26.64
CA THR F 411 4.39 9.60 26.36
C THR F 411 3.33 9.14 25.36
N SER F 412 2.05 9.30 25.75
CA SER F 412 0.93 9.02 24.88
C SER F 412 0.66 10.21 23.97
N GLU F 413 0.05 9.95 22.81
CA GLU F 413 -0.12 10.96 21.77
C GLU F 413 -1.27 11.89 22.11
N GLU F 414 -2.37 11.33 22.66
CA GLU F 414 -3.55 12.10 23.00
C GLU F 414 -3.43 12.59 24.44
N PHE F 415 -3.72 13.88 24.66
CA PHE F 415 -3.47 14.51 25.94
C PHE F 415 -4.69 14.39 26.86
N MET F 416 -5.88 14.36 26.26
CA MET F 416 -7.12 14.14 27.00
C MET F 416 -8.10 13.40 26.08
N GLY F 417 -8.34 12.12 26.40
CA GLY F 417 -9.22 11.28 25.60
C GLY F 417 -8.65 9.88 25.38
N SER F 418 -7.32 9.75 25.47
CA SER F 418 -6.64 8.49 25.23
C SER F 418 -7.42 7.34 25.88
N HIS F 419 -7.99 6.48 25.02
CA HIS F 419 -8.78 5.34 25.46
C HIS F 419 -7.92 4.09 25.55
N SER F 420 -6.60 4.24 25.33
CA SER F 420 -5.64 3.14 25.40
C SER F 420 -4.48 3.54 26.31
N ILE F 421 -3.87 2.56 26.96
CA ILE F 421 -2.76 2.82 27.87
C ILE F 421 -1.56 3.25 27.04
N THR F 422 -1.08 2.35 26.18
CA THR F 422 0.03 2.65 25.29
C THR F 422 -0.46 2.57 23.84
N ASP F 423 0.32 3.17 22.93
CA ASP F 423 0.03 3.13 21.52
C ASP F 423 0.89 2.06 20.83
N SER F 424 1.77 1.42 21.61
CA SER F 424 2.74 0.46 21.08
C SER F 424 2.39 -0.97 21.49
N HIS F 425 1.30 -1.14 22.24
CA HIS F 425 0.87 -2.46 22.70
C HIS F 425 1.94 -3.10 23.56
N ILE F 426 2.38 -2.37 24.60
CA ILE F 426 3.46 -2.82 25.47
C ILE F 426 2.91 -3.05 26.89
N THR F 428 1.08 -5.42 28.24
CA THR F 428 1.07 -6.77 28.79
C THR F 428 2.48 -7.18 29.22
N ILE F 429 3.49 -6.36 28.90
CA ILE F 429 4.88 -6.69 29.17
C ILE F 429 5.31 -6.04 30.48
N THR F 430 4.54 -5.04 30.95
CA THR F 430 4.84 -4.33 32.18
C THR F 430 4.09 -4.98 33.34
N ASP F 431 4.64 -4.84 34.54
CA ASP F 431 4.05 -5.41 35.75
C ASP F 431 3.24 -4.34 36.48
N THR F 432 3.81 -3.14 36.60
CA THR F 432 3.16 -2.01 37.25
C THR F 432 2.98 -0.88 36.24
N ILE F 433 1.74 -0.42 36.08
CA ILE F 433 1.46 0.71 35.22
C ILE F 433 0.98 1.88 36.08
N LEU F 434 1.68 3.01 35.95
CA LEU F 434 1.26 4.26 36.54
C LEU F 434 0.70 5.15 35.44
N LEU F 435 -0.56 5.58 35.59
CA LEU F 435 -1.23 6.36 34.57
C LEU F 435 -1.36 7.80 35.06
N LEU F 436 -0.63 8.72 34.41
CA LEU F 436 -0.76 10.15 34.69
C LEU F 436 -1.64 10.78 33.62
N GLN F 437 -2.58 11.64 34.03
CA GLN F 437 -3.49 12.24 33.07
C GLN F 437 -3.87 13.65 33.50
N TYR F 438 -4.23 14.48 32.51
CA TYR F 438 -4.80 15.78 32.75
C TYR F 438 -6.30 15.65 32.99
N VAL F 439 -6.85 16.59 33.78
CA VAL F 439 -8.29 16.70 33.99
C VAL F 439 -8.64 18.18 34.12
N GLU F 440 -9.67 18.59 33.36
CA GLU F 440 -10.17 19.96 33.41
C GLU F 440 -11.13 20.10 34.58
N ILE F 441 -10.71 20.87 35.60
CA ILE F 441 -11.54 21.15 36.76
C ILE F 441 -11.72 22.65 36.88
N ARG F 442 -12.96 23.12 36.70
CA ARG F 442 -13.33 24.53 36.88
C ARG F 442 -12.43 25.41 36.03
N GLY F 443 -12.36 25.09 34.73
CA GLY F 443 -11.65 25.90 33.74
C GLY F 443 -10.14 25.92 33.96
N GLU F 444 -9.59 24.88 34.60
CA GLU F 444 -8.17 24.80 34.87
C GLU F 444 -7.68 23.37 34.64
N MET F 445 -6.45 23.24 34.15
CA MET F 445 -5.83 21.96 33.89
C MET F 445 -5.27 21.39 35.19
N ALA F 446 -5.78 20.23 35.61
CA ALA F 446 -5.30 19.54 36.79
C ALA F 446 -4.64 18.23 36.35
N ARG F 447 -4.04 17.51 37.32
CA ARG F 447 -3.33 16.28 37.06
C ARG F 447 -3.90 15.18 37.95
N ALA F 448 -3.83 13.93 37.50
CA ALA F 448 -4.32 12.81 38.27
C ALA F 448 -3.41 11.59 38.09
N LEU F 449 -3.15 10.89 39.20
CA LEU F 449 -2.32 9.70 39.26
C LEU F 449 -3.24 8.49 39.44
N ASN F 450 -2.87 7.34 38.88
CA ASN F 450 -3.59 6.10 39.12
C ASN F 450 -2.63 4.92 38.99
N VAL F 451 -2.61 4.03 39.99
CA VAL F 451 -1.94 2.76 39.87
C VAL F 451 -2.88 1.81 39.16
N PHE F 452 -2.73 1.74 37.83
CA PHE F 452 -3.67 1.06 36.95
C PHE F 452 -3.56 -0.45 37.10
N LYS F 453 -2.33 -0.93 37.32
CA LYS F 453 -2.07 -2.35 37.41
C LYS F 453 -0.85 -2.59 38.30
N MET F 454 -0.91 -3.64 39.11
CA MET F 454 0.22 -4.10 39.91
C MET F 454 0.13 -5.62 40.03
N ARG F 455 1.02 -6.32 39.32
CA ARG F 455 1.11 -7.77 39.42
C ARG F 455 1.65 -8.15 40.79
N GLY F 456 0.94 -9.07 41.45
CA GLY F 456 1.44 -9.71 42.66
C GLY F 456 1.19 -8.88 43.92
N SER F 457 0.44 -7.78 43.80
CA SER F 457 0.17 -6.92 44.93
C SER F 457 -1.18 -6.23 44.79
N TRP F 458 -1.81 -5.96 45.94
CA TRP F 458 -2.91 -5.02 46.00
C TRP F 458 -2.39 -3.63 45.65
N HIS F 459 -3.28 -2.77 45.12
CA HIS F 459 -2.94 -1.38 44.86
C HIS F 459 -4.21 -0.55 45.02
N ASP F 460 -4.03 0.73 45.36
CA ASP F 460 -5.13 1.68 45.45
C ASP F 460 -5.74 1.84 44.06
N LYS F 461 -7.07 1.95 44.02
CA LYS F 461 -7.81 2.06 42.77
C LYS F 461 -8.21 3.52 42.53
N GLY F 462 -7.71 4.43 43.37
CA GLY F 462 -8.11 5.82 43.29
C GLY F 462 -7.44 6.54 42.12
N ILE F 463 -8.19 7.46 41.51
CA ILE F 463 -7.64 8.37 40.51
C ILE F 463 -7.40 9.70 41.18
N ARG F 464 -6.27 9.81 41.89
CA ARG F 464 -6.03 10.88 42.83
C ARG F 464 -5.44 12.10 42.14
N GLU F 465 -5.78 13.29 42.64
CA GLU F 465 -5.15 14.52 42.17
C GLU F 465 -3.72 14.55 42.70
N PHE F 466 -2.79 15.04 41.88
CA PHE F 466 -1.44 15.31 42.36
C PHE F 466 -0.98 16.63 41.78
N VAL F 467 -0.38 17.45 42.65
CA VAL F 467 0.14 18.75 42.25
C VAL F 467 1.67 18.64 42.28
N ILE F 468 2.32 19.34 41.34
CA ILE F 468 3.76 19.34 41.25
C ILE F 468 4.26 20.64 41.86
N THR F 469 5.18 20.52 42.83
CA THR F 469 5.74 21.67 43.55
C THR F 469 7.25 21.71 43.31
N GLY F 470 7.91 22.71 43.89
CA GLY F 470 9.36 22.77 43.91
C GLY F 470 9.95 21.80 44.94
N ASN F 471 9.08 21.09 45.67
CA ASN F 471 9.50 20.10 46.65
C ASN F 471 9.10 18.71 46.19
N GLY F 472 8.68 18.59 44.92
CA GLY F 472 8.33 17.30 44.35
C GLY F 472 6.82 17.11 44.22
N PRO F 473 6.34 15.87 43.97
CA PRO F 473 4.91 15.60 43.80
C PRO F 473 4.16 15.54 45.12
N GLU F 474 2.90 15.98 45.11
CA GLU F 474 2.01 15.84 46.26
C GLU F 474 0.71 15.21 45.79
N ILE F 475 0.53 13.92 46.10
CA ILE F 475 -0.66 13.17 45.73
C ILE F 475 -1.74 13.43 46.77
N LYS F 476 -2.92 13.85 46.31
CA LYS F 476 -4.02 14.21 47.19
C LYS F 476 -5.07 13.10 47.15
N ASP F 477 -6.35 13.46 46.95
CA ASP F 477 -7.45 12.52 46.98
C ASP F 477 -8.14 12.53 45.62
N SER F 478 -8.96 11.50 45.37
CA SER F 478 -9.64 11.35 44.09
C SER F 478 -10.79 12.35 43.98
N PHE F 479 -11.36 12.46 42.78
CA PHE F 479 -12.41 13.42 42.51
C PHE F 479 -13.77 12.74 42.71
N SER F 480 -14.16 12.60 43.98
CA SER F 480 -15.34 11.83 44.36
C SER F 480 -16.62 12.53 43.89
N ASN F 481 -16.59 13.87 43.84
CA ASN F 481 -17.77 14.66 43.47
C ASN F 481 -17.78 14.92 41.96
N PHE F 482 -17.27 13.96 41.18
CA PHE F 482 -17.11 14.12 39.74
C PHE F 482 -17.38 12.79 39.05
N GLU F 483 -17.72 12.88 37.75
CA GLU F 483 -17.89 11.72 36.89
C GLU F 483 -17.06 11.92 35.62
N ARG F 484 -16.84 10.82 34.88
CA ARG F 484 -16.10 10.82 33.63
C ARG F 484 -14.73 11.48 33.83
N ILE F 485 -14.05 11.13 34.93
CA ILE F 485 -12.73 11.68 35.24
C ILE F 485 -11.70 11.16 34.23
N ILE F 486 -11.81 9.89 33.84
CA ILE F 486 -10.83 9.27 32.96
C ILE F 486 -10.92 9.88 31.56
N SER F 487 -12.07 10.48 31.24
CA SER F 487 -12.27 11.16 29.97
C SER F 487 -11.33 12.37 29.87
N GLY F 488 -11.05 13.01 31.03
CA GLY F 488 -10.28 14.24 31.07
C GLY F 488 -11.19 15.46 31.15
N VAL F 489 -12.42 15.31 30.67
CA VAL F 489 -13.43 16.36 30.75
C VAL F 489 -14.56 15.85 31.67
N PRO F 490 -14.45 16.05 33.00
CA PRO F 490 -15.40 15.48 33.95
C PRO F 490 -16.68 16.31 34.07
N HIS F 491 -17.70 15.70 34.70
CA HIS F 491 -18.94 16.39 35.06
C HIS F 491 -19.11 16.34 36.57
N ARG F 492 -19.29 17.51 37.20
CA ARG F 492 -19.55 17.57 38.64
C ARG F 492 -20.97 17.05 38.90
N ILE F 493 -21.10 16.17 39.89
CA ILE F 493 -22.37 15.52 40.21
C ILE F 493 -23.18 16.43 41.14
#